data_6CUF
#
_entry.id   6CUF
#
loop_
_entity.id
_entity.type
_entity.pdbx_description
1 polymer 'vFP1.01 heavy chain'
2 polymer 'vFP1.01 Light chain'
3 polymer 'PGT122 Heavy chain'
4 polymer 'PGT122 light chain'
5 polymer 'VRC03 light chain'
6 polymer 'VRC03 heavy chain'
7 polymer 'Envelope glycoprotein gp120'
8 polymer 'Envelope glycoprotein gp41'
9 branched alpha-D-mannopyranose-(1-3)-beta-D-mannopyranose-(1-4)-2-acetamido-2-deoxy-beta-D-glucopyranose-(1-4)-2-acetamido-2-deoxy-beta-D-glucopyranose
10 branched beta-D-mannopyranose-(1-4)-2-acetamido-2-deoxy-beta-D-glucopyranose-(1-4)-2-acetamido-2-deoxy-beta-D-glucopyranose
11 branched 2-acetamido-2-deoxy-beta-D-glucopyranose-(1-4)-2-acetamido-2-deoxy-beta-D-glucopyranose
12 branched alpha-D-mannopyranose-(1-2)-alpha-D-mannopyranose-(1-3)-[alpha-D-mannopyranose-(1-6)]beta-D-mannopyranose-(1-4)-2-acetamido-2-deoxy-beta-D-glucopyranose-(1-4)-2-acetamido-2-deoxy-beta-D-glucopyranose
13 branched alpha-D-mannopyranose-(1-3)-[alpha-D-mannopyranose-(1-6)]beta-D-mannopyranose-(1-4)-2-acetamido-2-deoxy-beta-D-glucopyranose-(1-4)-2-acetamido-2-deoxy-beta-D-glucopyranose
14 branched alpha-D-mannopyranose-(1-2)-alpha-D-mannopyranose-(1-2)-alpha-D-mannopyranose-(1-3)-[alpha-D-mannopyranose-(1-3)-[alpha-D-mannopyranose-(1-6)]alpha-D-mannopyranose-(1-6)]beta-D-mannopyranose-(1-4)-2-acetamido-2-deoxy-beta-D-glucopyranose-(1-4)-2-acetamido-2-deoxy-beta-D-glucopyranose
15 non-polymer 2-acetamido-2-deoxy-beta-D-glucopyranose
#
loop_
_entity_poly.entity_id
_entity_poly.type
_entity_poly.pdbx_seq_one_letter_code
_entity_poly.pdbx_strand_id
1 'polypeptide(L)'
;QVQLQQSGTELVWPGTSVTLSCKASGYTFTDYEIHWVKQTPVHGLEWIGAIVPKTGYTAYNQKFRGKAILTADKSSSTAY
MDLRRLTSEDSAVYYCTRLRNYWYFDVWGTGTTVTVSPASTKGPSVFPLAPGTAALGCLVKDYFPEPVTVSWNSGALTSG
VHTFPAVLQSSGLYSLSSVVTVPSSSLGTQTYICNVNHKPSNTKVDKKVEP
;
3,H,h
2 'polypeptide(L)'
;DFLMAQTPLSLPVSLGDQASISCRSSQSIVYSDGNTYLEWYLQRPGQSPKLLIYKVSNRFSGVPDRFSGSGSGTDFTLRI
SRVEAEDLGIYYCFQGSHVPYTFGGGTKLEIKRTVAAPSVFIFPPSDEQLKSGTASVVCLLNNFYPREAKVQWKVDNALQ
SGNSQESVTEQDSKDSTYSLSSTLTLSKADYEKHKVYACEVTHQGLSSPVTKSFNRGEC
;
4,L,l
3 'polypeptide(L)'
;QVHLQESGPGLVKPSETLSLTCNVSGTLVRDNYWSWIRQPLGKQPEWIGYVHDSGDTNYNPSLKSRVHLSLDKSKNLVSL
RLTGVTAADSAIYYCATTKHGRRIYGVVAFKEWFTYFYMDVWGKGTSVTVSS
;
5,M,m
4 'polypeptide(L)'
;TFVSVAPGQTARITCGEESLGSRSVIWYQQRPGQAPSLIIYNNNDRPSGIPDRFSGSPGSTFGTTATLTITSVEAGDEAD
YYCHIWDSRRPTNWVFGEGTTLIVL
;
6,N,n
5 'polypeptide(L)'
;EIVLTQSPGILSLSPGETATLFCKASQGGNAMTWYQKRRGQVPRLLIYDTSRRASGVPDRFVGSGSGTDFFLTINKLDRE
DFAVYYCQQFEFFGLGSELEVH
;
7,R,r
6 'polypeptide(L)'
;QVQLVQSGAVIKTPGSSVKISCRASGYNFRDYSIHWVRLIPDKGFEWIGWIKPLWGAVSYARQLQGRVSMTRQLSQDPDD
PDWGVAYMEFSGLTPADTAEYFCVRRGSCDYCGDFPWQYWGQGTVVVV
;
8,Q,q
7 'polypeptide(L)'
;AENLWVTVYYGVPVWKDAETTLFCASDAKAYETEKHNVWATHACVPTDPNPQEIHLENVTEEFNMWKNNMVEQMHTDIIS
LWDQSLKPCVKLTPLCVTLQCTNVTNNITDDMRGELKNCSFNMTTELRDKKQKVYSLFYRLDVVQINENQGNRSNNSNKE
YRLINCNTSAITQACPKVSFEPIPIHYCAPAGFAILKCKDKKFNGTGPCPSVSTVQCTHGIKPVVSTQLLLNGSLAEEEV
MIRSENITNNAKNILVQFNTPVQINCTRPNNNTRKSIRIGPGQAFYATGDIIGDIRQAHCNVSKATWNETLGKVVKQLRK
HFGNNTIIRFANSSGGDLEVTTHSFNCGGEFFYCNTSGLFNSTWISNTSVQGSNSTGSNDSITLPCRIKQIINMWQRIGQ
AMYAPPIQGVIRCVSNITGLILTRDGGSTNSTTETFRPGGGDMRDNWRSELYKYKVVKIEPLGVAPTRCKRRV
;
C,2,d
8 'polypeptide(L)'
;AVGIGAVFLGFLGAAGSTMGAASMTLTVQARNLLSGIVQQQSNLLRAIEAQQHLLKLTVWGIKQLQARVLAVERYLRDQQ
LLGIWGCSGKLICCTNVPWNSSWSNRNLSEIWDNMTWLQWDKEISNYTQIIYGLLEESQNQQEKNEQDLLALD
;
D,A,c
#
loop_
_chem_comp.id
_chem_comp.type
_chem_comp.name
_chem_comp.formula
BMA D-saccharide, beta linking beta-D-mannopyranose 'C6 H12 O6'
MAN D-saccharide, alpha linking alpha-D-mannopyranose 'C6 H12 O6'
NAG D-saccharide, beta linking 2-acetamido-2-deoxy-beta-D-glucopyranose 'C8 H15 N O6'
#
# COMPACT_ATOMS: atom_id res chain seq x y z
N GLN A 1 36.28 8.88 64.22
CA GLN A 1 34.90 9.01 64.68
C GLN A 1 33.92 8.34 63.72
N VAL A 2 33.90 8.81 62.47
CA VAL A 2 32.98 8.28 61.47
C VAL A 2 33.53 6.93 61.04
N GLN A 3 33.03 5.87 61.68
CA GLN A 3 33.68 4.56 61.59
C GLN A 3 32.64 3.47 61.74
N LEU A 4 32.91 2.34 61.12
CA LEU A 4 32.05 1.16 61.21
C LEU A 4 32.65 0.23 62.26
N GLN A 5 32.14 0.35 63.48
CA GLN A 5 32.58 -0.47 64.61
C GLN A 5 32.07 -1.89 64.39
N GLN A 6 32.93 -2.77 63.90
CA GLN A 6 32.48 -4.08 63.47
C GLN A 6 32.51 -5.07 64.64
N SER A 7 32.31 -6.35 64.33
CA SER A 7 32.31 -7.39 65.35
C SER A 7 33.72 -7.94 65.52
N GLY A 8 33.86 -9.04 66.28
CA GLY A 8 35.15 -9.64 66.50
C GLY A 8 35.50 -10.68 65.44
N THR A 9 36.78 -11.04 65.41
CA THR A 9 37.27 -12.05 64.49
C THR A 9 36.81 -13.43 64.93
N GLU A 10 36.13 -14.14 64.03
CA GLU A 10 35.47 -15.40 64.36
C GLU A 10 36.32 -16.58 63.91
N LEU A 11 36.47 -17.56 64.79
CA LEU A 11 37.16 -18.82 64.51
C LEU A 11 36.16 -19.93 64.80
N VAL A 12 35.47 -20.40 63.75
CA VAL A 12 34.29 -21.21 63.92
C VAL A 12 34.47 -22.56 63.24
N TRP A 13 33.49 -23.42 63.44
CA TRP A 13 33.34 -24.79 62.98
C TRP A 13 32.54 -24.82 61.68
N PRO A 14 32.63 -25.91 60.92
CA PRO A 14 31.74 -26.07 59.77
C PRO A 14 30.29 -26.29 60.18
N GLY A 15 29.39 -25.75 59.36
CA GLY A 15 27.97 -25.95 59.53
C GLY A 15 27.29 -25.09 60.59
N THR A 16 28.04 -24.25 61.28
CA THR A 16 27.46 -23.46 62.36
C THR A 16 26.87 -22.16 61.83
N SER A 17 26.30 -21.37 62.72
CA SER A 17 25.74 -20.07 62.41
C SER A 17 26.39 -19.00 63.27
N VAL A 18 26.50 -17.78 62.72
CA VAL A 18 27.20 -16.69 63.37
C VAL A 18 26.52 -15.39 62.97
N THR A 19 26.76 -14.33 63.73
CA THR A 19 26.17 -13.02 63.47
C THR A 19 27.26 -11.97 63.51
N LEU A 20 27.43 -11.25 62.41
CA LEU A 20 28.44 -10.21 62.29
C LEU A 20 27.79 -8.85 62.46
N SER A 21 28.28 -8.06 63.41
CA SER A 21 27.71 -6.77 63.73
C SER A 21 28.53 -5.65 63.10
N CYS A 22 27.85 -4.53 62.86
CA CYS A 22 28.50 -3.35 62.29
C CYS A 22 27.76 -2.12 62.83
N LYS A 23 28.29 -1.53 63.89
CA LYS A 23 27.76 -0.29 64.44
C LYS A 23 28.18 0.87 63.56
N ALA A 24 27.20 1.63 63.06
CA ALA A 24 27.53 2.92 62.47
C ALA A 24 27.94 3.88 63.58
N SER A 25 29.03 4.61 63.35
CA SER A 25 29.57 5.46 64.40
C SER A 25 29.88 6.83 63.86
N GLY A 26 29.35 7.86 64.50
CA GLY A 26 29.66 9.23 64.22
C GLY A 26 28.78 9.91 63.20
N TYR A 27 27.68 9.28 62.78
CA TYR A 27 26.85 9.87 61.74
C TYR A 27 25.43 9.31 61.89
N THR A 28 24.57 9.69 60.94
CA THR A 28 23.17 9.29 60.97
C THR A 28 23.03 7.87 60.42
N PHE A 29 22.48 6.98 61.23
CA PHE A 29 22.37 5.58 60.83
C PHE A 29 21.32 5.37 59.75
N THR A 30 20.16 5.99 59.90
CA THR A 30 18.94 5.60 59.19
C THR A 30 18.86 6.12 57.76
N ASP A 31 19.97 6.49 57.12
CA ASP A 31 19.88 6.94 55.74
C ASP A 31 20.97 6.43 54.81
N TYR A 32 22.06 5.85 55.31
CA TYR A 32 23.23 5.56 54.49
C TYR A 32 23.37 4.06 54.30
N GLU A 33 23.21 3.62 53.05
CA GLU A 33 23.03 2.20 52.75
C GLU A 33 24.30 1.39 53.01
N ILE A 34 24.12 0.24 53.64
CA ILE A 34 25.22 -0.59 54.10
C ILE A 34 25.42 -1.75 53.13
N HIS A 35 26.67 -1.96 52.74
CA HIS A 35 27.08 -3.05 51.88
C HIS A 35 28.10 -3.92 52.60
N TRP A 36 28.24 -5.14 52.09
CA TRP A 36 29.14 -6.14 52.65
C TRP A 36 30.01 -6.69 51.54
N VAL A 37 31.32 -6.73 51.79
CA VAL A 37 32.30 -7.10 50.78
C VAL A 37 33.07 -8.31 51.26
N LYS A 38 32.95 -9.41 50.52
CA LYS A 38 33.70 -10.63 50.83
C LYS A 38 35.15 -10.49 50.40
N GLN A 39 36.06 -10.97 51.24
CA GLN A 39 37.48 -11.02 50.89
C GLN A 39 37.99 -12.43 51.17
N THR A 40 37.81 -13.30 50.20
CA THR A 40 38.78 -14.39 50.27
C THR A 40 40.07 -13.95 49.59
N PRO A 41 41.20 -14.52 49.98
CA PRO A 41 42.44 -14.31 49.20
C PRO A 41 42.40 -14.92 47.81
N VAL A 42 41.53 -15.90 47.56
CA VAL A 42 41.51 -16.56 46.27
C VAL A 42 40.65 -15.79 45.24
N HIS A 43 39.60 -15.11 45.68
CA HIS A 43 38.72 -14.39 44.77
C HIS A 43 38.91 -12.88 44.82
N GLY A 44 39.77 -12.37 45.69
CA GLY A 44 39.89 -10.94 45.85
C GLY A 44 38.74 -10.37 46.64
N LEU A 45 37.85 -9.64 45.98
CA LEU A 45 36.66 -9.08 46.62
C LEU A 45 35.41 -9.53 45.89
N GLU A 46 34.34 -9.76 46.64
CA GLU A 46 33.04 -10.11 46.08
C GLU A 46 31.96 -9.28 46.76
N TRP A 47 30.83 -9.10 46.08
CA TRP A 47 29.71 -8.37 46.65
C TRP A 47 28.77 -9.33 47.36
N ILE A 48 28.53 -9.11 48.65
CA ILE A 48 27.68 -10.01 49.41
C ILE A 48 26.21 -9.61 49.28
N GLY A 49 25.88 -8.41 49.72
CA GLY A 49 24.50 -7.96 49.68
C GLY A 49 24.43 -6.51 50.07
N ALA A 50 23.20 -6.03 50.20
CA ALA A 50 22.99 -4.65 50.62
C ALA A 50 21.68 -4.55 51.37
N ILE A 51 21.64 -3.62 52.33
CA ILE A 51 20.47 -3.40 53.17
C ILE A 51 20.20 -1.90 53.25
N VAL A 52 18.93 -1.53 53.15
CA VAL A 52 18.51 -0.16 53.41
C VAL A 52 18.36 0.02 54.91
N PRO A 53 18.91 1.09 55.49
CA PRO A 53 18.79 1.26 56.95
C PRO A 53 17.38 1.59 57.41
N LYS A 54 16.68 2.47 56.69
CA LYS A 54 15.42 3.00 57.21
C LYS A 54 14.26 2.03 56.99
N THR A 55 14.22 1.37 55.83
CA THR A 55 13.12 0.46 55.54
C THR A 55 13.48 -1.00 55.74
N GLY A 56 14.75 -1.32 55.94
CA GLY A 56 15.15 -2.70 56.04
C GLY A 56 15.14 -3.46 54.73
N TYR A 57 15.02 -2.76 53.60
CA TYR A 57 14.97 -3.41 52.30
C TYR A 57 16.33 -3.98 51.94
N THR A 58 16.35 -5.26 51.58
CA THR A 58 17.59 -5.97 51.31
C THR A 58 17.59 -6.46 49.87
N ALA A 59 18.81 -6.70 49.37
CA ALA A 59 18.97 -7.49 48.16
C ALA A 59 20.29 -8.23 48.23
N TYR A 60 20.27 -9.47 47.75
CA TYR A 60 21.35 -10.42 47.95
C TYR A 60 21.91 -10.84 46.60
N ASN A 61 23.20 -11.13 46.57
CA ASN A 61 23.77 -11.78 45.40
C ASN A 61 23.26 -13.21 45.32
N GLN A 62 23.28 -13.76 44.11
CA GLN A 62 22.76 -15.10 43.87
C GLN A 62 23.61 -16.16 44.56
N LYS A 63 24.90 -15.88 44.74
CA LYS A 63 25.79 -16.81 45.44
C LYS A 63 25.43 -16.91 46.91
N PHE A 64 25.04 -15.79 47.52
CA PHE A 64 24.80 -15.72 48.95
C PHE A 64 23.35 -16.01 49.30
N ARG A 65 22.59 -16.57 48.37
CA ARG A 65 21.15 -16.76 48.52
C ARG A 65 20.86 -17.80 49.58
N GLY A 66 20.32 -17.36 50.72
CA GLY A 66 20.12 -18.21 51.86
C GLY A 66 21.33 -18.35 52.78
N LYS A 67 22.52 -18.04 52.27
CA LYS A 67 23.74 -18.13 53.08
C LYS A 67 23.90 -16.92 53.99
N ALA A 68 23.45 -15.75 53.55
CA ALA A 68 23.52 -14.53 54.33
C ALA A 68 22.13 -13.93 54.49
N ILE A 69 21.85 -13.41 55.67
CA ILE A 69 20.58 -12.75 55.97
C ILE A 69 20.88 -11.45 56.69
N LEU A 70 20.40 -10.33 56.14
CA LEU A 70 20.68 -9.02 56.69
C LEU A 70 19.54 -8.53 57.56
N THR A 71 19.86 -8.12 58.78
CA THR A 71 18.95 -7.38 59.64
C THR A 71 19.63 -6.08 60.05
N ALA A 72 18.87 -5.18 60.65
CA ALA A 72 19.41 -3.91 61.09
C ALA A 72 18.66 -3.44 62.32
N ASP A 73 19.37 -2.79 63.23
CA ASP A 73 18.78 -2.22 64.44
C ASP A 73 18.90 -0.71 64.36
N LYS A 74 17.75 -0.05 64.28
CA LYS A 74 17.70 1.41 64.29
C LYS A 74 18.03 1.97 65.67
N SER A 75 17.76 1.18 66.72
CA SER A 75 18.04 1.64 68.08
C SER A 75 19.54 1.66 68.35
N SER A 76 20.19 0.49 68.24
CA SER A 76 21.63 0.41 68.46
C SER A 76 22.43 0.83 67.24
N SER A 77 21.76 1.20 66.14
CA SER A 77 22.37 1.69 64.91
C SER A 77 23.34 0.68 64.32
N THR A 78 22.93 -0.59 64.34
CA THR A 78 23.87 -1.68 64.05
C THR A 78 23.29 -2.59 62.98
N ALA A 79 23.99 -2.71 61.86
CA ALA A 79 23.67 -3.72 60.89
C ALA A 79 24.15 -5.08 61.38
N TYR A 80 23.46 -6.13 60.97
CA TYR A 80 23.78 -7.49 61.37
C TYR A 80 23.68 -8.38 60.15
N MET A 81 24.67 -9.24 59.98
CA MET A 81 24.68 -10.21 58.89
C MET A 81 24.74 -11.60 59.52
N ASP A 82 23.63 -12.33 59.44
CA ASP A 82 23.57 -13.70 59.91
C ASP A 82 24.10 -14.63 58.83
N LEU A 83 25.08 -15.45 59.20
CA LEU A 83 25.77 -16.34 58.29
C LEU A 83 25.56 -17.76 58.81
N ARG A 84 24.82 -18.56 58.06
CA ARG A 84 24.30 -19.82 58.55
C ARG A 84 24.88 -20.98 57.74
N ARG A 85 25.14 -22.09 58.44
CA ARG A 85 25.64 -23.35 57.87
C ARG A 85 26.94 -23.15 57.12
N LEU A 86 27.95 -22.75 57.89
CA LEU A 86 29.18 -22.23 57.30
C LEU A 86 30.03 -23.33 56.71
N THR A 87 30.65 -23.04 55.56
CA THR A 87 31.61 -23.90 54.91
C THR A 87 32.97 -23.20 54.92
N SER A 88 34.01 -23.95 54.49
CA SER A 88 35.39 -23.49 54.58
C SER A 88 35.66 -22.26 53.71
N GLU A 89 34.94 -22.11 52.60
CA GLU A 89 35.06 -20.93 51.76
C GLU A 89 34.57 -19.67 52.48
N ASP A 90 33.75 -19.82 53.51
CA ASP A 90 33.36 -18.72 54.37
C ASP A 90 34.51 -18.16 55.18
N SER A 91 35.62 -18.89 55.30
CA SER A 91 36.83 -18.37 55.94
C SER A 91 37.36 -17.24 55.08
N ALA A 92 37.10 -16.02 55.51
CA ALA A 92 37.30 -14.84 54.67
C ALA A 92 37.33 -13.61 55.55
N VAL A 93 37.45 -12.46 54.91
CA VAL A 93 37.34 -11.16 55.57
C VAL A 93 36.09 -10.50 55.01
N TYR A 94 35.20 -10.08 55.89
CA TYR A 94 33.95 -9.45 55.50
C TYR A 94 34.00 -7.98 55.91
N TYR A 95 33.98 -7.10 54.91
CA TYR A 95 34.07 -5.67 55.11
C TYR A 95 32.67 -5.08 55.16
N CYS A 96 32.41 -4.29 56.20
CA CYS A 96 31.22 -3.46 56.27
C CYS A 96 31.57 -2.11 55.66
N THR A 97 30.69 -1.60 54.79
CA THR A 97 30.97 -0.32 54.15
C THR A 97 29.65 0.40 53.88
N ARG A 98 29.73 1.72 53.68
CA ARG A 98 28.52 2.53 53.57
C ARG A 98 28.61 3.46 52.38
N LEU A 99 27.43 3.79 51.84
CA LEU A 99 27.28 4.83 50.83
C LEU A 99 25.99 5.60 51.09
N ARG A 100 25.82 6.67 50.32
CA ARG A 100 24.50 7.21 50.04
C ARG A 100 24.21 6.95 48.56
N ASN A 101 22.95 7.12 48.18
CA ASN A 101 22.50 6.79 46.82
C ASN A 101 23.19 7.66 45.78
N TYR A 102 23.54 7.04 44.65
CA TYR A 102 24.27 7.64 43.53
C TYR A 102 25.63 8.17 43.93
N TRP A 103 26.23 7.63 44.99
CA TRP A 103 27.54 8.08 45.43
C TRP A 103 28.38 6.88 45.83
N TYR A 104 29.49 7.17 46.48
CA TYR A 104 30.61 6.25 46.63
C TYR A 104 30.68 5.69 48.05
N PHE A 105 31.63 4.78 48.24
CA PHE A 105 31.95 4.29 49.58
C PHE A 105 33.06 5.15 50.16
N ASP A 106 32.77 5.82 51.28
CA ASP A 106 33.75 6.62 51.99
C ASP A 106 34.33 5.92 53.21
N VAL A 107 33.49 5.26 53.99
CA VAL A 107 33.89 4.67 55.26
C VAL A 107 34.10 3.19 55.05
N TRP A 108 35.24 2.68 55.49
CA TRP A 108 35.59 1.28 55.37
C TRP A 108 36.00 0.76 56.73
N GLY A 109 35.27 -0.22 57.24
CA GLY A 109 35.47 -0.69 58.58
C GLY A 109 36.71 -1.54 58.73
N THR A 110 36.70 -2.33 59.81
CA THR A 110 37.88 -3.11 60.15
C THR A 110 38.07 -4.28 59.19
N GLY A 111 36.99 -4.99 58.88
CA GLY A 111 37.08 -6.19 58.08
C GLY A 111 37.19 -7.38 59.01
N THR A 112 36.10 -8.12 59.16
CA THR A 112 36.02 -9.18 60.16
C THR A 112 36.34 -10.52 59.52
N THR A 113 37.39 -11.17 59.99
CA THR A 113 37.74 -12.48 59.49
C THR A 113 36.91 -13.55 60.19
N VAL A 114 36.24 -14.38 59.40
CA VAL A 114 35.55 -15.54 59.90
C VAL A 114 36.23 -16.76 59.31
N THR A 115 36.86 -17.56 60.16
CA THR A 115 37.61 -18.73 59.73
C THR A 115 36.83 -19.97 60.12
N VAL A 116 36.48 -20.78 59.12
CA VAL A 116 35.67 -21.96 59.34
C VAL A 116 36.53 -23.21 59.39
N ASP B 1 26.86 -11.71 33.83
CA ASP B 1 26.12 -10.47 34.04
C ASP B 1 27.03 -9.31 34.38
N PHE B 2 27.35 -8.51 33.36
CA PHE B 2 28.12 -7.26 33.47
C PHE B 2 29.48 -7.50 34.11
N LEU B 3 30.15 -8.56 33.66
CA LEU B 3 31.42 -8.95 34.24
C LEU B 3 32.52 -7.99 33.80
N MET B 4 33.59 -7.95 34.60
CA MET B 4 34.66 -6.98 34.41
C MET B 4 35.97 -7.74 34.22
N ALA B 5 36.54 -7.66 33.02
CA ALA B 5 37.85 -8.20 32.73
C ALA B 5 38.88 -7.10 32.97
N GLN B 6 39.69 -7.28 34.01
CA GLN B 6 40.62 -6.24 34.47
C GLN B 6 42.02 -6.58 33.97
N THR B 7 42.53 -5.79 33.01
CA THR B 7 43.84 -6.00 32.45
C THR B 7 44.75 -4.86 32.85
N PRO B 8 45.82 -5.10 33.64
CA PRO B 8 46.27 -6.40 34.13
C PRO B 8 45.67 -6.81 35.47
N LEU B 9 46.15 -7.93 36.01
CA LEU B 9 45.76 -8.40 37.33
C LEU B 9 46.86 -8.25 38.37
N SER B 10 48.04 -7.79 37.96
CA SER B 10 49.11 -7.42 38.88
C SER B 10 50.03 -6.46 38.14
N LEU B 11 50.45 -5.40 38.82
CA LEU B 11 51.24 -4.33 38.21
C LEU B 11 52.56 -4.19 38.97
N PRO B 12 53.62 -4.84 38.49
CA PRO B 12 54.97 -4.52 39.00
C PRO B 12 55.58 -3.36 38.24
N VAL B 13 55.86 -2.26 38.93
CA VAL B 13 56.39 -1.05 38.29
C VAL B 13 57.21 -0.28 39.31
N SER B 14 58.22 0.43 38.84
CA SER B 14 59.11 1.19 39.69
C SER B 14 58.43 2.45 40.21
N LEU B 15 59.11 3.13 41.13
CA LEU B 15 58.56 4.34 41.74
C LEU B 15 58.68 5.52 40.79
N GLY B 16 57.60 6.28 40.66
CA GLY B 16 57.58 7.48 39.86
C GLY B 16 56.97 7.32 38.48
N ASP B 17 56.80 6.09 38.00
CA ASP B 17 56.26 5.88 36.67
C ASP B 17 54.74 5.88 36.69
N GLN B 18 54.15 6.02 35.51
CA GLN B 18 52.71 6.08 35.38
C GLN B 18 52.09 4.68 35.50
N ALA B 19 50.76 4.65 35.57
CA ALA B 19 50.02 3.39 35.64
C ALA B 19 48.76 3.49 34.81
N SER B 20 48.44 2.42 34.09
CA SER B 20 47.27 2.38 33.23
C SER B 20 46.65 0.99 33.29
N ILE B 21 45.40 0.91 33.72
CA ILE B 21 44.67 -0.35 33.79
C ILE B 21 43.43 -0.25 32.91
N SER B 22 43.33 -1.15 31.94
CA SER B 22 42.15 -1.24 31.08
C SER B 22 41.24 -2.34 31.64
N CYS B 23 40.15 -1.93 32.27
CA CYS B 23 39.10 -2.84 32.68
C CYS B 23 37.96 -2.73 31.68
N ARG B 24 37.56 -3.87 31.13
CA ARG B 24 36.54 -3.88 30.08
C ARG B 24 35.32 -4.64 30.59
N SER B 25 34.15 -4.05 30.39
CA SER B 25 32.90 -4.68 30.76
C SER B 25 32.44 -5.61 29.64
N SER B 26 31.35 -6.32 29.90
CA SER B 26 30.72 -7.11 28.86
C SER B 26 30.07 -6.21 27.82
N GLN B 27 29.35 -5.19 28.27
CA GLN B 27 28.70 -4.21 27.40
C GLN B 27 28.52 -2.93 28.21
N SER B 28 27.64 -2.04 27.74
CA SER B 28 27.40 -0.76 28.38
C SER B 28 26.84 -0.92 29.79
N ILE B 29 27.57 -0.39 30.77
CA ILE B 29 27.15 -0.44 32.16
C ILE B 29 26.67 0.94 32.58
N VAL B 30 26.21 1.72 31.61
CA VAL B 30 25.77 3.08 31.90
C VAL B 30 24.38 3.03 32.52
N TYR B 31 24.22 3.71 33.66
CA TYR B 31 22.91 3.84 34.26
C TYR B 31 22.11 4.89 33.51
N SER B 32 20.79 4.90 33.73
CA SER B 32 19.88 5.76 32.99
C SER B 32 20.12 7.25 33.21
N ASP B 33 20.85 7.63 34.26
CA ASP B 33 21.26 9.01 34.45
C ASP B 33 22.49 9.39 33.62
N GLY B 34 22.97 8.51 32.74
CA GLY B 34 24.09 8.79 31.88
C GLY B 34 25.45 8.53 32.48
N ASN B 35 25.55 8.42 33.80
CA ASN B 35 26.84 8.24 34.44
C ASN B 35 27.24 6.77 34.44
N THR B 36 28.47 6.51 33.98
CA THR B 36 29.01 5.15 33.99
C THR B 36 29.58 4.89 35.38
N TYR B 37 28.85 4.14 36.20
CA TYR B 37 29.23 3.97 37.60
C TYR B 37 30.24 2.83 37.71
N LEU B 38 31.49 3.17 37.40
CA LEU B 38 32.64 2.33 37.67
C LEU B 38 33.44 2.94 38.82
N GLU B 39 33.87 2.10 39.76
CA GLU B 39 34.70 2.58 40.85
C GLU B 39 36.02 1.82 40.91
N TRP B 40 37.07 2.52 41.33
CA TRP B 40 38.41 1.95 41.46
C TRP B 40 38.82 1.98 42.93
N TYR B 41 39.27 0.83 43.42
CA TYR B 41 39.60 0.68 44.83
C TYR B 41 41.06 0.33 45.02
N LEU B 42 41.56 0.59 46.22
CA LEU B 42 42.92 0.26 46.65
C LEU B 42 42.82 -0.47 47.97
N GLN B 43 42.91 -1.79 47.95
CA GLN B 43 42.97 -2.57 49.18
C GLN B 43 44.42 -2.93 49.45
N ARG B 44 45.02 -2.29 50.45
CA ARG B 44 46.35 -2.64 50.86
C ARG B 44 46.33 -4.01 51.54
N PRO B 45 47.39 -4.81 51.39
CA PRO B 45 47.40 -6.12 52.05
C PRO B 45 47.55 -5.95 53.55
N GLY B 46 46.44 -6.11 54.27
CA GLY B 46 46.38 -5.79 55.68
C GLY B 46 45.61 -4.54 56.05
N GLN B 47 45.02 -3.83 55.08
CA GLN B 47 44.16 -2.69 55.39
C GLN B 47 42.90 -2.75 54.55
N SER B 48 41.95 -1.89 54.90
CA SER B 48 40.67 -1.82 54.21
C SER B 48 40.84 -1.17 52.83
N PRO B 49 39.95 -1.48 51.88
CA PRO B 49 40.01 -0.83 50.57
C PRO B 49 39.65 0.64 50.66
N LYS B 50 40.64 1.50 50.46
CA LYS B 50 40.44 2.94 50.32
C LYS B 50 40.05 3.23 48.88
N LEU B 51 39.01 4.03 48.70
CA LEU B 51 38.54 4.36 47.36
C LEU B 51 39.51 5.30 46.66
N LEU B 52 39.90 4.95 45.43
CA LEU B 52 40.70 5.84 44.61
C LEU B 52 39.81 6.74 43.76
N ILE B 53 39.00 6.11 42.91
CA ILE B 53 38.26 6.79 41.85
C ILE B 53 36.82 6.31 41.91
N TYR B 54 35.88 7.23 42.06
CA TYR B 54 34.48 6.98 41.82
C TYR B 54 34.03 7.92 40.72
N LYS B 55 33.09 7.45 39.88
CA LYS B 55 32.48 8.25 38.82
C LYS B 55 33.55 8.78 37.87
N VAL B 56 34.06 7.91 37.01
CA VAL B 56 35.44 7.73 36.55
C VAL B 56 36.27 9.00 36.46
N SER B 57 35.67 10.11 36.00
CA SER B 57 36.40 11.38 35.93
C SER B 57 36.73 11.92 37.33
N ASN B 58 35.86 11.70 38.30
CA ASN B 58 36.07 12.26 39.63
C ASN B 58 37.12 11.47 40.41
N ARG B 59 37.57 12.08 41.50
CA ARG B 59 38.54 11.48 42.40
C ARG B 59 37.97 11.46 43.81
N PHE B 60 38.53 10.58 44.64
CA PHE B 60 38.13 10.54 46.05
C PHE B 60 38.60 11.80 46.77
N SER B 61 37.78 12.27 47.71
CA SER B 61 38.10 13.46 48.49
C SER B 61 39.24 13.14 49.45
N GLY B 62 40.45 13.61 49.11
CA GLY B 62 41.66 13.32 49.84
C GLY B 62 42.70 12.60 49.00
N VAL B 63 42.26 11.70 48.13
CA VAL B 63 43.14 11.04 47.16
C VAL B 63 43.63 12.07 46.14
N PRO B 64 44.93 12.14 45.88
CA PRO B 64 45.47 13.25 45.08
C PRO B 64 45.10 13.16 43.61
N ASP B 65 45.44 14.25 42.90
CA ASP B 65 45.26 14.43 41.46
C ASP B 65 46.28 13.66 40.64
N ARG B 66 47.19 12.93 41.29
CA ARG B 66 48.02 11.95 40.61
C ARG B 66 47.16 10.89 39.94
N PHE B 67 46.11 10.48 40.62
CA PHE B 67 45.13 9.52 40.14
C PHE B 67 44.16 10.21 39.19
N SER B 68 43.60 9.42 38.28
CA SER B 68 42.64 9.90 37.28
C SER B 68 41.98 8.68 36.65
N GLY B 69 40.84 8.93 36.01
CA GLY B 69 40.16 7.88 35.29
C GLY B 69 39.68 8.38 33.94
N SER B 70 39.51 7.43 33.03
CA SER B 70 38.88 7.69 31.74
C SER B 70 38.24 6.40 31.26
N GLY B 71 37.69 6.44 30.06
CA GLY B 71 37.13 5.22 29.53
C GLY B 71 35.61 5.27 29.53
N SER B 72 35.02 4.55 28.57
CA SER B 72 33.59 4.63 28.36
C SER B 72 33.07 3.32 27.78
N GLY B 73 31.78 3.08 28.03
CA GLY B 73 30.98 2.10 27.33
C GLY B 73 31.34 0.69 27.72
N THR B 74 32.49 0.24 27.22
CA THR B 74 33.11 -1.01 27.62
C THR B 74 34.50 -0.78 28.17
N ASP B 75 35.34 -0.05 27.44
CA ASP B 75 36.78 -0.03 27.71
C ASP B 75 37.09 1.11 28.66
N PHE B 76 37.70 0.78 29.80
CA PHE B 76 37.85 1.68 30.94
C PHE B 76 39.33 1.76 31.29
N THR B 77 39.80 2.94 31.68
CA THR B 77 41.24 3.12 31.87
C THR B 77 41.50 3.93 33.13
N LEU B 78 41.98 3.26 34.16
CA LEU B 78 42.54 3.95 35.33
C LEU B 78 43.94 4.41 35.00
N ARG B 79 44.24 5.67 35.32
CA ARG B 79 45.57 6.23 35.08
C ARG B 79 46.10 6.85 36.37
N ILE B 80 47.39 6.66 36.61
CA ILE B 80 48.07 7.23 37.77
C ILE B 80 49.32 7.93 37.23
N SER B 81 49.55 9.17 37.67
CA SER B 81 50.70 9.90 37.16
C SER B 81 52.01 9.37 37.75
N ARG B 82 52.01 8.95 39.01
CA ARG B 82 53.21 8.37 39.59
C ARG B 82 52.87 7.35 40.67
N VAL B 83 53.62 6.25 40.65
CA VAL B 83 53.41 5.12 41.54
C VAL B 83 54.31 5.26 42.76
N GLU B 84 53.72 5.20 43.94
CA GLU B 84 54.46 5.36 45.18
C GLU B 84 54.36 4.10 46.02
N ALA B 85 55.11 4.10 47.13
CA ALA B 85 54.96 3.04 48.12
C ALA B 85 53.66 3.17 48.87
N GLU B 86 53.15 4.40 49.01
CA GLU B 86 51.81 4.59 49.54
C GLU B 86 50.74 4.14 48.55
N ASP B 87 51.07 4.06 47.26
CA ASP B 87 50.12 3.64 46.26
C ASP B 87 49.90 2.13 46.26
N LEU B 88 50.75 1.38 46.97
CA LEU B 88 50.74 -0.08 46.91
C LEU B 88 49.47 -0.66 47.52
N GLY B 89 49.11 -1.84 47.05
CA GLY B 89 47.90 -2.52 47.44
C GLY B 89 47.32 -3.27 46.26
N ILE B 90 45.99 -3.27 46.15
CA ILE B 90 45.28 -3.95 45.06
C ILE B 90 44.30 -2.95 44.45
N TYR B 91 44.29 -2.89 43.12
CA TYR B 91 43.45 -1.98 42.34
C TYR B 91 42.23 -2.72 41.80
N TYR B 92 41.05 -2.21 42.09
CA TYR B 92 39.80 -2.89 41.74
C TYR B 92 38.97 -2.01 40.82
N CYS B 93 38.63 -2.54 39.64
CA CYS B 93 37.53 -2.01 38.84
C CYS B 93 36.25 -2.69 39.28
N PHE B 94 35.20 -1.88 39.45
CA PHE B 94 33.99 -2.33 40.14
C PHE B 94 32.77 -1.73 39.47
N GLN B 95 31.94 -2.59 38.87
CA GLN B 95 30.70 -2.16 38.24
C GLN B 95 29.71 -1.79 39.32
N GLY B 96 29.49 -0.48 39.50
CA GLY B 96 28.60 0.00 40.54
C GLY B 96 27.29 0.54 39.99
N SER B 97 26.79 -0.08 38.92
CA SER B 97 25.61 0.44 38.24
C SER B 97 24.35 -0.36 38.51
N HIS B 98 24.46 -1.65 38.81
CA HIS B 98 23.28 -2.46 39.04
C HIS B 98 23.58 -3.48 40.11
N VAL B 99 22.53 -3.94 40.77
CA VAL B 99 22.60 -5.15 41.57
C VAL B 99 22.31 -6.33 40.66
N PRO B 100 23.07 -7.43 40.75
CA PRO B 100 24.23 -7.64 41.63
C PRO B 100 25.51 -6.94 41.15
N TYR B 101 26.17 -6.26 42.10
CA TYR B 101 27.41 -5.59 41.80
C TYR B 101 28.50 -6.60 41.52
N THR B 102 29.40 -6.27 40.60
CA THR B 102 30.52 -7.13 40.26
C THR B 102 31.84 -6.41 40.47
N PHE B 103 32.78 -7.12 41.11
CA PHE B 103 34.16 -6.67 41.20
C PHE B 103 34.96 -7.20 40.01
N GLY B 104 36.08 -6.53 39.76
CA GLY B 104 37.08 -7.06 38.87
C GLY B 104 37.99 -8.03 39.60
N GLY B 105 39.05 -8.45 38.91
CA GLY B 105 39.99 -9.37 39.51
C GLY B 105 40.92 -8.74 40.52
N GLY B 106 41.11 -7.42 40.46
CA GLY B 106 42.09 -6.77 41.30
C GLY B 106 43.46 -6.76 40.67
N THR B 107 44.28 -5.78 41.01
CA THR B 107 45.60 -5.57 40.40
C THR B 107 46.58 -5.31 41.54
N LYS B 108 47.39 -6.30 41.88
CA LYS B 108 48.36 -6.16 42.97
C LYS B 108 49.48 -5.24 42.51
N LEU B 109 49.51 -4.02 43.03
CA LEU B 109 50.58 -3.09 42.73
C LEU B 109 51.80 -3.44 43.58
N GLU B 110 52.94 -3.62 42.92
CA GLU B 110 54.19 -3.92 43.61
C GLU B 110 55.31 -3.20 42.87
N ILE B 111 56.55 -3.55 43.21
CA ILE B 111 57.74 -2.88 42.68
C ILE B 111 58.53 -3.88 41.85
N LYS B 112 58.83 -3.53 40.60
CA LYS B 112 59.63 -4.34 39.71
C LYS B 112 61.09 -3.88 39.77
N ARG B 113 62.00 -4.84 39.88
CA ARG B 113 63.43 -4.53 39.84
C ARG B 113 64.06 -5.06 38.55
N GLN C 1 78.21 -37.24 -14.21
CA GLN C 1 78.54 -37.10 -15.62
C GLN C 1 77.79 -38.12 -16.44
N VAL C 2 76.85 -37.65 -17.24
CA VAL C 2 76.14 -38.50 -18.20
C VAL C 2 76.26 -37.86 -19.58
N HIS C 3 76.19 -38.70 -20.59
CA HIS C 3 75.94 -38.24 -21.96
C HIS C 3 75.32 -39.41 -22.71
N LEU C 4 74.37 -39.09 -23.57
CA LEU C 4 73.56 -40.11 -24.20
C LEU C 4 73.94 -40.25 -25.67
N GLN C 5 73.74 -41.45 -26.18
CA GLN C 5 74.19 -41.76 -27.54
C GLN C 5 72.99 -42.26 -28.34
N GLU C 6 72.44 -41.41 -29.18
CA GLU C 6 71.36 -41.83 -30.05
C GLU C 6 71.89 -42.75 -31.15
N SER C 7 70.98 -43.55 -31.69
CA SER C 7 71.33 -44.47 -32.75
C SER C 7 70.09 -44.83 -33.55
N GLY C 8 70.20 -44.67 -34.87
CA GLY C 8 69.15 -45.00 -35.80
C GLY C 8 69.68 -44.98 -37.22
N PRO C 9 68.83 -45.37 -38.19
CA PRO C 9 69.32 -45.48 -39.57
C PRO C 9 69.56 -44.13 -40.23
N GLY C 10 68.75 -43.13 -39.92
CA GLY C 10 68.91 -41.83 -40.58
C GLY C 10 68.15 -41.67 -41.88
N LEU C 11 68.24 -42.66 -42.76
CA LEU C 11 67.52 -42.65 -44.05
C LEU C 11 66.43 -43.71 -43.99
N VAL C 12 65.17 -43.26 -43.92
CA VAL C 12 64.04 -44.12 -43.63
C VAL C 12 63.06 -44.06 -44.79
N LYS C 13 62.56 -45.21 -45.23
CA LYS C 13 61.51 -45.17 -46.23
C LYS C 13 60.18 -44.75 -45.61
N PRO C 14 59.26 -44.20 -46.40
CA PRO C 14 57.93 -43.91 -45.86
C PRO C 14 57.17 -45.19 -45.54
N SER C 15 56.22 -45.04 -44.61
CA SER C 15 55.36 -46.12 -44.08
C SER C 15 56.19 -47.28 -43.54
N GLU C 16 57.24 -46.94 -42.80
CA GLU C 16 58.16 -47.92 -42.24
C GLU C 16 58.23 -47.74 -40.73
N THR C 17 58.23 -48.85 -40.00
CA THR C 17 58.25 -48.79 -38.55
C THR C 17 59.67 -48.46 -38.08
N LEU C 18 59.89 -47.22 -37.70
CA LEU C 18 61.21 -46.76 -37.26
C LEU C 18 61.45 -47.14 -35.80
N SER C 19 62.70 -47.41 -35.47
CA SER C 19 63.13 -47.55 -34.09
C SER C 19 64.44 -46.81 -33.89
N LEU C 20 64.63 -46.35 -32.66
CA LEU C 20 65.87 -45.72 -32.25
C LEU C 20 66.29 -46.32 -30.91
N THR C 21 67.59 -46.36 -30.69
CA THR C 21 68.10 -46.73 -29.37
C THR C 21 68.99 -45.62 -28.84
N CYS C 22 69.19 -45.64 -27.53
CA CYS C 22 69.90 -44.58 -26.83
C CYS C 22 70.77 -45.21 -25.76
N ASN C 23 72.07 -45.03 -25.88
CA ASN C 23 73.05 -45.52 -24.94
C ASN C 23 73.28 -44.50 -23.82
N VAL C 24 73.72 -45.00 -22.68
CA VAL C 24 73.80 -44.23 -21.45
C VAL C 24 75.26 -43.99 -21.12
N SER C 25 75.49 -43.21 -20.06
CA SER C 25 76.84 -43.02 -19.55
C SER C 25 76.77 -42.87 -18.03
N GLY C 26 77.02 -43.96 -17.32
CA GLY C 26 77.11 -43.92 -15.88
C GLY C 26 75.82 -44.19 -15.15
N THR C 27 74.87 -43.26 -15.23
CA THR C 27 73.61 -43.39 -14.51
C THR C 27 72.74 -44.45 -15.18
N LEU C 28 72.29 -45.41 -14.39
CA LEU C 28 71.49 -46.50 -14.92
C LEU C 28 70.08 -46.01 -15.26
N VAL C 29 69.42 -46.79 -16.11
CA VAL C 29 68.12 -46.41 -16.66
C VAL C 29 67.00 -46.50 -15.60
N ARG C 30 67.23 -47.22 -14.51
CA ARG C 30 66.22 -47.33 -13.46
C ARG C 30 66.01 -46.00 -12.75
N ASP C 31 67.09 -45.26 -12.51
CA ASP C 31 67.08 -44.22 -11.49
C ASP C 31 66.27 -43.00 -11.89
N ASN C 32 66.11 -42.73 -13.18
CA ASN C 32 65.57 -41.43 -13.58
C ASN C 32 64.55 -41.60 -14.68
N TYR C 33 63.73 -40.57 -14.86
CA TYR C 33 62.79 -40.52 -15.97
C TYR C 33 63.54 -40.40 -17.30
N TRP C 34 62.84 -40.70 -18.38
CA TRP C 34 63.42 -40.63 -19.72
C TRP C 34 62.41 -40.01 -20.67
N SER C 35 62.93 -39.36 -21.71
CA SER C 35 62.09 -38.53 -22.57
C SER C 35 62.71 -38.43 -23.95
N TRP C 36 61.86 -38.21 -24.94
CA TRP C 36 62.28 -38.01 -26.32
C TRP C 36 61.75 -36.69 -26.84
N ILE C 37 62.57 -36.02 -27.65
CA ILE C 37 62.28 -34.70 -28.18
C ILE C 37 62.61 -34.72 -29.66
N ARG C 38 61.74 -34.18 -30.49
CA ARG C 38 62.08 -34.04 -31.90
C ARG C 38 62.19 -32.57 -32.27
N GLN C 39 62.90 -32.30 -33.35
CA GLN C 39 62.99 -30.94 -33.84
C GLN C 39 63.23 -30.91 -35.33
N PRO C 40 62.37 -30.26 -36.11
CA PRO C 40 62.69 -30.02 -37.52
C PRO C 40 63.72 -28.91 -37.62
N LEU C 41 64.24 -28.74 -38.84
CA LEU C 41 65.27 -27.74 -39.06
C LEU C 41 64.67 -26.34 -39.04
N GLY C 42 65.32 -25.44 -38.31
CA GLY C 42 64.87 -24.06 -38.20
C GLY C 42 63.57 -23.87 -37.47
N LYS C 43 63.19 -24.82 -36.62
CA LYS C 43 61.89 -24.81 -35.98
C LYS C 43 62.06 -24.93 -34.47
N GLN C 44 60.95 -24.80 -33.76
CA GLN C 44 60.98 -25.13 -32.36
C GLN C 44 60.88 -26.64 -32.19
N PRO C 45 61.36 -27.19 -31.08
CA PRO C 45 61.21 -28.62 -30.85
C PRO C 45 59.80 -28.98 -30.43
N GLU C 46 59.47 -30.24 -30.61
CA GLU C 46 58.26 -30.86 -30.08
C GLU C 46 58.66 -31.93 -29.09
N TRP C 47 58.22 -31.76 -27.86
CA TRP C 47 58.48 -32.76 -26.83
C TRP C 47 57.57 -33.96 -27.06
N ILE C 48 58.18 -35.08 -27.49
CA ILE C 48 57.41 -36.25 -27.88
C ILE C 48 56.74 -36.88 -26.68
N GLY C 49 57.40 -36.84 -25.53
CA GLY C 49 56.80 -37.36 -24.33
C GLY C 49 57.86 -37.87 -23.40
N TYR C 50 57.42 -38.59 -22.38
CA TYR C 50 58.32 -39.11 -21.37
C TYR C 50 57.99 -40.57 -21.09
N VAL C 51 59.02 -41.33 -20.73
CA VAL C 51 58.87 -42.73 -20.37
C VAL C 51 59.62 -42.99 -19.06
N HIS C 52 59.00 -43.78 -18.19
CA HIS C 52 59.62 -44.32 -16.99
C HIS C 52 58.80 -45.53 -16.59
N ASP C 53 59.45 -46.44 -15.87
CA ASP C 53 58.78 -47.60 -15.30
C ASP C 53 57.73 -47.15 -14.28
N SER C 54 56.78 -48.06 -14.03
CA SER C 54 55.65 -47.89 -13.10
C SER C 54 54.74 -46.74 -13.53
N GLY C 55 54.16 -46.89 -14.72
CA GLY C 55 53.06 -46.04 -15.17
C GLY C 55 53.45 -44.66 -15.67
N ASP C 56 54.71 -44.26 -15.55
CA ASP C 56 55.15 -42.93 -15.96
C ASP C 56 55.55 -42.98 -17.44
N THR C 57 54.54 -43.23 -18.28
CA THR C 57 54.75 -43.55 -19.70
C THR C 57 53.74 -42.77 -20.56
N ASN C 58 53.62 -41.47 -20.33
CA ASN C 58 52.65 -40.69 -21.09
C ASN C 58 53.23 -40.27 -22.44
N TYR C 59 52.36 -40.16 -23.43
CA TYR C 59 52.74 -39.81 -24.79
C TYR C 59 52.17 -38.45 -25.17
N ASN C 60 52.67 -37.93 -26.29
CA ASN C 60 52.03 -36.78 -26.91
C ASN C 60 50.70 -37.23 -27.48
N PRO C 61 49.58 -36.61 -27.10
CA PRO C 61 48.28 -36.97 -27.70
C PRO C 61 48.11 -36.53 -29.13
N SER C 62 49.11 -35.89 -29.74
CA SER C 62 49.07 -35.68 -31.19
C SER C 62 49.08 -37.00 -31.94
N LEU C 63 50.18 -37.75 -31.82
CA LEU C 63 50.27 -39.04 -32.51
C LEU C 63 49.66 -40.15 -31.66
N LYS C 64 50.26 -40.42 -30.50
CA LYS C 64 49.70 -41.15 -29.36
C LYS C 64 49.54 -42.65 -29.61
N SER C 65 49.68 -43.09 -30.83
CA SER C 65 49.47 -44.49 -31.15
C SER C 65 50.61 -45.08 -31.95
N ARG C 66 51.19 -44.31 -32.86
CA ARG C 66 52.22 -44.81 -33.74
C ARG C 66 53.62 -44.60 -33.18
N VAL C 67 53.73 -44.47 -31.86
CA VAL C 67 55.01 -44.34 -31.17
C VAL C 67 54.93 -45.12 -29.87
N HIS C 68 56.03 -45.78 -29.50
CA HIS C 68 56.06 -46.68 -28.35
C HIS C 68 57.42 -46.53 -27.67
N LEU C 69 57.42 -46.00 -26.47
CA LEU C 69 58.65 -45.77 -25.74
C LEU C 69 58.87 -46.92 -24.77
N SER C 70 60.15 -47.23 -24.51
CA SER C 70 60.49 -48.39 -23.71
C SER C 70 61.90 -48.21 -23.16
N LEU C 71 62.23 -49.00 -22.15
CA LEU C 71 63.55 -48.99 -21.54
C LEU C 71 64.13 -50.39 -21.57
N ASP C 72 65.45 -50.49 -21.40
CA ASP C 72 66.15 -51.78 -21.35
C ASP C 72 67.04 -51.74 -20.11
N LYS C 73 66.52 -52.30 -19.01
CA LYS C 73 67.24 -52.35 -17.75
C LYS C 73 68.28 -53.46 -17.75
N SER C 74 68.09 -54.47 -18.61
CA SER C 74 69.10 -55.50 -18.77
C SER C 74 70.33 -54.96 -19.49
N LYS C 75 70.12 -54.19 -20.55
CA LYS C 75 71.22 -53.62 -21.31
C LYS C 75 71.49 -52.18 -20.98
N ASN C 76 70.62 -51.53 -20.20
CA ASN C 76 70.71 -50.12 -19.81
C ASN C 76 70.72 -49.22 -21.05
N LEU C 77 69.62 -49.29 -21.80
CA LEU C 77 69.38 -48.44 -22.95
C LEU C 77 67.97 -47.87 -22.91
N VAL C 78 67.72 -46.93 -23.82
CA VAL C 78 66.41 -46.30 -23.99
C VAL C 78 65.95 -46.56 -25.42
N SER C 79 64.80 -47.21 -25.56
CA SER C 79 64.32 -47.65 -26.86
C SER C 79 63.11 -46.84 -27.25
N LEU C 80 63.08 -46.39 -28.50
CA LEU C 80 61.88 -45.83 -29.10
C LEU C 80 61.52 -46.71 -30.29
N ARG C 81 60.23 -46.95 -30.45
CA ARG C 81 59.68 -47.60 -31.62
C ARG C 81 58.68 -46.64 -32.24
N LEU C 82 58.62 -46.60 -33.56
CA LEU C 82 57.71 -45.71 -34.24
C LEU C 82 56.94 -46.53 -35.26
N THR C 83 55.83 -45.98 -35.74
CA THR C 83 55.04 -46.61 -36.78
C THR C 83 54.69 -45.56 -37.82
N GLY C 84 54.88 -45.90 -39.10
CA GLY C 84 54.40 -45.07 -40.18
C GLY C 84 55.13 -43.75 -40.35
N VAL C 85 56.38 -43.81 -40.80
CA VAL C 85 57.16 -42.59 -41.02
C VAL C 85 56.60 -41.83 -42.21
N THR C 86 56.28 -40.56 -41.99
CA THR C 86 55.78 -39.67 -43.02
C THR C 86 56.82 -38.59 -43.32
N ALA C 87 56.48 -37.71 -44.26
CA ALA C 87 57.43 -36.73 -44.79
C ALA C 87 57.82 -35.69 -43.74
N ALA C 88 56.88 -35.31 -42.88
CA ALA C 88 57.19 -34.40 -41.79
C ALA C 88 57.98 -35.06 -40.67
N ASP C 89 58.15 -36.38 -40.70
CA ASP C 89 58.86 -37.08 -39.66
C ASP C 89 60.38 -36.90 -39.76
N SER C 90 60.87 -36.28 -40.82
CA SER C 90 62.30 -36.00 -40.97
C SER C 90 62.68 -34.88 -40.01
N ALA C 91 63.34 -35.26 -38.92
CA ALA C 91 63.69 -34.33 -37.85
C ALA C 91 64.78 -34.96 -37.01
N ILE C 92 65.48 -34.14 -36.24
CA ILE C 92 66.52 -34.64 -35.35
C ILE C 92 65.89 -35.01 -34.02
N TYR C 93 66.22 -36.20 -33.53
CA TYR C 93 65.54 -36.76 -32.37
C TYR C 93 66.54 -36.90 -31.23
N TYR C 94 66.04 -36.76 -30.01
CA TYR C 94 66.86 -36.60 -28.81
C TYR C 94 66.31 -37.48 -27.70
N CYS C 95 67.17 -38.28 -27.11
CA CYS C 95 66.88 -38.95 -25.86
C CYS C 95 67.49 -38.15 -24.71
N ALA C 96 66.75 -38.00 -23.62
CA ALA C 96 67.18 -37.13 -22.53
C ALA C 96 66.42 -37.48 -21.26
N THR C 97 67.09 -37.39 -20.11
CA THR C 97 66.38 -37.49 -18.85
C THR C 97 65.57 -36.23 -18.59
N THR C 98 64.73 -36.29 -17.56
CA THR C 98 64.04 -35.10 -17.11
C THR C 98 63.81 -35.16 -15.62
N LYS C 99 63.58 -33.99 -15.03
CA LYS C 99 63.31 -33.86 -13.61
C LYS C 99 62.00 -33.12 -13.44
N HIS C 100 61.17 -33.61 -12.53
CA HIS C 100 59.86 -33.04 -12.28
C HIS C 100 59.93 -32.03 -11.13
N GLY C 101 58.76 -31.59 -10.68
CA GLY C 101 58.64 -30.61 -9.63
C GLY C 101 57.20 -30.16 -9.47
N ARG C 102 56.75 -29.99 -8.24
CA ARG C 102 55.34 -29.71 -7.96
C ARG C 102 55.14 -28.19 -7.92
N ARG C 103 54.62 -27.63 -9.00
CA ARG C 103 54.19 -26.25 -8.97
C ARG C 103 52.84 -26.18 -8.25
N ILE C 104 52.81 -25.45 -7.14
CA ILE C 104 51.70 -25.49 -6.20
C ILE C 104 51.17 -24.09 -6.02
N TYR C 105 49.85 -23.92 -6.19
CA TYR C 105 49.24 -22.61 -6.07
C TYR C 105 48.14 -22.49 -5.03
N GLY C 106 47.73 -23.56 -4.39
CA GLY C 106 46.66 -23.50 -3.41
C GLY C 106 46.65 -24.68 -2.48
N VAL C 107 45.45 -25.17 -2.18
CA VAL C 107 45.30 -26.28 -1.25
C VAL C 107 45.71 -27.57 -1.94
N VAL C 108 46.77 -28.19 -1.41
CA VAL C 108 47.39 -29.35 -2.05
C VAL C 108 46.43 -30.53 -2.06
N ALA C 109 45.69 -30.71 -0.97
CA ALA C 109 44.68 -31.75 -0.86
C ALA C 109 43.52 -31.57 -1.83
N PHE C 110 43.40 -30.43 -2.49
CA PHE C 110 42.37 -30.24 -3.49
C PHE C 110 42.90 -30.38 -4.91
N LYS C 111 44.07 -31.02 -5.07
CA LYS C 111 44.75 -31.15 -6.37
C LYS C 111 45.01 -29.80 -7.02
N GLU C 112 45.28 -28.77 -6.24
CA GLU C 112 45.44 -27.42 -6.77
C GLU C 112 46.91 -27.15 -7.08
N TRP C 113 47.46 -28.01 -7.93
CA TRP C 113 48.89 -28.06 -8.20
C TRP C 113 49.10 -28.98 -9.39
N PHE C 114 50.31 -28.94 -9.94
CA PHE C 114 50.63 -29.79 -11.06
C PHE C 114 52.13 -30.06 -11.06
N THR C 115 52.58 -30.80 -12.06
CA THR C 115 53.97 -31.21 -12.19
C THR C 115 54.52 -30.73 -13.52
N TYR C 116 55.48 -29.81 -13.47
CA TYR C 116 56.19 -29.42 -14.67
C TYR C 116 57.29 -30.44 -14.96
N PHE C 117 57.99 -30.23 -16.07
CA PHE C 117 59.14 -31.04 -16.41
C PHE C 117 60.18 -30.16 -17.11
N TYR C 118 61.42 -30.64 -17.06
CA TYR C 118 62.52 -29.96 -17.74
C TYR C 118 63.61 -30.98 -17.99
N MET C 119 64.13 -30.99 -19.22
CA MET C 119 65.18 -31.92 -19.62
C MET C 119 66.52 -31.35 -19.20
N ASP C 120 67.09 -31.91 -18.14
CA ASP C 120 68.34 -31.39 -17.59
C ASP C 120 69.52 -31.66 -18.52
N VAL C 121 69.67 -32.89 -18.97
CA VAL C 121 70.74 -33.22 -19.89
C VAL C 121 70.11 -33.52 -21.22
N TRP C 122 70.94 -33.74 -22.24
CA TRP C 122 70.45 -33.91 -23.59
C TRP C 122 71.24 -35.04 -24.24
N GLY C 123 70.84 -35.42 -25.43
CA GLY C 123 71.55 -36.42 -26.20
C GLY C 123 72.56 -35.78 -27.13
N LYS C 124 72.80 -36.44 -28.26
CA LYS C 124 73.70 -35.91 -29.25
C LYS C 124 72.98 -35.79 -30.59
N GLY C 125 72.08 -36.73 -30.86
CA GLY C 125 71.16 -36.58 -31.97
C GLY C 125 71.40 -37.60 -33.06
N THR C 126 70.41 -37.74 -33.93
CA THR C 126 70.50 -38.53 -35.14
C THR C 126 69.58 -37.91 -36.17
N SER C 127 70.15 -37.43 -37.27
CA SER C 127 69.39 -36.73 -38.30
C SER C 127 68.60 -37.75 -39.12
N VAL C 128 67.39 -38.05 -38.66
CA VAL C 128 66.52 -38.96 -39.41
C VAL C 128 65.95 -38.19 -40.60
N THR C 129 66.07 -38.78 -41.79
CA THR C 129 65.56 -38.18 -43.01
C THR C 129 64.75 -39.23 -43.74
N VAL C 130 63.52 -38.88 -44.09
CA VAL C 130 62.65 -39.79 -44.83
C VAL C 130 62.73 -39.48 -46.32
N SER C 131 62.95 -40.52 -47.11
CA SER C 131 63.07 -40.37 -48.56
C SER C 131 62.82 -41.72 -49.22
N SER C 132 63.01 -41.74 -50.53
CA SER C 132 62.82 -42.95 -51.32
C SER C 132 63.89 -43.03 -52.40
N THR D 1 61.89 -11.77 -35.15
CA THR D 1 62.29 -12.54 -33.97
C THR D 1 63.75 -12.27 -33.65
N PHE D 2 64.34 -11.30 -34.33
CA PHE D 2 65.76 -11.04 -34.22
C PHE D 2 65.99 -9.80 -33.38
N VAL D 3 66.81 -9.93 -32.34
CA VAL D 3 67.10 -8.84 -31.41
C VAL D 3 68.61 -8.66 -31.37
N SER D 4 69.08 -7.44 -31.61
CA SER D 4 70.49 -7.11 -31.59
C SER D 4 70.75 -6.10 -30.48
N VAL D 5 71.75 -6.37 -29.65
CA VAL D 5 72.20 -5.44 -28.63
C VAL D 5 73.72 -5.38 -28.67
N ALA D 6 74.25 -4.30 -28.10
CA ALA D 6 75.68 -4.22 -27.90
C ALA D 6 76.09 -5.21 -26.80
N PRO D 7 77.26 -5.85 -26.93
CA PRO D 7 77.69 -6.80 -25.90
C PRO D 7 78.02 -6.09 -24.59
N GLY D 8 77.54 -6.66 -23.49
CA GLY D 8 77.64 -6.02 -22.19
C GLY D 8 76.40 -5.27 -21.77
N GLN D 9 75.36 -5.23 -22.59
CA GLN D 9 74.17 -4.47 -22.28
C GLN D 9 73.05 -5.38 -21.79
N THR D 10 71.87 -4.79 -21.62
CA THR D 10 70.70 -5.52 -21.17
C THR D 10 69.82 -5.87 -22.37
N ALA D 11 69.00 -6.90 -22.20
CA ALA D 11 68.18 -7.39 -23.29
C ALA D 11 66.96 -8.10 -22.72
N ARG D 12 65.85 -8.02 -23.45
CA ARG D 12 64.61 -8.66 -23.05
C ARG D 12 64.12 -9.52 -24.19
N ILE D 13 63.90 -10.80 -23.92
CA ILE D 13 63.42 -11.75 -24.92
C ILE D 13 62.11 -12.30 -24.43
N THR D 14 61.05 -12.05 -25.19
CA THR D 14 59.71 -12.44 -24.80
C THR D 14 59.25 -13.63 -25.63
N CYS D 15 58.41 -14.47 -25.04
CA CYS D 15 57.96 -15.65 -25.77
C CYS D 15 56.63 -16.11 -25.20
N GLY D 16 55.83 -16.72 -26.07
CA GLY D 16 54.69 -17.49 -25.62
C GLY D 16 53.41 -16.70 -25.43
N GLU D 17 52.43 -17.41 -24.89
CA GLU D 17 51.10 -16.90 -24.66
C GLU D 17 51.07 -16.07 -23.37
N GLU D 18 50.14 -15.10 -23.35
CA GLU D 18 49.92 -14.28 -22.16
C GLU D 18 49.43 -15.14 -21.00
N SER D 19 49.75 -14.72 -19.78
CA SER D 19 49.43 -15.53 -18.60
C SER D 19 47.95 -15.55 -18.32
N LEU D 20 47.42 -16.73 -18.01
CA LEU D 20 46.04 -16.93 -17.61
C LEU D 20 45.91 -17.31 -16.15
N GLY D 21 46.69 -18.29 -15.69
CA GLY D 21 46.78 -18.64 -14.30
C GLY D 21 48.23 -18.58 -13.84
N SER D 22 48.52 -19.30 -12.77
CA SER D 22 49.91 -19.46 -12.35
C SER D 22 50.65 -20.29 -13.38
N ARG D 23 51.90 -19.96 -13.61
CA ARG D 23 52.67 -20.63 -14.64
C ARG D 23 54.01 -21.09 -14.11
N SER D 24 54.59 -22.04 -14.84
CA SER D 24 55.94 -22.53 -14.64
C SER D 24 56.66 -22.37 -15.97
N VAL D 25 57.37 -21.26 -16.13
CA VAL D 25 58.09 -21.02 -17.37
C VAL D 25 59.42 -21.77 -17.32
N ILE D 26 59.85 -22.29 -18.47
CA ILE D 26 61.13 -22.97 -18.61
C ILE D 26 61.86 -22.41 -19.82
N TRP D 27 63.12 -22.03 -19.63
CA TRP D 27 63.91 -21.40 -20.67
C TRP D 27 65.05 -22.30 -21.12
N TYR D 28 65.07 -22.59 -22.41
CA TYR D 28 66.17 -23.28 -23.06
C TYR D 28 66.90 -22.31 -23.97
N GLN D 29 68.15 -22.63 -24.28
CA GLN D 29 68.87 -21.94 -25.34
C GLN D 29 69.62 -22.94 -26.20
N GLN D 30 69.95 -22.49 -27.41
CA GLN D 30 70.37 -23.36 -28.50
C GLN D 30 71.49 -22.66 -29.26
N ARG D 31 72.72 -23.08 -29.01
CA ARG D 31 73.80 -22.67 -29.86
C ARG D 31 73.68 -23.41 -31.19
N PRO D 32 74.12 -22.79 -32.29
CA PRO D 32 74.02 -23.45 -33.61
C PRO D 32 74.93 -24.66 -33.67
N GLY D 33 74.36 -25.80 -34.08
CA GLY D 33 75.10 -27.03 -34.17
C GLY D 33 75.15 -27.84 -32.90
N GLN D 34 74.44 -27.43 -31.85
CA GLN D 34 74.45 -28.15 -30.60
C GLN D 34 73.07 -28.75 -30.31
N ALA D 35 72.97 -29.35 -29.14
CA ALA D 35 71.71 -29.74 -28.53
C ALA D 35 71.11 -28.50 -27.85
N PRO D 36 69.89 -28.59 -27.34
CA PRO D 36 69.42 -27.54 -26.42
C PRO D 36 70.19 -27.57 -25.11
N SER D 37 69.93 -26.55 -24.30
CA SER D 37 70.61 -26.42 -23.02
C SER D 37 69.75 -25.58 -22.12
N LEU D 38 69.42 -26.10 -20.94
CA LEU D 38 68.57 -25.39 -20.02
C LEU D 38 69.32 -24.20 -19.42
N ILE D 39 68.61 -23.10 -19.19
CA ILE D 39 69.13 -22.02 -18.37
C ILE D 39 68.25 -21.74 -17.17
N ILE D 40 66.93 -21.81 -17.32
CA ILE D 40 65.98 -21.43 -16.29
C ILE D 40 64.89 -22.49 -16.23
N TYR D 41 64.74 -23.13 -15.07
CA TYR D 41 63.86 -24.28 -14.95
C TYR D 41 62.59 -24.01 -14.15
N ASN D 42 62.53 -22.93 -13.40
CA ASN D 42 61.33 -22.52 -12.68
C ASN D 42 61.04 -21.10 -13.16
N ASN D 43 60.15 -20.38 -12.45
CA ASN D 43 59.82 -19.03 -12.87
C ASN D 43 61.01 -18.10 -12.76
N ASN D 44 61.78 -18.19 -11.68
CA ASN D 44 62.99 -17.40 -11.58
C ASN D 44 64.11 -18.20 -10.92
N ASP D 45 64.28 -19.46 -11.32
CA ASP D 45 65.31 -20.30 -10.74
C ASP D 45 66.26 -20.82 -11.82
N ARG D 46 67.50 -21.04 -11.43
CA ARG D 46 68.53 -21.52 -12.33
C ARG D 46 69.34 -22.61 -11.66
N PRO D 47 69.84 -23.59 -12.42
CA PRO D 47 70.71 -24.62 -11.84
C PRO D 47 72.15 -24.18 -11.77
N SER D 48 73.03 -25.10 -11.40
CA SER D 48 74.46 -24.81 -11.34
C SER D 48 75.05 -24.67 -12.73
N GLY D 49 76.19 -23.99 -12.79
CA GLY D 49 76.90 -23.82 -14.04
C GLY D 49 76.54 -22.55 -14.78
N ILE D 50 75.26 -22.28 -14.91
CA ILE D 50 74.81 -21.06 -15.57
C ILE D 50 75.05 -19.91 -14.59
N PRO D 51 75.57 -18.78 -15.04
CA PRO D 51 75.75 -17.63 -14.15
C PRO D 51 74.43 -16.90 -13.92
N ASP D 52 74.52 -15.82 -13.17
CA ASP D 52 73.36 -14.99 -12.86
C ASP D 52 73.04 -14.07 -14.02
N ARG D 53 72.20 -13.07 -13.75
CA ARG D 53 71.69 -12.03 -14.65
C ARG D 53 70.79 -12.60 -15.74
N PHE D 54 70.36 -13.86 -15.61
CA PHE D 54 69.32 -14.40 -16.48
C PHE D 54 68.00 -14.40 -15.71
N SER D 55 67.45 -13.21 -15.57
CA SER D 55 66.23 -13.02 -14.80
C SER D 55 65.01 -13.47 -15.60
N GLY D 56 63.99 -13.90 -14.86
CA GLY D 56 62.73 -14.28 -15.46
C GLY D 56 61.57 -13.62 -14.74
N SER D 57 60.44 -13.56 -15.45
CA SER D 57 59.25 -12.96 -14.88
C SER D 57 58.69 -13.85 -13.78
N PRO D 58 58.19 -13.26 -12.69
CA PRO D 58 57.61 -14.08 -11.62
C PRO D 58 56.29 -14.69 -12.05
N GLY D 59 56.04 -15.90 -11.56
CA GLY D 59 54.90 -16.67 -12.03
C GLY D 59 53.56 -16.26 -11.49
N SER D 60 53.48 -15.26 -10.62
CA SER D 60 52.20 -14.88 -10.05
C SER D 60 51.51 -13.76 -10.80
N THR D 61 52.17 -13.15 -11.79
CA THR D 61 51.59 -12.02 -12.48
C THR D 61 50.60 -12.50 -13.52
N PHE D 62 49.41 -11.89 -13.52
CA PHE D 62 48.27 -12.36 -14.30
C PHE D 62 48.06 -11.44 -15.49
N GLY D 63 48.03 -12.01 -16.69
CA GLY D 63 47.85 -11.19 -17.87
C GLY D 63 49.12 -10.53 -18.35
N THR D 64 50.26 -11.21 -18.22
CA THR D 64 51.50 -10.78 -18.85
C THR D 64 52.09 -11.93 -19.64
N THR D 65 53.18 -11.64 -20.33
CA THR D 65 53.82 -12.60 -21.23
C THR D 65 55.18 -12.97 -20.67
N ALA D 66 55.60 -14.21 -20.91
CA ALA D 66 56.86 -14.70 -20.38
C ALA D 66 58.04 -13.95 -20.98
N THR D 67 58.88 -13.41 -20.11
CA THR D 67 60.03 -12.60 -20.49
C THR D 67 61.30 -13.25 -19.97
N LEU D 68 62.42 -12.81 -20.55
CA LEU D 68 63.74 -13.28 -20.16
C LEU D 68 64.68 -12.09 -20.22
N THR D 69 65.16 -11.65 -19.07
CA THR D 69 65.98 -10.44 -18.95
C THR D 69 67.44 -10.87 -18.81
N ILE D 70 68.26 -10.52 -19.80
CA ILE D 70 69.68 -10.82 -19.75
C ILE D 70 70.44 -9.51 -19.73
N THR D 71 70.99 -9.18 -18.57
CA THR D 71 71.82 -8.00 -18.42
C THR D 71 73.28 -8.40 -18.54
N SER D 72 74.10 -7.50 -19.08
CA SER D 72 75.52 -7.70 -19.37
C SER D 72 75.74 -8.90 -20.29
N VAL D 73 75.22 -8.77 -21.52
CA VAL D 73 75.25 -9.84 -22.51
C VAL D 73 76.66 -10.03 -23.06
N GLU D 74 76.86 -11.12 -23.80
CA GLU D 74 78.15 -11.37 -24.42
C GLU D 74 77.94 -12.14 -25.72
N ALA D 75 79.02 -12.34 -26.46
CA ALA D 75 78.97 -13.08 -27.71
C ALA D 75 78.67 -14.55 -27.47
N GLY D 76 79.11 -15.10 -26.34
CA GLY D 76 78.70 -16.42 -25.92
C GLY D 76 77.22 -16.53 -25.58
N ASP D 77 76.54 -15.40 -25.41
CA ASP D 77 75.10 -15.37 -25.30
C ASP D 77 74.40 -15.50 -26.64
N GLU D 78 75.15 -15.59 -27.75
CA GLU D 78 74.53 -15.71 -29.06
C GLU D 78 73.97 -17.11 -29.25
N ALA D 79 72.69 -17.29 -28.93
CA ALA D 79 72.01 -18.57 -29.05
C ALA D 79 70.53 -18.31 -29.16
N ASP D 80 69.81 -19.30 -29.69
CA ASP D 80 68.37 -19.20 -29.84
C ASP D 80 67.73 -19.45 -28.50
N TYR D 81 66.60 -18.81 -28.25
CA TYR D 81 65.94 -18.92 -26.97
C TYR D 81 64.60 -19.60 -27.12
N TYR D 82 64.19 -20.31 -26.08
CA TYR D 82 62.95 -21.06 -26.11
C TYR D 82 62.24 -20.96 -24.77
N CYS D 83 61.01 -20.47 -24.84
CA CYS D 83 60.11 -20.51 -23.70
C CYS D 83 59.44 -21.86 -23.63
N HIS D 84 59.19 -22.31 -22.40
CA HIS D 84 58.36 -23.49 -22.19
C HIS D 84 57.46 -23.16 -21.00
N ILE D 85 56.27 -22.71 -21.29
CA ILE D 85 55.34 -22.27 -20.26
C ILE D 85 54.47 -23.44 -19.83
N TRP D 86 54.12 -23.46 -18.55
CA TRP D 86 53.30 -24.49 -17.94
C TRP D 86 52.21 -23.79 -17.15
N ASP D 87 51.13 -23.43 -17.82
CA ASP D 87 50.03 -22.79 -17.13
C ASP D 87 49.26 -23.82 -16.33
N SER D 88 48.72 -23.38 -15.19
CA SER D 88 47.77 -24.19 -14.47
C SER D 88 46.42 -24.23 -15.16
N ARG D 89 46.13 -23.30 -16.06
CA ARG D 89 44.84 -23.25 -16.72
C ARG D 89 44.88 -23.82 -18.13
N ARG D 90 45.86 -23.46 -18.92
CA ARG D 90 45.96 -24.01 -20.26
C ARG D 90 46.52 -25.44 -20.20
N PRO D 91 46.25 -26.27 -21.22
CA PRO D 91 46.79 -27.64 -21.18
C PRO D 91 48.28 -27.74 -21.43
N THR D 92 48.76 -28.97 -21.53
CA THR D 92 50.19 -29.25 -21.64
C THR D 92 50.72 -28.85 -23.01
N ASN D 93 51.71 -27.97 -23.04
CA ASN D 93 52.31 -27.54 -24.30
C ASN D 93 53.31 -28.59 -24.72
N TRP D 94 52.85 -29.52 -25.55
CA TRP D 94 53.74 -30.56 -26.05
C TRP D 94 54.75 -30.04 -27.07
N VAL D 95 54.47 -28.89 -27.66
CA VAL D 95 55.43 -28.20 -28.49
C VAL D 95 55.88 -26.97 -27.70
N PHE D 96 57.06 -26.45 -28.05
CA PHE D 96 57.58 -25.27 -27.39
C PHE D 96 57.01 -24.02 -28.06
N GLY D 97 57.53 -22.86 -27.66
CA GLY D 97 57.07 -21.60 -28.22
C GLY D 97 57.73 -21.29 -29.54
N GLU D 98 58.25 -20.08 -29.67
CA GLU D 98 58.92 -19.64 -30.88
C GLU D 98 60.38 -19.36 -30.61
N GLY D 99 61.24 -19.80 -31.52
CA GLY D 99 62.66 -19.57 -31.37
C GLY D 99 63.09 -18.21 -31.85
N THR D 100 63.37 -17.31 -30.91
CA THR D 100 63.92 -16.00 -31.21
C THR D 100 65.44 -16.10 -31.07
N THR D 101 66.15 -15.58 -32.05
CA THR D 101 67.60 -15.67 -32.07
C THR D 101 68.16 -14.37 -31.50
N LEU D 102 69.05 -14.48 -30.52
CA LEU D 102 69.75 -13.34 -29.99
C LEU D 102 71.10 -13.22 -30.68
N ILE D 103 71.28 -12.16 -31.45
CA ILE D 103 72.54 -11.90 -32.14
C ILE D 103 73.15 -10.64 -31.56
N VAL D 104 74.47 -10.59 -31.59
CA VAL D 104 75.22 -9.54 -30.91
C VAL D 104 76.08 -8.84 -31.95
N LEU D 105 76.51 -7.62 -31.62
CA LEU D 105 77.33 -6.84 -32.53
C LEU D 105 78.80 -7.10 -32.29
N GLU E 1 17.35 -48.16 26.77
CA GLU E 1 16.17 -47.74 26.02
C GLU E 1 14.92 -47.83 26.87
N ILE E 2 13.76 -47.74 26.23
CA ILE E 2 12.48 -47.84 26.91
C ILE E 2 11.84 -49.15 26.50
N VAL E 3 11.53 -50.00 27.47
CA VAL E 3 10.95 -51.30 27.22
C VAL E 3 9.51 -51.26 27.71
N LEU E 4 8.58 -51.62 26.83
CA LEU E 4 7.17 -51.65 27.19
C LEU E 4 6.72 -53.07 27.46
N THR E 5 5.88 -53.23 28.47
CA THR E 5 5.37 -54.54 28.86
C THR E 5 3.87 -54.43 29.09
N GLN E 6 3.09 -55.25 28.40
CA GLN E 6 1.65 -55.26 28.57
C GLN E 6 1.26 -56.51 29.35
N SER E 7 0.65 -56.31 30.51
CA SER E 7 0.40 -57.42 31.43
C SER E 7 -0.78 -58.34 31.12
N PRO E 8 -1.99 -57.90 30.70
CA PRO E 8 -3.10 -58.86 30.63
C PRO E 8 -3.00 -59.87 29.50
N GLY E 9 -2.17 -59.60 28.49
CA GLY E 9 -1.97 -60.54 27.40
C GLY E 9 -3.20 -60.72 26.55
N ILE E 10 -3.85 -61.86 26.68
CA ILE E 10 -5.15 -62.10 26.05
C ILE E 10 -6.21 -62.01 27.14
N LEU E 11 -7.12 -61.05 27.01
CA LEU E 11 -8.18 -60.83 27.98
C LEU E 11 -9.51 -61.12 27.30
N SER E 12 -10.21 -62.15 27.76
CA SER E 12 -11.47 -62.56 27.19
C SER E 12 -12.60 -62.19 28.14
N LEU E 13 -13.54 -61.37 27.66
CA LEU E 13 -14.69 -60.94 28.43
C LEU E 13 -15.93 -60.97 27.57
N SER E 14 -17.04 -60.81 28.20
CA SER E 14 -18.34 -60.75 27.57
C SER E 14 -18.69 -59.31 27.22
N PRO E 15 -19.52 -59.08 26.20
CA PRO E 15 -19.87 -57.72 25.81
C PRO E 15 -20.70 -57.01 26.87
N GLY E 16 -20.68 -55.68 26.78
CA GLY E 16 -21.35 -54.84 27.74
C GLY E 16 -20.58 -54.57 29.01
N GLU E 17 -19.48 -55.28 29.24
CA GLU E 17 -18.75 -55.21 30.49
C GLU E 17 -17.72 -54.09 30.44
N THR E 18 -16.90 -54.00 31.47
CA THR E 18 -15.75 -53.12 31.50
C THR E 18 -14.48 -53.95 31.47
N ALA E 19 -13.38 -53.31 31.12
CA ALA E 19 -12.10 -54.00 31.04
C ALA E 19 -10.99 -52.99 31.31
N THR E 20 -9.84 -53.52 31.71
CA THR E 20 -8.70 -52.68 32.07
C THR E 20 -7.44 -53.32 31.51
N LEU E 21 -6.84 -52.69 30.51
CA LEU E 21 -5.53 -53.10 30.04
C LEU E 21 -4.46 -52.31 30.77
N PHE E 22 -3.34 -52.97 31.00
CA PHE E 22 -2.28 -52.41 31.81
C PHE E 22 -0.98 -52.43 31.04
N CYS E 23 -0.24 -51.33 31.10
CA CYS E 23 1.09 -51.32 30.51
C CYS E 23 2.08 -50.72 31.48
N LYS E 24 3.34 -51.10 31.29
CA LYS E 24 4.41 -50.79 32.23
C LYS E 24 5.65 -50.43 31.45
N ALA E 25 6.25 -49.29 31.80
CA ALA E 25 7.41 -48.77 31.11
C ALA E 25 8.66 -48.99 31.95
N SER E 26 9.80 -49.06 31.27
CA SER E 26 11.07 -49.19 31.99
C SER E 26 11.47 -47.88 32.63
N GLN E 27 11.25 -46.76 31.94
CA GLN E 27 11.62 -45.43 32.43
C GLN E 27 10.36 -44.61 32.62
N GLY E 28 10.15 -44.11 33.82
CA GLY E 28 9.02 -43.27 34.08
C GLY E 28 9.29 -41.81 33.79
N GLY E 29 8.23 -41.02 33.68
CA GLY E 29 8.31 -39.59 33.54
C GLY E 29 7.69 -39.03 32.28
N ASN E 30 7.46 -39.85 31.27
CA ASN E 30 6.91 -39.35 30.02
C ASN E 30 5.50 -39.91 29.82
N ALA E 31 4.90 -39.53 28.70
CA ALA E 31 3.49 -39.82 28.46
C ALA E 31 3.31 -41.20 27.85
N MET E 32 2.06 -41.56 27.58
CA MET E 32 1.72 -42.86 27.02
C MET E 32 0.63 -42.69 25.97
N THR E 33 0.75 -43.47 24.89
CA THR E 33 -0.15 -43.39 23.77
C THR E 33 -0.78 -44.77 23.54
N TRP E 34 -2.08 -44.79 23.23
CA TRP E 34 -2.81 -46.04 23.03
C TRP E 34 -3.33 -46.12 21.60
N TYR E 35 -3.13 -47.27 20.98
CA TYR E 35 -3.65 -47.55 19.64
C TYR E 35 -4.61 -48.73 19.68
N GLN E 36 -5.57 -48.71 18.76
CA GLN E 36 -6.49 -49.82 18.53
C GLN E 36 -6.34 -50.30 17.11
N LYS E 37 -6.21 -51.61 16.92
CA LYS E 37 -6.29 -52.21 15.60
C LYS E 37 -7.31 -53.32 15.62
N ARG E 38 -8.30 -53.22 14.75
CA ARG E 38 -9.27 -54.29 14.58
C ARG E 38 -8.74 -55.29 13.56
N ARG E 39 -9.56 -56.29 13.26
CA ARG E 39 -9.16 -57.37 12.37
C ARG E 39 -9.11 -56.88 10.93
N GLY E 40 -7.91 -56.88 10.36
CA GLY E 40 -7.74 -56.54 8.95
C GLY E 40 -8.07 -55.10 8.61
N GLN E 41 -7.92 -54.19 9.57
CA GLN E 41 -8.30 -52.81 9.37
C GLN E 41 -7.12 -51.89 9.67
N VAL E 42 -7.25 -50.65 9.25
CA VAL E 42 -6.26 -49.63 9.56
C VAL E 42 -6.40 -49.24 11.03
N PRO E 43 -5.30 -49.18 11.79
CA PRO E 43 -5.40 -48.83 13.21
C PRO E 43 -5.81 -47.38 13.43
N ARG E 44 -5.98 -47.04 14.70
CA ARG E 44 -6.63 -45.80 15.09
C ARG E 44 -6.17 -45.41 16.47
N LEU E 45 -5.84 -44.14 16.65
CA LEU E 45 -5.39 -43.67 17.95
C LEU E 45 -6.58 -43.56 18.89
N LEU E 46 -6.41 -44.02 20.13
CA LEU E 46 -7.41 -43.82 21.16
C LEU E 46 -7.01 -42.70 22.12
N ILE E 47 -5.86 -42.86 22.78
CA ILE E 47 -5.44 -41.95 23.83
C ILE E 47 -4.05 -41.43 23.47
N TYR E 48 -3.92 -40.12 23.47
CA TYR E 48 -2.62 -39.46 23.46
C TYR E 48 -2.49 -38.66 24.74
N ASP E 49 -1.24 -38.42 25.14
CA ASP E 49 -0.85 -37.68 26.34
C ASP E 49 -1.41 -38.32 27.62
N THR E 50 -1.71 -39.63 27.55
CA THR E 50 -2.05 -40.54 28.63
C THR E 50 -3.44 -40.26 29.22
N SER E 51 -4.06 -39.14 28.86
CA SER E 51 -5.43 -38.90 29.30
C SER E 51 -6.29 -38.21 28.25
N ARG E 52 -5.74 -37.82 27.11
CA ARG E 52 -6.51 -37.08 26.11
C ARG E 52 -6.99 -38.04 25.04
N ARG E 53 -8.20 -37.79 24.55
CA ARG E 53 -8.82 -38.66 23.57
C ARG E 53 -8.72 -38.05 22.17
N ALA E 54 -8.73 -38.90 21.16
CA ALA E 54 -8.62 -38.44 19.79
C ALA E 54 -9.99 -38.00 19.27
N SER E 55 -10.05 -37.67 17.99
CA SER E 55 -11.31 -37.26 17.37
C SER E 55 -12.20 -38.47 17.17
N GLY E 56 -13.50 -38.28 17.38
CA GLY E 56 -14.45 -39.37 17.24
C GLY E 56 -14.34 -40.45 18.29
N VAL E 57 -13.69 -40.17 19.41
CA VAL E 57 -13.51 -41.13 20.48
C VAL E 57 -14.61 -40.88 21.51
N PRO E 58 -15.53 -41.81 21.73
CA PRO E 58 -16.46 -41.68 22.85
C PRO E 58 -15.72 -41.84 24.16
N ASP E 59 -16.22 -41.16 25.19
CA ASP E 59 -15.52 -41.07 26.46
C ASP E 59 -15.65 -42.31 27.32
N ARG E 60 -16.08 -43.45 26.77
CA ARG E 60 -15.97 -44.71 27.48
C ARG E 60 -14.57 -45.29 27.41
N PHE E 61 -13.64 -44.61 26.73
CA PHE E 61 -12.22 -44.90 26.78
C PHE E 61 -11.59 -43.91 27.75
N VAL E 62 -11.08 -44.39 28.88
CA VAL E 62 -10.46 -43.52 29.87
C VAL E 62 -9.06 -44.05 30.15
N GLY E 63 -8.05 -43.24 29.87
CA GLY E 63 -6.67 -43.59 30.18
C GLY E 63 -6.20 -42.87 31.42
N SER E 64 -5.32 -43.53 32.16
CA SER E 64 -4.78 -42.96 33.38
C SER E 64 -3.45 -43.63 33.68
N GLY E 65 -2.94 -43.40 34.88
CA GLY E 65 -1.70 -44.00 35.31
C GLY E 65 -0.64 -42.93 35.58
N SER E 66 0.43 -43.38 36.25
CA SER E 66 1.52 -42.48 36.59
C SER E 66 2.77 -43.31 36.78
N GLY E 67 3.90 -42.60 36.86
CA GLY E 67 5.20 -43.21 37.01
C GLY E 67 5.52 -44.10 35.83
N THR E 68 5.48 -45.40 36.06
CA THR E 68 5.59 -46.38 34.99
C THR E 68 4.32 -47.17 34.75
N ASP E 69 3.38 -47.16 35.69
CA ASP E 69 2.21 -48.02 35.63
C ASP E 69 1.05 -47.23 35.03
N PHE E 70 0.55 -47.68 33.89
CA PHE E 70 -0.45 -46.95 33.12
C PHE E 70 -1.64 -47.84 32.83
N PHE E 71 -2.83 -47.23 32.90
CA PHE E 71 -4.11 -47.92 32.78
C PHE E 71 -4.84 -47.46 31.52
N LEU E 72 -5.48 -48.39 30.85
CA LEU E 72 -6.45 -48.10 29.81
C LEU E 72 -7.75 -48.79 30.17
N THR E 73 -8.73 -48.03 30.62
CA THR E 73 -10.01 -48.57 31.07
C THR E 73 -11.06 -48.34 30.00
N ILE E 74 -11.78 -49.40 29.66
CA ILE E 74 -12.88 -49.31 28.72
C ILE E 74 -14.15 -49.68 29.46
N ASN E 75 -15.11 -48.77 29.49
CA ASN E 75 -16.40 -49.02 30.10
C ASN E 75 -17.40 -49.39 29.02
N LYS E 76 -18.28 -50.34 29.33
CA LYS E 76 -19.44 -50.72 28.50
C LYS E 76 -18.97 -51.17 27.10
N LEU E 77 -18.35 -52.35 27.10
CA LEU E 77 -17.82 -52.92 25.86
C LEU E 77 -18.89 -53.09 24.79
N ASP E 78 -18.64 -52.48 23.64
CA ASP E 78 -19.33 -52.81 22.41
C ASP E 78 -18.56 -53.93 21.73
N ARG E 79 -19.25 -54.68 20.86
CA ARG E 79 -18.59 -55.74 20.10
C ARG E 79 -17.48 -55.19 19.23
N GLU E 80 -17.69 -54.01 18.63
CA GLU E 80 -16.65 -53.34 17.86
C GLU E 80 -15.48 -52.90 18.73
N ASP E 81 -15.65 -52.84 20.05
CA ASP E 81 -14.56 -52.57 20.94
C ASP E 81 -13.62 -53.76 21.13
N PHE E 82 -14.02 -54.96 20.69
CA PHE E 82 -13.16 -56.13 20.84
C PHE E 82 -12.12 -56.14 19.72
N ALA E 83 -10.88 -55.81 20.07
CA ALA E 83 -9.83 -55.66 19.09
C ALA E 83 -8.48 -55.84 19.77
N VAL E 84 -7.42 -55.57 19.02
CA VAL E 84 -6.05 -55.59 19.54
C VAL E 84 -5.71 -54.18 19.97
N TYR E 85 -4.95 -54.05 21.04
CA TYR E 85 -4.64 -52.74 21.61
C TYR E 85 -3.15 -52.65 21.90
N TYR E 86 -2.55 -51.54 21.49
CA TYR E 86 -1.13 -51.30 21.63
C TYR E 86 -0.89 -50.10 22.52
N CYS E 87 0.23 -50.13 23.22
CA CYS E 87 0.77 -48.97 23.90
C CYS E 87 2.06 -48.57 23.22
N GLN E 88 2.24 -47.28 23.01
CA GLN E 88 3.53 -46.80 22.56
C GLN E 88 3.95 -45.61 23.40
N GLN E 89 5.22 -45.62 23.76
CA GLN E 89 6.00 -44.45 24.03
C GLN E 89 6.84 -44.28 22.78
N PHE E 90 7.72 -43.28 22.77
CA PHE E 90 8.14 -42.49 21.61
C PHE E 90 8.30 -43.24 20.30
N GLU E 91 9.20 -44.19 20.23
CA GLU E 91 9.22 -45.07 19.06
C GLU E 91 9.01 -46.52 19.44
N PHE E 92 8.95 -46.81 20.73
CA PHE E 92 8.87 -48.18 21.17
C PHE E 92 7.42 -48.64 21.16
N PHE E 93 7.21 -49.94 21.40
CA PHE E 93 5.87 -50.49 21.32
C PHE E 93 5.68 -51.57 22.35
N GLY E 94 4.47 -51.64 22.89
CA GLY E 94 4.03 -52.86 23.53
C GLY E 94 3.69 -53.91 22.49
N LEU E 95 3.67 -55.16 22.92
CA LEU E 95 3.51 -56.23 21.95
C LEU E 95 2.05 -56.52 21.62
N GLY E 96 1.11 -55.82 22.22
CA GLY E 96 -0.27 -55.98 21.81
C GLY E 96 -1.09 -56.85 22.72
N SER E 97 -2.15 -56.28 23.28
CA SER E 97 -3.08 -57.00 24.13
C SER E 97 -4.35 -57.27 23.35
N GLU E 98 -4.80 -58.52 23.34
CA GLU E 98 -5.94 -58.93 22.55
C GLU E 98 -7.17 -59.05 23.44
N LEU E 99 -8.19 -58.26 23.14
CA LEU E 99 -9.47 -58.34 23.83
C LEU E 99 -10.39 -59.23 23.03
N GLU E 100 -10.98 -60.22 23.69
CA GLU E 100 -11.67 -61.30 23.00
C GLU E 100 -13.06 -61.50 23.61
N VAL E 101 -13.99 -61.93 22.76
CA VAL E 101 -15.37 -62.13 23.18
C VAL E 101 -15.49 -63.48 23.88
N HIS E 102 -15.87 -63.46 25.16
CA HIS E 102 -16.10 -64.70 25.86
C HIS E 102 -17.41 -65.36 25.41
N GLN F 1 -10.36 -32.52 5.42
CA GLN F 1 -10.02 -33.94 5.53
C GLN F 1 -8.56 -34.17 5.21
N VAL F 2 -8.04 -35.32 5.65
CA VAL F 2 -6.66 -35.70 5.42
C VAL F 2 -6.68 -37.01 4.64
N GLN F 3 -6.07 -36.99 3.46
CA GLN F 3 -6.07 -38.16 2.59
C GLN F 3 -4.63 -38.63 2.36
N LEU F 4 -4.39 -39.91 2.63
CA LEU F 4 -3.06 -40.50 2.59
C LEU F 4 -3.15 -41.73 1.68
N VAL F 5 -2.88 -41.55 0.40
CA VAL F 5 -3.01 -42.62 -0.57
C VAL F 5 -1.65 -43.26 -0.74
N GLN F 6 -1.54 -44.54 -0.40
CA GLN F 6 -0.32 -45.27 -0.65
C GLN F 6 -0.42 -45.94 -2.02
N SER F 7 0.49 -46.87 -2.30
CA SER F 7 0.33 -47.75 -3.44
C SER F 7 0.03 -49.16 -2.95
N GLY F 8 -0.41 -50.01 -3.87
CA GLY F 8 -0.84 -51.35 -3.52
C GLY F 8 0.33 -52.29 -3.23
N ALA F 9 -0.04 -53.54 -2.99
CA ALA F 9 0.92 -54.58 -2.67
C ALA F 9 1.79 -54.91 -3.87
N VAL F 10 2.93 -55.55 -3.59
CA VAL F 10 3.87 -55.94 -4.63
C VAL F 10 4.74 -57.06 -4.05
N ILE F 11 5.26 -57.92 -4.94
CA ILE F 11 6.12 -59.02 -4.55
C ILE F 11 7.49 -58.79 -5.18
N LYS F 12 8.53 -58.85 -4.37
CA LYS F 12 9.89 -58.62 -4.84
C LYS F 12 10.79 -59.79 -4.47
N THR F 13 11.87 -59.92 -5.20
CA THR F 13 12.87 -60.94 -4.97
C THR F 13 13.75 -60.56 -3.79
N PRO F 14 14.44 -61.52 -3.17
CA PRO F 14 15.42 -61.17 -2.13
C PRO F 14 16.58 -60.38 -2.69
N GLY F 15 17.13 -59.50 -1.86
CA GLY F 15 18.21 -58.64 -2.26
C GLY F 15 17.82 -57.47 -3.13
N SER F 16 16.53 -57.26 -3.35
CA SER F 16 16.06 -56.20 -4.24
C SER F 16 15.79 -54.93 -3.44
N SER F 17 15.12 -53.97 -4.08
CA SER F 17 14.79 -52.70 -3.46
C SER F 17 13.40 -52.30 -3.90
N VAL F 18 12.60 -51.91 -2.95
CA VAL F 18 11.20 -51.57 -3.19
C VAL F 18 11.05 -50.06 -3.04
N LYS F 19 10.04 -49.50 -3.70
CA LYS F 19 9.78 -48.07 -3.68
C LYS F 19 8.29 -47.85 -3.43
N ILE F 20 7.95 -47.39 -2.24
CA ILE F 20 6.58 -47.09 -1.86
C ILE F 20 6.39 -45.58 -1.87
N SER F 21 5.44 -45.12 -2.67
CA SER F 21 5.07 -43.72 -2.62
C SER F 21 3.96 -43.50 -1.60
N CYS F 22 3.78 -42.25 -1.22
CA CYS F 22 2.72 -41.89 -0.28
C CYS F 22 2.28 -40.48 -0.63
N ARG F 23 1.11 -40.35 -1.24
CA ARG F 23 0.62 -39.05 -1.65
C ARG F 23 -0.30 -38.50 -0.56
N ALA F 24 -0.02 -37.30 -0.10
CA ALA F 24 -0.80 -36.68 0.96
C ALA F 24 -1.52 -35.46 0.42
N SER F 25 -2.78 -35.32 0.79
CA SER F 25 -3.57 -34.19 0.34
C SER F 25 -4.52 -33.78 1.44
N GLY F 26 -4.96 -32.53 1.37
CA GLY F 26 -5.92 -31.99 2.30
C GLY F 26 -5.33 -31.07 3.34
N TYR F 27 -4.03 -30.82 3.32
CA TYR F 27 -3.41 -29.99 4.34
C TYR F 27 -2.19 -29.33 3.74
N ASN F 28 -1.59 -28.43 4.51
CA ASN F 28 -0.36 -27.77 4.07
C ASN F 28 0.79 -28.76 4.22
N PHE F 29 1.24 -29.31 3.09
CA PHE F 29 2.22 -30.38 3.10
C PHE F 29 3.58 -29.95 3.63
N ARG F 30 3.87 -28.66 3.58
CA ARG F 30 5.17 -28.18 4.02
C ARG F 30 5.32 -28.07 5.52
N ASP F 31 4.31 -28.41 6.31
CA ASP F 31 4.30 -28.02 7.71
C ASP F 31 4.38 -29.16 8.70
N TYR F 32 4.13 -30.39 8.29
CA TYR F 32 4.06 -31.49 9.23
C TYR F 32 5.03 -32.61 8.84
N SER F 33 5.44 -33.36 9.85
CA SER F 33 6.36 -34.45 9.64
C SER F 33 5.64 -35.63 9.00
N ILE F 34 6.42 -36.53 8.41
CA ILE F 34 5.92 -37.79 7.87
C ILE F 34 6.70 -38.92 8.50
N HIS F 35 6.00 -39.90 9.05
CA HIS F 35 6.67 -41.04 9.66
C HIS F 35 6.39 -42.30 8.85
N TRP F 36 7.43 -43.06 8.58
CA TRP F 36 7.28 -44.42 8.08
C TRP F 36 7.42 -45.38 9.24
N VAL F 37 6.52 -46.37 9.28
CA VAL F 37 6.47 -47.37 10.34
C VAL F 37 6.02 -48.68 9.70
N ARG F 38 6.27 -49.79 10.39
CA ARG F 38 6.07 -51.10 9.81
C ARG F 38 5.37 -52.03 10.79
N LEU F 39 4.93 -53.16 10.25
CA LEU F 39 4.26 -54.22 11.00
C LEU F 39 4.69 -55.56 10.43
N ILE F 40 5.42 -56.33 11.23
CA ILE F 40 5.64 -57.73 10.93
C ILE F 40 4.70 -58.51 11.83
N PRO F 41 4.00 -59.53 11.31
CA PRO F 41 3.22 -60.40 12.19
C PRO F 41 4.12 -61.14 13.15
N ASP F 42 3.62 -61.31 14.38
CA ASP F 42 4.32 -61.93 15.51
C ASP F 42 5.61 -61.21 15.88
N LYS F 43 5.72 -59.93 15.54
CA LYS F 43 6.84 -59.10 15.94
C LYS F 43 6.42 -57.74 16.46
N GLY F 44 5.15 -57.40 16.39
CA GLY F 44 4.70 -56.07 16.75
C GLY F 44 5.12 -55.05 15.71
N PHE F 45 4.95 -53.80 16.09
CA PHE F 45 5.34 -52.67 15.25
C PHE F 45 6.82 -52.39 15.39
N GLU F 46 7.37 -51.69 14.40
CA GLU F 46 8.73 -51.22 14.46
C GLU F 46 8.80 -49.88 13.76
N TRP F 47 9.32 -48.88 14.46
CA TRP F 47 9.45 -47.56 13.86
C TRP F 47 10.60 -47.53 12.86
N ILE F 48 10.34 -46.97 11.70
CA ILE F 48 11.35 -46.88 10.65
C ILE F 48 12.02 -45.52 10.65
N GLY F 49 11.25 -44.45 10.54
CA GLY F 49 11.90 -43.15 10.55
C GLY F 49 10.95 -42.03 10.23
N TRP F 50 11.53 -40.84 10.07
CA TRP F 50 10.73 -39.68 9.74
C TRP F 50 11.45 -38.76 8.78
N ILE F 51 10.65 -37.87 8.18
CA ILE F 51 11.09 -36.93 7.17
C ILE F 51 10.29 -35.64 7.29
N LYS F 52 10.99 -34.51 7.31
CA LYS F 52 10.37 -33.20 7.18
C LYS F 52 10.49 -32.76 5.73
N PRO F 53 9.38 -32.48 5.05
CA PRO F 53 9.46 -32.18 3.62
C PRO F 53 9.88 -30.77 3.31
N LEU F 54 10.01 -29.91 4.33
CA LEU F 54 10.43 -28.53 4.10
C LEU F 54 11.83 -28.46 3.54
N TRP F 55 12.70 -29.32 4.04
CA TRP F 55 13.98 -29.53 3.39
C TRP F 55 14.24 -30.99 3.11
N GLY F 56 13.36 -31.88 3.49
CA GLY F 56 13.67 -33.28 3.42
C GLY F 56 14.60 -33.73 4.50
N ALA F 57 14.54 -33.11 5.67
CA ALA F 57 15.40 -33.50 6.76
C ALA F 57 14.94 -34.84 7.28
N VAL F 58 15.81 -35.84 7.22
CA VAL F 58 15.41 -37.20 7.52
C VAL F 58 16.02 -37.62 8.84
N SER F 59 15.48 -38.69 9.39
CA SER F 59 16.15 -39.43 10.44
C SER F 59 15.68 -40.87 10.38
N TYR F 60 16.63 -41.79 10.48
CA TYR F 60 16.36 -43.20 10.28
C TYR F 60 16.46 -43.90 11.62
N ALA F 61 15.84 -45.07 11.71
CA ALA F 61 16.12 -45.95 12.83
C ALA F 61 17.52 -46.51 12.67
N ARG F 62 18.18 -46.74 13.81
CA ARG F 62 19.59 -47.09 13.82
C ARG F 62 19.84 -48.44 13.17
N GLN F 63 19.14 -49.47 13.63
CA GLN F 63 19.34 -50.84 13.18
C GLN F 63 18.84 -51.11 11.76
N LEU F 64 18.44 -50.07 11.03
CA LEU F 64 18.16 -50.19 9.61
C LEU F 64 18.90 -49.15 8.79
N GLN F 65 19.89 -48.46 9.35
CA GLN F 65 20.62 -47.45 8.58
C GLN F 65 21.45 -48.10 7.49
N GLY F 66 21.69 -47.33 6.42
CA GLY F 66 22.32 -47.84 5.24
C GLY F 66 21.37 -48.54 4.28
N ARG F 67 20.21 -48.97 4.75
CA ARG F 67 19.30 -49.74 3.92
C ARG F 67 18.12 -48.92 3.40
N VAL F 68 17.73 -47.88 4.12
CA VAL F 68 16.50 -47.16 3.82
C VAL F 68 16.85 -45.79 3.25
N SER F 69 15.95 -45.25 2.43
CA SER F 69 16.12 -43.94 1.85
C SER F 69 14.77 -43.26 1.74
N MET F 70 14.64 -42.06 2.29
CA MET F 70 13.39 -41.32 2.22
C MET F 70 13.61 -40.02 1.44
N THR F 71 12.77 -39.77 0.46
CA THR F 71 12.80 -38.53 -0.29
C THR F 71 11.40 -37.93 -0.30
N ARG F 72 11.28 -36.73 -0.86
CA ARG F 72 9.96 -36.15 -1.04
C ARG F 72 9.96 -35.24 -2.25
N GLN F 73 8.76 -34.95 -2.72
CA GLN F 73 8.50 -33.98 -3.76
C GLN F 73 7.42 -33.04 -3.29
N LEU F 74 7.74 -31.76 -3.24
CA LEU F 74 6.75 -30.72 -3.01
C LEU F 74 6.00 -30.41 -4.29
N SER F 75 4.89 -29.72 -4.13
CA SER F 75 4.12 -29.21 -5.26
C SER F 75 4.39 -27.73 -5.37
N GLN F 76 5.02 -27.31 -6.46
CA GLN F 76 5.37 -25.92 -6.63
C GLN F 76 4.55 -25.33 -7.77
N ASP F 77 3.40 -24.79 -7.40
CA ASP F 77 2.58 -23.93 -8.23
C ASP F 77 1.73 -23.07 -7.31
N PRO F 78 1.31 -21.88 -7.73
CA PRO F 78 0.42 -21.07 -6.89
C PRO F 78 -1.04 -21.51 -6.90
N ASP F 79 -1.36 -22.70 -7.39
CA ASP F 79 -2.71 -23.22 -7.37
C ASP F 79 -2.89 -24.39 -6.43
N ASP F 80 -1.90 -25.27 -6.27
CA ASP F 80 -2.00 -26.44 -5.40
C ASP F 80 -0.89 -26.42 -4.36
N PRO F 81 -1.07 -25.67 -3.27
CA PRO F 81 -0.10 -25.71 -2.17
C PRO F 81 -0.33 -26.83 -1.17
N ASP F 82 -1.12 -27.85 -1.52
CA ASP F 82 -1.60 -28.81 -0.56
C ASP F 82 -1.02 -30.21 -0.72
N TRP F 83 -1.03 -30.77 -1.92
CA TRP F 83 -0.62 -32.16 -2.06
C TRP F 83 0.89 -32.27 -2.15
N GLY F 84 1.41 -33.36 -1.60
CA GLY F 84 2.84 -33.61 -1.65
C GLY F 84 3.13 -35.08 -1.53
N VAL F 85 4.25 -35.50 -2.09
CA VAL F 85 4.53 -36.91 -2.22
C VAL F 85 5.75 -37.25 -1.38
N ALA F 86 5.58 -38.18 -0.44
CA ALA F 86 6.73 -38.79 0.21
C ALA F 86 7.06 -40.08 -0.52
N TYR F 87 8.31 -40.50 -0.40
CA TYR F 87 8.72 -41.77 -0.95
C TYR F 87 9.40 -42.59 0.13
N MET F 88 9.60 -43.85 -0.17
CA MET F 88 10.49 -44.70 0.61
C MET F 88 11.11 -45.71 -0.33
N GLU F 89 12.42 -45.68 -0.46
CA GLU F 89 13.16 -46.68 -1.19
C GLU F 89 13.87 -47.54 -0.16
N PHE F 90 13.41 -48.76 0.00
CA PHE F 90 13.94 -49.69 0.98
C PHE F 90 14.79 -50.72 0.23
N SER F 91 16.06 -50.83 0.63
CA SER F 91 17.02 -51.63 -0.09
C SER F 91 17.49 -52.81 0.76
N GLY F 92 18.01 -53.83 0.09
CA GLY F 92 18.51 -55.01 0.76
C GLY F 92 17.41 -55.86 1.35
N LEU F 93 16.59 -56.45 0.49
CA LEU F 93 15.41 -57.17 0.94
C LEU F 93 15.76 -58.58 1.41
N THR F 94 15.19 -58.97 2.54
CA THR F 94 15.16 -60.33 3.03
C THR F 94 13.72 -60.79 3.09
N PRO F 95 13.46 -62.10 3.10
CA PRO F 95 12.09 -62.57 3.36
C PRO F 95 11.57 -62.18 4.73
N ALA F 96 12.45 -61.99 5.71
CA ALA F 96 12.04 -61.44 7.00
C ALA F 96 11.56 -60.00 6.88
N ASP F 97 11.88 -59.30 5.79
CA ASP F 97 11.32 -57.99 5.52
C ASP F 97 9.90 -58.04 4.98
N THR F 98 9.32 -59.23 4.81
CA THR F 98 7.92 -59.36 4.45
C THR F 98 7.03 -58.75 5.53
N ALA F 99 6.33 -57.67 5.21
CA ALA F 99 5.68 -56.87 6.24
C ALA F 99 4.68 -55.91 5.61
N GLU F 100 3.89 -55.27 6.47
CA GLU F 100 2.98 -54.21 6.08
C GLU F 100 3.58 -52.88 6.49
N TYR F 101 3.55 -51.90 5.60
CA TYR F 101 4.19 -50.62 5.80
C TYR F 101 3.14 -49.51 5.83
N PHE F 102 3.47 -48.42 6.52
CA PHE F 102 2.55 -47.32 6.75
C PHE F 102 3.30 -45.98 6.70
N CYS F 103 2.66 -44.99 6.09
CA CYS F 103 3.06 -43.59 6.17
C CYS F 103 2.01 -42.83 6.96
N VAL F 104 2.42 -42.21 8.07
CA VAL F 104 1.49 -41.59 8.99
C VAL F 104 1.87 -40.14 9.28
N ARG F 105 0.87 -39.39 9.75
CA ARG F 105 1.05 -37.99 10.12
C ARG F 105 0.48 -37.77 11.51
N ARG F 106 1.10 -36.85 12.25
CA ARG F 106 0.79 -36.64 13.65
C ARG F 106 -0.51 -35.85 13.81
N GLY F 107 -0.92 -35.69 15.06
CA GLY F 107 -2.07 -34.88 15.38
C GLY F 107 -1.75 -33.40 15.37
N SER F 108 -2.79 -32.58 15.23
CA SER F 108 -2.64 -31.16 14.98
C SER F 108 -3.08 -30.29 16.14
N CYS F 109 -3.27 -30.85 17.33
CA CYS F 109 -3.63 -30.04 18.47
C CYS F 109 -2.37 -29.37 19.04
N ASP F 110 -2.57 -28.53 20.06
CA ASP F 110 -1.43 -27.87 20.69
C ASP F 110 -0.65 -28.81 21.59
N TYR F 111 -1.34 -29.67 22.31
CA TYR F 111 -0.66 -30.66 23.14
C TYR F 111 -0.34 -31.93 22.37
N CYS F 112 -0.60 -31.95 21.08
CA CYS F 112 -0.14 -33.04 20.24
C CYS F 112 1.38 -33.01 20.14
N GLY F 113 2.01 -34.13 20.43
CA GLY F 113 3.45 -34.22 20.30
C GLY F 113 3.85 -34.47 18.87
N ASP F 114 4.69 -35.45 18.64
CA ASP F 114 5.02 -35.82 17.27
C ASP F 114 4.69 -37.28 16.97
N PHE F 115 4.99 -38.17 17.87
CA PHE F 115 4.62 -39.57 17.74
C PHE F 115 3.15 -39.97 17.91
N PRO F 116 2.26 -39.21 18.61
CA PRO F 116 0.84 -39.55 18.53
C PRO F 116 0.24 -39.38 17.15
N TRP F 117 0.45 -40.39 16.31
CA TRP F 117 0.14 -40.33 14.89
C TRP F 117 -1.36 -40.37 14.68
N GLN F 118 -1.94 -39.25 14.25
CA GLN F 118 -3.38 -39.20 14.05
C GLN F 118 -3.79 -39.90 12.78
N TYR F 119 -3.24 -39.49 11.65
CA TYR F 119 -3.74 -39.94 10.36
C TYR F 119 -2.84 -41.02 9.80
N TRP F 120 -3.47 -42.02 9.20
CA TRP F 120 -2.80 -43.25 8.83
C TRP F 120 -3.05 -43.56 7.37
N GLY F 121 -2.09 -44.24 6.76
CA GLY F 121 -2.27 -44.73 5.41
C GLY F 121 -3.07 -46.01 5.42
N GLN F 122 -3.41 -46.47 4.22
CA GLN F 122 -4.21 -47.69 4.14
C GLN F 122 -3.37 -48.94 4.25
N GLY F 123 -2.04 -48.83 4.29
CA GLY F 123 -1.20 -49.98 4.50
C GLY F 123 -0.77 -50.64 3.20
N THR F 124 0.49 -51.06 3.13
CA THR F 124 1.01 -51.70 1.94
C THR F 124 1.80 -52.93 2.34
N VAL F 125 1.38 -54.10 1.90
CA VAL F 125 2.02 -55.35 2.31
C VAL F 125 2.97 -55.80 1.21
N VAL F 126 4.23 -55.98 1.55
CA VAL F 126 5.23 -56.44 0.60
C VAL F 126 5.77 -57.77 1.10
N VAL F 127 5.80 -58.75 0.21
CA VAL F 127 6.30 -60.08 0.52
C VAL F 127 7.54 -60.33 -0.31
N VAL F 128 8.59 -60.84 0.32
CA VAL F 128 9.80 -61.15 -0.37
C VAL F 128 9.94 -62.66 -0.56
N ALA G 1 -36.49 25.00 46.38
CA ALA G 1 -37.70 24.35 45.90
C ALA G 1 -38.11 24.89 44.54
N GLU G 2 -38.69 26.08 44.55
CA GLU G 2 -39.12 26.74 43.32
C GLU G 2 -37.93 27.21 42.51
N ASN G 3 -36.78 27.41 43.14
CA ASN G 3 -35.52 27.60 42.44
C ASN G 3 -35.06 26.25 41.90
N LEU G 4 -35.59 25.89 40.75
CA LEU G 4 -35.20 24.64 40.12
C LEU G 4 -33.79 24.78 39.57
N TRP G 5 -32.99 23.75 39.79
CA TRP G 5 -31.58 23.77 39.42
C TRP G 5 -31.35 22.82 38.26
N VAL G 6 -30.63 23.29 37.25
CA VAL G 6 -30.29 22.45 36.11
C VAL G 6 -29.22 21.46 36.53
N THR G 7 -29.36 20.21 36.10
CA THR G 7 -28.36 19.18 36.40
C THR G 7 -28.11 18.36 35.15
N VAL G 8 -26.84 18.01 34.94
CA VAL G 8 -26.48 17.22 33.78
C VAL G 8 -26.66 15.74 34.10
N TYR G 9 -26.68 14.94 33.05
CA TYR G 9 -26.79 13.49 33.15
C TYR G 9 -25.95 12.93 32.02
N TYR G 10 -24.91 12.20 32.37
CA TYR G 10 -24.00 11.64 31.38
C TYR G 10 -24.39 10.20 31.09
N GLY G 11 -24.51 9.86 29.82
CA GLY G 11 -24.93 8.53 29.45
C GLY G 11 -26.43 8.37 29.35
N VAL G 12 -27.16 9.42 29.01
CA VAL G 12 -28.60 9.35 28.77
C VAL G 12 -28.88 8.43 27.61
N PRO G 13 -29.76 7.45 27.73
CA PRO G 13 -30.14 6.66 26.58
C PRO G 13 -30.96 7.48 25.60
N VAL G 14 -30.30 7.89 24.52
CA VAL G 14 -30.86 8.82 23.53
C VAL G 14 -29.93 8.71 22.33
N TRP G 15 -30.44 9.02 21.14
CA TRP G 15 -29.63 8.88 19.95
C TRP G 15 -30.12 9.87 18.91
N LYS G 16 -29.33 10.02 17.85
CA LYS G 16 -29.79 10.68 16.65
C LYS G 16 -29.36 9.87 15.44
N ASP G 17 -29.88 10.24 14.28
CA ASP G 17 -29.52 9.56 13.06
C ASP G 17 -28.14 10.02 12.61
N ALA G 18 -27.35 9.09 12.14
CA ALA G 18 -26.00 9.41 11.69
C ALA G 18 -25.59 8.39 10.65
N GLU G 19 -24.41 8.61 10.08
CA GLU G 19 -23.88 7.73 9.05
C GLU G 19 -22.40 7.54 9.29
N THR G 20 -21.98 6.28 9.41
CA THR G 20 -20.60 5.96 9.75
C THR G 20 -20.25 4.63 9.11
N THR G 21 -19.05 4.14 9.43
CA THR G 21 -18.55 2.91 8.83
C THR G 21 -19.03 1.71 9.63
N LEU G 22 -18.48 0.54 9.33
CA LEU G 22 -18.99 -0.70 9.90
C LEU G 22 -17.83 -1.61 10.26
N PHE G 23 -18.16 -2.89 10.47
CA PHE G 23 -17.29 -3.80 11.19
C PHE G 23 -17.64 -5.20 10.67
N CYS G 24 -16.77 -5.78 9.86
CA CYS G 24 -17.10 -6.98 9.09
C CYS G 24 -16.63 -8.23 9.83
N ALA G 25 -17.58 -9.05 10.28
CA ALA G 25 -17.27 -10.18 11.15
C ALA G 25 -18.00 -11.43 10.71
N SER G 26 -17.29 -12.55 10.63
CA SER G 26 -17.88 -13.84 10.28
C SER G 26 -17.51 -14.88 11.33
N ASP G 27 -17.89 -16.13 11.09
CA ASP G 27 -17.65 -17.19 12.05
C ASP G 27 -16.30 -17.86 11.80
N ALA G 28 -15.85 -18.61 12.81
CA ALA G 28 -14.53 -19.22 12.78
C ALA G 28 -14.44 -20.41 11.83
N LYS G 29 -15.56 -20.94 11.36
CA LYS G 29 -15.51 -22.03 10.39
C LYS G 29 -15.18 -21.54 9.00
N ALA G 30 -15.20 -20.23 8.77
CA ALA G 30 -14.54 -19.67 7.61
C ALA G 30 -13.01 -19.73 7.75
N TYR G 31 -12.51 -19.62 8.99
CA TYR G 31 -11.08 -19.76 9.23
C TYR G 31 -10.65 -21.22 9.30
N GLU G 32 -11.60 -22.13 9.54
CA GLU G 32 -11.33 -23.55 9.36
C GLU G 32 -10.99 -23.87 7.92
N THR G 33 -11.67 -23.21 6.98
CA THR G 33 -11.30 -23.31 5.58
C THR G 33 -10.06 -22.46 5.34
N GLU G 34 -8.94 -23.12 5.06
CA GLU G 34 -7.63 -22.52 5.24
C GLU G 34 -7.06 -21.94 3.94
N LYS G 35 -5.92 -21.27 4.08
CA LYS G 35 -5.07 -20.78 2.99
C LYS G 35 -5.72 -19.70 2.15
N HIS G 36 -6.66 -18.95 2.75
CA HIS G 36 -7.29 -17.75 2.17
C HIS G 36 -8.01 -18.06 0.86
N ASN G 37 -8.46 -19.29 0.69
CA ASN G 37 -9.35 -19.62 -0.42
C ASN G 37 -10.71 -18.98 -0.24
N VAL G 38 -11.12 -18.77 1.01
CA VAL G 38 -12.31 -17.97 1.28
C VAL G 38 -11.92 -16.50 1.19
N TRP G 39 -12.67 -15.75 0.40
CA TRP G 39 -12.52 -14.30 0.51
C TRP G 39 -13.30 -13.81 1.72
N ALA G 40 -13.00 -12.57 2.13
CA ALA G 40 -13.40 -11.99 3.41
C ALA G 40 -13.00 -12.91 4.56
N THR G 41 -11.70 -13.15 4.65
CA THR G 41 -11.10 -13.68 5.87
C THR G 41 -9.80 -12.98 6.20
N HIS G 42 -9.20 -12.25 5.26
CA HIS G 42 -8.09 -11.35 5.58
C HIS G 42 -8.53 -10.25 6.52
N ALA G 43 -9.57 -9.51 6.13
CA ALA G 43 -10.05 -8.38 6.91
C ALA G 43 -11.17 -8.74 7.87
N CYS G 44 -11.90 -9.81 7.59
CA CYS G 44 -13.12 -10.10 8.32
C CYS G 44 -12.75 -10.73 9.66
N VAL G 45 -13.08 -10.03 10.74
CA VAL G 45 -12.74 -10.48 12.10
C VAL G 45 -13.69 -11.62 12.46
N PRO G 46 -13.24 -12.61 13.25
CA PRO G 46 -14.17 -13.63 13.75
C PRO G 46 -15.25 -13.04 14.64
N THR G 47 -16.47 -13.57 14.49
CA THR G 47 -17.62 -13.12 15.28
C THR G 47 -17.51 -13.56 16.72
N ASP G 48 -18.54 -13.25 17.45
CA ASP G 48 -18.80 -13.79 18.74
C ASP G 48 -20.12 -14.57 18.69
N PRO G 49 -20.26 -15.60 19.51
CA PRO G 49 -21.59 -16.19 19.69
C PRO G 49 -22.49 -15.29 20.52
N ASN G 50 -23.73 -15.73 20.73
CA ASN G 50 -24.88 -15.16 21.44
C ASN G 50 -24.92 -13.63 21.46
N PRO G 51 -25.07 -12.98 20.30
CA PRO G 51 -24.97 -11.52 20.26
C PRO G 51 -26.18 -10.87 20.90
N GLN G 52 -25.90 -9.79 21.63
CA GLN G 52 -26.94 -9.13 22.42
C GLN G 52 -27.96 -8.44 21.52
N GLU G 53 -29.23 -8.72 21.80
CA GLU G 53 -30.32 -8.15 21.01
C GLU G 53 -31.50 -8.07 21.96
N ILE G 54 -31.71 -6.90 22.54
CA ILE G 54 -32.65 -6.76 23.64
C ILE G 54 -33.75 -5.79 23.25
N HIS G 55 -34.93 -6.03 23.80
CA HIS G 55 -36.11 -5.35 23.31
C HIS G 55 -36.23 -3.97 23.95
N LEU G 56 -36.96 -3.10 23.28
CA LEU G 56 -37.12 -1.73 23.71
C LEU G 56 -38.61 -1.41 23.55
N GLU G 57 -39.16 -0.64 24.47
CA GLU G 57 -40.61 -0.59 24.63
C GLU G 57 -41.12 0.85 24.65
N ASN G 58 -42.42 0.97 24.36
CA ASN G 58 -43.14 2.25 24.27
C ASN G 58 -42.43 3.21 23.33
N VAL G 59 -42.01 2.69 22.19
CA VAL G 59 -41.02 3.35 21.35
C VAL G 59 -41.52 3.45 19.92
N THR G 60 -41.43 4.64 19.35
CA THR G 60 -41.83 4.90 17.97
C THR G 60 -40.62 5.45 17.23
N GLU G 61 -40.21 4.76 16.17
CA GLU G 61 -39.06 5.16 15.39
C GLU G 61 -39.38 5.04 13.92
N GLU G 62 -39.11 6.11 13.17
CA GLU G 62 -39.32 6.11 11.73
C GLU G 62 -38.10 5.56 11.02
N PHE G 63 -38.32 4.60 10.14
CA PHE G 63 -37.27 4.01 9.33
C PHE G 63 -37.50 4.35 7.87
N ASN G 64 -36.48 4.07 7.07
CA ASN G 64 -36.54 4.22 5.63
C ASN G 64 -35.46 3.33 5.05
N MET G 65 -35.83 2.48 4.11
CA MET G 65 -34.80 1.76 3.39
C MET G 65 -34.29 2.53 2.19
N TRP G 66 -34.96 3.60 1.79
CA TRP G 66 -34.60 4.21 0.53
C TRP G 66 -33.60 5.35 0.71
N LYS G 67 -33.78 6.17 1.75
CA LYS G 67 -32.74 7.10 2.14
C LYS G 67 -31.80 6.51 3.18
N ASN G 68 -31.74 5.18 3.26
CA ASN G 68 -30.83 4.54 4.17
C ASN G 68 -29.42 4.56 3.62
N ASN G 69 -28.46 4.73 4.52
CA ASN G 69 -27.06 4.49 4.18
C ASN G 69 -26.78 3.01 4.47
N MET G 70 -25.50 2.65 4.51
CA MET G 70 -24.88 1.35 4.81
C MET G 70 -25.19 0.31 3.74
N VAL G 71 -26.04 0.65 2.77
CA VAL G 71 -26.06 -0.06 1.52
C VAL G 71 -25.05 0.58 0.57
N GLU G 72 -24.78 1.87 0.75
CA GLU G 72 -23.82 2.57 -0.10
C GLU G 72 -22.41 2.10 0.18
N GLN G 73 -22.00 2.14 1.45
CA GLN G 73 -20.65 1.69 1.74
C GLN G 73 -20.53 0.17 1.67
N MET G 74 -21.63 -0.57 1.78
CA MET G 74 -21.54 -2.00 1.53
C MET G 74 -21.30 -2.28 0.05
N HIS G 75 -22.00 -1.55 -0.82
CA HIS G 75 -21.73 -1.66 -2.25
C HIS G 75 -20.33 -1.19 -2.59
N THR G 76 -19.79 -0.27 -1.81
CA THR G 76 -18.37 0.07 -1.94
C THR G 76 -17.49 -1.08 -1.50
N ASP G 77 -17.76 -1.65 -0.32
CA ASP G 77 -16.87 -2.60 0.31
C ASP G 77 -16.81 -3.93 -0.44
N ILE G 78 -17.92 -4.33 -1.06
CA ILE G 78 -17.92 -5.61 -1.73
C ILE G 78 -17.11 -5.55 -3.01
N ILE G 79 -17.22 -4.44 -3.74
CA ILE G 79 -16.39 -4.27 -4.92
C ILE G 79 -14.95 -4.03 -4.51
N SER G 80 -14.73 -3.43 -3.35
CA SER G 80 -13.38 -3.24 -2.83
C SER G 80 -12.71 -4.57 -2.51
N LEU G 81 -13.43 -5.47 -1.85
CA LEU G 81 -12.86 -6.77 -1.53
C LEU G 81 -12.75 -7.62 -2.78
N TRP G 82 -13.64 -7.38 -3.75
CA TRP G 82 -13.57 -8.03 -5.03
C TRP G 82 -12.27 -7.68 -5.74
N ASP G 83 -11.88 -6.41 -5.69
CA ASP G 83 -10.59 -6.01 -6.24
C ASP G 83 -9.41 -6.44 -5.38
N GLN G 84 -9.61 -6.58 -4.06
CA GLN G 84 -8.56 -7.16 -3.24
C GLN G 84 -8.32 -8.62 -3.57
N SER G 85 -9.32 -9.30 -4.13
CA SER G 85 -9.19 -10.69 -4.52
C SER G 85 -8.63 -10.88 -5.91
N LEU G 86 -8.03 -9.86 -6.50
CA LEU G 86 -7.50 -9.98 -7.85
C LEU G 86 -6.05 -9.58 -7.99
N LYS G 87 -5.57 -8.68 -7.14
CA LYS G 87 -4.16 -8.30 -7.19
C LYS G 87 -3.16 -9.44 -6.96
N PRO G 88 -3.45 -10.51 -6.21
CA PRO G 88 -2.56 -11.68 -6.30
C PRO G 88 -2.67 -12.43 -7.62
N CYS G 89 -3.76 -12.29 -8.36
CA CYS G 89 -4.00 -13.16 -9.50
C CYS G 89 -3.23 -12.68 -10.72
N VAL G 90 -3.47 -13.34 -11.86
CA VAL G 90 -2.59 -13.29 -13.02
C VAL G 90 -3.27 -12.54 -14.16
N LYS G 91 -2.49 -11.72 -14.85
CA LYS G 91 -2.95 -11.04 -16.05
C LYS G 91 -2.88 -11.96 -17.26
N LEU G 92 -3.59 -11.57 -18.31
CA LEU G 92 -3.62 -12.31 -19.57
C LEU G 92 -3.22 -11.43 -20.74
N THR G 93 -2.44 -10.41 -20.46
CA THR G 93 -1.88 -9.54 -21.50
C THR G 93 -1.14 -10.27 -22.63
N PRO G 94 -0.40 -11.37 -22.42
CA PRO G 94 0.16 -12.06 -23.58
C PRO G 94 -0.84 -12.89 -24.38
N LEU G 95 -2.10 -12.94 -23.99
CA LEU G 95 -3.00 -13.91 -24.61
C LEU G 95 -3.78 -13.33 -25.78
N CYS G 96 -3.97 -12.02 -25.84
CA CYS G 96 -4.76 -11.40 -26.90
C CYS G 96 -4.04 -11.51 -28.23
N VAL G 97 -4.46 -12.46 -29.06
CA VAL G 97 -3.67 -12.83 -30.23
C VAL G 97 -4.63 -13.35 -31.29
N THR G 98 -4.16 -13.48 -32.52
CA THR G 98 -4.96 -14.02 -33.62
C THR G 98 -5.36 -15.47 -33.33
N LEU G 99 -6.64 -15.78 -33.51
CA LEU G 99 -7.18 -17.08 -33.13
C LEU G 99 -7.70 -17.79 -34.36
N GLN G 100 -7.12 -18.95 -34.66
CA GLN G 100 -7.65 -19.80 -35.72
C GLN G 100 -8.74 -20.67 -35.12
N CYS G 101 -9.98 -20.29 -35.31
CA CYS G 101 -11.08 -21.00 -34.70
C CYS G 101 -11.89 -21.73 -35.76
N THR G 102 -12.60 -22.76 -35.30
CA THR G 102 -13.43 -23.59 -36.17
C THR G 102 -14.51 -24.22 -35.32
N ASN G 103 -15.44 -24.90 -35.99
CA ASN G 103 -16.54 -25.54 -35.29
C ASN G 103 -16.06 -26.76 -34.53
N VAL G 104 -16.71 -27.01 -33.39
CA VAL G 104 -16.39 -28.16 -32.57
C VAL G 104 -16.88 -29.43 -33.28
N THR G 105 -16.23 -30.55 -32.98
CA THR G 105 -16.60 -31.83 -33.57
C THR G 105 -18.00 -32.21 -33.10
N ASN G 106 -18.97 -32.10 -34.01
CA ASN G 106 -20.36 -32.40 -33.70
C ASN G 106 -21.11 -32.57 -35.02
N ASN G 107 -22.15 -33.40 -34.99
CA ASN G 107 -23.16 -33.38 -36.04
C ASN G 107 -23.79 -32.00 -35.99
N ILE G 108 -23.51 -31.20 -36.99
CA ILE G 108 -23.88 -29.80 -36.95
C ILE G 108 -25.23 -29.61 -37.63
N THR G 109 -26.07 -28.80 -37.01
CA THR G 109 -27.31 -28.35 -37.62
C THR G 109 -27.01 -27.08 -38.40
N ASP G 110 -27.41 -27.04 -39.66
CA ASP G 110 -27.10 -25.90 -40.50
C ASP G 110 -27.89 -24.65 -40.12
N ASP G 111 -28.99 -24.81 -39.41
CA ASP G 111 -29.88 -23.70 -39.08
C ASP G 111 -29.76 -23.23 -37.64
N MET G 112 -29.58 -24.15 -36.70
CA MET G 112 -29.21 -23.76 -35.36
C MET G 112 -27.69 -23.60 -35.30
N ARG G 113 -27.19 -23.22 -34.14
CA ARG G 113 -25.78 -22.89 -34.01
C ARG G 113 -25.21 -23.59 -32.78
N GLY G 114 -23.99 -24.12 -32.93
CA GLY G 114 -23.26 -24.60 -31.77
C GLY G 114 -22.64 -23.45 -31.00
N GLU G 115 -22.40 -23.68 -29.72
CA GLU G 115 -21.91 -22.65 -28.82
C GLU G 115 -20.52 -22.95 -28.29
N LEU G 116 -19.75 -23.74 -29.02
CA LEU G 116 -18.39 -24.06 -28.63
C LEU G 116 -17.50 -24.03 -29.85
N LYS G 117 -16.37 -23.35 -29.75
CA LYS G 117 -15.46 -23.16 -30.86
C LYS G 117 -14.08 -23.67 -30.47
N ASN G 118 -13.46 -24.36 -31.42
CA ASN G 118 -12.13 -24.92 -31.27
C ASN G 118 -11.14 -23.90 -31.81
N CYS G 119 -10.33 -23.32 -30.93
CA CYS G 119 -9.44 -22.24 -31.31
C CYS G 119 -8.00 -22.65 -31.05
N SER G 120 -7.19 -22.65 -32.11
CA SER G 120 -5.76 -22.92 -32.05
C SER G 120 -5.02 -21.63 -32.30
N PHE G 121 -3.88 -21.46 -31.64
CA PHE G 121 -3.15 -20.20 -31.70
C PHE G 121 -1.72 -20.39 -31.21
N ASN G 122 -0.90 -19.39 -31.54
CA ASN G 122 0.47 -19.34 -31.04
C ASN G 122 0.46 -18.86 -29.60
N MET G 123 1.39 -19.37 -28.82
CA MET G 123 1.52 -18.89 -27.46
C MET G 123 2.98 -19.01 -27.07
N THR G 124 3.39 -18.19 -26.10
CA THR G 124 4.74 -18.26 -25.60
C THR G 124 4.95 -19.54 -24.80
N THR G 125 6.19 -19.73 -24.39
CA THR G 125 6.52 -20.89 -23.57
C THR G 125 7.17 -20.43 -22.29
N GLU G 126 7.75 -21.37 -21.56
CA GLU G 126 8.68 -21.04 -20.48
C GLU G 126 9.83 -20.20 -21.01
N LEU G 127 10.35 -20.55 -22.17
CA LEU G 127 11.48 -19.86 -22.75
C LEU G 127 10.99 -18.88 -23.81
N ARG G 128 11.78 -17.84 -24.05
CA ARG G 128 11.36 -16.80 -24.98
C ARG G 128 11.45 -17.26 -26.43
N ASP G 129 12.53 -17.94 -26.79
CA ASP G 129 12.75 -18.25 -28.20
C ASP G 129 11.86 -19.38 -28.70
N LYS G 130 11.22 -20.10 -27.79
CA LYS G 130 10.33 -21.19 -28.16
C LYS G 130 8.90 -20.67 -28.22
N LYS G 131 8.26 -20.85 -29.36
CA LYS G 131 6.84 -20.61 -29.51
C LYS G 131 6.12 -21.95 -29.65
N GLN G 132 4.85 -21.98 -29.27
CA GLN G 132 4.13 -23.24 -29.30
C GLN G 132 2.74 -23.03 -29.86
N LYS G 133 2.12 -24.14 -30.25
CA LYS G 133 0.80 -24.15 -30.87
C LYS G 133 -0.16 -24.85 -29.92
N VAL G 134 -1.17 -24.13 -29.45
CA VAL G 134 -2.06 -24.69 -28.44
C VAL G 134 -3.49 -24.39 -28.84
N TYR G 135 -4.39 -25.29 -28.50
CA TYR G 135 -5.81 -25.10 -28.77
C TYR G 135 -6.62 -25.22 -27.51
N SER G 136 -7.81 -24.65 -27.57
CA SER G 136 -8.79 -24.77 -26.48
C SER G 136 -10.17 -24.60 -27.07
N LEU G 137 -11.17 -24.52 -26.19
CA LEU G 137 -12.54 -24.29 -26.59
C LEU G 137 -13.05 -23.02 -25.94
N PHE G 138 -13.94 -22.34 -26.65
CA PHE G 138 -14.53 -21.11 -26.13
C PHE G 138 -16.00 -21.05 -26.51
N TYR G 139 -16.76 -20.27 -25.77
CA TYR G 139 -18.14 -20.06 -26.14
C TYR G 139 -18.20 -19.03 -27.26
N ARG G 140 -19.32 -19.01 -27.98
CA ARG G 140 -19.53 -18.04 -29.05
C ARG G 140 -19.53 -16.62 -28.53
N LEU G 141 -19.86 -16.42 -27.27
CA LEU G 141 -20.16 -15.11 -26.74
C LEU G 141 -18.92 -14.38 -26.27
N ASP G 142 -17.74 -14.93 -26.48
CA ASP G 142 -16.51 -14.27 -26.07
C ASP G 142 -15.52 -14.04 -27.19
N VAL G 143 -15.77 -14.54 -28.39
CA VAL G 143 -14.92 -14.24 -29.52
C VAL G 143 -15.76 -13.49 -30.55
N VAL G 144 -15.07 -12.69 -31.36
CA VAL G 144 -15.68 -12.00 -32.48
C VAL G 144 -14.77 -12.16 -33.70
N GLN G 145 -15.32 -11.83 -34.86
CA GLN G 145 -14.68 -12.10 -36.12
C GLN G 145 -13.90 -10.87 -36.58
N ILE G 146 -12.67 -11.08 -37.02
CA ILE G 146 -11.89 -9.96 -37.54
C ILE G 146 -11.56 -10.26 -38.98
N ASN G 147 -11.42 -9.21 -39.78
CA ASN G 147 -11.21 -9.37 -41.21
C ASN G 147 -10.39 -8.20 -41.74
N SER G 157 -13.08 -16.47 -48.07
CA SER G 157 -11.84 -16.30 -47.35
C SER G 157 -11.79 -17.16 -46.08
N ASN G 158 -10.72 -17.00 -45.32
CA ASN G 158 -10.48 -17.81 -44.13
C ASN G 158 -11.30 -17.27 -42.96
N LYS G 159 -10.99 -17.77 -41.76
CA LYS G 159 -11.72 -17.38 -40.56
C LYS G 159 -10.72 -17.12 -39.45
N GLU G 160 -10.78 -15.93 -38.87
CA GLU G 160 -9.91 -15.59 -37.75
C GLU G 160 -10.66 -14.73 -36.75
N TYR G 161 -10.60 -15.14 -35.49
CA TYR G 161 -11.37 -14.54 -34.42
C TYR G 161 -10.41 -13.90 -33.42
N ARG G 162 -11.00 -13.21 -32.45
CA ARG G 162 -10.23 -12.71 -31.32
C ARG G 162 -11.17 -12.55 -30.15
N LEU G 163 -10.59 -12.35 -28.98
CA LEU G 163 -11.41 -12.06 -27.80
C LEU G 163 -11.97 -10.65 -27.89
N ILE G 164 -13.15 -10.47 -27.29
CA ILE G 164 -13.86 -9.22 -27.48
C ILE G 164 -13.27 -8.11 -26.62
N ASN G 165 -12.73 -8.45 -25.46
CA ASN G 165 -12.18 -7.43 -24.57
C ASN G 165 -10.84 -6.89 -25.05
N CYS G 166 -10.16 -7.61 -25.94
CA CYS G 166 -8.77 -7.30 -26.25
C CYS G 166 -8.58 -6.09 -27.15
N ASN G 167 -9.65 -5.48 -27.65
CA ASN G 167 -9.46 -4.17 -28.26
C ASN G 167 -9.61 -3.05 -27.27
N THR G 168 -10.25 -3.30 -26.12
CA THR G 168 -10.73 -2.21 -25.31
C THR G 168 -10.38 -2.30 -23.84
N SER G 169 -9.83 -3.41 -23.36
CA SER G 169 -9.56 -3.55 -21.94
C SER G 169 -8.52 -4.63 -21.73
N ALA G 170 -7.97 -4.66 -20.52
CA ALA G 170 -7.13 -5.74 -20.08
C ALA G 170 -8.00 -6.84 -19.47
N ILE G 171 -7.37 -7.91 -18.99
CA ILE G 171 -8.12 -9.09 -18.60
C ILE G 171 -7.28 -9.88 -17.59
N THR G 172 -7.96 -10.43 -16.59
CA THR G 172 -7.34 -11.07 -15.45
C THR G 172 -8.01 -12.40 -15.18
N GLN G 173 -7.22 -13.47 -15.09
CA GLN G 173 -7.78 -14.75 -14.67
C GLN G 173 -7.97 -14.74 -13.17
N ALA G 174 -9.06 -15.34 -12.72
CA ALA G 174 -9.25 -15.55 -11.29
C ALA G 174 -8.38 -16.70 -10.84
N CYS G 175 -7.84 -16.57 -9.64
CA CYS G 175 -7.06 -17.65 -9.07
C CYS G 175 -7.99 -18.80 -8.71
N PRO G 176 -7.72 -20.02 -9.16
CA PRO G 176 -8.64 -21.13 -8.86
C PRO G 176 -8.63 -21.57 -7.41
N LYS G 177 -7.74 -21.02 -6.58
CA LYS G 177 -7.84 -21.23 -5.14
C LYS G 177 -9.13 -20.63 -4.60
N VAL G 178 -9.40 -19.37 -4.95
CA VAL G 178 -10.47 -18.64 -4.29
C VAL G 178 -11.81 -19.13 -4.82
N SER G 179 -12.78 -19.21 -3.91
CA SER G 179 -14.13 -19.61 -4.27
C SER G 179 -15.02 -18.40 -4.42
N PHE G 180 -16.24 -18.64 -4.88
CA PHE G 180 -17.21 -17.57 -5.02
C PHE G 180 -18.51 -17.88 -4.31
N GLU G 181 -18.52 -18.90 -3.45
CA GLU G 181 -19.68 -19.10 -2.62
C GLU G 181 -19.78 -17.98 -1.60
N PRO G 182 -20.98 -17.63 -1.18
CA PRO G 182 -21.12 -16.65 -0.11
C PRO G 182 -20.84 -17.27 1.25
N ILE G 183 -20.40 -16.41 2.17
CA ILE G 183 -20.35 -16.75 3.59
C ILE G 183 -21.15 -15.66 4.28
N PRO G 184 -21.78 -15.91 5.42
CA PRO G 184 -22.56 -14.85 6.06
C PRO G 184 -21.66 -13.77 6.63
N ILE G 185 -21.91 -12.53 6.24
CA ILE G 185 -21.22 -11.37 6.80
C ILE G 185 -22.12 -10.76 7.85
N HIS G 186 -21.62 -10.68 9.07
CA HIS G 186 -22.27 -9.96 10.14
C HIS G 186 -21.65 -8.57 10.17
N TYR G 187 -22.47 -7.56 9.90
CA TYR G 187 -22.01 -6.19 10.11
C TYR G 187 -22.23 -5.77 11.54
N CYS G 188 -21.29 -5.01 12.06
CA CYS G 188 -21.36 -4.51 13.42
C CYS G 188 -20.96 -3.04 13.41
N ALA G 189 -21.30 -2.36 14.48
CA ALA G 189 -21.03 -0.95 14.68
C ALA G 189 -19.94 -0.75 15.72
N PRO G 190 -19.14 0.28 15.62
CA PRO G 190 -18.11 0.54 16.63
C PRO G 190 -18.74 1.11 17.89
N ALA G 191 -17.90 1.28 18.92
CA ALA G 191 -18.37 1.81 20.19
C ALA G 191 -18.75 3.27 20.03
N GLY G 192 -19.93 3.62 20.52
CA GLY G 192 -20.49 4.93 20.30
C GLY G 192 -21.64 4.97 19.33
N PHE G 193 -21.91 3.87 18.64
CA PHE G 193 -23.05 3.77 17.75
C PHE G 193 -23.90 2.58 18.15
N ALA G 194 -25.12 2.54 17.66
CA ALA G 194 -25.98 1.39 17.87
C ALA G 194 -26.74 1.10 16.59
N ILE G 195 -27.20 -0.14 16.47
CA ILE G 195 -27.96 -0.59 15.31
C ILE G 195 -29.36 -0.96 15.77
N LEU G 196 -30.36 -0.46 15.07
CA LEU G 196 -31.74 -0.73 15.41
C LEU G 196 -32.34 -1.75 14.46
N LYS G 197 -33.46 -2.36 14.88
CA LYS G 197 -34.11 -3.35 14.05
C LYS G 197 -35.62 -3.29 14.27
N CYS G 198 -36.36 -3.14 13.17
CA CYS G 198 -37.82 -3.16 13.20
C CYS G 198 -38.31 -4.60 13.25
N LYS G 199 -38.89 -4.99 14.37
CA LYS G 199 -39.36 -6.34 14.58
C LYS G 199 -40.85 -6.49 14.21
N ASP G 200 -41.42 -5.49 13.54
CA ASP G 200 -42.81 -5.56 13.13
C ASP G 200 -43.00 -6.63 12.06
N LYS G 201 -44.20 -7.19 12.03
CA LYS G 201 -44.55 -8.16 10.99
C LYS G 201 -44.74 -7.47 9.64
N LYS G 202 -45.59 -6.45 9.61
CA LYS G 202 -45.92 -5.74 8.38
C LYS G 202 -45.18 -4.42 8.38
N PHE G 203 -44.35 -4.22 7.37
CA PHE G 203 -43.56 -3.00 7.28
C PHE G 203 -43.20 -2.79 5.82
N ASN G 204 -43.92 -1.87 5.16
CA ASN G 204 -43.70 -1.65 3.74
C ASN G 204 -42.37 -0.95 3.46
N GLY G 205 -41.75 -0.35 4.46
CA GLY G 205 -40.40 0.12 4.26
C GLY G 205 -40.17 1.58 4.56
N THR G 206 -41.22 2.27 5.01
CA THR G 206 -41.09 3.69 5.29
C THR G 206 -42.02 4.04 6.43
N GLY G 207 -41.54 4.82 7.38
CA GLY G 207 -42.40 5.33 8.40
C GLY G 207 -42.13 4.69 9.75
N PRO G 208 -43.03 4.89 10.70
CA PRO G 208 -42.78 4.42 12.06
C PRO G 208 -42.90 2.91 12.18
N CYS G 209 -42.22 2.40 13.18
CA CYS G 209 -42.24 0.99 13.55
C CYS G 209 -42.27 0.91 15.07
N PRO G 210 -43.35 0.44 15.66
CA PRO G 210 -43.43 0.42 17.12
C PRO G 210 -42.61 -0.70 17.73
N SER G 211 -42.47 -1.82 17.02
CA SER G 211 -41.76 -2.98 17.55
C SER G 211 -40.32 -2.92 17.08
N VAL G 212 -39.45 -2.31 17.88
CA VAL G 212 -38.03 -2.23 17.54
C VAL G 212 -37.22 -2.86 18.65
N SER G 213 -35.96 -3.15 18.32
CA SER G 213 -35.01 -3.66 19.30
C SER G 213 -33.62 -3.34 18.79
N THR G 214 -32.72 -3.00 19.71
CA THR G 214 -31.35 -2.75 19.31
C THR G 214 -30.61 -4.06 19.12
N VAL G 215 -29.41 -3.95 18.56
CA VAL G 215 -28.55 -5.11 18.35
C VAL G 215 -27.13 -4.59 18.30
N GLN G 216 -26.17 -5.48 18.53
CA GLN G 216 -24.76 -5.13 18.39
C GLN G 216 -24.20 -5.53 17.04
N CYS G 217 -24.69 -6.62 16.46
CA CYS G 217 -24.22 -7.09 15.17
C CYS G 217 -25.39 -7.62 14.35
N THR G 218 -25.34 -7.37 13.04
CA THR G 218 -26.41 -7.81 12.16
C THR G 218 -26.38 -9.33 12.00
N HIS G 219 -27.48 -9.87 11.52
CA HIS G 219 -27.61 -11.31 11.37
C HIS G 219 -26.91 -11.75 10.10
N GLY G 220 -27.08 -13.02 9.73
CA GLY G 220 -26.33 -13.58 8.62
C GLY G 220 -26.81 -13.03 7.31
N ILE G 221 -25.88 -12.49 6.52
CA ILE G 221 -26.18 -11.94 5.22
C ILE G 221 -25.29 -12.65 4.23
N LYS G 222 -25.87 -13.45 3.38
CA LYS G 222 -24.97 -14.01 2.40
C LYS G 222 -24.99 -13.16 1.14
N PRO G 223 -23.81 -12.82 0.62
CA PRO G 223 -23.73 -12.00 -0.60
C PRO G 223 -23.96 -12.84 -1.85
N VAL G 224 -25.04 -12.53 -2.55
CA VAL G 224 -25.34 -13.18 -3.81
C VAL G 224 -25.14 -12.15 -4.91
N VAL G 225 -25.16 -12.62 -6.15
CA VAL G 225 -25.18 -11.77 -7.32
C VAL G 225 -26.24 -12.30 -8.28
N SER G 226 -27.33 -11.55 -8.40
CA SER G 226 -28.47 -12.00 -9.19
C SER G 226 -29.14 -10.77 -9.75
N THR G 227 -29.20 -10.67 -11.07
CA THR G 227 -29.73 -9.46 -11.66
C THR G 227 -31.25 -9.41 -11.59
N GLN G 228 -31.90 -10.56 -11.68
CA GLN G 228 -33.27 -10.72 -11.25
C GLN G 228 -33.31 -11.89 -10.28
N LEU G 229 -34.46 -12.10 -9.65
CA LEU G 229 -34.77 -13.32 -8.90
C LEU G 229 -33.76 -13.58 -7.79
N LEU G 230 -33.79 -12.72 -6.76
CA LEU G 230 -32.78 -12.78 -5.72
C LEU G 230 -32.85 -14.10 -4.94
N LEU G 231 -31.70 -14.76 -4.83
CA LEU G 231 -31.58 -16.15 -4.44
C LEU G 231 -31.09 -16.26 -3.01
N ASN G 232 -31.52 -17.33 -2.34
CA ASN G 232 -31.08 -17.75 -1.01
C ASN G 232 -31.23 -16.66 0.04
N GLY G 233 -32.14 -15.70 -0.16
CA GLY G 233 -32.27 -14.59 0.74
C GLY G 233 -33.15 -14.91 1.92
N SER G 234 -33.28 -13.95 2.83
CA SER G 234 -34.19 -14.09 3.94
C SER G 234 -35.61 -13.81 3.48
N LEU G 235 -36.56 -14.59 3.99
CA LEU G 235 -37.93 -14.56 3.54
C LEU G 235 -38.86 -14.05 4.63
N ALA G 236 -40.07 -13.68 4.20
CA ALA G 236 -41.01 -12.99 5.07
C ALA G 236 -41.60 -13.94 6.11
N GLU G 237 -42.33 -13.36 7.06
CA GLU G 237 -42.82 -14.15 8.20
C GLU G 237 -44.06 -14.95 7.82
N GLU G 238 -45.17 -14.27 7.55
CA GLU G 238 -46.40 -14.97 7.17
C GLU G 238 -46.95 -14.52 5.83
N GLU G 239 -47.09 -13.22 5.61
CA GLU G 239 -47.65 -12.77 4.36
C GLU G 239 -46.59 -12.81 3.27
N VAL G 240 -47.01 -12.46 2.06
CA VAL G 240 -46.11 -12.07 1.00
C VAL G 240 -46.11 -10.55 1.00
N MET G 241 -44.93 -9.95 1.13
CA MET G 241 -44.88 -8.50 1.18
C MET G 241 -44.27 -7.92 -0.08
N ILE G 242 -44.79 -6.77 -0.49
CA ILE G 242 -44.24 -5.99 -1.58
C ILE G 242 -43.84 -4.64 -1.02
N ARG G 243 -42.71 -4.13 -1.48
CA ARG G 243 -42.11 -2.94 -0.93
C ARG G 243 -41.66 -2.07 -2.09
N SER G 244 -41.73 -0.77 -1.90
CA SER G 244 -41.25 0.18 -2.89
C SER G 244 -40.93 1.49 -2.19
N GLU G 245 -40.49 2.47 -2.97
CA GLU G 245 -40.35 3.83 -2.47
C GLU G 245 -41.58 4.66 -2.78
N ASN G 246 -42.07 4.55 -4.01
CA ASN G 246 -43.25 5.30 -4.42
C ASN G 246 -43.89 4.50 -5.55
N ILE G 247 -44.94 3.74 -5.21
CA ILE G 247 -45.51 2.77 -6.14
C ILE G 247 -46.11 3.45 -7.35
N THR G 248 -46.68 4.64 -7.16
CA THR G 248 -47.21 5.39 -8.28
C THR G 248 -46.13 5.88 -9.23
N ASN G 249 -44.89 6.04 -8.76
CA ASN G 249 -43.77 6.19 -9.68
C ASN G 249 -43.46 4.84 -10.27
N ASN G 250 -43.20 4.82 -11.58
CA ASN G 250 -43.03 3.57 -12.29
C ASN G 250 -41.57 3.17 -12.44
N ALA G 251 -40.69 4.14 -12.68
CA ALA G 251 -39.29 3.82 -12.93
C ALA G 251 -38.57 3.36 -11.66
N LYS G 252 -39.07 3.73 -10.48
CA LYS G 252 -38.60 3.09 -9.27
C LYS G 252 -39.08 1.64 -9.25
N ASN G 253 -38.19 0.75 -8.81
CA ASN G 253 -38.47 -0.67 -8.87
C ASN G 253 -39.47 -1.07 -7.78
N ILE G 254 -39.86 -2.33 -7.81
CA ILE G 254 -40.71 -2.91 -6.79
C ILE G 254 -40.03 -4.17 -6.30
N LEU G 255 -39.78 -4.24 -5.00
CA LEU G 255 -39.20 -5.42 -4.39
C LEU G 255 -40.32 -6.31 -3.90
N VAL G 256 -40.21 -7.61 -4.18
CA VAL G 256 -41.24 -8.56 -3.84
C VAL G 256 -40.59 -9.62 -2.97
N GLN G 257 -40.86 -9.58 -1.69
CA GLN G 257 -40.38 -10.60 -0.77
C GLN G 257 -41.53 -11.56 -0.56
N PHE G 258 -41.47 -12.73 -1.18
CA PHE G 258 -42.54 -13.69 -1.01
C PHE G 258 -42.18 -14.73 0.05
N ASN G 259 -43.23 -15.23 0.70
CA ASN G 259 -43.14 -15.97 1.95
C ASN G 259 -42.42 -17.29 1.79
N THR G 260 -43.01 -18.18 1.04
CA THR G 260 -42.50 -19.53 0.98
C THR G 260 -41.38 -19.62 -0.05
N PRO G 261 -40.26 -20.25 0.27
CA PRO G 261 -39.22 -20.44 -0.72
C PRO G 261 -39.65 -21.44 -1.78
N VAL G 262 -39.11 -21.27 -2.96
CA VAL G 262 -39.41 -22.13 -4.09
C VAL G 262 -38.10 -22.60 -4.72
N GLN G 263 -37.96 -23.91 -4.84
CA GLN G 263 -36.71 -24.52 -5.21
C GLN G 263 -36.42 -24.28 -6.70
N ILE G 264 -35.13 -24.25 -7.03
CA ILE G 264 -34.69 -24.26 -8.42
C ILE G 264 -33.55 -25.27 -8.53
N ASN G 265 -33.54 -26.02 -9.62
CA ASN G 265 -32.38 -26.81 -9.97
C ASN G 265 -31.71 -26.09 -11.12
N CYS G 266 -30.39 -26.05 -11.13
CA CYS G 266 -29.68 -25.51 -12.28
C CYS G 266 -28.49 -26.39 -12.57
N THR G 267 -28.27 -26.71 -13.84
CA THR G 267 -27.11 -27.51 -14.16
C THR G 267 -26.55 -27.16 -15.53
N ARG G 268 -25.28 -27.49 -15.69
CA ARG G 268 -24.65 -27.73 -16.97
C ARG G 268 -24.34 -29.21 -17.05
N PRO G 269 -24.94 -29.95 -17.97
CA PRO G 269 -24.72 -31.40 -18.00
C PRO G 269 -23.45 -31.83 -18.69
N ASN G 270 -22.66 -30.92 -19.21
CA ASN G 270 -21.50 -31.31 -20.00
C ASN G 270 -20.32 -31.65 -19.10
N ASN G 271 -19.66 -32.76 -19.41
CA ASN G 271 -18.45 -33.15 -18.70
C ASN G 271 -17.29 -32.34 -19.25
N ASN G 272 -16.50 -31.76 -18.35
CA ASN G 272 -15.57 -30.70 -18.70
C ASN G 272 -14.18 -31.02 -18.18
N THR G 273 -13.22 -31.01 -19.09
CA THR G 273 -11.82 -31.21 -18.76
C THR G 273 -11.11 -29.88 -18.83
N ARG G 274 -10.30 -29.57 -17.83
CA ARG G 274 -9.47 -28.38 -17.93
C ARG G 274 -8.11 -28.75 -18.50
N LYS G 275 -7.31 -27.74 -18.81
CA LYS G 275 -5.97 -27.96 -19.32
C LYS G 275 -5.12 -26.79 -18.85
N SER G 276 -4.00 -27.10 -18.22
CA SER G 276 -3.07 -26.05 -17.82
C SER G 276 -2.23 -25.63 -19.02
N ILE G 277 -1.97 -24.34 -19.11
CA ILE G 277 -1.09 -23.79 -20.13
C ILE G 277 -0.11 -22.87 -19.43
N ARG G 278 1.18 -23.20 -19.52
CA ARG G 278 2.19 -22.31 -18.98
C ARG G 278 2.40 -21.15 -19.92
N ILE G 279 2.17 -19.94 -19.42
CA ILE G 279 2.34 -18.77 -20.26
C ILE G 279 3.81 -18.39 -20.34
N GLY G 280 4.44 -18.23 -19.19
CA GLY G 280 5.83 -17.86 -19.14
C GLY G 280 6.52 -18.46 -17.94
N PRO G 281 7.51 -17.76 -17.42
CA PRO G 281 8.22 -18.27 -16.24
C PRO G 281 7.37 -18.26 -14.98
N GLY G 282 7.00 -19.44 -14.51
CA GLY G 282 6.19 -19.53 -13.32
C GLY G 282 4.76 -19.08 -13.48
N GLN G 283 4.30 -18.93 -14.71
CA GLN G 283 2.94 -18.49 -14.97
C GLN G 283 2.04 -19.70 -15.18
N ALA G 284 0.75 -19.44 -15.24
CA ALA G 284 -0.21 -20.51 -15.45
C ALA G 284 -1.43 -19.95 -16.16
N PHE G 285 -2.18 -20.85 -16.77
CA PHE G 285 -3.43 -20.50 -17.44
C PHE G 285 -4.26 -21.76 -17.61
N TYR G 286 -5.56 -21.63 -17.38
CA TYR G 286 -6.46 -22.76 -17.50
C TYR G 286 -7.38 -22.56 -18.69
N ALA G 287 -7.67 -23.65 -19.39
CA ALA G 287 -8.48 -23.54 -20.59
C ALA G 287 -9.28 -24.82 -20.77
N THR G 288 -10.43 -24.68 -21.43
CA THR G 288 -11.32 -25.81 -21.66
C THR G 288 -10.69 -26.76 -22.67
N GLY G 289 -10.30 -27.94 -22.21
CA GLY G 289 -9.77 -28.94 -23.11
C GLY G 289 -10.91 -29.76 -23.69
N ASP G 290 -10.86 -31.07 -23.52
CA ASP G 290 -11.81 -31.92 -24.23
C ASP G 290 -13.13 -31.99 -23.48
N ILE G 291 -14.19 -32.34 -24.20
CA ILE G 291 -15.53 -32.50 -23.65
C ILE G 291 -15.95 -33.93 -23.92
N ILE G 292 -16.04 -34.71 -22.86
CA ILE G 292 -16.37 -36.12 -22.99
C ILE G 292 -17.87 -36.30 -22.83
N GLY G 293 -18.49 -36.98 -23.78
CA GLY G 293 -19.89 -37.32 -23.65
C GLY G 293 -20.79 -36.57 -24.61
N ASP G 294 -22.05 -36.37 -24.22
CA ASP G 294 -23.03 -35.75 -25.08
C ASP G 294 -22.92 -34.23 -24.99
N ILE G 295 -22.81 -33.58 -26.14
CA ILE G 295 -22.76 -32.13 -26.20
C ILE G 295 -24.15 -31.60 -25.91
N ARG G 296 -24.36 -31.12 -24.70
CA ARG G 296 -25.70 -30.73 -24.29
C ARG G 296 -25.74 -29.26 -23.90
N GLN G 297 -26.87 -28.82 -23.38
CA GLN G 297 -27.12 -27.42 -23.13
C GLN G 297 -27.57 -27.20 -21.70
N ALA G 298 -26.97 -26.20 -21.06
CA ALA G 298 -27.26 -25.93 -19.65
C ALA G 298 -28.65 -25.33 -19.49
N HIS G 299 -29.23 -25.56 -18.32
CA HIS G 299 -30.63 -25.20 -18.13
C HIS G 299 -30.94 -25.13 -16.64
N CYS G 300 -32.18 -24.73 -16.35
CA CYS G 300 -32.70 -24.69 -15.00
C CYS G 300 -34.15 -25.14 -15.00
N ASN G 301 -34.62 -25.58 -13.84
CA ASN G 301 -35.97 -26.08 -13.67
C ASN G 301 -36.54 -25.53 -12.38
N VAL G 302 -37.85 -25.29 -12.39
CA VAL G 302 -38.61 -24.99 -11.18
C VAL G 302 -39.89 -25.80 -11.18
N SER G 303 -40.50 -25.92 -10.00
CA SER G 303 -41.75 -26.64 -9.89
C SER G 303 -42.92 -25.79 -10.38
N LYS G 304 -43.79 -26.43 -11.16
CA LYS G 304 -44.88 -25.73 -11.85
C LYS G 304 -45.88 -25.16 -10.87
N ALA G 305 -46.49 -26.04 -10.06
CA ALA G 305 -47.62 -25.63 -9.23
C ALA G 305 -47.20 -24.73 -8.09
N THR G 306 -45.97 -24.88 -7.60
CA THR G 306 -45.46 -23.95 -6.60
C THR G 306 -45.34 -22.55 -7.17
N TRP G 307 -44.83 -22.45 -8.40
CA TRP G 307 -44.71 -21.16 -9.07
C TRP G 307 -46.08 -20.56 -9.31
N ASN G 308 -47.06 -21.38 -9.68
CA ASN G 308 -48.43 -20.90 -9.87
C ASN G 308 -49.01 -20.39 -8.56
N GLU G 309 -48.81 -21.13 -7.47
CA GLU G 309 -49.40 -20.74 -6.19
C GLU G 309 -48.76 -19.49 -5.64
N THR G 310 -47.43 -19.37 -5.78
CA THR G 310 -46.75 -18.17 -5.33
C THR G 310 -47.12 -16.96 -6.16
N LEU G 311 -47.33 -17.14 -7.46
CA LEU G 311 -47.84 -16.04 -8.25
C LEU G 311 -49.27 -15.68 -7.87
N GLY G 312 -50.07 -16.67 -7.46
CA GLY G 312 -51.39 -16.36 -6.95
C GLY G 312 -51.33 -15.54 -5.68
N LYS G 313 -50.37 -15.84 -4.81
CA LYS G 313 -50.18 -15.07 -3.59
C LYS G 313 -49.76 -13.64 -3.88
N VAL G 314 -48.85 -13.46 -4.85
CA VAL G 314 -48.38 -12.11 -5.10
C VAL G 314 -49.44 -11.30 -5.84
N VAL G 315 -50.28 -11.95 -6.65
CA VAL G 315 -51.37 -11.23 -7.29
C VAL G 315 -52.43 -10.86 -6.26
N LYS G 316 -52.64 -11.73 -5.27
CA LYS G 316 -53.49 -11.39 -4.13
C LYS G 316 -52.96 -10.18 -3.39
N GLN G 317 -51.65 -10.08 -3.23
CA GLN G 317 -51.09 -8.96 -2.50
C GLN G 317 -50.98 -7.68 -3.31
N LEU G 318 -50.91 -7.78 -4.64
CA LEU G 318 -50.76 -6.58 -5.46
C LEU G 318 -52.04 -5.75 -5.50
N ARG G 319 -53.20 -6.41 -5.51
CA ARG G 319 -54.45 -5.74 -5.84
C ARG G 319 -54.91 -4.77 -4.77
N LYS G 320 -54.26 -4.75 -3.60
CA LYS G 320 -54.51 -3.68 -2.65
C LYS G 320 -54.06 -2.33 -3.20
N HIS G 321 -53.00 -2.33 -3.98
CA HIS G 321 -52.39 -1.08 -4.40
C HIS G 321 -52.93 -0.55 -5.72
N PHE G 322 -53.52 -1.40 -6.55
CA PHE G 322 -53.84 -1.04 -7.92
C PHE G 322 -55.33 -1.22 -8.25
N GLY G 323 -56.19 -0.99 -7.27
CA GLY G 323 -57.61 -1.20 -7.51
C GLY G 323 -57.99 -2.66 -7.40
N ASN G 324 -59.15 -2.93 -6.80
CA ASN G 324 -59.49 -4.31 -6.49
C ASN G 324 -59.98 -5.04 -7.74
N ASN G 325 -60.63 -4.32 -8.65
CA ASN G 325 -61.06 -4.89 -9.94
C ASN G 325 -60.04 -4.50 -11.00
N THR G 326 -58.94 -5.23 -11.02
CA THR G 326 -57.84 -4.88 -11.91
C THR G 326 -57.30 -6.15 -12.55
N ILE G 327 -56.96 -6.06 -13.84
CA ILE G 327 -56.32 -7.15 -14.55
C ILE G 327 -54.82 -6.95 -14.47
N ILE G 328 -54.11 -8.01 -14.09
CA ILE G 328 -52.65 -7.98 -13.95
C ILE G 328 -52.08 -9.12 -14.76
N ARG G 329 -51.12 -8.81 -15.64
CA ARG G 329 -50.46 -9.86 -16.38
C ARG G 329 -48.96 -9.59 -16.33
N PHE G 330 -48.19 -10.45 -16.98
CA PHE G 330 -46.74 -10.33 -16.96
C PHE G 330 -46.20 -10.40 -18.37
N ALA G 331 -44.98 -9.91 -18.52
CA ALA G 331 -44.28 -9.95 -19.79
C ALA G 331 -42.82 -10.28 -19.52
N ASN G 332 -42.15 -10.82 -20.53
CA ASN G 332 -40.70 -10.89 -20.44
C ASN G 332 -40.12 -9.48 -20.49
N SER G 333 -38.89 -9.34 -19.99
CA SER G 333 -38.28 -8.04 -19.87
C SER G 333 -37.97 -7.46 -21.25
N SER G 334 -37.98 -6.14 -21.33
CA SER G 334 -38.04 -5.47 -22.63
C SER G 334 -36.75 -5.62 -23.42
N GLY G 335 -35.61 -5.53 -22.75
CA GLY G 335 -34.34 -5.65 -23.42
C GLY G 335 -33.31 -4.78 -22.75
N GLY G 336 -32.14 -4.75 -23.37
CA GLY G 336 -31.01 -4.05 -22.81
C GLY G 336 -29.79 -4.93 -22.86
N ASP G 337 -29.03 -4.97 -21.78
CA ASP G 337 -27.88 -5.86 -21.78
C ASP G 337 -28.33 -7.29 -21.58
N LEU G 338 -27.46 -8.21 -22.02
CA LEU G 338 -27.70 -9.64 -21.88
C LEU G 338 -27.90 -10.04 -20.43
N GLU G 339 -27.17 -9.41 -19.53
CA GLU G 339 -27.29 -9.70 -18.12
C GLU G 339 -28.30 -8.80 -17.41
N VAL G 340 -29.28 -8.28 -18.12
CA VAL G 340 -30.45 -7.72 -17.45
C VAL G 340 -31.70 -8.25 -18.15
N THR G 341 -31.53 -8.86 -19.33
CA THR G 341 -32.68 -9.54 -19.93
C THR G 341 -33.00 -10.83 -19.20
N THR G 342 -32.04 -11.40 -18.49
CA THR G 342 -32.22 -12.60 -17.70
C THR G 342 -32.09 -12.29 -16.22
N HIS G 343 -32.04 -13.34 -15.42
CA HIS G 343 -31.35 -13.25 -14.16
C HIS G 343 -30.00 -13.93 -14.32
N SER G 344 -29.00 -13.39 -13.64
CA SER G 344 -27.61 -13.75 -13.89
C SER G 344 -26.98 -14.17 -12.58
N PHE G 345 -26.60 -15.43 -12.46
CA PHE G 345 -26.14 -15.90 -11.17
C PHE G 345 -24.85 -16.67 -11.32
N ASN G 346 -24.31 -17.08 -10.18
CA ASN G 346 -23.09 -17.87 -10.12
C ASN G 346 -23.38 -19.17 -9.42
N CYS G 347 -22.83 -20.26 -9.95
CA CYS G 347 -23.10 -21.60 -9.45
C CYS G 347 -21.82 -22.40 -9.51
N GLY G 348 -21.27 -22.73 -8.35
CA GLY G 348 -20.03 -23.48 -8.30
C GLY G 348 -18.83 -22.72 -8.80
N GLY G 349 -18.88 -21.39 -8.76
CA GLY G 349 -17.82 -20.60 -9.34
C GLY G 349 -17.85 -20.55 -10.86
N GLU G 350 -19.03 -20.41 -11.44
CA GLU G 350 -19.16 -20.26 -12.89
C GLU G 350 -20.52 -19.64 -13.18
N PHE G 351 -20.53 -18.69 -14.11
CA PHE G 351 -21.72 -17.86 -14.23
C PHE G 351 -22.73 -18.44 -15.19
N PHE G 352 -23.96 -17.97 -15.05
CA PHE G 352 -25.08 -18.37 -15.89
C PHE G 352 -25.89 -17.13 -16.20
N TYR G 353 -26.28 -17.01 -17.47
CA TYR G 353 -27.23 -16.01 -17.94
C TYR G 353 -28.37 -16.80 -18.56
N CYS G 354 -29.50 -16.89 -17.87
CA CYS G 354 -30.43 -17.96 -18.18
C CYS G 354 -31.81 -17.41 -18.44
N ASN G 355 -32.38 -17.74 -19.62
CA ASN G 355 -33.56 -17.06 -20.14
C ASN G 355 -34.78 -17.29 -19.27
N THR G 356 -35.54 -16.22 -19.03
CA THR G 356 -36.62 -16.24 -18.06
C THR G 356 -37.98 -16.02 -18.69
N SER G 357 -38.11 -16.17 -20.01
CA SER G 357 -39.39 -15.90 -20.65
C SER G 357 -40.42 -16.97 -20.36
N GLY G 358 -40.00 -18.14 -19.91
CA GLY G 358 -40.94 -19.16 -19.54
C GLY G 358 -41.62 -18.96 -18.20
N LEU G 359 -41.36 -17.85 -17.51
CA LEU G 359 -41.98 -17.59 -16.22
C LEU G 359 -42.96 -16.44 -16.25
N PHE G 360 -42.59 -15.32 -16.84
CA PHE G 360 -43.39 -14.11 -16.75
C PHE G 360 -44.33 -13.98 -17.94
N ASN G 361 -45.06 -15.05 -18.22
CA ASN G 361 -45.94 -15.09 -19.38
C ASN G 361 -47.24 -15.71 -18.91
N SER G 362 -48.11 -14.88 -18.36
CA SER G 362 -49.37 -15.32 -17.79
C SER G 362 -50.31 -14.13 -17.78
N THR G 363 -51.51 -14.33 -17.24
CA THR G 363 -52.46 -13.26 -17.02
C THR G 363 -53.31 -13.62 -15.82
N TRP G 364 -54.01 -12.63 -15.28
CA TRP G 364 -54.81 -12.87 -14.10
C TRP G 364 -56.06 -12.02 -14.16
N ILE G 365 -57.17 -12.60 -13.71
CA ILE G 365 -58.49 -12.00 -13.84
C ILE G 365 -58.99 -11.68 -12.44
N SER G 366 -59.84 -10.66 -12.32
CA SER G 366 -60.38 -10.14 -11.07
C SER G 366 -61.42 -11.06 -10.39
N ASN G 367 -61.59 -12.32 -10.82
CA ASN G 367 -62.52 -13.25 -10.20
C ASN G 367 -62.23 -13.55 -8.73
N ASN G 379 -47.02 -32.75 -11.28
CA ASN G 379 -45.72 -33.38 -11.42
C ASN G 379 -44.81 -32.65 -12.40
N ASP G 380 -45.42 -31.80 -13.23
CA ASP G 380 -44.63 -31.11 -14.25
C ASP G 380 -43.78 -30.01 -13.63
N SER G 381 -42.91 -29.47 -14.46
CA SER G 381 -41.98 -28.43 -14.08
C SER G 381 -42.05 -27.32 -15.10
N ILE G 382 -41.23 -26.30 -14.89
CA ILE G 382 -40.95 -25.28 -15.88
C ILE G 382 -39.46 -25.32 -16.14
N THR G 383 -39.08 -25.65 -17.36
CA THR G 383 -37.69 -25.69 -17.76
C THR G 383 -37.37 -24.39 -18.49
N LEU G 384 -36.12 -23.96 -18.38
CA LEU G 384 -35.71 -22.75 -19.07
C LEU G 384 -34.23 -22.76 -19.38
N PRO G 385 -33.85 -22.39 -20.60
CA PRO G 385 -32.48 -22.60 -21.07
C PRO G 385 -31.55 -21.46 -20.71
N CYS G 386 -30.28 -21.84 -20.54
CA CYS G 386 -29.25 -20.92 -20.06
C CYS G 386 -28.21 -20.68 -21.13
N ARG G 387 -27.29 -19.77 -20.81
CA ARG G 387 -26.07 -19.55 -21.59
C ARG G 387 -24.94 -19.30 -20.61
N ILE G 388 -23.72 -19.61 -21.06
CA ILE G 388 -22.55 -19.58 -20.21
C ILE G 388 -21.49 -18.69 -20.85
N LYS G 389 -21.13 -17.62 -20.17
CA LYS G 389 -20.01 -16.78 -20.59
C LYS G 389 -18.84 -16.99 -19.66
N GLN G 390 -17.65 -16.78 -20.19
CA GLN G 390 -16.45 -16.81 -19.36
C GLN G 390 -16.00 -15.43 -18.93
N ILE G 391 -15.80 -14.51 -19.86
CA ILE G 391 -15.32 -13.20 -19.47
C ILE G 391 -16.50 -12.30 -19.16
N ILE G 392 -16.34 -11.48 -18.13
CA ILE G 392 -17.40 -10.62 -17.64
C ILE G 392 -16.86 -9.21 -17.48
N ASN G 393 -17.77 -8.27 -17.35
CA ASN G 393 -17.48 -6.97 -16.75
C ASN G 393 -18.65 -6.71 -15.82
N MET G 394 -18.57 -7.24 -14.62
CA MET G 394 -19.65 -7.04 -13.68
C MET G 394 -19.40 -5.74 -12.93
N TRP G 395 -20.50 -5.04 -12.63
CA TRP G 395 -20.63 -3.64 -12.24
C TRP G 395 -20.23 -2.67 -13.33
N GLN G 396 -19.91 -3.14 -14.54
CA GLN G 396 -19.66 -2.35 -15.73
C GLN G 396 -18.53 -1.35 -15.50
N ARG G 397 -17.34 -1.90 -15.33
CA ARG G 397 -16.17 -1.07 -15.13
C ARG G 397 -15.64 -0.59 -16.47
N ILE G 398 -14.61 0.24 -16.41
CA ILE G 398 -14.23 1.05 -17.55
C ILE G 398 -13.14 0.40 -18.39
N GLY G 399 -12.24 -0.33 -17.74
CA GLY G 399 -11.20 -1.05 -18.46
C GLY G 399 -10.90 -2.34 -17.76
N GLN G 400 -11.71 -2.65 -16.76
CA GLN G 400 -11.50 -3.81 -15.92
C GLN G 400 -12.41 -4.94 -16.36
N ALA G 401 -11.85 -6.13 -16.54
CA ALA G 401 -12.60 -7.30 -16.95
C ALA G 401 -12.15 -8.47 -16.08
N MET G 402 -12.75 -9.63 -16.29
CA MET G 402 -12.46 -10.79 -15.46
C MET G 402 -12.70 -12.06 -16.24
N TYR G 403 -11.67 -12.87 -16.38
CA TYR G 403 -11.83 -14.21 -16.92
C TYR G 403 -12.30 -15.14 -15.82
N ALA G 404 -13.04 -16.17 -16.21
CA ALA G 404 -13.47 -17.16 -15.25
C ALA G 404 -12.94 -18.53 -15.64
N PRO G 405 -12.29 -19.25 -14.75
CA PRO G 405 -11.61 -20.49 -15.12
C PRO G 405 -12.62 -21.60 -15.36
N PRO G 406 -12.34 -22.48 -16.31
CA PRO G 406 -13.23 -23.63 -16.52
C PRO G 406 -13.05 -24.65 -15.41
N ILE G 407 -14.16 -25.20 -14.94
CA ILE G 407 -14.14 -26.11 -13.81
C ILE G 407 -14.55 -27.49 -14.27
N GLN G 408 -14.09 -28.50 -13.53
CA GLN G 408 -14.20 -29.88 -13.95
C GLN G 408 -15.63 -30.39 -13.84
N GLY G 409 -15.86 -31.56 -14.44
CA GLY G 409 -17.02 -32.37 -14.14
C GLY G 409 -18.32 -31.83 -14.70
N VAL G 410 -19.39 -32.09 -13.96
CA VAL G 410 -20.75 -31.71 -14.32
C VAL G 410 -21.34 -31.00 -13.12
N ILE G 411 -21.79 -29.76 -13.32
CA ILE G 411 -22.10 -28.86 -12.22
C ILE G 411 -23.60 -28.72 -12.11
N ARG G 412 -24.11 -28.88 -10.90
CA ARG G 412 -25.49 -28.55 -10.61
C ARG G 412 -25.52 -27.89 -9.25
N CYS G 413 -26.54 -27.07 -9.03
CA CYS G 413 -26.78 -26.48 -7.72
C CYS G 413 -28.25 -26.20 -7.53
N VAL G 414 -28.63 -26.16 -6.27
CA VAL G 414 -30.00 -26.01 -5.84
C VAL G 414 -30.08 -24.80 -4.94
N SER G 415 -30.98 -23.88 -5.25
CA SER G 415 -31.11 -22.65 -4.50
C SER G 415 -32.55 -22.36 -4.19
N ASN G 416 -32.79 -21.73 -3.04
CA ASN G 416 -34.13 -21.31 -2.67
C ASN G 416 -34.37 -19.92 -3.24
N ILE G 417 -35.28 -19.82 -4.20
CA ILE G 417 -35.63 -18.52 -4.74
C ILE G 417 -36.43 -17.76 -3.71
N THR G 418 -35.98 -16.55 -3.38
CA THR G 418 -36.54 -15.81 -2.26
C THR G 418 -37.40 -14.63 -2.67
N GLY G 419 -36.93 -13.78 -3.57
CA GLY G 419 -37.64 -12.57 -3.90
C GLY G 419 -37.65 -12.30 -5.39
N LEU G 420 -38.34 -11.23 -5.76
CA LEU G 420 -38.43 -10.77 -7.13
C LEU G 420 -38.20 -9.27 -7.20
N ILE G 421 -37.78 -8.81 -8.38
CA ILE G 421 -37.57 -7.40 -8.63
C ILE G 421 -38.32 -7.02 -9.89
N LEU G 422 -39.28 -6.11 -9.76
CA LEU G 422 -40.25 -5.86 -10.81
C LEU G 422 -40.30 -4.39 -11.15
N THR G 423 -40.98 -4.11 -12.27
CA THR G 423 -41.18 -2.75 -12.77
C THR G 423 -42.54 -2.68 -13.44
N ARG G 424 -43.38 -1.75 -12.98
CA ARG G 424 -44.62 -1.45 -13.67
C ARG G 424 -44.31 -0.72 -14.96
N ASP G 425 -45.03 -1.05 -16.02
CA ASP G 425 -44.84 -0.33 -17.26
C ASP G 425 -45.46 1.04 -17.21
N GLY G 426 -45.06 1.89 -18.16
CA GLY G 426 -45.59 3.22 -18.29
C GLY G 426 -46.92 3.24 -18.99
N GLY G 427 -47.93 2.72 -18.30
CA GLY G 427 -49.23 2.58 -18.91
C GLY G 427 -50.13 3.78 -18.71
N SER G 428 -50.16 4.66 -19.70
CA SER G 428 -51.15 5.73 -19.74
C SER G 428 -52.28 5.31 -20.69
N THR G 429 -53.19 6.23 -20.98
CA THR G 429 -54.20 6.14 -22.03
C THR G 429 -55.13 4.95 -21.86
N ASN G 430 -55.90 4.98 -20.76
CA ASN G 430 -57.15 4.24 -20.60
C ASN G 430 -56.92 2.73 -20.62
N SER G 431 -56.07 2.26 -19.71
CA SER G 431 -55.74 0.85 -19.62
C SER G 431 -56.10 0.33 -18.24
N THR G 432 -56.73 -0.84 -18.19
CA THR G 432 -56.96 -1.52 -16.93
C THR G 432 -55.94 -2.60 -16.66
N THR G 433 -55.41 -3.22 -17.71
CA THR G 433 -54.29 -4.13 -17.55
C THR G 433 -53.05 -3.33 -17.20
N GLU G 434 -52.39 -3.71 -16.10
CA GLU G 434 -51.15 -3.08 -15.68
C GLU G 434 -50.09 -4.15 -15.63
N THR G 435 -49.47 -4.42 -16.78
CA THR G 435 -48.56 -5.53 -16.86
C THR G 435 -47.21 -5.18 -16.23
N PHE G 436 -46.52 -6.21 -15.78
CA PHE G 436 -45.26 -6.05 -15.07
C PHE G 436 -44.13 -6.69 -15.84
N ARG G 437 -42.92 -6.16 -15.65
CA ARG G 437 -41.78 -6.80 -16.23
C ARG G 437 -40.67 -6.86 -15.20
N PRO G 438 -39.91 -7.95 -15.15
CA PRO G 438 -38.82 -8.05 -14.17
C PRO G 438 -37.58 -7.34 -14.67
N GLY G 439 -37.14 -6.33 -13.93
CA GLY G 439 -35.88 -5.71 -14.28
C GLY G 439 -35.10 -5.25 -13.06
N GLY G 440 -33.90 -5.76 -12.90
CA GLY G 440 -33.12 -5.42 -11.73
C GLY G 440 -32.27 -4.20 -11.88
N GLY G 441 -31.38 -4.20 -12.87
CA GLY G 441 -30.47 -3.08 -13.04
C GLY G 441 -29.41 -3.06 -11.97
N ASP G 442 -29.58 -2.15 -11.00
CA ASP G 442 -28.61 -2.00 -9.93
C ASP G 442 -28.64 -3.19 -8.98
N MET G 443 -27.45 -3.56 -8.49
CA MET G 443 -27.35 -4.58 -7.47
C MET G 443 -27.89 -4.09 -6.13
N ARG G 444 -27.95 -2.77 -5.95
CA ARG G 444 -28.37 -2.18 -4.70
C ARG G 444 -29.83 -2.48 -4.38
N ASP G 445 -30.62 -2.86 -5.38
CA ASP G 445 -31.93 -3.43 -5.08
C ASP G 445 -31.81 -4.75 -4.32
N ASN G 446 -30.92 -5.64 -4.78
CA ASN G 446 -30.67 -6.90 -4.08
C ASN G 446 -30.16 -6.65 -2.68
N TRP G 447 -29.32 -5.64 -2.52
CA TRP G 447 -28.80 -5.37 -1.20
C TRP G 447 -29.85 -4.73 -0.30
N ARG G 448 -30.68 -3.85 -0.85
CA ARG G 448 -31.69 -3.18 -0.07
C ARG G 448 -32.82 -4.12 0.31
N SER G 449 -32.94 -5.26 -0.37
CA SER G 449 -33.82 -6.31 0.11
C SER G 449 -33.30 -7.02 1.35
N GLU G 450 -32.11 -6.70 1.83
CA GLU G 450 -31.56 -7.39 2.98
C GLU G 450 -31.42 -6.50 4.19
N LEU G 451 -30.94 -5.28 4.03
CA LEU G 451 -30.76 -4.38 5.16
C LEU G 451 -31.96 -3.48 5.38
N TYR G 452 -33.14 -3.89 4.96
CA TYR G 452 -34.31 -3.04 5.10
C TYR G 452 -34.78 -2.95 6.54
N LYS G 453 -34.41 -3.88 7.39
CA LYS G 453 -34.87 -3.84 8.77
C LYS G 453 -34.00 -2.97 9.66
N TYR G 454 -32.89 -2.44 9.18
CA TYR G 454 -31.89 -1.88 10.07
C TYR G 454 -31.65 -0.40 9.79
N LYS G 455 -31.14 0.29 10.79
CA LYS G 455 -30.53 1.60 10.59
C LYS G 455 -29.51 1.81 11.70
N VAL G 456 -28.64 2.79 11.48
CA VAL G 456 -27.53 3.09 12.38
C VAL G 456 -27.80 4.41 13.08
N VAL G 457 -27.57 4.45 14.39
CA VAL G 457 -27.80 5.67 15.14
C VAL G 457 -26.58 5.97 16.00
N LYS G 458 -26.39 7.25 16.26
CA LYS G 458 -25.29 7.74 17.08
C LYS G 458 -25.77 8.04 18.48
N ILE G 459 -25.06 7.52 19.46
CA ILE G 459 -25.29 7.88 20.85
C ILE G 459 -24.76 9.28 21.09
N GLU G 460 -25.54 10.11 21.76
CA GLU G 460 -25.06 11.39 22.27
C GLU G 460 -25.37 11.46 23.75
N PRO G 461 -24.42 11.17 24.61
CA PRO G 461 -24.67 11.30 26.04
C PRO G 461 -24.74 12.73 26.52
N LEU G 462 -24.76 12.90 27.84
CA LEU G 462 -24.83 14.19 28.53
C LEU G 462 -26.07 14.99 28.12
N GLY G 463 -27.23 14.41 28.40
CA GLY G 463 -28.45 15.20 28.45
C GLY G 463 -28.48 16.06 29.68
N VAL G 464 -29.52 16.89 29.79
CA VAL G 464 -29.58 17.82 30.90
C VAL G 464 -31.04 18.08 31.24
N ALA G 465 -31.30 18.36 32.53
CA ALA G 465 -32.67 18.49 33.01
C ALA G 465 -32.71 19.21 34.36
N PRO G 466 -33.73 20.00 34.64
CA PRO G 466 -33.84 20.58 35.98
C PRO G 466 -34.34 19.56 36.99
N THR G 467 -33.93 19.77 38.23
CA THR G 467 -34.44 19.06 39.39
C THR G 467 -34.26 19.95 40.60
N ARG G 468 -34.62 19.44 41.77
CA ARG G 468 -34.74 20.25 42.96
C ARG G 468 -33.66 19.81 43.96
N CYS G 469 -32.46 20.35 43.78
CA CYS G 469 -31.29 20.15 44.64
C CYS G 469 -30.21 21.14 44.23
N LYS G 470 -29.56 21.74 45.20
CA LYS G 470 -28.51 22.72 44.97
C LYS G 470 -27.20 22.23 45.55
N ARG G 471 -26.11 22.40 44.80
CA ARG G 471 -24.81 21.95 45.26
C ARG G 471 -24.28 22.87 46.36
N ARG G 472 -23.89 22.27 47.47
CA ARG G 472 -23.36 23.00 48.60
C ARG G 472 -21.88 23.32 48.38
N VAL G 473 -21.34 24.18 49.24
CA VAL G 473 -19.93 24.54 49.16
C VAL G 473 -19.19 24.12 50.43
N ALA H 1 -37.56 -17.14 30.60
CA ALA H 1 -36.69 -17.94 31.45
C ALA H 1 -35.43 -17.17 31.80
N VAL H 2 -35.22 -16.06 31.11
CA VAL H 2 -34.05 -15.24 31.34
C VAL H 2 -34.33 -14.12 32.34
N GLY H 3 -35.58 -13.73 32.50
CA GLY H 3 -35.91 -12.60 33.35
C GLY H 3 -36.00 -11.31 32.56
N ILE H 4 -36.91 -10.43 33.00
CA ILE H 4 -37.12 -9.17 32.29
C ILE H 4 -36.29 -8.05 32.90
N GLY H 5 -35.85 -8.20 34.16
CA GLY H 5 -35.05 -7.16 34.78
C GLY H 5 -33.67 -7.05 34.17
N ALA H 6 -33.16 -8.14 33.60
CA ALA H 6 -31.85 -8.10 32.96
C ALA H 6 -31.88 -7.27 31.70
N VAL H 7 -32.89 -7.47 30.85
CA VAL H 7 -32.99 -6.65 29.65
C VAL H 7 -33.53 -5.27 29.96
N PHE H 8 -34.12 -5.07 31.14
CA PHE H 8 -34.29 -3.70 31.60
C PHE H 8 -32.94 -3.07 31.91
N LEU H 9 -32.05 -3.82 32.54
CA LEU H 9 -30.71 -3.34 32.84
C LEU H 9 -29.74 -3.52 31.68
N GLY H 10 -30.23 -3.87 30.50
CA GLY H 10 -29.36 -3.99 29.35
C GLY H 10 -29.01 -2.64 28.76
N PHE H 11 -28.21 -2.69 27.70
CA PHE H 11 -27.76 -1.47 27.06
C PHE H 11 -28.87 -0.83 26.26
N LEU H 12 -29.14 0.45 26.55
CA LEU H 12 -30.25 1.24 26.01
C LEU H 12 -31.60 0.63 26.29
N GLY H 13 -31.71 -0.14 27.37
CA GLY H 13 -32.97 -0.77 27.69
C GLY H 13 -34.00 0.22 28.18
N ALA H 14 -33.57 1.19 28.97
CA ALA H 14 -34.48 2.14 29.58
C ALA H 14 -34.76 3.34 28.69
N ALA H 15 -34.64 3.19 27.37
CA ALA H 15 -34.90 4.29 26.48
C ALA H 15 -36.38 4.64 26.42
N GLY H 16 -37.24 3.67 26.68
CA GLY H 16 -38.66 3.94 26.64
C GLY H 16 -39.28 4.35 27.95
N SER H 17 -38.59 4.16 29.07
CA SER H 17 -39.17 4.46 30.37
C SER H 17 -39.19 5.97 30.61
N THR H 18 -39.77 6.35 31.74
CA THR H 18 -39.67 7.73 32.17
C THR H 18 -38.24 8.01 32.61
N MET H 19 -37.90 9.30 32.63
CA MET H 19 -36.53 9.68 32.93
C MET H 19 -36.19 9.49 34.39
N GLY H 20 -37.19 9.57 35.28
CA GLY H 20 -36.95 9.31 36.69
C GLY H 20 -36.54 7.89 36.97
N ALA H 21 -37.15 6.93 36.27
CA ALA H 21 -36.72 5.55 36.41
C ALA H 21 -35.53 5.22 35.53
N ALA H 22 -35.31 5.98 34.46
CA ALA H 22 -34.12 5.78 33.64
C ALA H 22 -32.88 6.30 34.33
N SER H 23 -33.05 7.12 35.36
CA SER H 23 -31.92 7.57 36.18
C SER H 23 -31.22 6.42 36.89
N MET H 24 -31.92 5.31 37.12
CA MET H 24 -31.37 4.18 37.87
C MET H 24 -30.31 3.40 37.10
N THR H 25 -30.07 3.72 35.83
CA THR H 25 -28.97 3.14 35.10
C THR H 25 -28.34 4.19 34.19
N LEU H 26 -27.04 4.37 34.35
CA LEU H 26 -26.22 5.09 33.39
C LEU H 26 -24.91 4.39 33.09
N THR H 27 -24.45 3.52 33.98
CA THR H 27 -23.12 2.95 33.87
C THR H 27 -23.00 1.99 32.71
N VAL H 28 -24.10 1.34 32.31
CA VAL H 28 -24.04 0.43 31.18
C VAL H 28 -23.90 1.20 29.89
N GLN H 29 -24.61 2.33 29.79
CA GLN H 29 -24.49 3.22 28.64
C GLN H 29 -23.10 3.79 28.55
N ALA H 30 -22.54 4.23 29.69
CA ALA H 30 -21.20 4.79 29.70
C ALA H 30 -20.16 3.75 29.33
N ARG H 31 -20.32 2.52 29.82
CA ARG H 31 -19.34 1.48 29.55
C ARG H 31 -19.38 1.03 28.11
N ASN H 32 -20.58 0.91 27.54
CA ASN H 32 -20.69 0.54 26.14
C ASN H 32 -20.42 1.70 25.21
N LEU H 33 -20.28 2.90 25.74
CA LEU H 33 -19.80 4.00 24.93
C LEU H 33 -18.33 3.84 24.55
N LEU H 34 -17.52 3.28 25.45
CA LEU H 34 -16.07 3.46 25.33
C LEU H 34 -15.43 2.53 24.32
N SER H 35 -15.43 1.23 24.60
CA SER H 35 -14.64 0.32 23.78
C SER H 35 -15.43 -0.89 23.32
N GLY H 36 -16.39 -1.33 24.13
CA GLY H 36 -17.17 -2.50 23.81
C GLY H 36 -18.56 -2.15 23.34
N THR H 58 -5.33 -5.52 5.13
CA THR H 58 -4.14 -4.79 4.67
C THR H 58 -4.45 -3.32 4.43
N VAL H 59 -5.74 -3.00 4.23
CA VAL H 59 -6.20 -1.64 4.01
C VAL H 59 -7.27 -1.34 5.05
N TRP H 60 -7.94 -2.41 5.50
CA TRP H 60 -9.16 -2.27 6.29
C TRP H 60 -8.88 -1.79 7.70
N GLY H 61 -7.72 -2.16 8.24
CA GLY H 61 -7.31 -1.71 9.55
C GLY H 61 -7.17 -0.21 9.67
N ILE H 62 -6.95 0.48 8.54
CA ILE H 62 -7.01 1.94 8.53
C ILE H 62 -8.39 2.42 8.93
N LYS H 63 -9.43 1.88 8.30
CA LYS H 63 -10.79 2.29 8.62
C LYS H 63 -11.17 1.90 10.04
N GLN H 64 -10.77 0.68 10.45
CA GLN H 64 -10.88 0.24 11.83
C GLN H 64 -10.26 1.23 12.79
N LEU H 65 -9.08 1.72 12.43
CA LEU H 65 -8.28 2.49 13.33
C LEU H 65 -8.81 3.91 13.46
N GLN H 66 -9.29 4.49 12.35
CA GLN H 66 -9.86 5.82 12.49
C GLN H 66 -11.21 5.77 13.16
N ALA H 67 -11.94 4.65 13.05
CA ALA H 67 -13.17 4.53 13.82
C ALA H 67 -12.88 4.49 15.32
N ARG H 68 -11.86 3.72 15.71
CA ARG H 68 -11.51 3.62 17.12
C ARG H 68 -11.03 4.94 17.68
N VAL H 69 -10.21 5.66 16.92
CA VAL H 69 -9.73 6.93 17.45
C VAL H 69 -10.79 8.02 17.38
N LEU H 70 -11.78 7.90 16.49
CA LEU H 70 -12.89 8.83 16.53
C LEU H 70 -13.74 8.60 17.76
N ALA H 71 -13.92 7.34 18.14
CA ALA H 71 -14.65 7.02 19.35
C ALA H 71 -13.94 7.56 20.59
N VAL H 72 -12.63 7.38 20.67
CA VAL H 72 -11.97 7.91 21.86
C VAL H 72 -11.83 9.42 21.82
N GLU H 73 -11.82 10.03 20.63
CA GLU H 73 -11.85 11.49 20.54
C GLU H 73 -13.16 12.03 21.07
N ARG H 74 -14.27 11.37 20.73
CA ARG H 74 -15.57 11.72 21.29
C ARG H 74 -15.59 11.57 22.80
N TYR H 75 -15.02 10.47 23.30
CA TYR H 75 -15.02 10.24 24.74
C TYR H 75 -14.21 11.28 25.48
N LEU H 76 -13.07 11.67 24.92
CA LEU H 76 -12.28 12.71 25.55
C LEU H 76 -12.94 14.07 25.47
N ARG H 77 -13.69 14.34 24.39
CA ARG H 77 -14.42 15.60 24.34
C ARG H 77 -15.47 15.68 25.43
N ASP H 78 -16.17 14.57 25.68
CA ASP H 78 -17.20 14.61 26.71
C ASP H 78 -16.58 14.65 28.10
N GLN H 79 -15.48 13.94 28.31
CA GLN H 79 -14.79 14.03 29.59
C GLN H 79 -14.23 15.43 29.83
N GLN H 80 -13.82 16.11 28.76
CA GLN H 80 -13.32 17.47 28.94
C GLN H 80 -14.46 18.43 29.23
N LEU H 81 -15.61 18.22 28.60
CA LEU H 81 -16.77 19.07 28.88
C LEU H 81 -17.25 18.88 30.31
N LEU H 82 -17.10 17.67 30.85
CA LEU H 82 -17.37 17.55 32.27
C LEU H 82 -16.24 18.11 33.11
N GLY H 83 -15.00 18.03 32.61
CA GLY H 83 -13.87 18.46 33.41
C GLY H 83 -13.81 19.97 33.59
N ILE H 84 -14.19 20.72 32.56
CA ILE H 84 -14.33 22.15 32.71
C ILE H 84 -15.55 22.48 33.54
N TRP H 85 -16.47 21.55 33.67
CA TRP H 85 -17.58 21.73 34.59
C TRP H 85 -17.15 21.20 35.96
N GLY H 86 -18.05 21.32 36.93
CA GLY H 86 -17.68 21.06 38.30
C GLY H 86 -17.49 19.61 38.67
N CYS H 87 -17.90 18.70 37.81
CA CYS H 87 -17.93 17.29 38.16
C CYS H 87 -17.19 16.48 37.11
N SER H 88 -16.32 15.59 37.57
CA SER H 88 -15.46 14.84 36.67
C SER H 88 -15.89 13.38 36.56
N GLY H 89 -15.95 12.66 37.67
CA GLY H 89 -16.38 11.28 37.66
C GLY H 89 -17.66 11.02 38.40
N LYS H 90 -18.41 12.06 38.78
CA LYS H 90 -19.55 11.84 39.65
C LYS H 90 -20.74 11.25 38.90
N LEU H 91 -20.88 11.58 37.60
CA LEU H 91 -21.86 11.08 36.64
C LEU H 91 -23.27 11.59 36.91
N ILE H 92 -23.48 12.21 38.06
CA ILE H 92 -24.70 12.89 38.48
C ILE H 92 -24.24 14.16 39.18
N CYS H 93 -24.61 15.32 38.64
CA CYS H 93 -23.98 16.54 39.08
C CYS H 93 -25.03 17.51 39.58
N CYS H 94 -24.54 18.62 40.14
CA CYS H 94 -25.35 19.80 40.39
C CYS H 94 -24.52 21.01 40.02
N THR H 95 -25.12 22.19 40.14
CA THR H 95 -24.43 23.43 39.82
C THR H 95 -25.12 24.56 40.57
N ASN H 96 -24.80 25.78 40.19
CA ASN H 96 -25.33 26.97 40.82
C ASN H 96 -25.87 27.94 39.79
N VAL H 97 -26.66 27.44 38.84
CA VAL H 97 -27.47 28.27 37.98
C VAL H 97 -28.91 27.77 38.03
N PRO H 98 -29.88 28.61 38.32
CA PRO H 98 -31.26 28.14 38.41
C PRO H 98 -31.84 27.88 37.04
N TRP H 99 -32.90 27.08 37.02
CA TRP H 99 -33.55 26.75 35.76
C TRP H 99 -34.48 27.87 35.35
N ASN H 100 -34.27 28.40 34.15
CA ASN H 100 -35.16 29.42 33.61
C ASN H 100 -36.47 28.75 33.23
N SER H 101 -37.57 29.24 33.80
CA SER H 101 -38.87 28.66 33.52
C SER H 101 -39.35 28.95 32.11
N SER H 102 -38.78 29.96 31.45
CA SER H 102 -39.06 30.21 30.04
C SER H 102 -38.54 29.10 29.13
N TRP H 103 -37.63 28.28 29.63
CA TRP H 103 -37.10 27.19 28.83
C TRP H 103 -38.08 26.03 28.73
N SER H 104 -38.76 25.73 29.82
CA SER H 104 -39.55 24.51 29.93
C SER H 104 -41.02 24.75 30.21
N ASN H 105 -41.32 25.61 31.19
CA ASN H 105 -42.62 25.84 31.86
C ASN H 105 -43.46 24.57 32.03
N ARG H 106 -42.79 23.52 32.49
CA ARG H 106 -43.42 22.25 32.80
C ARG H 106 -43.44 22.05 34.31
N ASN H 107 -44.40 21.25 34.76
CA ASN H 107 -44.52 20.96 36.18
C ASN H 107 -43.37 20.06 36.60
N LEU H 108 -42.97 20.18 37.87
CA LEU H 108 -41.86 19.38 38.36
C LEU H 108 -42.25 17.93 38.53
N SER H 109 -43.53 17.68 38.85
CA SER H 109 -43.98 16.30 39.02
C SER H 109 -44.06 15.57 37.69
N GLU H 110 -44.48 16.27 36.64
CA GLU H 110 -44.78 15.59 35.39
C GLU H 110 -43.51 15.20 34.64
N ILE H 111 -42.40 15.91 34.82
CA ILE H 111 -41.25 15.70 33.94
C ILE H 111 -40.56 14.40 34.28
N TRP H 112 -40.56 13.99 35.54
CA TRP H 112 -39.83 12.79 35.93
C TRP H 112 -40.65 11.53 35.77
N ASP H 113 -41.98 11.64 35.76
CA ASP H 113 -42.84 10.48 35.68
C ASP H 113 -43.68 10.46 34.42
N ASN H 114 -43.44 11.37 33.48
CA ASN H 114 -44.28 11.39 32.30
C ASN H 114 -43.50 11.24 31.01
N MET H 115 -42.37 11.91 30.87
CA MET H 115 -41.73 11.99 29.56
C MET H 115 -40.51 11.09 29.46
N THR H 116 -40.20 10.73 28.22
CA THR H 116 -38.99 10.01 27.91
C THR H 116 -37.89 10.99 27.54
N TRP H 117 -36.65 10.47 27.52
CA TRP H 117 -35.50 11.29 27.24
C TRP H 117 -35.48 11.79 25.82
N LEU H 118 -36.04 11.02 24.89
CA LEU H 118 -36.08 11.44 23.48
C LEU H 118 -36.91 12.70 23.31
N GLN H 119 -38.14 12.69 23.82
CA GLN H 119 -38.97 13.86 23.70
C GLN H 119 -38.50 14.99 24.60
N TRP H 120 -37.81 14.67 25.69
CA TRP H 120 -37.18 15.73 26.47
C TRP H 120 -36.08 16.41 25.67
N ASP H 121 -35.31 15.62 24.93
CA ASP H 121 -34.25 16.16 24.08
C ASP H 121 -34.81 17.02 22.96
N LYS H 122 -35.88 16.55 22.32
CA LYS H 122 -36.50 17.35 21.27
C LYS H 122 -37.22 18.57 21.80
N GLU H 123 -37.60 18.59 23.08
CA GLU H 123 -38.09 19.84 23.65
C GLU H 123 -36.96 20.82 23.90
N ILE H 124 -35.91 20.39 24.60
CA ILE H 124 -34.93 21.36 25.06
C ILE H 124 -33.82 21.56 24.03
N SER H 125 -33.99 20.98 22.84
CA SER H 125 -32.91 20.94 21.86
C SER H 125 -32.58 22.31 21.28
N ASN H 126 -33.50 23.28 21.33
CA ASN H 126 -33.16 24.62 20.90
C ASN H 126 -32.28 25.32 21.93
N TYR H 127 -32.59 25.11 23.21
CA TYR H 127 -31.90 25.81 24.28
C TYR H 127 -30.62 25.05 24.58
N THR H 128 -29.62 25.34 23.76
CA THR H 128 -28.36 24.63 23.74
C THR H 128 -27.31 25.68 23.49
N GLN H 129 -26.14 25.50 24.12
CA GLN H 129 -24.93 26.32 24.06
C GLN H 129 -25.11 27.62 24.83
N ILE H 130 -26.31 27.90 25.30
CA ILE H 130 -26.52 28.91 26.31
C ILE H 130 -26.19 28.33 27.67
N ILE H 131 -26.76 27.17 27.96
CA ILE H 131 -26.60 26.51 29.25
C ILE H 131 -25.16 26.06 29.44
N TYR H 132 -24.50 25.66 28.35
CA TYR H 132 -23.10 25.28 28.37
C TYR H 132 -22.21 26.43 28.84
N GLY H 133 -22.36 27.59 28.17
CA GLY H 133 -21.61 28.76 28.56
C GLY H 133 -21.98 29.27 29.94
N LEU H 134 -23.23 29.07 30.35
CA LEU H 134 -23.64 29.44 31.69
C LEU H 134 -22.96 28.59 32.74
N LEU H 135 -22.81 27.29 32.48
CA LEU H 135 -22.10 26.43 33.42
C LEU H 135 -20.63 26.82 33.51
N GLU H 136 -20.04 27.14 32.35
CA GLU H 136 -18.65 27.60 32.30
C GLU H 136 -18.46 28.86 33.12
N GLU H 137 -19.34 29.84 32.92
CA GLU H 137 -19.27 31.12 33.61
C GLU H 137 -19.48 30.96 35.10
N SER H 138 -20.49 30.17 35.49
CA SER H 138 -20.84 30.01 36.89
C SER H 138 -19.74 29.33 37.67
N GLN H 139 -19.14 28.30 37.11
CA GLN H 139 -18.09 27.66 37.89
C GLN H 139 -16.73 28.32 37.71
N ASN H 140 -16.56 29.16 36.69
CA ASN H 140 -15.39 30.05 36.68
C ASN H 140 -15.48 31.04 37.83
N GLN H 141 -16.67 31.63 38.02
CA GLN H 141 -16.90 32.51 39.15
C GLN H 141 -16.75 31.77 40.47
N GLN H 142 -17.17 30.50 40.51
CA GLN H 142 -16.98 29.70 41.70
C GLN H 142 -15.50 29.44 41.97
N GLU H 143 -14.72 29.25 40.91
CA GLU H 143 -13.27 29.05 41.06
C GLU H 143 -12.59 30.29 41.61
N LYS H 144 -12.96 31.47 41.11
CA LYS H 144 -12.34 32.67 41.65
C LYS H 144 -12.82 32.96 43.07
N ASN H 145 -14.06 32.58 43.40
CA ASN H 145 -14.52 32.75 44.78
C ASN H 145 -13.81 31.81 45.74
N GLU H 146 -13.57 30.57 45.30
CA GLU H 146 -12.87 29.61 46.15
C GLU H 146 -11.41 30.00 46.30
N GLN H 147 -10.80 30.53 45.23
CA GLN H 147 -9.45 31.05 45.33
C GLN H 147 -9.39 32.23 46.28
N ASP H 148 -10.40 33.09 46.26
CA ASP H 148 -10.42 34.24 47.17
C ASP H 148 -10.58 33.80 48.62
N LEU H 149 -11.43 32.79 48.85
CA LEU H 149 -11.65 32.32 50.22
C LEU H 149 -10.43 31.62 50.77
N LEU H 150 -9.72 30.85 49.94
CA LEU H 150 -8.49 30.24 50.43
C LEU H 150 -7.30 31.19 50.38
N ALA H 151 -7.44 32.34 49.72
CA ALA H 151 -6.39 33.35 49.76
C ALA H 151 -6.47 34.20 51.01
N LEU H 152 -7.69 34.52 51.46
CA LEU H 152 -7.83 35.28 52.69
C LEU H 152 -7.45 34.44 53.90
N ASP H 153 -7.62 33.12 53.82
CA ASP H 153 -7.16 32.24 54.88
C ASP H 153 -5.70 31.87 54.66
N GLN I 1 -49.49 -23.54 50.10
CA GLN I 1 -49.03 -22.27 50.62
C GLN I 1 -48.58 -21.33 49.51
N VAL I 2 -47.47 -21.66 48.88
CA VAL I 2 -46.89 -20.82 47.83
C VAL I 2 -47.77 -20.98 46.59
N GLN I 3 -48.68 -20.03 46.39
CA GLN I 3 -49.75 -20.21 45.41
C GLN I 3 -50.12 -18.86 44.81
N LEU I 4 -50.52 -18.90 43.55
CA LEU I 4 -50.97 -17.72 42.82
C LEU I 4 -52.49 -17.70 42.90
N GLN I 5 -53.01 -17.03 43.93
CA GLN I 5 -54.44 -16.94 44.18
C GLN I 5 -55.06 -16.05 43.12
N GLN I 6 -55.66 -16.64 42.10
CA GLN I 6 -56.10 -15.88 40.95
C GLN I 6 -57.50 -15.32 41.19
N SER I 7 -58.08 -14.70 40.16
CA SER I 7 -59.41 -14.14 40.24
C SER I 7 -60.45 -15.20 39.88
N GLY I 8 -61.70 -14.77 39.70
CA GLY I 8 -62.76 -15.68 39.34
C GLY I 8 -62.92 -15.85 37.84
N THR I 9 -63.72 -16.85 37.47
CA THR I 9 -64.03 -17.11 36.07
C THR I 9 -65.00 -16.06 35.55
N GLU I 10 -64.60 -15.38 34.48
CA GLU I 10 -65.35 -14.22 33.96
C GLU I 10 -66.12 -14.60 32.72
N LEU I 11 -67.41 -14.26 32.70
CA LEU I 11 -68.30 -14.48 31.57
C LEU I 11 -68.78 -13.11 31.13
N VAL I 12 -68.16 -12.55 30.10
CA VAL I 12 -68.36 -11.15 29.75
C VAL I 12 -68.85 -11.04 28.31
N TRP I 13 -69.27 -9.84 27.97
CA TRP I 13 -69.80 -9.36 26.71
C TRP I 13 -68.67 -8.93 25.79
N PRO I 14 -68.93 -8.78 24.50
CA PRO I 14 -67.94 -8.13 23.63
C PRO I 14 -67.77 -6.66 23.94
N GLY I 15 -66.52 -6.19 23.86
CA GLY I 15 -66.20 -4.78 23.98
C GLY I 15 -66.09 -4.24 25.39
N THR I 16 -66.31 -5.07 26.40
CA THR I 16 -66.29 -4.58 27.78
C THR I 16 -64.86 -4.58 28.32
N SER I 17 -64.73 -4.23 29.61
CA SER I 17 -63.45 -4.23 30.30
C SER I 17 -63.57 -5.05 31.58
N VAL I 18 -62.45 -5.66 31.97
CA VAL I 18 -62.44 -6.58 33.12
C VAL I 18 -61.05 -6.50 33.74
N THR I 19 -60.94 -6.96 34.98
CA THR I 19 -59.68 -6.95 35.72
C THR I 19 -59.43 -8.32 36.33
N LEU I 20 -58.29 -8.92 36.01
CA LEU I 20 -57.91 -10.23 36.54
C LEU I 20 -56.84 -10.05 37.61
N SER I 21 -57.08 -10.62 38.78
CA SER I 21 -56.19 -10.48 39.92
C SER I 21 -55.36 -11.73 40.11
N CYS I 22 -54.22 -11.55 40.76
CA CYS I 22 -53.33 -12.67 41.10
C CYS I 22 -52.61 -12.28 42.39
N LYS I 23 -53.10 -12.78 43.52
CA LYS I 23 -52.46 -12.59 44.81
C LYS I 23 -51.29 -13.56 44.94
N ALA I 24 -50.11 -13.03 45.23
CA ALA I 24 -49.02 -13.90 45.64
C ALA I 24 -49.30 -14.44 47.04
N SER I 25 -49.05 -15.72 47.23
CA SER I 25 -49.37 -16.36 48.50
C SER I 25 -48.18 -17.16 48.99
N GLY I 26 -47.73 -16.84 50.20
CA GLY I 26 -46.74 -17.62 50.89
C GLY I 26 -45.30 -17.26 50.63
N TYR I 27 -45.03 -16.14 49.96
CA TYR I 27 -43.66 -15.77 49.66
C TYR I 27 -43.54 -14.26 49.54
N THR I 28 -42.35 -13.79 49.20
CA THR I 28 -42.07 -12.36 49.07
C THR I 28 -42.54 -11.87 47.71
N PHE I 29 -43.48 -10.93 47.71
CA PHE I 29 -44.06 -10.47 46.46
C PHE I 29 -43.09 -9.62 45.65
N THR I 30 -42.34 -8.75 46.31
CA THR I 30 -41.67 -7.62 45.68
C THR I 30 -40.37 -7.99 44.94
N ASP I 31 -40.15 -9.26 44.60
CA ASP I 31 -38.94 -9.59 43.87
C ASP I 31 -39.10 -10.59 42.73
N TYR I 32 -40.22 -11.29 42.61
CA TYR I 32 -40.34 -12.41 41.69
C TYR I 32 -41.25 -12.02 40.53
N GLU I 33 -40.68 -12.00 39.33
CA GLU I 33 -41.31 -11.38 38.16
C GLU I 33 -42.54 -12.17 37.71
N ILE I 34 -43.64 -11.44 37.48
CA ILE I 34 -44.93 -12.03 37.19
C ILE I 34 -45.16 -12.01 35.69
N HIS I 35 -45.55 -13.15 35.14
CA HIS I 35 -45.88 -13.30 33.73
C HIS I 35 -47.31 -13.81 33.59
N TRP I 36 -47.85 -13.62 32.39
CA TRP I 36 -49.21 -14.00 32.07
C TRP I 36 -49.21 -14.81 30.78
N VAL I 37 -49.91 -15.93 30.80
CA VAL I 37 -49.90 -16.90 29.70
C VAL I 37 -51.31 -17.08 29.19
N LYS I 38 -51.53 -16.74 27.93
CA LYS I 38 -52.81 -16.98 27.26
C LYS I 38 -52.91 -18.44 26.86
N GLN I 39 -54.11 -19.01 27.00
CA GLN I 39 -54.36 -20.41 26.63
C GLN I 39 -55.63 -20.43 25.80
N THR I 40 -55.46 -20.43 24.55
CA THR I 40 -56.61 -20.81 23.75
C THR I 40 -56.51 -22.27 23.33
N PRO I 41 -57.64 -22.92 23.04
CA PRO I 41 -57.56 -24.24 22.40
C PRO I 41 -57.00 -24.21 20.98
N VAL I 42 -57.09 -23.08 20.30
CA VAL I 42 -56.65 -23.03 18.90
C VAL I 42 -55.16 -22.74 18.78
N HIS I 43 -54.58 -21.92 19.67
CA HIS I 43 -53.17 -21.60 19.60
C HIS I 43 -52.35 -22.26 20.70
N GLY I 44 -53.00 -22.82 21.71
CA GLY I 44 -52.30 -23.33 22.87
C GLY I 44 -51.89 -22.20 23.80
N LEU I 45 -50.59 -22.07 24.03
CA LEU I 45 -50.05 -21.10 24.97
C LEU I 45 -49.42 -19.93 24.22
N GLU I 46 -49.62 -18.73 24.76
CA GLU I 46 -49.06 -17.50 24.21
C GLU I 46 -48.55 -16.65 25.37
N TRP I 47 -47.50 -15.87 25.11
CA TRP I 47 -46.96 -14.97 26.12
C TRP I 47 -47.72 -13.65 26.06
N ILE I 48 -48.31 -13.23 27.18
CA ILE I 48 -49.08 -11.99 27.20
C ILE I 48 -48.18 -10.80 27.49
N GLY I 49 -47.56 -10.80 28.65
CA GLY I 49 -46.72 -9.68 29.05
C GLY I 49 -46.03 -10.01 30.35
N ALA I 50 -45.34 -9.02 30.89
CA ALA I 50 -44.65 -9.21 32.15
C ALA I 50 -44.56 -7.90 32.89
N ILE I 51 -44.53 -8.01 34.22
CA ILE I 51 -44.46 -6.86 35.11
C ILE I 51 -43.44 -7.14 36.21
N VAL I 52 -42.64 -6.13 36.52
CA VAL I 52 -41.75 -6.20 37.68
C VAL I 52 -42.55 -5.81 38.91
N PRO I 53 -42.50 -6.60 40.00
CA PRO I 53 -43.33 -6.27 41.16
C PRO I 53 -42.86 -5.05 41.91
N LYS I 54 -41.55 -4.83 41.99
CA LYS I 54 -41.04 -3.77 42.85
C LYS I 54 -41.09 -2.41 42.16
N THR I 55 -40.83 -2.37 40.85
CA THR I 55 -40.80 -1.10 40.14
C THR I 55 -42.03 -0.87 39.27
N GLY I 56 -42.85 -1.89 39.04
CA GLY I 56 -43.97 -1.72 38.13
C GLY I 56 -43.60 -1.67 36.67
N TYR I 57 -42.36 -2.02 36.32
CA TYR I 57 -41.91 -1.99 34.94
C TYR I 57 -42.58 -3.09 34.15
N THR I 58 -43.26 -2.72 33.08
CA THR I 58 -44.02 -3.65 32.27
C THR I 58 -43.43 -3.74 30.87
N ALA I 59 -43.64 -4.90 30.24
CA ALA I 59 -43.38 -5.02 28.82
C ALA I 59 -44.36 -6.01 28.23
N TYR I 60 -44.89 -5.67 27.06
CA TYR I 60 -46.04 -6.33 26.47
C TYR I 60 -45.65 -6.97 25.15
N ASN I 61 -46.32 -8.07 24.83
CA ASN I 61 -46.19 -8.64 23.51
C ASN I 61 -46.84 -7.72 22.49
N GLN I 62 -46.38 -7.83 21.24
CA GLN I 62 -46.86 -6.95 20.17
C GLN I 62 -48.32 -7.22 19.84
N LYS I 63 -48.77 -8.46 20.03
CA LYS I 63 -50.18 -8.80 19.83
C LYS I 63 -51.07 -8.10 20.84
N PHE I 64 -50.61 -8.02 22.09
CA PHE I 64 -51.40 -7.50 23.19
C PHE I 64 -51.25 -6.00 23.37
N ARG I 65 -50.69 -5.31 22.37
CA ARG I 65 -50.28 -3.92 22.48
C ARG I 65 -51.51 -3.04 22.63
N GLY I 66 -51.72 -2.53 23.86
CA GLY I 66 -52.94 -1.85 24.20
C GLY I 66 -54.08 -2.75 24.60
N LYS I 67 -53.96 -4.06 24.36
CA LYS I 67 -55.02 -4.99 24.71
C LYS I 67 -55.03 -5.31 26.19
N ALA I 68 -53.84 -5.44 26.79
CA ALA I 68 -53.71 -5.73 28.21
C ALA I 68 -52.90 -4.64 28.88
N ILE I 69 -53.24 -4.32 30.12
CA ILE I 69 -52.53 -3.31 30.90
C ILE I 69 -52.22 -3.90 32.28
N LEU I 70 -50.94 -3.93 32.65
CA LEU I 70 -50.52 -4.53 33.90
C LEU I 70 -50.34 -3.48 34.98
N THR I 71 -50.97 -3.69 36.13
CA THR I 71 -50.67 -2.95 37.35
C THR I 71 -50.34 -3.94 38.45
N ALA I 72 -49.83 -3.43 39.56
CA ALA I 72 -49.50 -4.30 40.68
C ALA I 72 -49.69 -3.53 41.97
N ASP I 73 -50.09 -4.24 43.02
CA ASP I 73 -50.27 -3.66 44.35
C ASP I 73 -49.24 -4.27 45.28
N LYS I 74 -48.31 -3.42 45.75
CA LYS I 74 -47.33 -3.85 46.75
C LYS I 74 -47.99 -4.03 48.12
N SER I 75 -49.10 -3.34 48.36
CA SER I 75 -49.80 -3.47 49.63
C SER I 75 -50.51 -4.82 49.72
N SER I 76 -51.43 -5.10 48.80
CA SER I 76 -52.14 -6.37 48.79
C SER I 76 -51.37 -7.46 48.08
N SER I 77 -50.16 -7.15 47.57
CA SER I 77 -49.25 -8.10 46.94
C SER I 77 -49.89 -8.77 45.73
N THR I 78 -50.68 -8.00 44.97
CA THR I 78 -51.57 -8.59 43.98
C THR I 78 -51.30 -7.95 42.62
N ALA I 79 -50.94 -8.79 41.65
CA ALA I 79 -50.87 -8.33 40.27
C ALA I 79 -52.27 -8.20 39.70
N TYR I 80 -52.44 -7.26 38.77
CA TYR I 80 -53.71 -7.02 38.13
C TYR I 80 -53.48 -6.84 36.64
N MET I 81 -54.31 -7.48 35.85
CA MET I 81 -54.26 -7.38 34.40
C MET I 81 -55.60 -6.84 33.93
N ASP I 82 -55.63 -5.59 33.49
CA ASP I 82 -56.81 -4.97 32.92
C ASP I 82 -56.93 -5.35 31.46
N LEU I 83 -58.09 -5.87 31.09
CA LEU I 83 -58.36 -6.39 29.75
C LEU I 83 -59.53 -5.59 29.20
N ARG I 84 -59.28 -4.79 28.17
CA ARG I 84 -60.21 -3.77 27.72
C ARG I 84 -60.65 -4.04 26.29
N ARG I 85 -61.92 -3.72 26.02
CA ARG I 85 -62.56 -3.80 24.71
C ARG I 85 -62.48 -5.22 24.14
N LEU I 86 -63.12 -6.14 24.87
CA LEU I 86 -62.88 -7.55 24.69
C LEU I 86 -63.55 -8.09 23.44
N THR I 87 -62.88 -9.01 22.76
CA THR I 87 -63.41 -9.76 21.64
C THR I 87 -63.41 -11.24 21.99
N SER I 88 -64.02 -12.05 21.13
CA SER I 88 -64.27 -13.46 21.40
C SER I 88 -62.98 -14.27 21.49
N GLU I 89 -61.90 -13.81 20.85
CA GLU I 89 -60.59 -14.45 20.99
C GLU I 89 -60.05 -14.35 22.40
N ASP I 90 -60.52 -13.38 23.19
CA ASP I 90 -60.22 -13.28 24.61
C ASP I 90 -60.81 -14.42 25.42
N SER I 91 -61.75 -15.18 24.85
CA SER I 91 -62.29 -16.35 25.52
C SER I 91 -61.19 -17.40 25.60
N ALA I 92 -60.55 -17.48 26.75
CA ALA I 92 -59.31 -18.24 26.89
C ALA I 92 -59.09 -18.54 28.37
N VAL I 93 -57.97 -19.17 28.65
CA VAL I 93 -57.54 -19.46 30.01
C VAL I 93 -56.26 -18.68 30.27
N TYR I 94 -56.32 -17.75 31.21
CA TYR I 94 -55.20 -16.87 31.50
C TYR I 94 -54.50 -17.36 32.76
N TYR I 95 -53.22 -17.68 32.63
CA TYR I 95 -52.42 -18.22 33.70
C TYR I 95 -51.52 -17.13 34.27
N CYS I 96 -51.58 -16.95 35.57
CA CYS I 96 -50.61 -16.16 36.30
C CYS I 96 -49.45 -17.07 36.68
N THR I 97 -48.23 -16.58 36.50
CA THR I 97 -47.07 -17.40 36.82
C THR I 97 -45.91 -16.50 37.23
N ARG I 98 -44.93 -17.08 37.91
CA ARG I 98 -43.85 -16.29 38.49
C ARG I 98 -42.49 -16.94 38.22
N LEU I 99 -41.47 -16.09 38.17
CA LEU I 99 -40.08 -16.54 38.12
C LEU I 99 -39.22 -15.54 38.87
N ARG I 100 -37.95 -15.90 39.06
CA ARG I 100 -36.89 -14.95 39.31
C ARG I 100 -36.02 -14.88 38.07
N ASN I 101 -35.15 -13.86 38.03
CA ASN I 101 -34.30 -13.61 36.87
C ASN I 101 -33.36 -14.78 36.62
N TYR I 102 -33.19 -15.11 35.34
CA TYR I 102 -32.36 -16.21 34.84
C TYR I 102 -32.80 -17.57 35.36
N TRP I 103 -34.07 -17.73 35.71
CA TRP I 103 -34.59 -18.99 36.20
C TRP I 103 -35.96 -19.24 35.63
N TYR I 104 -36.58 -20.30 36.12
CA TYR I 104 -37.76 -20.93 35.52
C TYR I 104 -39.03 -20.52 36.24
N PHE I 105 -40.15 -20.96 35.68
CA PHE I 105 -41.45 -20.82 36.34
C PHE I 105 -41.67 -22.03 37.24
N ASP I 106 -41.78 -21.79 38.54
CA ASP I 106 -42.02 -22.83 39.52
C ASP I 106 -43.47 -22.95 39.94
N VAL I 107 -44.15 -21.83 40.14
CA VAL I 107 -45.49 -21.81 40.70
C VAL I 107 -46.46 -21.43 39.59
N TRP I 108 -47.53 -22.20 39.47
CA TRP I 108 -48.53 -22.01 38.44
C TRP I 108 -49.90 -21.93 39.07
N GLY I 109 -50.62 -20.85 38.77
CA GLY I 109 -51.89 -20.60 39.40
C GLY I 109 -53.00 -21.48 38.84
N THR I 110 -54.23 -21.05 39.12
CA THR I 110 -55.39 -21.87 38.77
C THR I 110 -55.65 -21.87 37.27
N GLY I 111 -55.53 -20.72 36.62
CA GLY I 111 -55.88 -20.58 35.22
C GLY I 111 -57.31 -20.09 35.13
N THR I 112 -57.50 -18.82 34.80
CA THR I 112 -58.82 -18.20 34.83
C THR I 112 -59.37 -18.12 33.42
N THR I 113 -60.48 -18.80 33.19
CA THR I 113 -61.15 -18.72 31.89
C THR I 113 -61.96 -17.43 31.85
N VAL I 114 -61.72 -16.65 30.80
CA VAL I 114 -62.55 -15.48 30.50
C VAL I 114 -63.19 -15.74 29.15
N THR I 115 -64.52 -15.82 29.13
CA THR I 115 -65.27 -16.17 27.93
C THR I 115 -66.04 -14.94 27.46
N VAL I 116 -65.78 -14.53 26.23
CA VAL I 116 -66.45 -13.36 25.67
C VAL I 116 -67.56 -13.79 24.73
N ASP J 1 -40.12 -13.81 14.92
CA ASP J 1 -39.05 -13.46 15.84
C ASP J 1 -38.70 -14.60 16.78
N PHE J 2 -37.59 -15.28 16.47
CA PHE J 2 -37.03 -16.38 17.26
C PHE J 2 -38.06 -17.49 17.46
N LEU J 3 -38.78 -17.83 16.40
CA LEU J 3 -39.89 -18.76 16.50
C LEU J 3 -39.39 -20.19 16.66
N MET J 4 -40.29 -21.05 17.14
CA MET J 4 -39.95 -22.42 17.50
C MET J 4 -40.84 -23.37 16.72
N ALA J 5 -40.23 -24.19 15.87
CA ALA J 5 -40.94 -25.25 15.16
C ALA J 5 -40.80 -26.53 15.96
N GLN J 6 -41.91 -27.00 16.52
CA GLN J 6 -41.92 -28.14 17.42
C GLN J 6 -42.39 -29.38 16.67
N THR J 7 -41.52 -30.38 16.55
CA THR J 7 -41.82 -31.62 15.85
C THR J 7 -41.62 -32.78 16.81
N PRO J 8 -42.67 -33.56 17.14
CA PRO J 8 -44.04 -33.48 16.63
C PRO J 8 -44.94 -32.54 17.44
N LEU J 9 -46.16 -32.36 16.95
CA LEU J 9 -47.17 -31.58 17.65
C LEU J 9 -48.18 -32.43 18.42
N SER J 10 -48.07 -33.75 18.33
CA SER J 10 -48.83 -34.69 19.15
C SER J 10 -48.09 -36.00 19.15
N LEU J 11 -47.98 -36.62 20.32
CA LEU J 11 -47.18 -37.83 20.52
C LEU J 11 -48.07 -38.95 21.05
N PRO J 12 -48.61 -39.79 20.16
CA PRO J 12 -49.22 -41.04 20.62
C PRO J 12 -48.18 -42.16 20.74
N VAL J 13 -48.00 -42.69 21.96
CA VAL J 13 -46.98 -43.71 22.20
C VAL J 13 -47.43 -44.56 23.39
N SER J 14 -47.04 -45.83 23.37
CA SER J 14 -47.42 -46.75 24.42
C SER J 14 -46.61 -46.48 25.69
N LEU J 15 -47.03 -47.13 26.78
CA LEU J 15 -46.38 -46.93 28.07
C LEU J 15 -45.07 -47.69 28.14
N GLY J 16 -44.05 -47.04 28.70
CA GLY J 16 -42.74 -47.62 28.87
C GLY J 16 -41.73 -47.27 27.81
N ASP J 17 -42.18 -46.73 26.68
CA ASP J 17 -41.28 -46.38 25.59
C ASP J 17 -40.72 -44.97 25.77
N GLN J 18 -39.63 -44.70 25.05
CA GLN J 18 -38.98 -43.41 25.12
C GLN J 18 -39.77 -42.35 24.34
N ALA J 19 -39.34 -41.10 24.49
CA ALA J 19 -39.97 -39.98 23.79
C ALA J 19 -38.89 -39.00 23.35
N SER J 20 -39.04 -38.47 22.13
CA SER J 20 -38.07 -37.53 21.57
C SER J 20 -38.81 -36.48 20.78
N ILE J 21 -38.63 -35.22 21.15
CA ILE J 21 -39.24 -34.09 20.45
C ILE J 21 -38.13 -33.15 20.00
N SER J 22 -38.03 -32.96 18.69
CA SER J 22 -37.09 -32.01 18.12
C SER J 22 -37.81 -30.69 17.89
N CYS J 23 -37.50 -29.70 18.72
CA CYS J 23 -37.95 -28.33 18.52
C CYS J 23 -36.77 -27.55 17.96
N ARG J 24 -36.95 -26.93 16.81
CA ARG J 24 -35.88 -26.21 16.14
C ARG J 24 -36.22 -24.74 16.10
N SER J 25 -35.25 -23.91 16.47
CA SER J 25 -35.45 -22.48 16.42
C SER J 25 -35.17 -21.96 15.01
N SER J 26 -35.42 -20.67 14.81
CA SER J 26 -35.02 -20.03 13.57
C SER J 26 -33.50 -19.90 13.48
N GLN J 27 -32.86 -19.52 14.58
CA GLN J 27 -31.41 -19.36 14.67
C GLN J 27 -31.03 -19.49 16.14
N SER J 28 -29.81 -19.02 16.47
CA SER J 28 -29.30 -19.09 17.85
C SER J 28 -30.16 -18.26 18.79
N ILE J 29 -30.75 -18.92 19.77
CA ILE J 29 -31.55 -18.24 20.79
C ILE J 29 -30.77 -18.25 22.09
N VAL J 30 -29.45 -18.28 22.00
CA VAL J 30 -28.59 -18.30 23.18
C VAL J 30 -28.51 -16.89 23.74
N TYR J 31 -28.72 -16.76 25.04
CA TYR J 31 -28.50 -15.47 25.70
C TYR J 31 -27.01 -15.28 25.92
N SER J 32 -26.62 -14.01 26.18
CA SER J 32 -25.22 -13.62 26.28
C SER J 32 -24.47 -14.32 27.41
N ASP J 33 -25.16 -14.90 28.39
CA ASP J 33 -24.52 -15.69 29.43
C ASP J 33 -24.21 -17.13 29.00
N GLY J 34 -24.38 -17.45 27.72
CA GLY J 34 -24.06 -18.76 27.19
C GLY J 34 -25.15 -19.79 27.31
N ASN J 35 -26.12 -19.58 28.19
CA ASN J 35 -27.16 -20.58 28.42
C ASN J 35 -28.27 -20.41 27.37
N THR J 36 -28.64 -21.52 26.74
CA THR J 36 -29.71 -21.55 25.76
C THR J 36 -31.02 -21.72 26.51
N TYR J 37 -31.71 -20.61 26.78
CA TYR J 37 -32.87 -20.64 27.66
C TYR J 37 -34.08 -21.16 26.88
N LEU J 38 -34.12 -22.49 26.75
CA LEU J 38 -35.29 -23.20 26.25
C LEU J 38 -35.94 -23.93 27.42
N GLU J 39 -37.26 -23.87 27.50
CA GLU J 39 -37.98 -24.58 28.54
C GLU J 39 -39.02 -25.51 27.94
N TRP J 40 -39.28 -26.62 28.65
CA TRP J 40 -40.24 -27.63 28.26
C TRP J 40 -41.32 -27.73 29.33
N TYR J 41 -42.57 -27.59 28.91
CA TYR J 41 -43.70 -27.56 29.82
C TYR J 41 -44.60 -28.76 29.59
N LEU J 42 -45.43 -29.04 30.60
CA LEU J 42 -46.45 -30.08 30.56
C LEU J 42 -47.74 -29.48 31.11
N GLN J 43 -48.66 -29.13 30.23
CA GLN J 43 -49.98 -28.70 30.65
C GLN J 43 -50.95 -29.87 30.46
N ARG J 44 -51.40 -30.43 31.57
CA ARG J 44 -52.43 -31.46 31.51
C ARG J 44 -53.75 -30.81 31.10
N PRO J 45 -54.60 -31.54 30.36
CA PRO J 45 -55.88 -30.96 29.96
C PRO J 45 -56.80 -30.83 31.17
N GLY J 46 -56.93 -29.60 31.67
CA GLY J 46 -57.62 -29.36 32.91
C GLY J 46 -56.74 -29.05 34.10
N GLN J 47 -55.43 -28.89 33.92
CA GLN J 47 -54.54 -28.47 34.99
C GLN J 47 -53.55 -27.44 34.47
N SER J 48 -52.82 -26.84 35.40
CA SER J 48 -51.83 -25.84 35.07
C SER J 48 -50.58 -26.50 34.46
N PRO J 49 -49.83 -25.77 33.64
CA PRO J 49 -48.57 -26.32 33.10
C PRO J 49 -47.52 -26.47 34.19
N LYS J 50 -47.18 -27.72 34.50
CA LYS J 50 -46.06 -28.05 35.35
C LYS J 50 -44.80 -28.11 34.49
N LEU J 51 -43.73 -27.47 34.96
CA LEU J 51 -42.49 -27.43 34.20
C LEU J 51 -41.82 -28.79 34.22
N LEU J 52 -41.44 -29.29 33.04
CA LEU J 52 -40.62 -30.49 32.95
C LEU J 52 -39.14 -30.15 33.00
N ILE J 53 -38.69 -29.36 32.03
CA ILE J 53 -37.28 -29.13 31.77
C ILE J 53 -37.03 -27.64 31.60
N TYR J 54 -36.16 -27.09 32.44
CA TYR J 54 -35.58 -25.78 32.23
C TYR J 54 -34.08 -25.97 32.11
N LYS J 55 -33.44 -25.11 31.31
CA LYS J 55 -31.99 -25.09 31.13
C LYS J 55 -31.49 -26.46 30.67
N VAL J 56 -31.77 -26.72 29.39
CA VAL J 56 -32.19 -27.98 28.76
C VAL J 56 -31.60 -29.24 29.39
N SER J 57 -30.31 -29.21 29.76
CA SER J 57 -29.70 -30.33 30.47
C SER J 57 -30.35 -30.56 31.84
N ASN J 58 -30.76 -29.49 32.52
CA ASN J 58 -31.30 -29.63 33.86
C ASN J 58 -32.74 -30.15 33.83
N ARG J 59 -33.23 -30.50 35.01
CA ARG J 59 -34.59 -30.97 35.20
C ARG J 59 -35.28 -30.14 36.27
N PHE J 60 -36.61 -30.19 36.28
CA PHE J 60 -37.37 -29.55 37.34
C PHE J 60 -37.15 -30.28 38.66
N SER J 61 -37.15 -29.51 39.75
CA SER J 61 -36.96 -30.07 41.09
C SER J 61 -38.23 -30.81 41.49
N GLY J 62 -38.18 -32.14 41.41
CA GLY J 62 -39.32 -33.00 41.67
C GLY J 62 -39.70 -33.86 40.48
N VAL J 63 -39.60 -33.31 39.28
CA VAL J 63 -39.79 -34.07 38.04
C VAL J 63 -38.66 -35.09 37.91
N PRO J 64 -38.94 -36.36 37.65
CA PRO J 64 -37.93 -37.41 37.77
C PRO J 64 -36.88 -37.34 36.67
N ASP J 65 -35.84 -38.18 36.86
CA ASP J 65 -34.73 -38.36 35.94
C ASP J 65 -35.10 -39.17 34.70
N ARG J 66 -36.35 -39.62 34.60
CA ARG J 66 -36.87 -40.16 33.35
C ARG J 66 -36.80 -39.11 32.25
N PHE J 67 -37.10 -37.87 32.59
CA PHE J 67 -37.03 -36.74 31.69
C PHE J 67 -35.59 -36.28 31.54
N SER J 68 -35.32 -35.63 30.41
CA SER J 68 -34.01 -35.08 30.07
C SER J 68 -34.18 -34.18 28.85
N GLY J 69 -33.17 -33.37 28.60
CA GLY J 69 -33.15 -32.56 27.40
C GLY J 69 -31.75 -32.45 26.86
N SER J 70 -31.66 -32.18 25.56
CA SER J 70 -30.41 -31.88 24.89
C SER J 70 -30.71 -30.95 23.72
N GLY J 71 -29.69 -30.68 22.93
CA GLY J 71 -29.92 -29.85 21.78
C GLY J 71 -29.28 -28.49 21.94
N SER J 72 -28.86 -27.91 20.82
CA SER J 72 -28.14 -26.66 20.85
C SER J 72 -28.37 -25.87 19.56
N GLY J 73 -28.16 -24.57 19.67
CA GLY J 73 -28.03 -23.66 18.54
C GLY J 73 -29.35 -23.42 17.86
N THR J 74 -29.79 -24.43 17.10
CA THR J 74 -31.14 -24.49 16.56
C THR J 74 -31.86 -25.74 17.01
N ASP J 75 -31.23 -26.91 16.86
CA ASP J 75 -31.93 -28.19 16.94
C ASP J 75 -31.95 -28.66 18.38
N PHE J 76 -33.14 -28.90 18.92
CA PHE J 76 -33.36 -29.12 20.34
C PHE J 76 -34.14 -30.42 20.51
N THR J 77 -33.86 -31.18 21.57
CA THR J 77 -34.44 -32.51 21.69
C THR J 77 -34.82 -32.78 23.14
N LEU J 78 -36.11 -32.78 23.41
CA LEU J 78 -36.63 -33.30 24.66
C LEU J 78 -36.64 -34.83 24.60
N ARG J 79 -36.14 -35.47 25.66
CA ARG J 79 -36.10 -36.92 25.73
C ARG J 79 -36.72 -37.39 27.03
N ILE J 80 -37.47 -38.49 26.95
CA ILE J 80 -38.08 -39.11 28.12
C ILE J 80 -37.72 -40.58 28.07
N SER J 81 -37.25 -41.13 29.19
CA SER J 81 -36.84 -42.53 29.19
C SER J 81 -38.05 -43.46 29.13
N ARG J 82 -39.15 -43.09 29.80
CA ARG J 82 -40.36 -43.88 29.71
C ARG J 82 -41.59 -43.00 29.88
N VAL J 83 -42.58 -43.23 29.02
CA VAL J 83 -43.80 -42.43 28.96
C VAL J 83 -44.84 -43.06 29.87
N GLU J 84 -45.39 -42.27 30.77
CA GLU J 84 -46.35 -42.75 31.74
C GLU J 84 -47.71 -42.06 31.55
N ALA J 85 -48.71 -42.61 32.25
CA ALA J 85 -50.01 -41.95 32.28
C ALA J 85 -49.98 -40.69 33.12
N GLU J 86 -49.06 -40.63 34.10
CA GLU J 86 -48.81 -39.37 34.80
C GLU J 86 -48.10 -38.36 33.91
N ASP J 87 -47.41 -38.82 32.87
CA ASP J 87 -46.71 -37.93 31.96
C ASP J 87 -47.63 -37.23 30.98
N LEU J 88 -48.90 -37.63 30.93
CA LEU J 88 -49.82 -37.16 29.90
C LEU J 88 -50.14 -35.68 30.07
N GLY J 89 -50.51 -35.04 28.97
CA GLY J 89 -50.80 -33.63 28.90
C GLY J 89 -50.36 -33.08 27.55
N ILE J 90 -49.81 -31.87 27.56
CA ILE J 90 -49.26 -31.23 26.37
C ILE J 90 -47.87 -30.72 26.70
N TYR J 91 -46.90 -31.08 25.86
CA TYR J 91 -45.51 -30.66 25.99
C TYR J 91 -45.29 -29.34 25.27
N TYR J 92 -44.29 -28.58 25.71
CA TYR J 92 -44.06 -27.26 25.14
C TYR J 92 -42.57 -26.96 25.11
N CYS J 93 -42.05 -26.66 23.91
CA CYS J 93 -40.77 -25.97 23.77
C CYS J 93 -41.02 -24.47 23.76
N PHE J 94 -40.18 -23.74 24.48
CA PHE J 94 -40.47 -22.34 24.81
C PHE J 94 -39.18 -21.55 24.85
N GLN J 95 -39.07 -20.58 23.95
CA GLN J 95 -37.92 -19.68 23.89
C GLN J 95 -38.00 -18.72 25.07
N GLY J 96 -37.16 -18.96 26.08
CA GLY J 96 -37.16 -18.13 27.26
C GLY J 96 -35.95 -17.22 27.36
N SER J 97 -35.48 -16.74 26.21
CA SER J 97 -34.24 -15.99 26.15
C SER J 97 -34.43 -14.51 25.91
N HIS J 98 -35.51 -14.11 25.25
CA HIS J 98 -35.73 -12.70 24.94
C HIS J 98 -37.21 -12.39 25.05
N VAL J 99 -37.50 -11.13 25.33
CA VAL J 99 -38.85 -10.61 25.16
C VAL J 99 -38.97 -10.10 23.72
N PRO J 100 -40.06 -10.40 23.01
CA PRO J 100 -41.21 -11.22 23.44
C PRO J 100 -40.94 -12.73 23.42
N TYR J 101 -41.33 -13.38 24.51
CA TYR J 101 -41.16 -14.82 24.61
C TYR J 101 -42.10 -15.52 23.64
N THR J 102 -41.65 -16.65 23.09
CA THR J 102 -42.46 -17.43 22.15
C THR J 102 -42.62 -18.85 22.65
N PHE J 103 -43.85 -19.35 22.57
CA PHE J 103 -44.14 -20.75 22.77
C PHE J 103 -44.03 -21.53 21.47
N GLY J 104 -43.82 -22.83 21.61
CA GLY J 104 -43.99 -23.73 20.49
C GLY J 104 -45.45 -24.10 20.32
N GLY J 105 -45.68 -25.09 19.45
CA GLY J 105 -47.04 -25.54 19.21
C GLY J 105 -47.60 -26.44 20.30
N GLY J 106 -46.75 -27.06 21.09
CA GLY J 106 -47.23 -28.05 22.03
C GLY J 106 -47.35 -29.42 21.41
N THR J 107 -47.23 -30.45 22.25
CA THR J 107 -47.22 -31.84 21.81
C THR J 107 -48.15 -32.59 22.74
N LYS J 108 -49.36 -32.90 22.28
CA LYS J 108 -50.33 -33.61 23.10
C LYS J 108 -49.89 -35.05 23.27
N LEU J 109 -49.47 -35.41 24.48
CA LEU J 109 -49.06 -36.78 24.77
C LEU J 109 -50.30 -37.62 25.02
N GLU J 110 -50.39 -38.75 24.32
CA GLU J 110 -51.51 -39.68 24.48
C GLU J 110 -50.98 -41.09 24.28
N ILE J 111 -51.89 -42.05 24.16
CA ILE J 111 -51.56 -43.47 24.08
C ILE J 111 -51.99 -44.01 22.73
N LYS J 112 -51.06 -44.64 22.02
CA LYS J 112 -51.33 -45.26 20.72
C LYS J 112 -51.63 -46.73 20.92
N ARG J 113 -52.68 -47.22 20.28
CA ARG J 113 -53.00 -48.64 20.32
C ARG J 113 -52.74 -49.28 18.96
N GLN K 1 -45.75 -61.52 -42.74
CA GLN K 1 -44.95 -62.17 -43.77
C GLN K 1 -44.79 -61.25 -44.97
N VAL K 2 -43.59 -60.74 -45.16
CA VAL K 2 -43.26 -59.93 -46.33
C VAL K 2 -42.01 -60.50 -46.97
N HIS K 3 -41.89 -60.31 -48.28
CA HIS K 3 -40.64 -60.50 -48.98
C HIS K 3 -40.69 -59.68 -50.25
N LEU K 4 -39.53 -59.20 -50.66
CA LEU K 4 -39.45 -58.22 -51.73
C LEU K 4 -38.73 -58.81 -52.93
N GLN K 5 -39.14 -58.39 -54.11
CA GLN K 5 -38.62 -58.96 -55.35
C GLN K 5 -37.99 -57.84 -56.17
N GLU K 6 -36.66 -57.81 -56.21
CA GLU K 6 -35.97 -56.83 -57.01
C GLU K 6 -36.11 -57.18 -58.49
N SER K 7 -35.91 -56.17 -59.32
CA SER K 7 -36.04 -56.34 -60.76
C SER K 7 -35.21 -55.27 -61.46
N GLY K 8 -34.33 -55.73 -62.34
CA GLY K 8 -33.47 -54.89 -63.13
C GLY K 8 -32.64 -55.74 -64.09
N PRO K 9 -31.96 -55.08 -65.03
CA PRO K 9 -31.24 -55.86 -66.06
C PRO K 9 -30.01 -56.59 -65.55
N GLY K 10 -29.19 -55.93 -64.73
CA GLY K 10 -27.96 -56.53 -64.25
C GLY K 10 -26.75 -56.29 -65.13
N LEU K 11 -26.95 -56.05 -66.42
CA LEU K 11 -25.88 -55.73 -67.35
C LEU K 11 -26.15 -54.34 -67.93
N VAL K 12 -25.39 -53.35 -67.47
CA VAL K 12 -25.69 -51.95 -67.72
C VAL K 12 -24.53 -51.34 -68.51
N LYS K 13 -24.84 -50.48 -69.46
CA LYS K 13 -23.76 -49.73 -70.09
C LYS K 13 -23.34 -48.57 -69.21
N PRO K 14 -22.11 -48.10 -69.33
CA PRO K 14 -21.71 -46.89 -68.62
C PRO K 14 -22.45 -45.67 -69.12
N SER K 15 -22.61 -44.68 -68.23
CA SER K 15 -23.33 -43.42 -68.48
C SER K 15 -24.76 -43.66 -68.95
N GLU K 16 -25.42 -44.63 -68.34
CA GLU K 16 -26.78 -45.01 -68.68
C GLU K 16 -27.68 -44.82 -67.46
N THR K 17 -28.85 -44.23 -67.68
CA THR K 17 -29.78 -44.00 -66.58
C THR K 17 -30.44 -45.33 -66.20
N LEU K 18 -29.95 -45.95 -65.13
CA LEU K 18 -30.48 -47.22 -64.68
C LEU K 18 -31.66 -47.02 -63.74
N SER K 19 -32.64 -47.92 -63.84
CA SER K 19 -33.77 -47.92 -62.93
C SER K 19 -34.08 -49.34 -62.53
N LEU K 20 -34.43 -49.52 -61.26
CA LEU K 20 -34.78 -50.81 -60.71
C LEU K 20 -36.13 -50.71 -60.01
N THR K 21 -36.86 -51.82 -59.98
CA THR K 21 -38.13 -51.84 -59.27
C THR K 21 -38.14 -52.99 -58.28
N CYS K 22 -39.11 -52.94 -57.37
CA CYS K 22 -39.16 -53.83 -56.22
C CYS K 22 -40.61 -54.18 -55.91
N ASN K 23 -40.92 -55.47 -55.98
CA ASN K 23 -42.25 -55.99 -55.71
C ASN K 23 -42.41 -56.33 -54.23
N VAL K 24 -43.65 -56.30 -53.78
CA VAL K 24 -44.01 -56.39 -52.37
C VAL K 24 -44.63 -57.74 -52.10
N SER K 25 -44.93 -58.00 -50.83
CA SER K 25 -45.67 -59.20 -50.44
C SER K 25 -46.47 -58.89 -49.19
N GLY K 26 -47.78 -58.70 -49.36
CA GLY K 26 -48.66 -58.53 -48.22
C GLY K 26 -48.83 -57.11 -47.75
N THR K 27 -47.81 -56.57 -47.11
CA THR K 27 -47.88 -55.20 -46.60
C THR K 27 -47.80 -54.22 -47.75
N LEU K 28 -48.77 -53.31 -47.81
CA LEU K 28 -48.81 -52.33 -48.88
C LEU K 28 -47.74 -51.26 -48.65
N VAL K 29 -47.45 -50.52 -49.72
CA VAL K 29 -46.33 -49.59 -49.72
C VAL K 29 -46.66 -48.31 -48.93
N ARG K 30 -47.93 -48.08 -48.61
CA ARG K 30 -48.30 -46.93 -47.80
C ARG K 30 -47.78 -47.05 -46.37
N ASP K 31 -47.82 -48.26 -45.83
CA ASP K 31 -47.81 -48.44 -44.39
C ASP K 31 -46.44 -48.16 -43.75
N ASN K 32 -45.35 -48.37 -44.47
CA ASN K 32 -44.05 -48.39 -43.83
C ASN K 32 -43.06 -47.57 -44.64
N TYR K 33 -41.95 -47.19 -43.98
CA TYR K 33 -40.83 -46.58 -44.66
C TYR K 33 -40.17 -47.60 -45.58
N TRP K 34 -39.41 -47.09 -46.55
CA TRP K 34 -38.71 -47.93 -47.51
C TRP K 34 -37.30 -47.43 -47.70
N SER K 35 -36.40 -48.32 -48.09
CA SER K 35 -34.98 -48.02 -48.13
C SER K 35 -34.29 -48.89 -49.17
N TRP K 36 -33.14 -48.41 -49.62
CA TRP K 36 -32.29 -49.14 -50.55
C TRP K 36 -30.88 -49.26 -49.99
N ILE K 37 -30.26 -50.39 -50.27
CA ILE K 37 -28.93 -50.72 -49.78
C ILE K 37 -28.12 -51.22 -50.98
N ARG K 38 -26.86 -50.85 -51.06
CA ARG K 38 -25.98 -51.46 -52.05
C ARG K 38 -24.83 -52.14 -51.36
N GLN K 39 -24.21 -53.08 -52.08
CA GLN K 39 -23.05 -53.73 -51.52
C GLN K 39 -22.15 -54.20 -52.65
N PRO K 40 -20.88 -53.83 -52.64
CA PRO K 40 -19.91 -54.45 -53.56
C PRO K 40 -19.55 -55.83 -53.06
N LEU K 41 -18.81 -56.55 -53.90
CA LEU K 41 -18.40 -57.91 -53.53
C LEU K 41 -17.31 -57.85 -52.48
N GLY K 42 -17.48 -58.64 -51.43
CA GLY K 42 -16.53 -58.69 -50.33
C GLY K 42 -16.40 -57.43 -49.51
N LYS K 43 -17.39 -56.56 -49.57
CA LYS K 43 -17.32 -55.25 -48.94
C LYS K 43 -18.50 -55.06 -48.00
N GLN K 44 -18.45 -53.98 -47.23
CA GLN K 44 -19.59 -53.63 -46.42
C GLN K 44 -20.65 -52.96 -47.27
N PRO K 45 -21.90 -53.00 -46.84
CA PRO K 45 -22.95 -52.31 -47.60
C PRO K 45 -22.91 -50.81 -47.36
N GLU K 46 -23.40 -50.06 -48.34
CA GLU K 46 -23.68 -48.65 -48.24
C GLU K 46 -25.18 -48.47 -48.29
N TRP K 47 -25.75 -47.99 -47.19
CA TRP K 47 -27.17 -47.67 -47.18
C TRP K 47 -27.42 -46.42 -48.01
N ILE K 48 -28.08 -46.60 -49.16
CA ILE K 48 -28.24 -45.51 -50.11
C ILE K 48 -29.19 -44.47 -49.55
N GLY K 49 -30.15 -44.89 -48.77
CA GLY K 49 -31.02 -43.96 -48.10
C GLY K 49 -32.40 -44.55 -47.92
N TYR K 50 -33.30 -43.72 -47.43
CA TYR K 50 -34.66 -44.12 -47.16
C TYR K 50 -35.63 -43.29 -47.97
N VAL K 51 -36.75 -43.90 -48.34
CA VAL K 51 -37.81 -43.23 -49.08
C VAL K 51 -39.15 -43.56 -48.44
N HIS K 52 -39.99 -42.53 -48.31
CA HIS K 52 -41.37 -42.63 -47.85
C HIS K 52 -42.07 -41.34 -48.24
N ASP K 53 -43.40 -41.44 -48.36
CA ASP K 53 -44.25 -40.29 -48.58
C ASP K 53 -44.15 -39.30 -47.43
N SER K 54 -44.56 -38.06 -47.71
CA SER K 54 -44.59 -36.92 -46.78
C SER K 54 -43.17 -36.56 -46.29
N GLY K 55 -42.34 -36.17 -47.26
CA GLY K 55 -41.03 -35.60 -46.98
C GLY K 55 -39.98 -36.54 -46.45
N ASP K 56 -40.28 -37.83 -46.34
CA ASP K 56 -39.35 -38.81 -45.78
C ASP K 56 -38.55 -39.46 -46.91
N THR K 57 -37.78 -38.62 -47.60
CA THR K 57 -37.11 -39.01 -48.84
C THR K 57 -35.66 -38.50 -48.83
N ASN K 58 -34.94 -38.77 -47.74
CA ASN K 58 -33.56 -38.31 -47.67
C ASN K 58 -32.64 -39.27 -48.40
N TYR K 59 -31.59 -38.72 -48.99
CA TYR K 59 -30.65 -39.45 -49.80
C TYR K 59 -29.29 -39.51 -49.10
N ASN K 60 -28.45 -40.42 -49.57
CA ASN K 60 -27.04 -40.37 -49.22
C ASN K 60 -26.44 -39.13 -49.84
N PRO K 61 -25.86 -38.21 -49.06
CA PRO K 61 -25.25 -37.01 -49.64
C PRO K 61 -23.96 -37.27 -50.40
N SER K 62 -23.51 -38.53 -50.51
CA SER K 62 -22.46 -38.86 -51.45
C SER K 62 -22.91 -38.59 -52.88
N LEU K 63 -23.91 -39.34 -53.35
CA LEU K 63 -24.37 -39.14 -54.72
C LEU K 63 -25.40 -38.02 -54.79
N LYS K 64 -26.56 -38.24 -54.16
CA LYS K 64 -27.56 -37.25 -53.74
C LYS K 64 -28.32 -36.60 -54.89
N SER K 65 -27.84 -36.74 -56.10
CA SER K 65 -28.43 -36.04 -57.22
C SER K 65 -28.68 -36.95 -58.41
N ARG K 66 -27.79 -37.90 -58.64
CA ARG K 66 -27.93 -38.83 -59.76
C ARG K 66 -28.72 -40.08 -59.38
N VAL K 67 -29.56 -39.98 -58.35
CA VAL K 67 -30.41 -41.07 -57.90
C VAL K 67 -31.71 -40.48 -57.39
N HIS K 68 -32.82 -41.16 -57.70
CA HIS K 68 -34.16 -40.67 -57.39
C HIS K 68 -35.03 -41.83 -56.96
N LEU K 69 -35.55 -41.75 -55.75
CA LEU K 69 -36.32 -42.84 -55.17
C LEU K 69 -37.79 -42.47 -55.20
N SER K 70 -38.64 -43.50 -55.32
CA SER K 70 -40.07 -43.25 -55.49
C SER K 70 -40.84 -44.50 -55.08
N LEU K 71 -42.14 -44.32 -54.88
CA LEU K 71 -43.03 -45.42 -54.54
C LEU K 71 -44.17 -45.47 -55.54
N ASP K 72 -44.89 -46.60 -55.55
CA ASP K 72 -46.04 -46.78 -56.44
C ASP K 72 -47.16 -47.38 -55.61
N LYS K 73 -48.05 -46.51 -55.12
CA LYS K 73 -49.18 -46.91 -54.30
C LYS K 73 -50.30 -47.51 -55.13
N SER K 74 -50.34 -47.21 -56.42
CA SER K 74 -51.28 -47.88 -57.32
C SER K 74 -50.86 -49.31 -57.57
N LYS K 75 -49.66 -49.51 -58.12
CA LYS K 75 -49.17 -50.84 -58.41
C LYS K 75 -48.55 -51.51 -57.20
N ASN K 76 -48.32 -50.75 -56.12
CA ASN K 76 -47.71 -51.23 -54.88
C ASN K 76 -46.31 -51.79 -55.14
N LEU K 77 -45.42 -50.90 -55.59
CA LEU K 77 -44.01 -51.21 -55.83
C LEU K 77 -43.11 -50.13 -55.26
N VAL K 78 -41.81 -50.41 -55.26
CA VAL K 78 -40.77 -49.48 -54.85
C VAL K 78 -39.84 -49.24 -56.04
N SER K 79 -39.66 -47.99 -56.41
CA SER K 79 -38.95 -47.66 -57.64
C SER K 79 -37.70 -46.85 -57.32
N LEU K 80 -36.63 -47.14 -58.06
CA LEU K 80 -35.41 -46.36 -57.97
C LEU K 80 -34.97 -46.05 -59.39
N ARG K 81 -34.47 -44.83 -59.58
CA ARG K 81 -33.83 -44.41 -60.81
C ARG K 81 -32.43 -43.94 -60.48
N LEU K 82 -31.46 -44.29 -61.31
CA LEU K 82 -30.11 -43.80 -61.13
C LEU K 82 -29.71 -43.05 -62.40
N THR K 83 -28.70 -42.22 -62.28
CA THR K 83 -28.17 -41.48 -63.42
C THR K 83 -26.67 -41.69 -63.49
N GLY K 84 -26.15 -42.04 -64.66
CA GLY K 84 -24.72 -42.12 -64.87
C GLY K 84 -24.04 -43.28 -64.16
N VAL K 85 -24.31 -44.50 -64.62
CA VAL K 85 -23.72 -45.68 -64.00
C VAL K 85 -22.24 -45.76 -64.32
N THR K 86 -21.42 -45.88 -63.28
CA THR K 86 -19.98 -46.06 -63.40
C THR K 86 -19.58 -47.42 -62.84
N ALA K 87 -18.27 -47.68 -62.87
CA ALA K 87 -17.71 -48.99 -62.54
C ALA K 87 -17.96 -49.39 -61.10
N ALA K 88 -17.76 -48.45 -60.16
CA ALA K 88 -18.07 -48.70 -58.75
C ALA K 88 -19.56 -48.85 -58.49
N ASP K 89 -20.41 -48.47 -59.46
CA ASP K 89 -21.83 -48.75 -59.38
C ASP K 89 -22.16 -50.22 -59.58
N SER K 90 -21.20 -51.03 -60.03
CA SER K 90 -21.41 -52.47 -60.18
C SER K 90 -21.46 -53.10 -58.80
N ALA K 91 -22.67 -53.37 -58.32
CA ALA K 91 -22.89 -53.86 -56.96
C ALA K 91 -24.24 -54.54 -56.89
N ILE K 92 -24.48 -55.27 -55.81
CA ILE K 92 -25.79 -55.88 -55.58
C ILE K 92 -26.65 -54.90 -54.80
N TYR K 93 -27.89 -54.69 -55.26
CA TYR K 93 -28.76 -53.69 -54.69
C TYR K 93 -29.97 -54.38 -54.07
N TYR K 94 -30.38 -53.89 -52.90
CA TYR K 94 -31.44 -54.48 -52.11
C TYR K 94 -32.49 -53.42 -51.80
N CYS K 95 -33.76 -53.78 -51.94
CA CYS K 95 -34.86 -52.97 -51.44
C CYS K 95 -35.36 -53.55 -50.13
N ALA K 96 -35.76 -52.68 -49.21
CA ALA K 96 -36.14 -53.13 -47.88
C ALA K 96 -37.06 -52.11 -47.23
N THR K 97 -37.65 -52.49 -46.11
CA THR K 97 -38.29 -51.53 -45.23
C THR K 97 -37.31 -51.10 -44.15
N THR K 98 -37.74 -50.14 -43.33
CA THR K 98 -36.99 -49.82 -42.14
C THR K 98 -37.92 -49.33 -41.05
N LYS K 99 -37.45 -49.44 -39.82
CA LYS K 99 -38.17 -48.97 -38.65
C LYS K 99 -37.29 -47.97 -37.92
N HIS K 100 -37.92 -46.92 -37.41
CA HIS K 100 -37.22 -45.85 -36.73
C HIS K 100 -37.31 -46.01 -35.23
N GLY K 101 -36.78 -45.04 -34.50
CA GLY K 101 -36.69 -45.09 -33.06
C GLY K 101 -35.95 -43.88 -32.53
N ARG K 102 -36.35 -43.40 -31.35
CA ARG K 102 -35.83 -42.15 -30.81
C ARG K 102 -34.79 -42.46 -29.75
N ARG K 103 -33.51 -42.37 -30.12
CA ARG K 103 -32.45 -42.40 -29.13
C ARG K 103 -32.42 -41.06 -28.42
N ILE K 104 -32.63 -41.09 -27.11
CA ILE K 104 -32.89 -39.89 -26.32
C ILE K 104 -31.91 -39.86 -25.16
N TYR K 105 -31.19 -38.75 -25.02
CA TYR K 105 -30.16 -38.61 -24.02
C TYR K 105 -30.30 -37.39 -23.13
N GLY K 106 -31.24 -36.50 -23.41
CA GLY K 106 -31.35 -35.31 -22.60
C GLY K 106 -32.73 -34.70 -22.60
N VAL K 107 -32.77 -33.37 -22.69
CA VAL K 107 -34.04 -32.67 -22.71
C VAL K 107 -34.71 -32.90 -24.05
N VAL K 108 -36.00 -33.26 -24.02
CA VAL K 108 -36.72 -33.54 -25.25
C VAL K 108 -37.01 -32.25 -26.01
N ALA K 109 -37.39 -31.20 -25.29
CA ALA K 109 -37.77 -29.95 -25.93
C ALA K 109 -36.58 -29.19 -26.52
N PHE K 110 -35.36 -29.62 -26.23
CA PHE K 110 -34.18 -28.92 -26.71
C PHE K 110 -33.48 -29.66 -27.84
N LYS K 111 -34.19 -30.58 -28.51
CA LYS K 111 -33.68 -31.41 -29.61
C LYS K 111 -32.45 -32.22 -29.21
N GLU K 112 -32.32 -32.60 -27.94
CA GLU K 112 -31.18 -33.41 -27.52
C GLU K 112 -31.50 -34.90 -27.61
N TRP K 113 -31.80 -35.31 -28.83
CA TRP K 113 -32.29 -36.65 -29.16
C TRP K 113 -32.28 -36.75 -30.67
N PHE K 114 -32.39 -37.97 -31.17
CA PHE K 114 -32.44 -38.18 -32.61
C PHE K 114 -33.17 -39.47 -32.91
N THR K 115 -33.33 -39.76 -34.20
CA THR K 115 -34.05 -40.94 -34.67
C THR K 115 -33.12 -41.77 -35.52
N TYR K 116 -32.88 -42.99 -35.08
CA TYR K 116 -32.10 -43.94 -35.86
C TYR K 116 -33.02 -44.70 -36.81
N PHE K 117 -32.44 -45.65 -37.54
CA PHE K 117 -33.21 -46.55 -38.39
C PHE K 117 -32.59 -47.93 -38.35
N TYR K 118 -33.37 -48.92 -38.73
CA TYR K 118 -32.85 -50.27 -38.90
C TYR K 118 -33.73 -51.02 -39.89
N MET K 119 -33.08 -51.72 -40.80
CA MET K 119 -33.78 -52.46 -41.85
C MET K 119 -34.19 -53.82 -41.32
N ASP K 120 -35.48 -53.99 -41.05
CA ASP K 120 -35.97 -55.22 -40.43
C ASP K 120 -35.94 -56.39 -41.41
N VAL K 121 -36.56 -56.22 -42.58
CA VAL K 121 -36.61 -57.28 -43.58
C VAL K 121 -35.74 -56.85 -44.74
N TRP K 122 -35.56 -57.77 -45.68
CA TRP K 122 -34.61 -57.58 -46.76
C TRP K 122 -35.22 -58.08 -48.06
N GLY K 123 -34.64 -57.67 -49.16
CA GLY K 123 -35.06 -58.12 -50.47
C GLY K 123 -34.41 -59.43 -50.85
N LYS K 124 -34.21 -59.61 -52.15
CA LYS K 124 -33.53 -60.80 -52.62
C LYS K 124 -32.33 -60.48 -53.50
N GLY K 125 -32.42 -59.46 -54.33
CA GLY K 125 -31.25 -58.85 -54.94
C GLY K 125 -31.25 -58.94 -56.45
N THR K 126 -30.31 -58.19 -57.03
CA THR K 126 -30.03 -58.24 -58.45
C THR K 126 -28.57 -57.83 -58.63
N SER K 127 -27.76 -58.74 -59.16
CA SER K 127 -26.32 -58.49 -59.31
C SER K 127 -26.11 -57.59 -60.52
N VAL K 128 -26.17 -56.28 -60.27
CA VAL K 128 -25.98 -55.31 -61.33
C VAL K 128 -24.50 -55.20 -61.66
N THR K 129 -24.16 -55.40 -62.93
CA THR K 129 -22.79 -55.30 -63.39
C THR K 129 -22.76 -54.35 -64.59
N VAL K 130 -21.88 -53.37 -64.53
CA VAL K 130 -21.72 -52.42 -65.62
C VAL K 130 -20.59 -52.88 -66.52
N SER K 131 -20.83 -52.87 -67.83
CA SER K 131 -19.84 -53.29 -68.79
C SER K 131 -20.17 -52.67 -70.15
N SER K 132 -19.28 -52.87 -71.10
CA SER K 132 -19.49 -52.42 -72.47
C SER K 132 -19.51 -53.61 -73.41
N THR L 1 -9.31 -59.57 -39.83
CA THR L 1 -10.67 -59.41 -39.35
C THR L 1 -11.27 -60.77 -39.06
N PHE L 2 -10.43 -61.79 -39.01
CA PHE L 2 -10.88 -63.16 -38.87
C PHE L 2 -10.72 -63.59 -37.42
N VAL L 3 -11.80 -64.10 -36.82
CA VAL L 3 -11.78 -64.52 -35.42
C VAL L 3 -12.29 -65.96 -35.37
N SER L 4 -11.49 -66.85 -34.77
CA SER L 4 -11.83 -68.25 -34.66
C SER L 4 -12.02 -68.59 -33.18
N VAL L 5 -13.14 -69.23 -32.86
CA VAL L 5 -13.38 -69.73 -31.51
C VAL L 5 -13.87 -71.17 -31.61
N ALA L 6 -13.68 -71.91 -30.53
CA ALA L 6 -14.24 -73.24 -30.43
C ALA L 6 -15.76 -73.15 -30.31
N PRO L 7 -16.50 -74.07 -30.95
CA PRO L 7 -17.97 -74.01 -30.88
C PRO L 7 -18.47 -74.29 -29.46
N GLY L 8 -19.34 -73.42 -28.98
CA GLY L 8 -19.82 -73.48 -27.62
C GLY L 8 -19.12 -72.54 -26.66
N GLN L 9 -18.16 -71.76 -27.14
CA GLN L 9 -17.40 -70.87 -26.28
C GLN L 9 -17.85 -69.42 -26.48
N THR L 10 -17.12 -68.50 -25.88
CA THR L 10 -17.38 -67.07 -25.99
C THR L 10 -16.57 -66.47 -27.12
N ALA L 11 -17.03 -65.32 -27.60
CA ALA L 11 -16.35 -64.61 -28.68
C ALA L 11 -16.70 -63.14 -28.58
N ARG L 12 -15.76 -62.29 -28.97
CA ARG L 12 -15.98 -60.85 -28.96
C ARG L 12 -15.66 -60.30 -30.33
N ILE L 13 -16.59 -59.52 -30.87
CA ILE L 13 -16.47 -58.93 -32.20
C ILE L 13 -16.61 -57.43 -32.04
N THR L 14 -15.54 -56.71 -32.37
CA THR L 14 -15.51 -55.27 -32.18
C THR L 14 -15.55 -54.57 -33.53
N CYS L 15 -16.26 -53.45 -33.58
CA CYS L 15 -16.40 -52.76 -34.85
C CYS L 15 -16.59 -51.28 -34.58
N GLY L 16 -16.25 -50.48 -35.59
CA GLY L 16 -16.60 -49.08 -35.60
C GLY L 16 -15.65 -48.19 -34.82
N GLU L 17 -15.98 -46.91 -34.86
CA GLU L 17 -15.21 -45.86 -34.20
C GLU L 17 -15.51 -45.87 -32.70
N GLU L 18 -14.51 -45.44 -31.91
CA GLU L 18 -14.66 -45.28 -30.47
C GLU L 18 -15.75 -44.26 -30.17
N SER L 19 -16.42 -44.43 -29.02
CA SER L 19 -17.58 -43.62 -28.69
C SER L 19 -17.20 -42.19 -28.36
N LEU L 20 -17.91 -41.24 -28.95
CA LEU L 20 -17.76 -39.82 -28.67
C LEU L 20 -18.90 -39.26 -27.84
N GLY L 21 -20.13 -39.65 -28.14
CA GLY L 21 -21.25 -39.31 -27.28
C GLY L 21 -22.10 -40.55 -27.05
N SER L 22 -23.38 -40.36 -26.73
CA SER L 22 -24.29 -41.49 -26.68
C SER L 22 -24.47 -42.05 -28.07
N ARG L 23 -24.60 -43.37 -28.16
CA ARG L 23 -24.70 -44.02 -29.46
C ARG L 23 -25.89 -44.94 -29.51
N SER L 24 -26.22 -45.33 -30.74
CA SER L 24 -27.22 -46.36 -31.04
C SER L 24 -26.55 -47.33 -31.99
N VAL L 25 -26.06 -48.44 -31.45
CA VAL L 25 -25.38 -49.43 -32.26
C VAL L 25 -26.41 -50.39 -32.86
N ILE L 26 -26.18 -50.80 -34.10
CA ILE L 26 -27.03 -51.76 -34.80
C ILE L 26 -26.13 -52.87 -35.36
N TRP L 27 -26.48 -54.12 -35.08
CA TRP L 27 -25.70 -55.27 -35.52
C TRP L 27 -26.47 -56.08 -36.55
N TYR L 28 -25.86 -56.26 -37.71
CA TYR L 28 -26.34 -57.17 -38.74
C TYR L 28 -25.39 -58.37 -38.82
N GLN L 29 -25.91 -59.47 -39.33
CA GLN L 29 -25.06 -60.59 -39.69
C GLN L 29 -25.44 -61.11 -41.07
N GLN L 30 -24.48 -61.80 -41.67
CA GLN L 30 -24.50 -62.12 -43.10
C GLN L 30 -23.96 -63.53 -43.28
N ARG L 31 -24.86 -64.47 -43.49
CA ARG L 31 -24.44 -65.78 -43.96
C ARG L 31 -24.02 -65.66 -45.42
N PRO L 32 -23.05 -66.47 -45.86
CA PRO L 32 -22.59 -66.39 -47.26
C PRO L 32 -23.70 -66.81 -48.22
N GLY L 33 -23.91 -65.98 -49.24
CA GLY L 33 -24.93 -66.23 -50.21
C GLY L 33 -26.32 -65.79 -49.81
N GLN L 34 -26.47 -65.05 -48.72
CA GLN L 34 -27.77 -64.58 -48.28
C GLN L 34 -27.84 -63.06 -48.31
N ALA L 35 -28.99 -62.56 -47.90
CA ALA L 35 -29.18 -61.17 -47.56
C ALA L 35 -28.61 -60.90 -46.18
N PRO L 36 -28.51 -59.63 -45.74
CA PRO L 36 -28.21 -59.40 -44.31
C PRO L 36 -29.37 -59.79 -43.40
N SER L 37 -29.14 -59.71 -42.10
CA SER L 37 -30.16 -60.09 -41.14
C SER L 37 -29.86 -59.40 -39.83
N LEU L 38 -30.83 -58.67 -39.30
CA LEU L 38 -30.63 -57.94 -38.07
C LEU L 38 -30.56 -58.90 -36.89
N ILE L 39 -29.68 -58.61 -35.94
CA ILE L 39 -29.69 -59.30 -34.65
C ILE L 39 -29.90 -58.34 -33.50
N ILE L 40 -29.34 -57.14 -33.57
CA ILE L 40 -29.33 -56.19 -32.46
C ILE L 40 -29.67 -54.82 -33.03
N TYR L 41 -30.73 -54.19 -32.52
CA TYR L 41 -31.23 -52.94 -33.10
C TYR L 41 -31.06 -51.73 -32.20
N ASN L 42 -30.97 -51.91 -30.89
CA ASN L 42 -30.65 -50.82 -29.99
C ASN L 42 -29.31 -51.18 -29.37
N ASN L 43 -28.90 -50.46 -28.32
CA ASN L 43 -27.59 -50.69 -27.74
C ASN L 43 -27.46 -52.08 -27.12
N ASN L 44 -28.51 -52.55 -26.46
CA ASN L 44 -28.51 -53.92 -25.96
C ASN L 44 -29.88 -54.55 -26.11
N ASP L 45 -30.51 -54.36 -27.28
CA ASP L 45 -31.83 -54.92 -27.51
C ASP L 45 -31.83 -55.81 -28.74
N ARG L 46 -32.71 -56.80 -28.70
CA ARG L 46 -32.86 -57.74 -29.79
C ARG L 46 -34.33 -57.98 -30.07
N PRO L 47 -34.70 -58.24 -31.32
CA PRO L 47 -36.08 -58.61 -31.62
C PRO L 47 -36.32 -60.09 -31.46
N SER L 48 -37.52 -60.55 -31.82
CA SER L 48 -37.83 -61.97 -31.75
C SER L 48 -37.16 -62.72 -32.89
N GLY L 49 -37.01 -64.03 -32.69
CA GLY L 49 -36.39 -64.87 -33.70
C GLY L 49 -34.94 -65.17 -33.39
N ILE L 50 -34.22 -64.16 -32.90
CA ILE L 50 -32.84 -64.36 -32.50
C ILE L 50 -32.84 -64.79 -31.04
N PRO L 51 -32.01 -65.74 -30.63
CA PRO L 51 -31.92 -66.07 -29.22
C PRO L 51 -31.09 -65.08 -28.43
N ASP L 52 -30.87 -65.38 -27.15
CA ASP L 52 -30.07 -64.55 -26.28
C ASP L 52 -28.58 -64.79 -26.50
N ARG L 53 -27.77 -64.32 -25.54
CA ARG L 53 -26.32 -64.41 -25.46
C ARG L 53 -25.63 -63.55 -26.51
N PHE L 54 -26.36 -62.67 -27.19
CA PHE L 54 -25.77 -61.68 -28.08
C PHE L 54 -25.68 -60.37 -27.31
N SER L 55 -24.72 -60.33 -26.40
CA SER L 55 -24.52 -59.17 -25.54
C SER L 55 -23.95 -58.01 -26.35
N GLY L 56 -24.42 -56.81 -26.02
CA GLY L 56 -23.90 -55.60 -26.62
C GLY L 56 -23.49 -54.61 -25.56
N SER L 57 -22.62 -53.69 -25.98
CA SER L 57 -22.15 -52.67 -25.06
C SER L 57 -23.26 -51.67 -24.76
N PRO L 58 -23.41 -51.22 -23.52
CA PRO L 58 -24.39 -50.18 -23.22
C PRO L 58 -23.98 -48.86 -23.82
N GLY L 59 -24.98 -48.10 -24.29
CA GLY L 59 -24.70 -46.91 -25.06
C GLY L 59 -24.23 -45.71 -24.27
N SER L 60 -24.23 -45.77 -22.94
CA SER L 60 -23.83 -44.62 -22.16
C SER L 60 -22.33 -44.56 -21.91
N THR L 61 -21.58 -45.59 -22.28
CA THR L 61 -20.16 -45.61 -21.98
C THR L 61 -19.40 -44.74 -22.99
N PHE L 62 -18.59 -43.83 -22.47
CA PHE L 62 -17.95 -42.81 -23.27
C PHE L 62 -16.49 -43.19 -23.52
N GLY L 63 -16.05 -43.07 -24.76
CA GLY L 63 -14.67 -43.39 -25.05
C GLY L 63 -14.36 -44.86 -25.07
N THR L 64 -15.31 -45.68 -25.55
CA THR L 64 -15.05 -47.09 -25.81
C THR L 64 -15.53 -47.43 -27.21
N THR L 65 -15.23 -48.64 -27.63
CA THR L 65 -15.50 -49.09 -28.99
C THR L 65 -16.66 -50.08 -28.95
N ALA L 66 -17.48 -50.08 -30.00
CA ALA L 66 -18.66 -50.94 -30.06
C ALA L 66 -18.26 -52.40 -30.14
N THR L 67 -18.81 -53.20 -29.22
CA THR L 67 -18.49 -54.62 -29.10
C THR L 67 -19.74 -55.46 -29.26
N LEU L 68 -19.52 -56.75 -29.47
CA LEU L 68 -20.60 -57.72 -29.59
C LEU L 68 -20.08 -59.04 -29.04
N THR L 69 -20.61 -59.45 -27.89
CA THR L 69 -20.17 -60.66 -27.20
C THR L 69 -21.16 -61.78 -27.49
N ILE L 70 -20.65 -62.91 -27.99
CA ILE L 70 -21.48 -64.08 -28.25
C ILE L 70 -20.92 -65.22 -27.42
N THR L 71 -21.67 -65.65 -26.41
CA THR L 71 -21.31 -66.79 -25.61
C THR L 71 -22.08 -68.00 -26.13
N SER L 72 -21.45 -69.19 -25.98
CA SER L 72 -21.98 -70.47 -26.46
C SER L 72 -22.27 -70.43 -27.96
N VAL L 73 -21.20 -70.25 -28.74
CA VAL L 73 -21.30 -70.10 -30.19
C VAL L 73 -21.60 -71.44 -30.84
N GLU L 74 -21.93 -71.42 -32.13
CA GLU L 74 -22.24 -72.64 -32.85
C GLU L 74 -21.76 -72.51 -34.29
N ALA L 75 -21.99 -73.57 -35.07
CA ALA L 75 -21.63 -73.55 -36.48
C ALA L 75 -22.57 -72.66 -37.29
N GLY L 76 -23.81 -72.49 -36.81
CA GLY L 76 -24.72 -71.54 -37.44
C GLY L 76 -24.36 -70.09 -37.19
N ASP L 77 -23.47 -69.83 -36.25
CA ASP L 77 -22.98 -68.48 -35.99
C ASP L 77 -21.94 -68.03 -37.01
N GLU L 78 -21.59 -68.85 -37.99
CA GLU L 78 -20.62 -68.47 -38.99
C GLU L 78 -21.24 -67.48 -39.97
N ALA L 79 -21.06 -66.20 -39.67
CA ALA L 79 -21.64 -65.13 -40.47
C ALA L 79 -20.80 -63.87 -40.27
N ASP L 80 -20.68 -63.09 -41.32
CA ASP L 80 -19.96 -61.84 -41.24
C ASP L 80 -20.80 -60.82 -40.49
N TYR L 81 -20.15 -60.01 -39.68
CA TYR L 81 -20.89 -59.14 -38.79
C TYR L 81 -20.74 -57.70 -39.25
N TYR L 82 -21.73 -56.89 -38.91
CA TYR L 82 -21.71 -55.49 -39.29
C TYR L 82 -22.22 -54.62 -38.16
N CYS L 83 -21.38 -53.67 -37.77
CA CYS L 83 -21.78 -52.63 -36.85
C CYS L 83 -22.45 -51.51 -37.61
N HIS L 84 -23.40 -50.85 -36.96
CA HIS L 84 -24.00 -49.63 -37.49
C HIS L 84 -24.21 -48.71 -36.30
N ILE L 85 -23.26 -47.86 -36.07
CA ILE L 85 -23.28 -46.95 -34.95
C ILE L 85 -24.03 -45.68 -35.33
N TRP L 86 -24.71 -45.11 -34.35
CA TRP L 86 -25.45 -43.86 -34.51
C TRP L 86 -25.04 -42.98 -33.35
N ASP L 87 -23.91 -42.29 -33.48
CA ASP L 87 -23.49 -41.37 -32.45
C ASP L 87 -24.35 -40.12 -32.51
N SER L 88 -24.63 -39.57 -31.34
CA SER L 88 -25.25 -38.25 -31.30
C SER L 88 -24.27 -37.17 -31.72
N ARG L 89 -22.97 -37.39 -31.52
CA ARG L 89 -22.00 -36.37 -31.86
C ARG L 89 -21.56 -36.47 -33.32
N ARG L 90 -21.22 -37.65 -33.77
CA ARG L 90 -20.78 -37.83 -35.14
C ARG L 90 -21.96 -37.81 -36.09
N PRO L 91 -21.74 -37.49 -37.39
CA PRO L 91 -22.88 -37.47 -38.33
C PRO L 91 -23.38 -38.86 -38.71
N THR L 92 -24.32 -38.87 -39.66
CA THR L 92 -24.98 -40.11 -40.07
C THR L 92 -24.03 -40.97 -40.89
N ASN L 93 -23.78 -42.19 -40.44
CA ASN L 93 -22.94 -43.12 -41.17
C ASN L 93 -23.77 -43.78 -42.25
N TRP L 94 -23.69 -43.26 -43.47
CA TRP L 94 -24.43 -43.83 -44.57
C TRP L 94 -23.84 -45.15 -45.06
N VAL L 95 -22.60 -45.45 -44.68
CA VAL L 95 -22.00 -46.74 -44.94
C VAL L 95 -21.85 -47.44 -43.60
N PHE L 96 -21.77 -48.77 -43.62
CA PHE L 96 -21.56 -49.50 -42.40
C PHE L 96 -20.07 -49.55 -42.07
N GLY L 97 -19.75 -50.26 -41.00
CA GLY L 97 -18.37 -50.40 -40.57
C GLY L 97 -17.59 -51.43 -41.36
N GLU L 98 -16.77 -52.21 -40.66
CA GLU L 98 -15.97 -53.23 -41.31
C GLU L 98 -16.54 -54.62 -41.01
N GLY L 99 -16.72 -55.39 -42.06
CA GLY L 99 -17.24 -56.74 -41.92
C GLY L 99 -16.19 -57.71 -41.43
N THR L 100 -16.29 -58.10 -40.17
CA THR L 100 -15.41 -59.11 -39.60
C THR L 100 -16.09 -60.46 -39.67
N THR L 101 -15.32 -61.49 -39.99
CA THR L 101 -15.86 -62.83 -40.17
C THR L 101 -15.68 -63.60 -38.88
N LEU L 102 -16.73 -64.28 -38.44
CA LEU L 102 -16.63 -65.25 -37.38
C LEU L 102 -16.63 -66.63 -38.01
N ILE L 103 -15.50 -67.33 -37.91
CA ILE L 103 -15.38 -68.69 -38.41
C ILE L 103 -15.19 -69.61 -37.21
N VAL L 104 -15.69 -70.83 -37.34
CA VAL L 104 -15.75 -71.76 -36.22
C VAL L 104 -14.98 -73.01 -36.60
N LEU L 105 -14.47 -73.70 -35.59
CA LEU L 105 -13.69 -74.90 -35.83
C LEU L 105 -14.60 -76.09 -36.07
N GLN M 1 -20.82 21.93 -16.88
CA GLN M 1 -21.95 22.13 -17.76
C GLN M 1 -22.46 20.81 -18.33
N VAL M 2 -23.71 20.81 -18.78
CA VAL M 2 -24.36 19.63 -19.34
C VAL M 2 -24.75 19.96 -20.77
N GLN M 3 -24.25 19.16 -21.70
CA GLN M 3 -24.52 19.40 -23.12
C GLN M 3 -25.22 18.20 -23.71
N LEU M 4 -26.34 18.46 -24.40
CA LEU M 4 -27.22 17.41 -24.93
C LEU M 4 -27.39 17.69 -26.41
N VAL M 5 -26.47 17.20 -27.22
CA VAL M 5 -26.51 17.50 -28.66
C VAL M 5 -27.34 16.44 -29.35
N GLN M 6 -28.43 16.85 -29.96
CA GLN M 6 -29.23 15.92 -30.74
C GLN M 6 -28.75 15.95 -32.18
N SER M 7 -29.51 15.37 -33.09
CA SER M 7 -29.32 15.61 -34.50
C SER M 7 -30.49 16.40 -35.04
N GLY M 8 -30.30 16.98 -36.22
CA GLY M 8 -31.26 17.90 -36.77
C GLY M 8 -32.51 17.24 -37.32
N ALA M 9 -33.33 18.05 -37.97
CA ALA M 9 -34.59 17.60 -38.54
C ALA M 9 -34.35 16.68 -39.73
N VAL M 10 -35.37 15.88 -40.04
CA VAL M 10 -35.30 14.93 -41.15
C VAL M 10 -36.73 14.61 -41.56
N ILE M 11 -36.91 14.24 -42.81
CA ILE M 11 -38.22 13.92 -43.37
C ILE M 11 -38.20 12.47 -43.80
N LYS M 12 -39.17 11.69 -43.35
CA LYS M 12 -39.23 10.27 -43.65
C LYS M 12 -40.59 9.93 -44.25
N THR M 13 -40.61 8.84 -45.00
CA THR M 13 -41.83 8.34 -45.61
C THR M 13 -42.70 7.66 -44.56
N PRO M 14 -43.99 7.52 -44.81
CA PRO M 14 -44.83 6.74 -43.90
C PRO M 14 -44.45 5.28 -43.88
N GLY M 15 -44.62 4.65 -42.72
CA GLY M 15 -44.27 3.27 -42.54
C GLY M 15 -42.80 3.00 -42.36
N SER M 16 -41.97 4.03 -42.29
CA SER M 16 -40.53 3.86 -42.19
C SER M 16 -40.10 3.85 -40.73
N SER M 17 -38.79 3.95 -40.50
CA SER M 17 -38.24 3.96 -39.16
C SER M 17 -37.15 5.03 -39.09
N VAL M 18 -37.23 5.84 -38.08
CA VAL M 18 -36.29 6.94 -37.91
C VAL M 18 -35.34 6.58 -36.78
N LYS M 19 -34.12 7.12 -36.85
CA LYS M 19 -33.10 6.89 -35.84
C LYS M 19 -32.56 8.23 -35.38
N ILE M 20 -32.73 8.52 -34.10
CA ILE M 20 -32.30 9.79 -33.51
C ILE M 20 -31.23 9.50 -32.48
N SER M 21 -30.07 10.11 -32.65
CA SER M 21 -29.03 10.02 -31.64
C SER M 21 -29.16 11.17 -30.67
N CYS M 22 -28.51 11.01 -29.52
CA CYS M 22 -28.45 12.04 -28.48
C CYS M 22 -27.12 11.89 -27.78
N ARG M 23 -26.20 12.81 -28.01
CA ARG M 23 -24.89 12.74 -27.39
C ARG M 23 -24.89 13.59 -26.14
N ALA M 24 -24.64 12.96 -25.00
CA ALA M 24 -24.60 13.66 -23.73
C ALA M 24 -23.15 13.81 -23.29
N SER M 25 -22.81 14.99 -22.81
CA SER M 25 -21.46 15.25 -22.36
C SER M 25 -21.48 16.20 -21.17
N GLY M 26 -20.46 16.08 -20.33
CA GLY M 26 -20.30 16.95 -19.20
C GLY M 26 -20.60 16.32 -17.86
N TYR M 27 -20.91 15.04 -17.82
CA TYR M 27 -21.24 14.39 -16.56
C TYR M 27 -20.88 12.92 -16.67
N ASN M 28 -20.96 12.23 -15.53
CA ASN M 28 -20.72 10.79 -15.53
C ASN M 28 -21.92 10.09 -16.16
N PHE M 29 -21.74 9.61 -17.39
CA PHE M 29 -22.85 9.11 -18.18
C PHE M 29 -23.44 7.82 -17.62
N ARG M 30 -22.67 7.08 -16.82
CA ARG M 30 -23.13 5.81 -16.30
C ARG M 30 -24.05 5.93 -15.10
N ASP M 31 -24.48 7.14 -14.73
CA ASP M 31 -25.12 7.32 -13.44
C ASP M 31 -26.54 7.84 -13.49
N TYR M 32 -26.97 8.42 -14.60
CA TYR M 32 -28.29 9.03 -14.63
C TYR M 32 -29.12 8.44 -15.75
N SER M 33 -30.44 8.60 -15.61
CA SER M 33 -31.36 8.09 -16.60
C SER M 33 -31.48 9.05 -17.76
N ILE M 34 -31.97 8.54 -18.89
CA ILE M 34 -32.27 9.34 -20.07
C ILE M 34 -33.72 9.09 -20.43
N HIS M 35 -34.50 10.16 -20.56
CA HIS M 35 -35.89 10.05 -20.96
C HIS M 35 -36.06 10.60 -22.37
N TRP M 36 -36.92 9.97 -23.15
CA TRP M 36 -37.39 10.57 -24.39
C TRP M 36 -38.80 11.10 -24.17
N VAL M 37 -39.08 12.26 -24.76
CA VAL M 37 -40.41 12.86 -24.66
C VAL M 37 -40.69 13.53 -25.98
N ARG M 38 -41.98 13.71 -26.28
CA ARG M 38 -42.38 14.21 -27.57
C ARG M 38 -43.33 15.38 -27.41
N LEU M 39 -43.53 16.09 -28.52
CA LEU M 39 -44.46 17.21 -28.60
C LEU M 39 -45.12 17.16 -29.97
N ILE M 40 -46.40 16.82 -29.98
CA ILE M 40 -47.24 17.03 -31.15
C ILE M 40 -47.98 18.33 -30.90
N PRO M 41 -48.07 19.22 -31.88
CA PRO M 41 -48.89 20.42 -31.72
C PRO M 41 -50.35 20.04 -31.58
N ASP M 42 -51.06 20.82 -30.75
CA ASP M 42 -52.47 20.61 -30.39
C ASP M 42 -52.71 19.25 -29.74
N LYS M 43 -51.67 18.69 -29.11
CA LYS M 43 -51.77 17.46 -28.35
C LYS M 43 -51.05 17.53 -27.02
N GLY M 44 -50.27 18.57 -26.77
CA GLY M 44 -49.46 18.61 -25.57
C GLY M 44 -48.28 17.65 -25.68
N PHE M 45 -47.65 17.44 -24.54
CA PHE M 45 -46.54 16.51 -24.42
C PHE M 45 -47.05 15.09 -24.24
N GLU M 46 -46.26 14.13 -24.71
CA GLU M 46 -46.52 12.72 -24.46
C GLU M 46 -45.20 12.08 -24.09
N TRP M 47 -45.21 11.33 -23.01
CA TRP M 47 -44.00 10.65 -22.56
C TRP M 47 -43.75 9.43 -23.42
N ILE M 48 -42.49 9.14 -23.70
CA ILE M 48 -42.10 8.03 -24.56
C ILE M 48 -41.57 6.87 -23.74
N GLY M 49 -40.54 7.12 -22.94
CA GLY M 49 -39.91 6.03 -22.21
C GLY M 49 -38.57 6.48 -21.66
N TRP M 50 -37.90 5.53 -21.02
CA TRP M 50 -36.63 5.85 -20.39
C TRP M 50 -35.65 4.70 -20.52
N ILE M 51 -34.37 5.05 -20.33
CA ILE M 51 -33.26 4.10 -20.42
C ILE M 51 -32.24 4.42 -19.34
N LYS M 52 -31.77 3.39 -18.65
CA LYS M 52 -30.58 3.47 -17.83
C LYS M 52 -29.41 2.91 -18.62
N PRO M 53 -28.38 3.71 -18.90
CA PRO M 53 -27.29 3.23 -19.77
C PRO M 53 -26.35 2.27 -19.09
N LEU M 54 -26.47 2.10 -17.77
CA LEU M 54 -25.59 1.20 -17.02
C LEU M 54 -25.72 -0.22 -17.50
N TRP M 55 -26.93 -0.65 -17.80
CA TRP M 55 -27.13 -1.83 -18.59
C TRP M 55 -27.98 -1.59 -19.81
N GLY M 56 -28.47 -0.37 -20.00
CA GLY M 56 -29.47 -0.15 -21.01
C GLY M 56 -30.82 -0.69 -20.62
N ALA M 57 -31.11 -0.71 -19.33
CA ALA M 57 -32.41 -1.18 -18.89
C ALA M 57 -33.45 -0.14 -19.28
N VAL M 58 -34.37 -0.52 -20.17
CA VAL M 58 -35.33 0.41 -20.71
C VAL M 58 -36.69 0.15 -20.09
N SER M 59 -37.58 1.10 -20.26
CA SER M 59 -39.00 0.87 -20.08
C SER M 59 -39.75 1.80 -21.02
N TYR M 60 -40.68 1.25 -21.77
CA TYR M 60 -41.38 1.98 -22.80
C TYR M 60 -42.76 2.35 -22.29
N ALA M 61 -43.36 3.35 -22.91
CA ALA M 61 -44.77 3.61 -22.65
C ALA M 61 -45.61 2.53 -23.29
N ARG M 62 -46.79 2.30 -22.72
CA ARG M 62 -47.61 1.15 -23.10
C ARG M 62 -48.13 1.27 -24.52
N GLN M 63 -48.81 2.38 -24.81
CA GLN M 63 -49.48 2.58 -26.09
C GLN M 63 -48.54 2.82 -27.26
N LEU M 64 -47.23 2.65 -27.07
CA LEU M 64 -46.29 2.65 -28.18
C LEU M 64 -45.37 1.42 -28.17
N GLN M 65 -45.70 0.38 -27.41
CA GLN M 65 -44.84 -0.78 -27.33
C GLN M 65 -44.83 -1.55 -28.65
N GLY M 66 -43.69 -2.21 -28.90
CA GLY M 66 -43.46 -2.85 -30.17
C GLY M 66 -42.97 -1.93 -31.27
N ARG M 67 -43.06 -0.62 -31.08
CA ARG M 67 -42.70 0.34 -32.10
C ARG M 67 -41.40 1.06 -31.83
N VAL M 68 -41.07 1.33 -30.57
CA VAL M 68 -39.91 2.12 -30.22
C VAL M 68 -38.80 1.19 -29.77
N SER M 69 -37.56 1.64 -29.93
CA SER M 69 -36.39 0.87 -29.51
C SER M 69 -35.34 1.84 -28.99
N MET M 70 -34.76 1.54 -27.84
CA MET M 70 -33.74 2.40 -27.25
C MET M 70 -32.48 1.61 -27.02
N THR M 71 -31.35 2.14 -27.47
CA THR M 71 -30.04 1.54 -27.22
C THR M 71 -29.11 2.61 -26.68
N ARG M 72 -27.92 2.20 -26.27
CA ARG M 72 -26.93 3.16 -25.82
C ARG M 72 -25.54 2.64 -26.11
N GLN M 73 -24.59 3.58 -26.09
CA GLN M 73 -23.17 3.29 -26.18
C GLN M 73 -22.45 4.08 -25.11
N LEU M 74 -21.64 3.39 -24.32
CA LEU M 74 -20.77 4.01 -23.35
C LEU M 74 -19.44 4.36 -24.00
N SER M 75 -18.68 5.20 -23.32
CA SER M 75 -17.32 5.52 -23.71
C SER M 75 -16.38 4.68 -22.86
N GLN M 76 -15.79 3.67 -23.45
CA GLN M 76 -14.90 2.79 -22.70
C GLN M 76 -13.46 3.12 -23.07
N ASP M 77 -12.90 4.07 -22.34
CA ASP M 77 -11.48 4.35 -22.28
C ASP M 77 -11.20 5.03 -20.95
N PRO M 78 -9.97 4.94 -20.44
CA PRO M 78 -9.63 5.67 -19.22
C PRO M 78 -9.30 7.14 -19.43
N ASP M 79 -9.66 7.72 -20.58
CA ASP M 79 -9.41 9.13 -20.84
C ASP M 79 -10.68 9.95 -20.90
N ASP M 80 -11.75 9.43 -21.50
CA ASP M 80 -13.02 10.15 -21.63
C ASP M 80 -14.12 9.33 -20.97
N PRO M 81 -14.26 9.40 -19.65
CA PRO M 81 -15.31 8.66 -18.96
C PRO M 81 -16.64 9.39 -18.89
N ASP M 82 -16.85 10.43 -19.70
CA ASP M 82 -17.97 11.33 -19.53
C ASP M 82 -19.03 11.23 -20.62
N TRP M 83 -18.63 11.24 -21.89
CA TRP M 83 -19.61 11.34 -22.96
C TRP M 83 -20.25 10.00 -23.21
N GLY M 84 -21.53 10.03 -23.53
CA GLY M 84 -22.25 8.81 -23.86
C GLY M 84 -23.25 9.10 -24.95
N VAL M 85 -23.69 8.04 -25.64
CA VAL M 85 -24.57 8.21 -26.78
C VAL M 85 -25.82 7.40 -26.53
N ALA M 86 -26.97 8.05 -26.49
CA ALA M 86 -28.23 7.34 -26.48
C ALA M 86 -28.81 7.35 -27.89
N TYR M 87 -29.64 6.37 -28.19
CA TYR M 87 -30.30 6.30 -29.47
C TYR M 87 -31.79 6.15 -29.26
N MET M 88 -32.52 6.35 -30.35
CA MET M 88 -33.93 6.02 -30.38
C MET M 88 -34.30 5.64 -31.80
N GLU M 89 -34.69 4.40 -32.00
CA GLU M 89 -35.17 3.93 -33.30
C GLU M 89 -36.68 3.78 -33.18
N PHE M 90 -37.39 4.69 -33.82
CA PHE M 90 -38.84 4.71 -33.79
C PHE M 90 -39.34 4.11 -35.09
N SER M 91 -40.13 3.04 -35.00
CA SER M 91 -40.56 2.26 -36.15
C SER M 91 -42.06 2.39 -36.35
N GLY M 92 -42.47 2.13 -37.60
CA GLY M 92 -43.88 2.23 -37.95
C GLY M 92 -44.38 3.66 -37.99
N LEU M 93 -43.82 4.46 -38.90
CA LEU M 93 -44.13 5.87 -38.95
C LEU M 93 -45.49 6.12 -39.59
N THR M 94 -46.27 6.98 -38.97
CA THR M 94 -47.51 7.52 -39.50
C THR M 94 -47.34 9.02 -39.71
N PRO M 95 -48.14 9.64 -40.58
CA PRO M 95 -48.14 11.11 -40.65
C PRO M 95 -48.62 11.79 -39.38
N ALA M 96 -49.32 11.08 -38.50
CA ALA M 96 -49.61 11.64 -37.18
C ALA M 96 -48.37 11.71 -36.30
N ASP M 97 -47.31 10.98 -36.64
CA ASP M 97 -46.09 10.97 -35.85
C ASP M 97 -45.21 12.20 -36.07
N THR M 98 -45.63 13.14 -36.91
CA THR M 98 -44.92 14.40 -37.09
C THR M 98 -44.89 15.18 -35.79
N ALA M 99 -43.69 15.36 -35.24
CA ALA M 99 -43.58 15.87 -33.87
C ALA M 99 -42.16 16.34 -33.62
N GLU M 100 -41.99 17.01 -32.49
CA GLU M 100 -40.67 17.40 -31.98
C GLU M 100 -40.31 16.49 -30.83
N TYR M 101 -39.08 15.98 -30.83
CA TYR M 101 -38.63 15.01 -29.84
C TYR M 101 -37.51 15.61 -29.00
N PHE M 102 -37.41 15.14 -27.77
CA PHE M 102 -36.43 15.62 -26.81
C PHE M 102 -35.83 14.44 -26.05
N CYS M 103 -34.52 14.51 -25.81
CA CYS M 103 -33.83 13.63 -24.87
C CYS M 103 -33.43 14.45 -23.65
N VAL M 104 -33.91 14.05 -22.48
CA VAL M 104 -33.77 14.87 -21.28
C VAL M 104 -33.16 14.08 -20.14
N ARG M 105 -32.59 14.82 -19.19
CA ARG M 105 -31.98 14.27 -18.00
C ARG M 105 -32.50 15.01 -16.77
N ARG M 106 -32.62 14.29 -15.67
CA ARG M 106 -33.22 14.82 -14.46
C ARG M 106 -32.27 15.74 -13.72
N GLY M 107 -32.82 16.38 -12.68
CA GLY M 107 -32.01 17.18 -11.78
C GLY M 107 -31.23 16.32 -10.82
N SER M 108 -30.18 16.90 -10.26
CA SER M 108 -29.19 16.14 -9.50
C SER M 108 -29.15 16.52 -8.03
N CYS M 109 -30.24 17.07 -7.49
CA CYS M 109 -30.27 17.35 -6.07
C CYS M 109 -30.68 16.10 -5.30
N ASP M 110 -30.68 16.20 -3.97
CA ASP M 110 -31.08 15.07 -3.15
C ASP M 110 -32.59 14.89 -3.16
N TYR M 111 -33.34 15.98 -3.18
CA TYR M 111 -34.79 15.89 -3.26
C TYR M 111 -35.28 15.87 -4.70
N CYS M 112 -34.38 15.79 -5.66
CA CYS M 112 -34.78 15.62 -7.05
C CYS M 112 -35.34 14.22 -7.25
N GLY M 113 -36.50 14.14 -7.90
CA GLY M 113 -37.06 12.86 -8.24
C GLY M 113 -36.42 12.31 -9.50
N ASP M 114 -37.23 11.85 -10.44
CA ASP M 114 -36.70 11.42 -11.73
C ASP M 114 -37.33 12.16 -12.89
N PHE M 115 -38.61 12.37 -12.84
CA PHE M 115 -39.33 13.14 -13.84
C PHE M 115 -39.15 14.67 -13.88
N PRO M 116 -38.78 15.37 -12.79
CA PRO M 116 -38.40 16.78 -12.97
C PRO M 116 -37.13 16.97 -13.79
N TRP M 117 -37.32 16.96 -15.10
CA TRP M 117 -36.24 16.92 -16.08
C TRP M 117 -35.54 18.26 -16.12
N GLN M 118 -34.31 18.31 -15.60
CA GLN M 118 -33.58 19.57 -15.57
C GLN M 118 -33.02 19.92 -16.92
N TYR M 119 -32.25 19.02 -17.51
CA TYR M 119 -31.49 19.34 -18.71
C TYR M 119 -32.19 18.79 -19.92
N TRP M 120 -32.20 19.58 -20.99
CA TRP M 120 -33.05 19.36 -22.13
C TRP M 120 -32.24 19.48 -23.41
N GLY M 121 -32.58 18.65 -24.40
CA GLY M 121 -31.98 18.79 -25.69
C GLY M 121 -32.63 19.89 -26.50
N GLN M 122 -32.04 20.16 -27.66
CA GLN M 122 -32.50 21.30 -28.45
C GLN M 122 -33.71 20.98 -29.30
N GLY M 123 -34.15 19.72 -29.35
CA GLY M 123 -35.36 19.39 -30.07
C GLY M 123 -35.12 18.94 -31.49
N THR M 124 -35.72 17.82 -31.87
CA THR M 124 -35.59 17.27 -33.21
C THR M 124 -36.97 17.09 -33.81
N VAL M 125 -37.26 17.80 -34.89
CA VAL M 125 -38.58 17.79 -35.48
C VAL M 125 -38.58 16.86 -36.68
N VAL M 126 -39.49 15.90 -36.67
CA VAL M 126 -39.61 14.95 -37.77
C VAL M 126 -41.01 15.08 -38.36
N VAL M 127 -41.07 15.24 -39.68
CA VAL M 127 -42.33 15.33 -40.40
C VAL M 127 -42.42 14.11 -41.31
N VAL M 128 -43.56 13.44 -41.28
CA VAL M 128 -43.76 12.27 -42.11
C VAL M 128 -44.59 12.63 -43.34
N GLU N 1 -55.86 6.35 -14.01
CA GLU N 1 -54.60 7.05 -14.12
C GLU N 1 -54.70 8.45 -13.54
N ILE N 2 -53.64 9.23 -13.70
CA ILE N 2 -53.60 10.60 -13.20
C ILE N 2 -53.95 11.53 -14.36
N VAL N 3 -54.98 12.34 -14.17
CA VAL N 3 -55.44 13.26 -15.18
C VAL N 3 -55.19 14.68 -14.69
N LEU N 4 -54.56 15.49 -15.52
CA LEU N 4 -54.27 16.87 -15.16
C LEU N 4 -55.22 17.81 -15.89
N THR N 5 -55.64 18.86 -15.19
CA THR N 5 -56.54 19.86 -15.74
C THR N 5 -56.05 21.23 -15.36
N GLN N 6 -55.85 22.11 -16.34
CA GLN N 6 -55.41 23.47 -16.08
C GLN N 6 -56.59 24.41 -16.27
N SER N 7 -56.93 25.16 -15.23
CA SER N 7 -58.13 25.98 -15.25
C SER N 7 -58.09 27.31 -16.01
N PRO N 8 -57.04 28.17 -15.93
CA PRO N 8 -57.21 29.53 -16.50
C PRO N 8 -57.22 29.56 -18.02
N GLY N 9 -56.78 28.51 -18.69
CA GLY N 9 -56.81 28.47 -20.14
C GLY N 9 -55.83 29.47 -20.75
N ILE N 10 -56.36 30.54 -21.32
CA ILE N 10 -55.56 31.66 -21.77
C ILE N 10 -55.77 32.81 -20.80
N LEU N 11 -54.69 33.26 -20.16
CA LEU N 11 -54.76 34.35 -19.20
C LEU N 11 -54.01 35.54 -19.79
N SER N 12 -54.72 36.61 -20.09
CA SER N 12 -54.13 37.80 -20.70
C SER N 12 -54.03 38.90 -19.66
N LEU N 13 -52.82 39.36 -19.40
CA LEU N 13 -52.57 40.41 -18.43
C LEU N 13 -51.52 41.36 -18.98
N SER N 14 -51.39 42.47 -18.31
CA SER N 14 -50.42 43.51 -18.57
C SER N 14 -49.14 43.21 -17.80
N PRO N 15 -47.99 43.66 -18.30
CA PRO N 15 -46.72 43.38 -17.62
C PRO N 15 -46.61 44.09 -16.27
N GLY N 16 -45.70 43.57 -15.45
CA GLY N 16 -45.50 44.08 -14.11
C GLY N 16 -46.47 43.57 -13.08
N GLU N 17 -47.52 42.87 -13.49
CA GLU N 17 -48.60 42.46 -12.61
C GLU N 17 -48.28 41.12 -11.97
N THR N 18 -49.25 40.59 -11.22
CA THR N 18 -49.18 39.23 -10.72
C THR N 18 -50.19 38.37 -11.47
N ALA N 19 -49.93 37.07 -11.48
CA ALA N 19 -50.80 36.13 -12.15
C ALA N 19 -50.79 34.82 -11.40
N THR N 20 -51.85 34.04 -11.56
CA THR N 20 -52.01 32.79 -10.82
C THR N 20 -52.51 31.74 -11.79
N LEU N 21 -51.67 30.76 -12.09
CA LEU N 21 -52.09 29.59 -12.82
C LEU N 21 -52.47 28.49 -11.86
N PHE N 22 -53.46 27.70 -12.25
CA PHE N 22 -54.04 26.71 -11.36
C PHE N 22 -54.11 25.37 -12.06
N CYS N 23 -53.76 24.31 -11.35
CA CYS N 23 -53.90 22.98 -11.92
C CYS N 23 -54.52 22.03 -10.90
N LYS N 24 -55.16 21.00 -11.42
CA LYS N 24 -55.96 20.10 -10.62
C LYS N 24 -55.71 18.67 -11.11
N ALA N 25 -55.46 17.78 -10.16
CA ALA N 25 -55.13 16.40 -10.45
C ALA N 25 -56.26 15.48 -10.03
N SER N 26 -56.29 14.30 -10.64
CA SER N 26 -57.30 13.32 -10.29
C SER N 26 -57.00 12.67 -8.95
N GLN N 27 -55.75 12.30 -8.71
CA GLN N 27 -55.35 11.62 -7.48
C GLN N 27 -54.49 12.55 -6.65
N GLY N 28 -54.88 12.76 -5.41
CA GLY N 28 -54.08 13.56 -4.51
C GLY N 28 -53.02 12.74 -3.81
N GLY N 29 -52.02 13.44 -3.28
CA GLY N 29 -51.00 12.83 -2.46
C GLY N 29 -49.59 12.95 -3.00
N ASN N 30 -49.38 13.30 -4.25
CA ASN N 30 -48.04 13.38 -4.81
C ASN N 30 -47.73 14.83 -5.18
N ALA N 31 -46.51 15.03 -5.68
CA ALA N 31 -46.00 16.38 -5.93
C ALA N 31 -46.43 16.88 -7.30
N MET N 32 -45.97 18.08 -7.64
CA MET N 32 -46.34 18.73 -8.89
C MET N 32 -45.15 19.48 -9.45
N THR N 33 -45.01 19.45 -10.78
CA THR N 33 -43.88 20.03 -11.47
C THR N 33 -44.37 21.02 -12.50
N TRP N 34 -43.69 22.17 -12.62
CA TRP N 34 -44.08 23.22 -13.55
C TRP N 34 -43.01 23.45 -14.60
N TYR N 35 -43.43 23.58 -15.84
CA TYR N 35 -42.55 23.86 -16.96
C TYR N 35 -42.94 25.17 -17.64
N GLN N 36 -41.95 25.94 -18.06
CA GLN N 36 -42.15 27.09 -18.93
C GLN N 36 -41.60 26.78 -20.31
N LYS N 37 -42.39 27.08 -21.33
CA LYS N 37 -41.91 27.04 -22.71
C LYS N 37 -42.23 28.38 -23.36
N ARG N 38 -41.19 29.06 -23.84
CA ARG N 38 -41.38 30.25 -24.63
C ARG N 38 -41.56 29.88 -26.10
N ARG N 39 -41.73 30.90 -26.94
CA ARG N 39 -42.02 30.70 -28.34
C ARG N 39 -40.78 30.20 -29.07
N GLY N 40 -40.87 28.98 -29.61
CA GLY N 40 -39.80 28.43 -30.42
C GLY N 40 -38.50 28.20 -29.67
N GLN N 41 -38.58 27.98 -28.37
CA GLN N 41 -37.39 27.81 -27.55
C GLN N 41 -37.43 26.47 -26.83
N VAL N 42 -36.29 26.10 -26.28
CA VAL N 42 -36.21 24.90 -25.47
C VAL N 42 -36.90 25.15 -24.13
N PRO N 43 -37.77 24.25 -23.67
CA PRO N 43 -38.46 24.47 -22.40
C PRO N 43 -37.52 24.41 -21.20
N ARG N 44 -38.08 24.71 -20.04
CA ARG N 44 -37.29 25.02 -18.86
C ARG N 44 -38.11 24.67 -17.63
N LEU N 45 -37.46 24.08 -16.63
CA LEU N 45 -38.17 23.75 -15.41
C LEU N 45 -38.28 24.98 -14.53
N LEU N 46 -39.48 25.25 -14.04
CA LEU N 46 -39.63 26.30 -13.03
C LEU N 46 -39.66 25.71 -11.62
N ILE N 47 -40.64 24.86 -11.34
CA ILE N 47 -40.90 24.38 -9.99
C ILE N 47 -40.85 22.86 -10.01
N TYR N 48 -40.05 22.28 -9.14
CA TYR N 48 -40.07 20.86 -8.87
C TYR N 48 -40.38 20.67 -7.39
N ASP N 49 -41.01 19.53 -7.08
CA ASP N 49 -41.45 19.15 -5.73
C ASP N 49 -42.41 20.18 -5.14
N THR N 50 -43.12 20.89 -6.03
CA THR N 50 -44.29 21.75 -5.79
C THR N 50 -43.93 23.04 -5.06
N SER N 51 -42.71 23.14 -4.53
CA SER N 51 -42.26 24.39 -3.93
C SER N 51 -40.81 24.73 -4.17
N ARG N 52 -40.04 23.88 -4.82
CA ARG N 52 -38.61 24.10 -4.98
C ARG N 52 -38.36 24.67 -6.37
N ARG N 53 -37.46 25.64 -6.44
CA ARG N 53 -37.16 26.30 -7.70
C ARG N 53 -35.90 25.71 -8.31
N ALA N 54 -35.81 25.79 -9.63
CA ALA N 54 -34.67 25.24 -10.35
C ALA N 54 -33.51 26.23 -10.33
N SER N 55 -32.44 25.91 -11.04
CA SER N 55 -31.30 26.80 -11.14
C SER N 55 -31.64 27.99 -12.02
N GLY N 56 -31.14 29.17 -11.65
CA GLY N 56 -31.40 30.37 -12.41
C GLY N 56 -32.83 30.85 -12.36
N VAL N 57 -33.61 30.40 -11.38
CA VAL N 57 -35.00 30.79 -11.24
C VAL N 57 -35.07 31.91 -10.21
N PRO N 58 -35.46 33.12 -10.60
CA PRO N 58 -35.71 34.16 -9.60
C PRO N 58 -36.95 33.81 -8.79
N ASP N 59 -36.97 34.26 -7.55
CA ASP N 59 -38.01 33.85 -6.62
C ASP N 59 -39.33 34.61 -6.79
N ARG N 60 -39.55 35.25 -7.94
CA ARG N 60 -40.88 35.75 -8.25
C ARG N 60 -41.79 34.66 -8.79
N PHE N 61 -41.30 33.42 -8.90
CA PHE N 61 -42.13 32.25 -9.15
C PHE N 61 -42.32 31.53 -7.83
N VAL N 62 -43.56 31.42 -7.36
CA VAL N 62 -43.87 30.75 -6.11
C VAL N 62 -44.91 29.68 -6.39
N GLY N 63 -44.56 28.43 -6.15
CA GLY N 63 -45.48 27.33 -6.29
C GLY N 63 -45.99 26.88 -4.93
N SER N 64 -47.25 26.46 -4.90
CA SER N 64 -47.88 25.99 -3.67
C SER N 64 -49.05 25.09 -4.03
N GLY N 65 -49.87 24.78 -3.04
CA GLY N 65 -51.03 23.94 -3.23
C GLY N 65 -50.92 22.65 -2.45
N SER N 66 -52.06 21.98 -2.33
CA SER N 66 -52.12 20.72 -1.60
C SER N 66 -53.31 19.92 -2.11
N GLY N 67 -53.37 18.67 -1.67
CA GLY N 67 -54.40 17.75 -2.08
C GLY N 67 -54.35 17.49 -3.57
N THR N 68 -55.30 18.05 -4.29
CA THR N 68 -55.28 18.05 -5.75
C THR N 68 -55.16 19.44 -6.34
N ASP N 69 -55.35 20.48 -5.56
CA ASP N 69 -55.40 21.85 -6.06
C ASP N 69 -54.05 22.51 -5.87
N PHE N 70 -53.42 22.92 -6.98
CA PHE N 70 -52.05 23.40 -6.96
C PHE N 70 -51.97 24.75 -7.65
N PHE N 71 -51.13 25.62 -7.08
CA PHE N 71 -51.01 27.02 -7.46
C PHE N 71 -49.63 27.29 -8.03
N LEU N 72 -49.57 28.08 -9.09
CA LEU N 72 -48.34 28.66 -9.61
C LEU N 72 -48.54 30.16 -9.68
N THR N 73 -47.96 30.89 -8.73
CA THR N 73 -48.16 32.32 -8.61
C THR N 73 -46.90 33.03 -9.11
N ILE N 74 -47.07 34.01 -9.98
CA ILE N 74 -45.97 34.83 -10.46
C ILE N 74 -46.23 36.27 -10.03
N ASN N 75 -45.25 36.86 -9.37
CA ASN N 75 -45.30 38.27 -9.01
C ASN N 75 -44.43 39.06 -9.97
N LYS N 76 -44.89 40.27 -10.32
CA LYS N 76 -44.14 41.25 -11.11
C LYS N 76 -43.73 40.66 -12.47
N LEU N 77 -44.76 40.48 -13.32
CA LEU N 77 -44.57 39.88 -14.64
C LEU N 77 -43.59 40.67 -15.48
N ASP N 78 -42.44 40.06 -15.77
CA ASP N 78 -41.57 40.53 -16.82
C ASP N 78 -42.17 40.09 -18.16
N ARG N 79 -41.81 40.84 -19.22
CA ARG N 79 -42.28 40.49 -20.56
C ARG N 79 -41.84 39.11 -20.98
N GLU N 80 -40.60 38.73 -20.66
CA GLU N 80 -40.10 37.38 -20.91
C GLU N 80 -40.87 36.32 -20.14
N ASP N 81 -41.56 36.71 -19.07
CA ASP N 81 -42.40 35.78 -18.34
C ASP N 81 -43.66 35.40 -19.10
N PHE N 82 -44.03 36.14 -20.15
CA PHE N 82 -45.24 35.84 -20.91
C PHE N 82 -44.95 34.68 -21.86
N ALA N 83 -45.39 33.49 -21.48
CA ALA N 83 -45.09 32.28 -22.25
C ALA N 83 -46.14 31.23 -21.96
N VAL N 84 -45.85 30.00 -22.38
CA VAL N 84 -46.73 28.86 -22.18
C VAL N 84 -46.24 28.11 -20.96
N TYR N 85 -47.17 27.55 -20.19
CA TYR N 85 -46.82 26.91 -18.93
C TYR N 85 -47.54 25.57 -18.82
N TYR N 86 -46.78 24.55 -18.43
CA TYR N 86 -47.29 23.20 -18.29
C TYR N 86 -47.16 22.74 -16.84
N CYS N 87 -48.07 21.86 -16.44
CA CYS N 87 -47.94 21.10 -15.21
C CYS N 87 -47.74 19.65 -15.57
N GLN N 88 -46.81 18.99 -14.88
CA GLN N 88 -46.70 17.56 -15.01
C GLN N 88 -46.64 16.93 -13.62
N GLN N 89 -47.38 15.84 -13.49
CA GLN N 89 -47.09 14.77 -12.58
C GLN N 89 -46.56 13.66 -13.48
N PHE N 90 -46.18 12.53 -12.88
CA PHE N 90 -45.07 11.66 -13.26
C PHE N 90 -44.79 11.52 -14.75
N GLU N 91 -45.73 11.02 -15.52
CA GLU N 91 -45.57 11.07 -16.97
C GLU N 91 -46.68 11.84 -17.65
N PHE N 92 -47.68 12.27 -16.90
CA PHE N 92 -48.84 12.91 -17.47
C PHE N 92 -48.59 14.40 -17.63
N PHE N 93 -49.50 15.07 -18.32
CA PHE N 93 -49.28 16.48 -18.64
C PHE N 93 -50.59 17.24 -18.63
N GLY N 94 -50.54 18.47 -18.12
CA GLY N 94 -51.57 19.43 -18.42
C GLY N 94 -51.43 19.92 -19.85
N LEU N 95 -52.53 20.46 -20.38
CA LEU N 95 -52.57 20.81 -21.79
C LEU N 95 -51.98 22.18 -22.10
N GLY N 96 -51.53 22.91 -21.09
CA GLY N 96 -50.84 24.15 -21.36
C GLY N 96 -51.69 25.39 -21.17
N SER N 97 -51.17 26.31 -20.36
CA SER N 97 -51.82 27.58 -20.10
C SER N 97 -50.97 28.69 -20.70
N GLU N 98 -51.60 29.58 -21.46
CA GLU N 98 -50.90 30.61 -22.20
C GLU N 98 -51.07 31.95 -21.50
N LEU N 99 -49.96 32.52 -21.06
CA LEU N 99 -49.94 33.84 -20.47
C LEU N 99 -49.65 34.85 -21.58
N GLU N 100 -50.54 35.81 -21.74
CA GLU N 100 -50.55 36.68 -22.91
C GLU N 100 -50.43 38.14 -22.47
N VAL N 101 -49.77 38.94 -23.29
CA VAL N 101 -49.56 40.35 -23.02
C VAL N 101 -50.84 41.09 -23.40
N HIS N 102 -51.57 41.58 -22.40
CA HIS N 102 -52.72 42.41 -22.70
C HIS N 102 -52.28 43.83 -23.05
N GLN O 1 -28.60 63.29 25.87
CA GLN O 1 -28.22 62.62 27.10
C GLN O 1 -27.04 61.67 26.89
N VAL O 2 -27.28 60.61 26.11
CA VAL O 2 -26.27 59.58 25.90
C VAL O 2 -25.22 60.16 24.97
N GLN O 3 -24.12 60.65 25.53
CA GLN O 3 -23.19 61.47 24.77
C GLN O 3 -21.77 61.27 25.30
N LEU O 4 -20.81 61.40 24.41
CA LEU O 4 -19.40 61.27 24.73
C LEU O 4 -18.85 62.67 24.95
N GLN O 5 -18.88 63.12 26.21
CA GLN O 5 -18.44 64.46 26.59
C GLN O 5 -16.93 64.51 26.52
N GLN O 6 -16.40 65.08 25.45
CA GLN O 6 -14.97 64.99 25.19
C GLN O 6 -14.22 66.14 25.88
N SER O 7 -12.95 66.29 25.54
CA SER O 7 -12.10 67.34 26.10
C SER O 7 -12.17 68.58 25.21
N GLY O 8 -11.25 69.52 25.43
CA GLY O 8 -11.22 70.74 24.64
C GLY O 8 -10.31 70.63 23.43
N THR O 9 -10.46 71.61 22.53
CA THR O 9 -9.64 71.68 21.32
C THR O 9 -8.23 72.12 21.67
N GLU O 10 -7.24 71.33 21.24
CA GLU O 10 -5.86 71.53 21.64
C GLU O 10 -5.06 72.18 20.52
N LEU O 11 -4.22 73.14 20.90
CA LEU O 11 -3.33 73.87 19.99
C LEU O 11 -1.94 73.81 20.59
N VAL O 12 -1.15 72.81 20.17
CA VAL O 12 0.07 72.45 20.89
C VAL O 12 1.28 72.57 19.98
N TRP O 13 2.44 72.38 20.59
CA TRP O 13 3.80 72.46 20.08
C TRP O 13 4.24 71.10 19.57
N PRO O 14 5.31 71.05 18.77
CA PRO O 14 5.91 69.75 18.45
C PRO O 14 6.59 69.11 19.64
N GLY O 15 6.42 67.80 19.78
CA GLY O 15 7.14 67.02 20.75
C GLY O 15 6.57 67.00 22.15
N THR O 16 5.45 67.67 22.39
CA THR O 16 4.89 67.74 23.73
C THR O 16 3.98 66.55 24.00
N SER O 17 3.31 66.56 25.16
CA SER O 17 2.37 65.52 25.54
C SER O 17 1.07 66.16 26.00
N VAL O 18 -0.03 65.47 25.75
CA VAL O 18 -1.37 65.99 25.99
C VAL O 18 -2.27 64.84 26.38
N THR O 19 -3.40 65.14 27.00
CA THR O 19 -4.36 64.12 27.44
C THR O 19 -5.75 64.50 26.98
N LEU O 20 -6.39 63.61 26.22
CA LEU O 20 -7.73 63.84 25.69
C LEU O 20 -8.72 62.98 26.46
N SER O 21 -9.75 63.62 27.01
CA SER O 21 -10.72 62.95 27.85
C SER O 21 -11.99 62.65 27.06
N CYS O 22 -12.75 61.67 27.57
CA CYS O 22 -14.03 61.29 26.99
C CYS O 22 -14.89 60.73 28.12
N LYS O 23 -15.77 61.57 28.65
CA LYS O 23 -16.72 61.16 29.66
C LYS O 23 -17.91 60.44 29.01
N ALA O 24 -18.24 59.27 29.53
CA ALA O 24 -19.51 58.67 29.19
C ALA O 24 -20.64 59.48 29.81
N SER O 25 -21.73 59.67 29.07
CA SER O 25 -22.82 60.50 29.52
C SER O 25 -24.14 59.76 29.33
N GLY O 26 -24.82 59.47 30.42
CA GLY O 26 -26.17 58.95 30.40
C GLY O 26 -26.29 57.45 30.29
N TYR O 27 -25.22 56.70 30.48
CA TYR O 27 -25.29 55.25 30.34
C TYR O 27 -24.23 54.59 31.22
N THR O 28 -24.17 53.27 31.15
CA THR O 28 -23.23 52.50 31.95
C THR O 28 -21.84 52.55 31.33
N PHE O 29 -20.89 53.11 32.07
CA PHE O 29 -19.53 53.28 31.54
C PHE O 29 -18.82 51.94 31.40
N THR O 30 -18.93 51.08 32.40
CA THR O 30 -18.02 49.95 32.60
C THR O 30 -18.33 48.74 31.72
N ASP O 31 -19.06 48.89 30.62
CA ASP O 31 -19.29 47.74 29.76
C ASP O 31 -19.17 48.00 28.27
N TYR O 32 -19.12 49.25 27.81
CA TYR O 32 -19.24 49.56 26.39
C TYR O 32 -17.92 50.07 25.86
N GLU O 33 -17.33 49.31 24.94
CA GLU O 33 -15.93 49.49 24.55
C GLU O 33 -15.71 50.79 23.79
N ILE O 34 -14.63 51.49 24.13
CA ILE O 34 -14.34 52.81 23.60
C ILE O 34 -13.27 52.68 22.52
N HIS O 35 -13.52 53.31 21.39
CA HIS O 35 -12.58 53.39 20.27
C HIS O 35 -12.26 54.85 19.97
N TRP O 36 -11.16 55.03 19.25
CA TRP O 36 -10.66 56.35 18.91
C TRP O 36 -10.38 56.41 17.42
N VAL O 37 -10.87 57.46 16.77
CA VAL O 37 -10.84 57.58 15.32
C VAL O 37 -10.08 58.86 14.96
N LYS O 38 -8.94 58.68 14.29
CA LYS O 38 -8.18 59.80 13.76
C LYS O 38 -8.85 60.37 12.53
N GLN O 39 -8.85 61.70 12.42
CA GLN O 39 -9.48 62.41 11.31
C GLN O 39 -8.47 63.41 10.78
N THR O 40 -7.72 63.00 9.84
CA THR O 40 -7.02 64.03 9.09
C THR O 40 -7.77 64.34 7.81
N PRO O 41 -7.58 65.55 7.26
CA PRO O 41 -8.07 65.79 5.89
C PRO O 41 -7.33 64.98 4.83
N VAL O 42 -6.10 64.56 5.10
CA VAL O 42 -5.31 63.87 4.08
C VAL O 42 -5.60 62.36 4.05
N HIS O 43 -5.85 61.73 5.20
CA HIS O 43 -6.11 60.30 5.26
C HIS O 43 -7.55 59.98 5.61
N GLY O 44 -8.36 60.98 5.95
CA GLY O 44 -9.71 60.73 6.40
C GLY O 44 -9.73 60.14 7.79
N LEU O 45 -10.32 58.95 7.92
CA LEU O 45 -10.48 58.30 9.20
C LEU O 45 -9.50 57.14 9.34
N GLU O 46 -8.93 57.00 10.53
CA GLU O 46 -8.03 55.91 10.84
C GLU O 46 -8.37 55.35 12.22
N TRP O 47 -8.26 54.04 12.38
CA TRP O 47 -8.47 53.41 13.67
C TRP O 47 -7.24 53.62 14.53
N ILE O 48 -7.42 54.19 15.73
CA ILE O 48 -6.29 54.47 16.61
C ILE O 48 -6.05 53.29 17.54
N GLY O 49 -7.04 52.99 18.37
CA GLY O 49 -6.89 51.93 19.35
C GLY O 49 -8.22 51.71 20.04
N ALA O 50 -8.17 50.86 21.05
CA ALA O 50 -9.38 50.58 21.81
C ALA O 50 -9.02 50.16 23.22
N ILE O 51 -9.94 50.43 24.15
CA ILE O 51 -9.77 50.10 25.55
C ILE O 51 -11.05 49.49 26.08
N VAL O 52 -10.92 48.40 26.83
CA VAL O 52 -12.06 47.84 27.55
C VAL O 52 -12.28 48.67 28.81
N PRO O 53 -13.51 49.12 29.08
CA PRO O 53 -13.72 49.98 30.25
C PRO O 53 -13.57 49.27 31.58
N LYS O 54 -13.99 48.01 31.65
CA LYS O 54 -14.01 47.33 32.93
C LYS O 54 -12.65 46.76 33.30
N THR O 55 -11.96 46.12 32.36
CA THR O 55 -10.69 45.49 32.65
C THR O 55 -9.50 46.34 32.27
N GLY O 56 -9.71 47.46 31.57
CA GLY O 56 -8.59 48.26 31.13
C GLY O 56 -7.77 47.65 30.02
N TYR O 57 -8.30 46.62 29.35
CA TYR O 57 -7.55 45.93 28.29
C TYR O 57 -7.48 46.81 27.06
N THR O 58 -6.27 47.13 26.64
CA THR O 58 -6.03 48.04 25.53
C THR O 58 -5.40 47.27 24.38
N ALA O 59 -5.68 47.74 23.16
CA ALA O 59 -4.94 47.28 22.00
C ALA O 59 -4.84 48.43 21.00
N TYR O 60 -3.65 48.57 20.42
CA TYR O 60 -3.27 49.74 19.65
C TYR O 60 -2.99 49.35 18.22
N ASN O 61 -3.21 50.28 17.30
CA ASN O 61 -2.79 50.07 15.94
C ASN O 61 -1.26 50.13 15.86
N GLN O 62 -0.71 49.51 14.81
CA GLN O 62 0.73 49.45 14.64
C GLN O 62 1.33 50.83 14.39
N LYS O 63 0.54 51.73 13.79
CA LYS O 63 1.00 53.09 13.54
C LYS O 63 1.20 53.85 14.85
N PHE O 64 0.28 53.69 15.80
CA PHE O 64 0.27 54.45 17.04
C PHE O 64 1.08 53.79 18.14
N ARG O 65 1.97 52.85 17.78
CA ARG O 65 2.67 52.01 18.75
C ARG O 65 3.65 52.87 19.55
N GLY O 66 3.30 53.11 20.82
CA GLY O 66 4.02 54.04 21.64
C GLY O 66 3.58 55.48 21.49
N LYS O 67 2.74 55.78 20.50
CA LYS O 67 2.32 57.16 20.27
C LYS O 67 1.11 57.51 21.11
N ALA O 68 0.19 56.57 21.32
CA ALA O 68 -1.00 56.79 22.12
C ALA O 68 -1.05 55.78 23.25
N ILE O 69 -1.48 56.22 24.43
CA ILE O 69 -1.62 55.36 25.59
C ILE O 69 -2.99 55.59 26.20
N LEU O 70 -3.79 54.53 26.30
CA LEU O 70 -5.16 54.63 26.79
C LEU O 70 -5.22 54.27 28.27
N THR O 71 -5.84 55.15 29.06
CA THR O 71 -6.23 54.84 30.43
C THR O 71 -7.73 55.07 30.57
N ALA O 72 -8.29 54.62 31.68
CA ALA O 72 -9.71 54.79 31.91
C ALA O 72 -9.95 55.00 33.40
N ASP O 73 -10.96 55.80 33.72
CA ASP O 73 -11.35 56.06 35.10
C ASP O 73 -12.76 55.53 35.31
N LYS O 74 -12.87 54.50 36.14
CA LYS O 74 -14.17 53.97 36.52
C LYS O 74 -14.90 54.92 37.46
N SER O 75 -14.15 55.73 38.21
CA SER O 75 -14.78 56.69 39.12
C SER O 75 -15.44 57.82 38.35
N SER O 76 -14.65 58.58 37.59
CA SER O 76 -15.20 59.68 36.80
C SER O 76 -15.79 59.21 35.48
N SER O 77 -15.74 57.90 35.20
CA SER O 77 -16.33 57.26 34.02
C SER O 77 -15.77 57.86 32.73
N THR O 78 -14.46 58.07 32.71
CA THR O 78 -13.84 58.88 31.66
C THR O 78 -12.67 58.14 31.06
N ALA O 79 -12.73 57.89 29.76
CA ALA O 79 -11.57 57.39 29.05
C ALA O 79 -10.59 58.53 28.82
N TYR O 80 -9.32 58.18 28.75
CA TYR O 80 -8.26 59.16 28.55
C TYR O 80 -7.27 58.60 27.53
N MET O 81 -6.85 59.46 26.62
CA MET O 81 -5.88 59.11 25.60
C MET O 81 -4.70 60.05 25.75
N ASP O 82 -3.59 59.54 26.27
CA ASP O 82 -2.35 60.28 26.37
C ASP O 82 -1.63 60.23 25.04
N LEU O 83 -1.32 61.41 24.51
CA LEU O 83 -0.68 61.57 23.21
C LEU O 83 0.67 62.22 23.46
N ARG O 84 1.74 61.50 23.16
CA ARG O 84 3.08 61.87 23.59
C ARG O 84 3.98 62.12 22.39
N ARG O 85 4.85 63.13 22.53
CA ARG O 85 5.89 63.48 21.57
C ARG O 85 5.29 63.81 20.21
N LEU O 86 4.49 64.87 20.20
CA LEU O 86 3.58 65.12 19.10
C LEU O 86 4.31 65.69 17.88
N THR O 87 3.87 65.25 16.71
CA THR O 87 4.33 65.76 15.43
C THR O 87 3.15 66.35 14.68
N SER O 88 3.44 67.04 13.57
CA SER O 88 2.45 67.83 12.84
C SER O 88 1.33 66.99 12.26
N GLU O 89 1.60 65.71 11.96
CA GLU O 89 0.57 64.79 11.49
C GLU O 89 -0.51 64.55 12.54
N ASP O 90 -0.18 64.75 13.82
CA ASP O 90 -1.17 64.70 14.90
C ASP O 90 -2.19 65.83 14.82
N SER O 91 -1.93 66.86 14.03
CA SER O 91 -2.91 67.93 13.82
C SER O 91 -4.10 67.35 13.08
N ALA O 92 -5.16 67.07 13.82
CA ALA O 92 -6.25 66.23 13.33
C ALA O 92 -7.46 66.43 14.23
N VAL O 93 -8.51 65.69 13.94
CA VAL O 93 -9.71 65.66 14.77
C VAL O 93 -9.86 64.23 15.29
N TYR O 94 -9.89 64.07 16.61
CA TYR O 94 -9.92 62.77 17.23
C TYR O 94 -11.32 62.53 17.78
N TYR O 95 -11.94 61.45 17.33
CA TYR O 95 -13.30 61.10 17.70
C TYR O 95 -13.28 59.98 18.72
N CYS O 96 -13.96 60.21 19.84
CA CYS O 96 -14.29 59.17 20.79
C CYS O 96 -15.59 58.51 20.36
N THR O 97 -15.62 57.18 20.38
CA THR O 97 -16.83 56.49 19.97
C THR O 97 -16.97 55.20 20.76
N ARG O 98 -18.20 54.67 20.83
CA ARG O 98 -18.47 53.53 21.70
C ARG O 98 -19.25 52.46 20.95
N LEU O 99 -19.07 51.21 21.40
CA LEU O 99 -19.86 50.09 20.93
C LEU O 99 -20.10 49.15 22.09
N ARG O 100 -20.92 48.14 21.85
CA ARG O 100 -20.89 46.89 22.59
C ARG O 100 -20.38 45.81 21.63
N ASN O 101 -19.99 44.67 22.20
CA ASN O 101 -19.36 43.60 21.44
C ASN O 101 -20.31 43.03 20.39
N TYR O 102 -19.75 42.71 19.22
CA TYR O 102 -20.46 42.23 18.03
C TYR O 102 -21.53 43.20 17.54
N TRP O 103 -21.38 44.49 17.85
CA TRP O 103 -22.35 45.48 17.42
C TRP O 103 -21.61 46.73 16.97
N TYR O 104 -22.40 47.74 16.64
CA TYR O 104 -21.99 48.91 15.89
C TYR O 104 -21.65 50.08 16.79
N PHE O 105 -21.19 51.17 16.18
CA PHE O 105 -21.01 52.43 16.87
C PHE O 105 -22.29 53.24 16.79
N ASP O 106 -22.90 53.51 17.93
CA ASP O 106 -24.12 54.31 18.02
C ASP O 106 -23.87 55.75 18.40
N VAL O 107 -23.02 55.98 19.39
CA VAL O 107 -22.83 57.29 19.98
C VAL O 107 -21.50 57.85 19.52
N TRP O 108 -21.51 59.10 19.08
CA TRP O 108 -20.36 59.75 18.51
C TRP O 108 -20.12 61.08 19.21
N GLY O 109 -18.91 61.27 19.70
CA GLY O 109 -18.60 62.46 20.45
C GLY O 109 -18.41 63.68 19.57
N THR O 110 -17.82 64.70 20.17
CA THR O 110 -17.66 65.97 19.48
C THR O 110 -16.59 65.87 18.40
N GLY O 111 -15.44 65.30 18.72
CA GLY O 111 -14.30 65.28 17.82
C GLY O 111 -13.42 66.46 18.17
N THR O 112 -12.29 66.20 18.82
CA THR O 112 -11.44 67.26 19.35
C THR O 112 -10.26 67.45 18.44
N THR O 113 -10.04 68.70 18.01
CA THR O 113 -8.92 69.00 17.13
C THR O 113 -7.67 69.23 17.97
N VAL O 114 -6.61 68.52 17.62
CA VAL O 114 -5.29 68.75 18.20
C VAL O 114 -4.38 69.20 17.07
N THR O 115 -3.94 70.45 17.14
CA THR O 115 -3.13 71.04 16.08
C THR O 115 -1.70 71.23 16.60
N VAL O 116 -0.75 70.60 15.92
CA VAL O 116 0.64 70.66 16.32
C VAL O 116 1.39 71.67 15.47
N ASP P 1 -2.94 44.36 5.56
CA ASP P 1 -3.77 43.45 6.34
C ASP P 1 -5.25 43.79 6.22
N PHE P 2 -5.96 42.98 5.41
CA PHE P 2 -7.40 43.07 5.19
C PHE P 2 -7.81 44.46 4.70
N LEU P 3 -7.04 45.00 3.76
CA LEU P 3 -7.26 46.37 3.32
C LEU P 3 -8.52 46.46 2.46
N MET P 4 -9.03 47.68 2.34
CA MET P 4 -10.31 47.92 1.68
C MET P 4 -10.09 48.92 0.54
N ALA P 5 -10.30 48.46 -0.68
CA ALA P 5 -10.27 49.33 -1.85
C ALA P 5 -11.69 49.81 -2.13
N GLN P 6 -11.93 51.10 -1.93
CA GLN P 6 -13.26 51.68 -1.99
C GLN P 6 -13.43 52.39 -3.32
N THR P 7 -14.31 51.86 -4.18
CA THR P 7 -14.56 52.42 -5.49
C THR P 7 -16.02 52.85 -5.58
N PRO P 8 -16.33 54.15 -5.77
CA PRO P 8 -15.40 55.26 -5.94
C PRO P 8 -14.95 55.90 -4.63
N LEU P 9 -14.09 56.92 -4.74
CA LEU P 9 -13.63 57.70 -3.60
C LEU P 9 -14.30 59.06 -3.48
N SER P 10 -15.16 59.41 -4.42
CA SER P 10 -16.00 60.60 -4.34
C SER P 10 -17.18 60.38 -5.28
N LEU P 11 -18.38 60.74 -4.81
CA LEU P 11 -19.62 60.48 -5.54
C LEU P 11 -20.32 61.80 -5.82
N PRO P 12 -20.10 62.42 -6.98
CA PRO P 12 -20.97 63.51 -7.41
C PRO P 12 -22.19 62.97 -8.15
N VAL P 13 -23.39 63.20 -7.62
CA VAL P 13 -24.61 62.65 -8.21
C VAL P 13 -25.76 63.59 -7.84
N SER P 14 -26.75 63.67 -8.73
CA SER P 14 -27.90 64.53 -8.53
C SER P 14 -28.84 63.96 -7.48
N LEU P 15 -29.82 64.78 -7.09
CA LEU P 15 -30.76 64.38 -6.05
C LEU P 15 -31.81 63.43 -6.61
N GLY P 16 -32.14 62.40 -5.84
CA GLY P 16 -33.15 61.43 -6.21
C GLY P 16 -32.63 60.18 -6.88
N ASP P 17 -31.39 60.17 -7.33
CA ASP P 17 -30.82 59.02 -8.02
C ASP P 17 -30.24 58.02 -7.02
N GLN P 18 -30.02 56.80 -7.50
CA GLN P 18 -29.47 55.74 -6.67
C GLN P 18 -27.96 55.94 -6.49
N ALA P 19 -27.38 55.13 -5.60
CA ALA P 19 -25.95 55.18 -5.34
C ALA P 19 -25.44 53.77 -5.11
N SER P 20 -24.26 53.47 -5.65
CA SER P 20 -23.65 52.15 -5.55
C SER P 20 -22.15 52.31 -5.37
N ILE P 21 -21.63 51.82 -4.24
CA ILE P 21 -20.21 51.87 -3.94
C ILE P 21 -19.72 50.44 -3.75
N SER P 22 -18.77 50.03 -4.58
CA SER P 22 -18.14 48.73 -4.47
C SER P 22 -16.85 48.88 -3.66
N CYS P 23 -16.87 48.40 -2.43
CA CYS P 23 -15.66 48.30 -1.62
C CYS P 23 -15.23 46.84 -1.61
N ARG P 24 -13.99 46.60 -2.00
CA ARG P 24 -13.49 45.23 -2.13
C ARG P 24 -12.36 45.01 -1.14
N SER P 25 -12.43 43.89 -0.42
CA SER P 25 -11.39 43.55 0.52
C SER P 25 -10.27 42.79 -0.18
N SER P 26 -9.20 42.53 0.57
CA SER P 26 -8.12 41.71 0.04
C SER P 26 -8.55 40.26 -0.06
N GLN P 27 -9.29 39.77 0.93
CA GLN P 27 -9.82 38.40 0.95
C GLN P 27 -11.03 38.40 1.89
N SER P 28 -11.44 37.22 2.33
CA SER P 28 -12.60 37.07 3.20
C SER P 28 -12.38 37.75 4.55
N ILE P 29 -13.22 38.73 4.86
CA ILE P 29 -13.16 39.41 6.15
C ILE P 29 -14.35 38.94 6.99
N VAL P 30 -14.81 37.73 6.74
CA VAL P 30 -15.90 37.16 7.51
C VAL P 30 -15.37 36.69 8.85
N TYR P 31 -16.00 37.14 9.93
CA TYR P 31 -15.64 36.63 11.25
C TYR P 31 -16.21 35.23 11.42
N SER P 32 -15.68 34.50 12.40
CA SER P 32 -16.01 33.10 12.62
C SER P 32 -17.48 32.85 12.95
N ASP P 33 -18.23 33.89 13.34
CA ASP P 33 -19.68 33.76 13.52
C ASP P 33 -20.46 33.86 12.20
N GLY P 34 -19.78 33.88 11.05
CA GLY P 34 -20.43 33.92 9.77
C GLY P 34 -20.80 35.30 9.27
N ASN P 35 -20.81 36.29 10.14
CA ASN P 35 -21.24 37.64 9.76
C ASN P 35 -20.07 38.42 9.20
N THR P 36 -20.29 39.01 8.02
CA THR P 36 -19.28 39.87 7.40
C THR P 36 -19.40 41.25 8.02
N TYR P 37 -18.49 41.57 8.94
CA TYR P 37 -18.60 42.81 9.71
C TYR P 37 -17.96 43.95 8.91
N LEU P 38 -18.71 44.43 7.93
CA LEU P 38 -18.40 45.65 7.21
C LEU P 38 -19.38 46.73 7.66
N GLU P 39 -18.86 47.93 7.93
CA GLU P 39 -19.73 49.04 8.29
C GLU P 39 -19.55 50.21 7.33
N TRP P 40 -20.65 50.92 7.07
CA TRP P 40 -20.68 52.08 6.20
C TRP P 40 -21.02 53.31 7.03
N TYR P 41 -20.18 54.33 6.96
CA TYR P 41 -20.31 55.53 7.76
C TYR P 41 -20.61 56.73 6.88
N LEU P 42 -21.17 57.77 7.52
CA LEU P 42 -21.43 59.05 6.89
C LEU P 42 -20.88 60.13 7.80
N GLN P 43 -19.71 60.65 7.50
CA GLN P 43 -19.17 61.79 8.22
C GLN P 43 -19.43 63.05 7.42
N ARG P 44 -20.33 63.89 7.92
CA ARG P 44 -20.56 65.17 7.28
C ARG P 44 -19.36 66.08 7.53
N PRO P 45 -19.04 66.98 6.59
CA PRO P 45 -17.95 67.91 6.83
C PRO P 45 -18.37 68.94 7.87
N GLY P 46 -17.89 68.77 9.10
CA GLY P 46 -18.33 69.58 10.22
C GLY P 46 -19.20 68.86 11.23
N GLN P 47 -19.39 67.55 11.12
CA GLN P 47 -20.08 66.77 12.16
C GLN P 47 -19.35 65.46 12.37
N SER P 48 -19.76 64.76 13.42
CA SER P 48 -19.28 63.42 13.70
C SER P 48 -19.89 62.44 12.68
N PRO P 49 -19.23 61.29 12.45
CA PRO P 49 -19.83 60.28 11.58
C PRO P 49 -21.09 59.67 12.16
N LYS P 50 -22.18 59.77 11.42
CA LYS P 50 -23.39 59.01 11.69
C LYS P 50 -23.33 57.71 10.90
N LEU P 51 -23.60 56.60 11.57
CA LEU P 51 -23.54 55.30 10.93
C LEU P 51 -24.71 55.14 9.96
N LEU P 52 -24.43 54.65 8.76
CA LEU P 52 -25.47 54.30 7.81
C LEU P 52 -25.84 52.83 7.93
N ILE P 53 -24.86 51.96 7.70
CA ILE P 53 -25.07 50.54 7.52
C ILE P 53 -24.08 49.80 8.42
N TYR P 54 -24.60 48.97 9.31
CA TYR P 54 -23.82 47.97 10.01
C TYR P 54 -24.43 46.61 9.69
N LYS P 55 -23.58 45.58 9.60
CA LYS P 55 -24.00 44.20 9.37
C LYS P 55 -24.80 44.10 8.07
N VAL P 56 -24.06 44.17 6.97
CA VAL P 56 -24.32 44.84 5.70
C VAL P 56 -25.79 44.89 5.28
N SER P 57 -26.53 43.79 5.48
CA SER P 57 -27.95 43.79 5.19
C SER P 57 -28.74 44.76 6.07
N ASN P 58 -28.33 44.90 7.32
CA ASN P 58 -29.07 45.74 8.25
C ASN P 58 -28.79 47.22 8.00
N ARG P 59 -29.62 48.06 8.63
CA ARG P 59 -29.48 49.50 8.58
C ARG P 59 -29.37 50.05 9.98
N PHE P 60 -28.89 51.29 10.09
CA PHE P 60 -28.84 51.97 11.37
C PHE P 60 -30.25 52.28 11.84
N SER P 61 -30.47 52.17 13.15
CA SER P 61 -31.77 52.47 13.74
C SER P 61 -32.00 53.97 13.71
N GLY P 62 -32.88 54.42 12.82
CA GLY P 62 -33.14 55.84 12.63
C GLY P 62 -32.84 56.26 11.20
N VAL P 63 -31.78 55.69 10.64
CA VAL P 63 -31.45 55.86 9.23
C VAL P 63 -32.51 55.16 8.38
N PRO P 64 -33.07 55.82 7.36
CA PRO P 64 -34.22 55.26 6.65
C PRO P 64 -33.85 54.07 5.77
N ASP P 65 -34.90 53.46 5.22
CA ASP P 65 -34.83 52.32 4.31
C ASP P 65 -34.40 52.68 2.90
N ARG P 66 -34.10 53.97 2.66
CA ARG P 66 -33.48 54.38 1.42
C ARG P 66 -32.11 53.73 1.24
N PHE P 67 -31.39 53.56 2.34
CA PHE P 67 -30.09 52.94 2.37
C PHE P 67 -30.23 51.43 2.42
N SER P 68 -29.18 50.74 1.98
CA SER P 68 -29.10 49.28 1.97
C SER P 68 -27.66 48.87 1.70
N GLY P 69 -27.36 47.63 2.02
CA GLY P 69 -26.06 47.08 1.72
C GLY P 69 -26.18 45.68 1.17
N SER P 70 -25.17 45.27 0.42
CA SER P 70 -25.03 43.91 -0.07
C SER P 70 -23.56 43.62 -0.26
N GLY P 71 -23.27 42.46 -0.82
CA GLY P 71 -21.89 42.13 -1.07
C GLY P 71 -21.40 41.05 -0.13
N SER P 72 -20.43 40.27 -0.62
CA SER P 72 -19.95 39.14 0.14
C SER P 72 -18.49 38.86 -0.19
N GLY P 73 -17.81 38.27 0.79
CA GLY P 73 -16.52 37.63 0.61
C GLY P 73 -15.41 38.64 0.42
N THR P 74 -15.39 39.22 -0.78
CA THR P 74 -14.53 40.34 -1.11
C THR P 74 -15.33 41.54 -1.58
N ASP P 75 -16.26 41.34 -2.52
CA ASP P 75 -16.85 42.43 -3.26
C ASP P 75 -18.11 42.90 -2.54
N PHE P 76 -18.16 44.17 -2.17
CA PHE P 76 -19.15 44.72 -1.26
C PHE P 76 -19.81 45.91 -1.93
N THR P 77 -21.10 46.12 -1.69
CA THR P 77 -21.83 47.15 -2.43
C THR P 77 -22.80 47.88 -1.50
N LEU P 78 -22.47 49.13 -1.21
CA LEU P 78 -23.44 50.03 -0.59
C LEU P 78 -24.39 50.55 -1.65
N ARG P 79 -25.70 50.52 -1.35
CA ARG P 79 -26.71 51.02 -2.27
C ARG P 79 -27.62 52.00 -1.55
N ILE P 80 -27.99 53.07 -2.25
CA ILE P 80 -28.91 54.07 -1.74
C ILE P 80 -30.00 54.25 -2.78
N SER P 81 -31.26 54.22 -2.35
CA SER P 81 -32.35 54.35 -3.29
C SER P 81 -32.46 55.77 -3.81
N ARG P 82 -32.24 56.77 -2.95
CA ARG P 82 -32.24 58.16 -3.41
C ARG P 82 -31.29 59.00 -2.58
N VAL P 83 -30.49 59.80 -3.29
CA VAL P 83 -29.45 60.64 -2.70
C VAL P 83 -30.04 62.00 -2.34
N GLU P 84 -29.85 62.41 -1.10
CA GLU P 84 -30.42 63.65 -0.62
C GLU P 84 -29.32 64.61 -0.20
N ALA P 85 -29.72 65.86 0.08
CA ALA P 85 -28.81 66.82 0.66
C ALA P 85 -28.54 66.50 2.13
N GLU P 86 -29.48 65.84 2.80
CA GLU P 86 -29.21 65.29 4.12
C GLU P 86 -28.28 64.09 4.06
N ASP P 87 -28.17 63.45 2.89
CA ASP P 87 -27.28 62.32 2.72
C ASP P 87 -25.83 62.72 2.55
N LEU P 88 -25.56 64.02 2.40
CA LEU P 88 -24.22 64.51 2.09
C LEU P 88 -23.25 64.26 3.24
N GLY P 89 -21.98 64.17 2.88
CA GLY P 89 -20.90 63.87 3.80
C GLY P 89 -19.89 62.97 3.12
N ILE P 90 -19.35 62.01 3.88
CA ILE P 90 -18.37 61.05 3.37
C ILE P 90 -18.84 59.65 3.75
N TYR P 91 -18.79 58.74 2.78
CA TYR P 91 -19.21 57.35 2.92
C TYR P 91 -18.00 56.46 3.15
N TYR P 92 -18.03 55.68 4.23
CA TYR P 92 -16.88 54.88 4.62
C TYR P 92 -17.24 53.40 4.64
N CYS P 93 -16.49 52.60 3.87
CA CYS P 93 -16.45 51.15 4.09
C CYS P 93 -15.37 50.85 5.11
N PHE P 94 -15.70 50.00 6.07
CA PHE P 94 -14.87 49.83 7.26
C PHE P 94 -14.89 48.38 7.70
N GLN P 95 -13.71 47.75 7.65
CA GLN P 95 -13.54 46.36 8.08
C GLN P 95 -13.64 46.31 9.60
N GLY P 96 -14.77 45.83 10.10
CA GLY P 96 -14.97 45.75 11.53
C GLY P 96 -14.93 44.34 12.07
N SER P 97 -14.08 43.50 11.47
CA SER P 97 -14.04 42.08 11.79
C SER P 97 -12.84 41.69 12.64
N HIS P 98 -11.71 42.38 12.49
CA HIS P 98 -10.52 42.06 13.26
C HIS P 98 -9.78 43.33 13.62
N VAL P 99 -9.08 43.27 14.74
CA VAL P 99 -8.09 44.30 15.05
C VAL P 99 -6.79 43.93 14.35
N PRO P 100 -6.06 44.88 13.75
CA PRO P 100 -6.37 46.30 13.63
C PRO P 100 -7.44 46.61 12.57
N TYR P 101 -8.43 47.39 12.97
CA TYR P 101 -9.50 47.76 12.06
C TYR P 101 -8.98 48.69 10.97
N THR P 102 -9.56 48.58 9.78
CA THR P 102 -9.16 49.40 8.64
C THR P 102 -10.37 50.15 8.09
N PHE P 103 -10.21 51.45 7.92
CA PHE P 103 -11.15 52.26 7.15
C PHE P 103 -10.82 52.14 5.67
N GLY P 104 -11.83 52.42 4.85
CA GLY P 104 -11.61 52.64 3.43
C GLY P 104 -11.12 54.04 3.18
N GLY P 105 -11.09 54.40 1.90
CA GLY P 105 -10.66 55.74 1.53
C GLY P 105 -11.70 56.82 1.79
N GLY P 106 -12.97 56.44 1.93
CA GLY P 106 -14.02 57.42 2.05
C GLY P 106 -14.54 57.84 0.70
N THR P 107 -15.79 58.29 0.63
CA THR P 107 -16.45 58.66 -0.61
C THR P 107 -17.20 59.96 -0.33
N LYS P 108 -16.65 61.09 -0.78
CA LYS P 108 -17.27 62.38 -0.53
C LYS P 108 -18.50 62.52 -1.42
N LEU P 109 -19.68 62.46 -0.82
CA LEU P 109 -20.92 62.68 -1.56
C LEU P 109 -21.12 64.17 -1.80
N GLU P 110 -21.35 64.54 -3.05
CA GLU P 110 -21.64 65.90 -3.43
C GLU P 110 -22.67 65.88 -4.55
N ILE P 111 -22.88 67.03 -5.19
CA ILE P 111 -23.91 67.17 -6.22
C ILE P 111 -23.23 67.49 -7.55
N LYS P 112 -23.55 66.70 -8.57
CA LYS P 112 -23.02 66.89 -9.91
C LYS P 112 -24.01 67.73 -10.72
N ARG P 113 -23.48 68.73 -11.43
CA ARG P 113 -24.32 69.53 -12.32
C ARG P 113 -23.93 69.27 -13.78
N GLN Q 1 5.05 54.97 -68.45
CA GLN Q 1 4.93 54.16 -69.65
C GLN Q 1 6.24 53.45 -69.95
N VAL Q 2 6.22 52.13 -69.83
CA VAL Q 2 7.35 51.32 -70.23
C VAL Q 2 6.86 50.28 -71.22
N HIS Q 3 7.77 49.83 -72.08
CA HIS Q 3 7.58 48.60 -72.83
C HIS Q 3 8.96 48.06 -73.19
N LEU Q 4 9.10 46.76 -73.12
CA LEU Q 4 10.41 46.15 -73.28
C LEU Q 4 10.51 45.49 -74.63
N GLN Q 5 11.74 45.32 -75.10
CA GLN Q 5 11.97 44.78 -76.44
C GLN Q 5 12.95 43.62 -76.33
N GLU Q 6 12.43 42.40 -76.42
CA GLU Q 6 13.30 41.24 -76.49
C GLU Q 6 14.01 41.20 -77.83
N SER Q 7 15.15 40.52 -77.83
CA SER Q 7 15.97 40.44 -79.03
C SER Q 7 16.87 39.22 -78.94
N GLY Q 8 16.84 38.42 -80.01
CA GLY Q 8 17.65 37.23 -80.12
C GLY Q 8 17.48 36.58 -81.47
N PRO Q 9 18.27 35.54 -81.75
CA PRO Q 9 18.23 34.96 -83.10
C PRO Q 9 16.97 34.16 -83.39
N GLY Q 10 16.44 33.44 -82.42
CA GLY Q 10 15.24 32.63 -82.63
C GLY Q 10 15.51 31.22 -83.12
N LEU Q 11 16.52 31.02 -83.95
CA LEU Q 11 16.91 29.71 -84.44
C LEU Q 11 18.29 29.38 -83.90
N VAL Q 12 18.36 28.48 -82.93
CA VAL Q 12 19.58 28.23 -82.17
C VAL Q 12 19.98 26.77 -82.36
N LYS Q 13 21.25 26.53 -82.66
CA LYS Q 13 21.75 25.18 -82.73
C LYS Q 13 21.84 24.58 -81.33
N PRO Q 14 21.75 23.26 -81.20
CA PRO Q 14 21.95 22.64 -79.89
C PRO Q 14 23.38 22.79 -79.40
N SER Q 15 23.54 22.78 -78.08
CA SER Q 15 24.82 22.95 -77.37
C SER Q 15 25.52 24.24 -77.77
N GLU Q 16 24.74 25.32 -77.82
CA GLU Q 16 25.24 26.63 -78.22
C GLU Q 16 24.91 27.64 -77.13
N THR Q 17 25.86 28.50 -76.81
CA THR Q 17 25.66 29.49 -75.76
C THR Q 17 24.77 30.60 -76.28
N LEU Q 18 23.51 30.62 -75.85
CA LEU Q 18 22.55 31.62 -76.28
C LEU Q 18 22.64 32.86 -75.40
N SER Q 19 22.50 34.02 -76.03
CA SER Q 19 22.32 35.27 -75.30
C SER Q 19 21.16 36.03 -75.92
N LEU Q 20 20.35 36.64 -75.07
CA LEU Q 20 19.26 37.49 -75.49
C LEU Q 20 19.40 38.84 -74.82
N THR Q 21 18.95 39.88 -75.49
CA THR Q 21 18.97 41.21 -74.90
C THR Q 21 17.57 41.79 -74.88
N CYS Q 22 17.43 42.87 -74.11
CA CYS Q 22 16.13 43.47 -73.85
C CYS Q 22 16.29 44.97 -73.71
N ASN Q 23 15.63 45.70 -74.60
CA ASN Q 23 15.62 47.14 -74.62
C ASN Q 23 14.51 47.67 -73.70
N VAL Q 24 14.71 48.90 -73.23
CA VAL Q 24 13.86 49.51 -72.22
C VAL Q 24 13.06 50.63 -72.86
N SER Q 25 12.17 51.23 -72.06
CA SER Q 25 11.43 52.40 -72.52
C SER Q 25 11.18 53.30 -71.31
N GLY Q 26 12.00 54.34 -71.18
CA GLY Q 26 11.76 55.35 -70.16
C GLY Q 26 12.43 55.08 -68.84
N THR Q 27 11.95 54.07 -68.11
CA THR Q 27 12.48 53.78 -66.79
C THR Q 27 13.87 53.16 -66.91
N LEU Q 28 14.82 53.74 -66.19
CA LEU Q 28 16.19 53.25 -66.22
C LEU Q 28 16.30 51.91 -65.48
N VAL Q 29 17.37 51.19 -65.80
CA VAL Q 29 17.55 49.83 -65.30
C VAL Q 29 17.91 49.81 -63.81
N ARG Q 30 18.41 50.92 -63.27
CA ARG Q 30 18.76 50.97 -61.86
C ARG Q 30 17.54 50.89 -60.97
N ASP Q 31 16.42 51.46 -61.40
CA ASP Q 31 15.33 51.76 -60.49
C ASP Q 31 14.56 50.51 -60.05
N ASN Q 32 14.54 49.45 -60.84
CA ASN Q 32 13.60 48.39 -60.57
C ASN Q 32 14.28 47.03 -60.74
N TYR Q 33 13.66 46.01 -60.15
CA TYR Q 33 14.09 44.64 -60.37
C TYR Q 33 13.81 44.21 -61.81
N TRP Q 34 14.50 43.16 -62.24
CA TRP Q 34 14.37 42.65 -63.59
C TRP Q 34 14.30 41.14 -63.55
N SER Q 35 13.56 40.56 -64.49
CA SER Q 35 13.25 39.14 -64.44
C SER Q 35 13.03 38.60 -65.85
N TRP Q 36 13.24 37.30 -66.00
CA TRP Q 36 13.00 36.58 -67.24
C TRP Q 36 12.01 35.45 -67.00
N ILE Q 37 11.18 35.20 -68.01
CA ILE Q 37 10.11 34.21 -67.92
C ILE Q 37 10.12 33.42 -69.21
N ARG Q 38 10.13 32.09 -69.13
CA ARG Q 38 10.01 31.28 -70.32
C ARG Q 38 8.63 30.63 -70.37
N GLN Q 39 8.22 30.24 -71.58
CA GLN Q 39 6.98 29.51 -71.70
C GLN Q 39 7.01 28.65 -72.95
N PRO Q 40 6.79 27.35 -72.85
CA PRO Q 40 6.56 26.53 -74.04
C PRO Q 40 5.19 26.79 -74.61
N LEU Q 41 4.95 26.23 -75.79
CA LEU Q 41 3.66 26.41 -76.44
C LEU Q 41 2.60 25.56 -75.75
N GLY Q 42 1.45 26.18 -75.47
CA GLY Q 42 0.34 25.49 -74.83
C GLY Q 42 0.60 25.07 -73.40
N LYS Q 43 1.54 25.70 -72.72
CA LYS Q 43 1.97 25.28 -71.39
C LYS Q 43 1.90 26.46 -70.44
N GLN Q 44 2.23 26.21 -69.19
CA GLN Q 44 2.38 27.29 -68.25
C GLN Q 44 3.78 27.87 -68.34
N PRO Q 45 3.97 29.12 -67.95
CA PRO Q 45 5.32 29.68 -67.94
C PRO Q 45 6.12 29.19 -66.74
N GLU Q 46 7.44 29.26 -66.91
CA GLU Q 46 8.41 29.05 -65.84
C GLU Q 46 9.13 30.37 -65.62
N TRP Q 47 8.94 30.94 -64.45
CA TRP Q 47 9.68 32.14 -64.06
C TRP Q 47 11.13 31.78 -63.82
N ILE Q 48 11.99 32.20 -64.75
CA ILE Q 48 13.39 31.77 -64.73
C ILE Q 48 14.12 32.36 -63.54
N GLY Q 49 13.76 33.56 -63.14
CA GLY Q 49 14.36 34.15 -61.98
C GLY Q 49 14.39 35.65 -62.11
N TYR Q 50 14.98 36.29 -61.12
CA TYR Q 50 15.03 37.74 -61.05
C TYR Q 50 16.46 38.21 -60.96
N VAL Q 51 16.75 39.35 -61.57
CA VAL Q 51 18.07 39.95 -61.55
C VAL Q 51 17.95 41.41 -61.14
N HIS Q 52 18.85 41.84 -60.27
CA HIS Q 52 19.00 43.23 -59.85
C HIS Q 52 20.37 43.35 -59.20
N ASP Q 53 20.91 44.58 -59.21
CA ASP Q 53 22.15 44.88 -58.54
C ASP Q 53 22.00 44.68 -57.03
N SER Q 54 23.16 44.55 -56.36
CA SER Q 54 23.30 44.35 -54.91
C SER Q 54 22.64 43.04 -54.47
N GLY Q 55 23.17 41.93 -54.99
CA GLY Q 55 22.84 40.60 -54.50
C GLY Q 55 21.47 40.08 -54.86
N ASP Q 56 20.67 40.84 -55.61
CA ASP Q 56 19.31 40.44 -55.97
C ASP Q 56 19.34 39.73 -57.32
N THR Q 57 20.04 38.59 -57.35
CA THR Q 57 20.35 37.89 -58.60
C THR Q 57 20.11 36.39 -58.42
N ASN Q 58 18.96 36.01 -57.89
CA ASN Q 58 18.68 34.60 -57.67
C ASN Q 58 18.13 33.97 -58.94
N TYR Q 59 18.45 32.70 -59.14
CA TYR Q 59 18.09 31.94 -60.32
C TYR Q 59 17.10 30.86 -59.96
N ASN Q 60 16.52 30.24 -60.99
CA ASN Q 60 15.77 29.01 -60.81
C ASN Q 60 16.77 27.91 -60.46
N PRO Q 61 16.60 27.21 -59.32
CA PRO Q 61 17.49 26.09 -59.02
C PRO Q 61 17.29 24.85 -59.89
N SER Q 62 16.37 24.89 -60.86
CA SER Q 62 16.34 23.85 -61.88
C SER Q 62 17.62 23.84 -62.69
N LEU Q 63 17.88 24.91 -63.43
CA LEU Q 63 19.10 24.97 -64.24
C LEU Q 63 20.27 25.50 -63.41
N LYS Q 64 20.18 26.76 -62.97
CA LYS Q 64 20.94 27.38 -61.89
C LYS Q 64 22.41 27.64 -62.24
N SER Q 65 22.88 27.06 -63.31
CA SER Q 65 24.30 27.16 -63.65
C SER Q 65 24.51 27.54 -65.10
N ARG Q 66 23.68 27.04 -65.99
CA ARG Q 66 23.85 27.28 -67.42
C ARG Q 66 23.09 28.50 -67.91
N VAL Q 67 22.84 29.46 -67.02
CA VAL Q 67 22.20 30.72 -67.37
C VAL Q 67 22.79 31.80 -66.48
N HIS Q 68 22.97 33.00 -67.04
CA HIS Q 68 23.63 34.11 -66.37
C HIS Q 68 22.89 35.39 -66.73
N LEU Q 69 22.24 35.98 -65.74
CA LEU Q 69 21.48 37.19 -65.95
C LEU Q 69 22.35 38.40 -65.60
N SER Q 70 22.10 39.51 -66.30
CA SER Q 70 22.96 40.68 -66.16
C SER Q 70 22.20 41.91 -66.61
N LEU Q 71 22.70 43.07 -66.22
CA LEU Q 71 22.12 44.34 -66.62
C LEU Q 71 23.19 45.20 -67.27
N ASP Q 72 22.76 46.22 -68.00
CA ASP Q 72 23.67 47.16 -68.65
C ASP Q 72 23.19 48.56 -68.30
N LYS Q 73 23.82 49.14 -67.27
CA LYS Q 73 23.46 50.46 -66.78
C LYS Q 73 24.06 51.55 -67.65
N SER Q 74 25.14 51.23 -68.36
CA SER Q 74 25.70 52.18 -69.33
C SER Q 74 24.79 52.31 -70.54
N LYS Q 75 24.31 51.19 -71.06
CA LYS Q 75 23.45 51.20 -72.23
C LYS Q 75 21.97 51.10 -71.88
N ASN Q 76 21.65 50.81 -70.61
CA ASN Q 76 20.28 50.63 -70.11
C ASN Q 76 19.58 49.50 -70.87
N LEU Q 77 20.12 48.29 -70.73
CA LEU Q 77 19.52 47.08 -71.29
C LEU Q 77 19.52 45.97 -70.26
N VAL Q 78 18.82 44.88 -70.59
CA VAL Q 78 18.76 43.68 -69.78
C VAL Q 78 19.34 42.53 -70.60
N SER Q 79 20.28 41.80 -70.03
CA SER Q 79 21.02 40.80 -70.77
C SER Q 79 20.83 39.44 -70.13
N LEU Q 80 20.63 38.43 -70.96
CA LEU Q 80 20.65 37.05 -70.51
C LEU Q 80 21.69 36.32 -71.34
N ARG Q 81 22.48 35.49 -70.69
CA ARG Q 81 23.39 34.56 -71.32
C ARG Q 81 22.96 33.17 -70.92
N LEU Q 82 23.10 32.21 -71.82
CA LEU Q 82 22.72 30.84 -71.51
C LEU Q 82 23.85 29.93 -71.95
N THR Q 83 23.84 28.71 -71.42
CA THR Q 83 24.81 27.70 -71.80
C THR Q 83 24.05 26.42 -72.16
N GLY Q 84 24.40 25.83 -73.30
CA GLY Q 84 23.87 24.52 -73.65
C GLY Q 84 22.40 24.48 -73.98
N VAL Q 85 22.02 25.04 -75.13
CA VAL Q 85 20.64 25.00 -75.57
C VAL Q 85 20.27 23.57 -75.94
N THR Q 86 19.20 23.06 -75.36
CA THR Q 86 18.71 21.72 -75.60
C THR Q 86 17.32 21.79 -76.25
N ALA Q 87 16.76 20.59 -76.51
CA ALA Q 87 15.53 20.48 -77.29
C ALA Q 87 14.33 21.07 -76.57
N ALA Q 88 14.27 20.96 -75.25
CA ALA Q 88 13.20 21.58 -74.48
C ALA Q 88 13.36 23.09 -74.36
N ASP Q 89 14.49 23.64 -74.79
CA ASP Q 89 14.74 25.06 -74.66
C ASP Q 89 14.00 25.91 -75.69
N SER Q 90 13.31 25.28 -76.63
CA SER Q 90 12.50 26.01 -77.60
C SER Q 90 11.25 26.55 -76.91
N ALA Q 91 11.26 27.84 -76.60
CA ALA Q 91 10.18 28.46 -75.84
C ALA Q 91 10.26 29.96 -76.08
N ILE Q 92 9.18 30.65 -75.74
CA ILE Q 92 9.16 32.12 -75.83
C ILE Q 92 9.67 32.69 -74.52
N TYR Q 93 10.59 33.63 -74.61
CA TYR Q 93 11.27 34.17 -73.44
C TYR Q 93 10.92 35.64 -73.32
N TYR Q 94 10.71 36.10 -72.09
CA TYR Q 94 10.19 37.42 -71.79
C TYR Q 94 11.07 38.10 -70.77
N CYS Q 95 11.44 39.34 -71.05
CA CYS Q 95 12.02 40.21 -70.04
C CYS Q 95 10.94 41.10 -69.44
N ALA Q 96 10.99 41.28 -68.12
CA ALA Q 96 9.90 41.97 -67.42
C ALA Q 96 10.39 42.46 -66.07
N THR Q 97 9.91 43.63 -65.66
CA THR Q 97 10.15 44.07 -64.29
C THR Q 97 9.30 43.26 -63.32
N THR Q 98 9.60 43.40 -62.03
CA THR Q 98 8.76 42.82 -61.00
C THR Q 98 8.80 43.68 -59.76
N LYS Q 99 7.80 43.49 -58.91
CA LYS Q 99 7.68 44.23 -57.67
C LYS Q 99 7.53 43.24 -56.53
N HIS Q 100 8.17 43.56 -55.41
CA HIS Q 100 8.17 42.69 -54.25
C HIS Q 100 7.06 43.11 -53.29
N GLY Q 101 7.07 42.53 -52.10
CA GLY Q 101 6.06 42.78 -51.09
C GLY Q 101 6.19 41.81 -49.94
N ARG Q 102 6.03 42.30 -48.72
CA ARG Q 102 6.31 41.51 -47.53
C ARG Q 102 5.03 40.84 -47.07
N ARG Q 103 4.84 39.57 -47.43
CA ARG Q 103 3.75 38.79 -46.87
C ARG Q 103 4.12 38.44 -45.44
N ILE Q 104 3.36 38.96 -44.49
CA ILE Q 104 3.70 38.90 -43.08
C ILE Q 104 2.55 38.25 -42.35
N TYR Q 105 2.85 37.22 -41.54
CA TYR Q 105 1.84 36.48 -40.82
C TYR Q 105 2.06 36.41 -39.31
N GLY Q 106 3.24 36.69 -38.82
CA GLY Q 106 3.52 36.57 -37.40
C GLY Q 106 4.51 37.59 -36.93
N VAL Q 107 5.46 37.14 -36.12
CA VAL Q 107 6.46 38.04 -35.57
C VAL Q 107 7.45 38.43 -36.66
N VAL Q 108 7.69 39.73 -36.80
CA VAL Q 108 8.60 40.20 -37.82
C VAL Q 108 10.04 39.87 -37.45
N ALA Q 109 10.37 39.99 -36.16
CA ALA Q 109 11.74 39.78 -35.71
C ALA Q 109 12.17 38.32 -35.76
N PHE Q 110 11.23 37.40 -35.94
CA PHE Q 110 11.56 35.98 -35.94
C PHE Q 110 11.59 35.39 -37.34
N LYS Q 111 11.71 36.24 -38.37
CA LYS Q 111 11.64 35.86 -39.79
C LYS Q 111 10.36 35.12 -40.14
N GLU Q 112 9.24 35.42 -39.48
CA GLU Q 112 7.98 34.75 -39.78
C GLU Q 112 7.19 35.52 -40.83
N TRP Q 113 7.82 35.66 -41.98
CA TRP Q 113 7.34 36.47 -43.08
C TRP Q 113 8.23 36.17 -44.28
N PHE Q 114 7.78 36.57 -45.46
CA PHE Q 114 8.58 36.36 -46.65
C PHE Q 114 8.24 37.42 -47.69
N THR Q 115 8.86 37.30 -48.85
CA THR Q 115 8.70 38.27 -49.93
C THR Q 115 8.26 37.55 -51.18
N TYR Q 116 7.04 37.86 -51.63
CA TYR Q 116 6.56 37.37 -52.91
C TYR Q 116 7.08 38.25 -54.04
N PHE Q 117 6.70 37.91 -55.27
CA PHE Q 117 6.98 38.74 -56.42
C PHE Q 117 5.82 38.65 -57.40
N TYR Q 118 5.73 39.66 -58.27
CA TYR Q 118 4.73 39.69 -59.31
C TYR Q 118 5.22 40.60 -60.42
N MET Q 119 5.07 40.15 -61.66
CA MET Q 119 5.55 40.87 -62.82
C MET Q 119 4.46 41.83 -63.30
N ASP Q 120 4.69 43.12 -63.09
CA ASP Q 120 3.69 44.13 -63.42
C ASP Q 120 3.55 44.30 -64.93
N VAL Q 121 4.65 44.66 -65.60
CA VAL Q 121 4.65 44.81 -67.04
C VAL Q 121 5.38 43.62 -67.62
N TRP Q 122 5.32 43.51 -68.95
CA TRP Q 122 5.83 42.35 -69.64
C TRP Q 122 6.61 42.81 -70.85
N GLY Q 123 7.29 41.88 -71.49
CA GLY Q 123 7.99 42.16 -72.72
C GLY Q 123 7.10 41.97 -73.92
N LYS Q 124 7.72 41.67 -75.05
CA LYS Q 124 6.96 41.40 -76.27
C LYS Q 124 7.26 40.03 -76.85
N GLY Q 125 8.52 39.59 -76.81
CA GLY Q 125 8.81 38.20 -77.07
C GLY Q 125 9.77 37.92 -78.21
N THR Q 126 10.37 36.73 -78.18
CA THR Q 126 11.17 36.21 -79.27
C THR Q 126 11.05 34.70 -79.23
N SER Q 127 10.42 34.12 -80.25
CA SER Q 127 10.16 32.68 -80.28
C SER Q 127 11.46 31.96 -80.62
N VAL Q 128 12.23 31.64 -79.58
CA VAL Q 128 13.46 30.89 -79.77
C VAL Q 128 13.11 29.45 -80.08
N THR Q 129 13.69 28.93 -81.16
CA THR Q 129 13.46 27.54 -81.58
C THR Q 129 14.81 26.88 -81.77
N VAL Q 130 14.98 25.73 -81.13
CA VAL Q 130 16.21 24.95 -81.25
C VAL Q 130 16.05 23.95 -82.38
N SER Q 131 17.03 23.90 -83.28
CA SER Q 131 17.02 22.97 -84.40
C SER Q 131 18.44 22.85 -84.92
N SER Q 132 18.62 21.92 -85.85
CA SER Q 132 19.90 21.74 -86.51
C SER Q 132 19.77 22.07 -88.00
N THR R 1 -9.90 21.11 -68.45
CA THR R 1 -9.59 22.38 -67.81
C THR R 1 -10.44 23.50 -68.41
N PHE R 2 -11.50 23.11 -69.10
CA PHE R 2 -12.30 24.06 -69.87
C PHE R 2 -13.60 24.33 -69.13
N VAL R 3 -13.88 25.61 -68.89
CA VAL R 3 -15.09 26.02 -68.18
C VAL R 3 -15.83 27.03 -69.07
N SER R 4 -17.10 26.76 -69.34
CA SER R 4 -17.94 27.64 -70.15
C SER R 4 -19.05 28.19 -69.26
N VAL R 5 -19.24 29.50 -69.33
CA VAL R 5 -20.35 30.15 -68.64
C VAL R 5 -21.07 31.06 -69.64
N ALA R 6 -22.32 31.36 -69.32
CA ALA R 6 -23.04 32.36 -70.09
C ALA R 6 -22.44 33.73 -69.81
N PRO R 7 -22.38 34.62 -70.81
CA PRO R 7 -21.81 35.95 -70.56
C PRO R 7 -22.68 36.78 -69.64
N GLY R 8 -22.02 37.50 -68.73
CA GLY R 8 -22.72 38.25 -67.71
C GLY R 8 -22.98 37.49 -66.43
N GLN R 9 -22.53 36.24 -66.34
CA GLN R 9 -22.81 35.41 -65.19
C GLN R 9 -21.57 35.30 -64.30
N THR R 10 -21.65 34.44 -63.28
CA THR R 10 -20.55 34.17 -62.38
C THR R 10 -19.73 33.01 -62.89
N ALA R 11 -18.50 32.91 -62.39
CA ALA R 11 -17.59 31.86 -62.80
C ALA R 11 -16.57 31.65 -61.69
N ARG R 12 -16.17 30.40 -61.49
CA ARG R 12 -15.20 30.04 -60.47
C ARG R 12 -14.08 29.25 -61.12
N ILE R 13 -12.87 29.76 -61.04
CA ILE R 13 -11.70 29.15 -61.65
C ILE R 13 -10.75 28.76 -60.52
N THR R 14 -10.49 27.47 -60.40
CA THR R 14 -9.65 26.96 -59.32
C THR R 14 -8.30 26.55 -59.88
N CYS R 15 -7.27 26.70 -59.07
CA CYS R 15 -5.94 26.32 -59.53
C CYS R 15 -5.07 25.93 -58.35
N GLY R 16 -4.03 25.18 -58.64
CA GLY R 16 -2.94 25.01 -57.72
C GLY R 16 -3.19 24.03 -56.58
N GLU R 17 -2.22 24.02 -55.68
CA GLU R 17 -2.21 23.13 -54.53
C GLU R 17 -3.12 23.67 -53.44
N GLU R 18 -3.72 22.74 -52.68
CA GLU R 18 -4.48 23.08 -51.50
C GLU R 18 -3.57 23.74 -50.46
N SER R 19 -4.16 24.63 -49.65
CA SER R 19 -3.36 25.45 -48.74
C SER R 19 -2.80 24.64 -47.58
N LEU R 20 -1.54 24.90 -47.26
CA LEU R 20 -0.84 24.32 -46.12
C LEU R 20 -0.51 25.34 -45.05
N GLY R 21 -0.06 26.52 -45.44
CA GLY R 21 0.11 27.61 -44.50
C GLY R 21 -0.54 28.85 -45.07
N SER R 22 -0.14 30.04 -44.60
CA SER R 22 -0.60 31.26 -45.22
C SER R 22 0.00 31.37 -46.61
N ARG R 23 -0.76 31.96 -47.53
CA ARG R 23 -0.33 32.03 -48.91
C ARG R 23 -0.47 33.45 -49.45
N SER R 24 0.22 33.67 -50.57
CA SER R 24 0.15 34.91 -51.34
C SER R 24 -0.13 34.49 -52.78
N VAL R 25 -1.39 34.49 -53.16
CA VAL R 25 -1.76 34.04 -54.50
C VAL R 25 -1.58 35.19 -55.48
N ILE R 26 -1.17 34.86 -56.71
CA ILE R 26 -1.05 35.83 -57.79
C ILE R 26 -1.74 35.26 -59.02
N TRP R 27 -2.63 36.06 -59.61
CA TRP R 27 -3.42 35.63 -60.75
C TRP R 27 -2.99 36.37 -62.02
N TYR R 28 -2.61 35.60 -63.02
CA TYR R 28 -2.34 36.12 -64.35
C TYR R 28 -3.42 35.66 -65.32
N GLN R 29 -3.63 36.43 -66.38
CA GLN R 29 -4.44 35.98 -67.49
C GLN R 29 -3.73 36.27 -68.81
N GLN R 30 -4.15 35.52 -69.82
CA GLN R 30 -3.42 35.40 -71.07
C GLN R 30 -4.41 35.40 -72.21
N ARG R 31 -4.50 36.52 -72.92
CA ARG R 31 -5.20 36.51 -74.18
C ARG R 31 -4.36 35.80 -75.22
N PRO R 32 -4.98 35.15 -76.20
CA PRO R 32 -4.20 34.44 -77.24
C PRO R 32 -3.43 35.43 -78.10
N GLY R 33 -2.14 35.17 -78.26
CA GLY R 33 -1.29 36.03 -79.04
C GLY R 33 -0.67 37.19 -78.28
N GLN R 34 -0.84 37.24 -76.96
CA GLN R 34 -0.31 38.34 -76.18
C GLN R 34 0.73 37.83 -75.18
N ALA R 35 1.21 38.76 -74.38
CA ALA R 35 1.98 38.47 -73.18
C ALA R 35 1.02 38.10 -72.07
N PRO R 36 1.51 37.64 -70.90
CA PRO R 36 0.62 37.57 -69.73
C PRO R 36 0.20 38.94 -69.24
N SER R 37 -0.70 38.96 -68.27
CA SER R 37 -1.20 40.21 -67.73
C SER R 37 -1.72 39.95 -66.33
N LEU R 38 -1.22 40.71 -65.36
CA LEU R 38 -1.64 40.53 -63.99
C LEU R 38 -3.07 41.03 -63.81
N ILE R 39 -3.85 40.30 -63.00
CA ILE R 39 -5.13 40.81 -62.54
C ILE R 39 -5.18 40.92 -61.02
N ILE R 40 -4.57 39.97 -60.31
CA ILE R 40 -4.65 39.90 -58.85
C ILE R 40 -3.26 39.59 -58.32
N TYR R 41 -2.74 40.46 -57.44
CA TYR R 41 -1.35 40.35 -57.02
C TYR R 41 -1.19 39.97 -55.55
N ASN R 42 -2.23 40.08 -54.75
CA ASN R 42 -2.21 39.62 -53.36
C ASN R 42 -3.37 38.64 -53.25
N ASN R 43 -3.76 38.29 -52.02
CA ASN R 43 -4.82 37.30 -51.84
C ASN R 43 -6.15 37.82 -52.36
N ASN R 44 -6.48 39.09 -52.10
CA ASN R 44 -7.69 39.67 -52.65
C ASN R 44 -7.44 41.12 -53.04
N ASP R 45 -6.31 41.39 -53.70
CA ASP R 45 -5.99 42.74 -54.11
C ASP R 45 -5.77 42.82 -55.60
N ARG R 46 -6.10 43.98 -56.17
CA ARG R 46 -5.95 44.23 -57.59
C ARG R 46 -5.31 45.59 -57.82
N PRO R 47 -4.54 45.73 -58.90
CA PRO R 47 -3.96 47.04 -59.22
C PRO R 47 -4.92 47.91 -60.00
N SER R 48 -4.43 49.06 -60.47
CA SER R 48 -5.25 49.95 -61.27
C SER R 48 -5.44 49.40 -62.68
N GLY R 49 -6.50 49.85 -63.33
CA GLY R 49 -6.82 49.46 -64.69
C GLY R 49 -7.77 48.29 -64.80
N ILE R 50 -7.55 47.26 -63.99
CA ILE R 50 -8.45 46.11 -63.98
C ILE R 50 -9.70 46.53 -63.21
N PRO R 51 -10.88 46.15 -63.67
CA PRO R 51 -12.10 46.44 -62.91
C PRO R 51 -12.26 45.48 -61.74
N ASP R 52 -13.36 45.66 -61.02
CA ASP R 52 -13.69 44.82 -59.88
C ASP R 52 -14.29 43.50 -60.32
N ARG R 53 -14.90 42.81 -59.35
CA ARG R 53 -15.57 41.50 -59.47
C ARG R 53 -14.59 40.38 -59.78
N PHE R 54 -13.29 40.61 -59.65
CA PHE R 54 -12.30 39.54 -59.73
C PHE R 54 -11.90 39.19 -58.30
N SER R 55 -12.80 38.50 -57.62
CA SER R 55 -12.60 38.15 -56.23
C SER R 55 -11.64 36.97 -56.10
N GLY R 56 -10.95 36.93 -54.97
CA GLY R 56 -10.06 35.83 -54.67
C GLY R 56 -10.30 35.32 -53.26
N SER R 57 -9.80 34.12 -53.01
CA SER R 57 -9.92 33.52 -51.70
C SER R 57 -9.02 34.25 -50.70
N PRO R 58 -9.48 34.44 -49.46
CA PRO R 58 -8.59 35.04 -48.45
C PRO R 58 -7.48 34.08 -48.07
N GLY R 59 -6.30 34.64 -47.84
CA GLY R 59 -5.12 33.81 -47.66
C GLY R 59 -5.01 33.13 -46.32
N SER R 60 -5.85 33.48 -45.36
CA SER R 60 -5.76 32.86 -44.04
C SER R 60 -6.48 31.54 -43.95
N THR R 61 -7.20 31.13 -44.99
CA THR R 61 -7.99 29.91 -44.92
C THR R 61 -7.09 28.70 -45.15
N PHE R 62 -7.14 27.76 -44.21
CA PHE R 62 -6.20 26.64 -44.17
C PHE R 62 -6.87 25.39 -44.72
N GLY R 63 -6.16 24.69 -45.59
CA GLY R 63 -6.71 23.47 -46.14
C GLY R 63 -7.78 23.70 -47.19
N THR R 64 -7.66 24.75 -47.98
CA THR R 64 -8.51 24.96 -49.14
C THR R 64 -7.63 25.24 -50.35
N THR R 65 -8.27 25.31 -51.52
CA THR R 65 -7.57 25.44 -52.78
C THR R 65 -7.86 26.83 -53.35
N ALA R 66 -6.85 27.41 -54.01
CA ALA R 66 -6.96 28.76 -54.53
C ALA R 66 -8.02 28.86 -55.62
N THR R 67 -8.94 29.79 -55.45
CA THR R 67 -10.05 30.02 -56.38
C THR R 67 -9.97 31.45 -56.92
N LEU R 68 -10.81 31.70 -57.92
CA LEU R 68 -10.90 33.00 -58.57
C LEU R 68 -12.33 33.17 -59.03
N THR R 69 -13.04 34.12 -58.41
CA THR R 69 -14.46 34.35 -58.66
C THR R 69 -14.58 35.53 -59.62
N ILE R 70 -15.19 35.29 -60.78
CA ILE R 70 -15.46 36.37 -61.73
C ILE R 70 -16.96 36.42 -61.94
N THR R 71 -17.59 37.43 -61.35
CA THR R 71 -19.01 37.66 -61.56
C THR R 71 -19.18 38.68 -62.67
N SER R 72 -20.28 38.53 -63.41
CA SER R 72 -20.62 39.35 -64.59
C SER R 72 -19.51 39.31 -65.65
N VAL R 73 -19.32 38.12 -66.20
CA VAL R 73 -18.26 37.86 -67.17
C VAL R 73 -18.60 38.49 -68.51
N GLU R 74 -17.64 38.52 -69.42
CA GLU R 74 -17.86 39.10 -70.74
C GLU R 74 -17.04 38.33 -71.76
N ALA R 75 -17.13 38.76 -73.02
CA ALA R 75 -16.35 38.15 -74.08
C ALA R 75 -14.88 38.54 -73.99
N GLY R 76 -14.59 39.72 -73.43
CA GLY R 76 -13.21 40.11 -73.18
C GLY R 76 -12.55 39.32 -72.08
N ASP R 77 -13.33 38.61 -71.27
CA ASP R 77 -12.79 37.75 -70.22
C ASP R 77 -12.24 36.44 -70.76
N GLU R 78 -12.32 36.20 -72.07
CA GLU R 78 -11.81 34.97 -72.64
C GLU R 78 -10.29 34.99 -72.66
N ALA R 79 -9.69 34.45 -71.61
CA ALA R 79 -8.24 34.43 -71.46
C ALA R 79 -7.87 33.27 -70.55
N ASP R 80 -6.70 32.70 -70.80
CA ASP R 80 -6.20 31.60 -69.98
C ASP R 80 -5.81 32.15 -68.62
N TYR R 81 -6.05 31.37 -67.58
CA TYR R 81 -5.85 31.82 -66.23
C TYR R 81 -4.73 31.02 -65.59
N TYR R 82 -3.95 31.72 -64.78
CA TYR R 82 -2.76 31.17 -64.17
C TYR R 82 -2.69 31.56 -62.70
N CYS R 83 -2.60 30.56 -61.85
CA CYS R 83 -2.39 30.75 -60.43
C CYS R 83 -0.89 30.84 -60.16
N HIS R 84 -0.54 31.69 -59.21
CA HIS R 84 0.83 31.72 -58.69
C HIS R 84 0.72 31.82 -57.18
N ILE R 85 0.80 30.68 -56.53
CA ILE R 85 0.68 30.62 -55.09
C ILE R 85 2.06 30.79 -54.46
N TRP R 86 2.08 31.44 -53.29
CA TRP R 86 3.29 31.65 -52.51
C TRP R 86 2.97 31.19 -51.10
N ASP R 87 3.11 29.89 -50.86
CA ASP R 87 2.89 29.38 -49.52
C ASP R 87 4.06 29.74 -48.63
N SER R 88 3.75 29.98 -47.35
CA SER R 88 4.81 30.10 -46.36
C SER R 88 5.44 28.75 -46.05
N ARG R 89 4.73 27.65 -46.29
CA ARG R 89 5.24 26.34 -45.96
C ARG R 89 5.92 25.66 -47.15
N ARG R 90 5.28 25.66 -48.28
CA ARG R 90 5.88 25.04 -49.45
C ARG R 90 6.92 25.97 -50.06
N PRO R 91 7.93 25.43 -50.77
CA PRO R 91 8.98 26.31 -51.32
C PRO R 91 8.53 27.15 -52.50
N THR R 92 9.49 27.85 -53.10
CA THR R 92 9.21 28.81 -54.15
C THR R 92 8.82 28.12 -55.44
N ASN R 93 7.64 28.44 -55.96
CA ASN R 93 7.17 27.86 -57.20
C ASN R 93 7.79 28.63 -58.36
N TRP R 94 8.90 28.11 -58.88
CA TRP R 94 9.53 28.73 -60.02
C TRP R 94 8.76 28.51 -61.32
N VAL R 95 7.83 27.57 -61.33
CA VAL R 95 6.91 27.39 -62.43
C VAL R 95 5.53 27.74 -61.89
N PHE R 96 4.62 28.09 -62.80
CA PHE R 96 3.25 28.39 -62.39
C PHE R 96 2.45 27.10 -62.28
N GLY R 97 1.16 27.25 -62.01
CA GLY R 97 0.28 26.10 -61.91
C GLY R 97 -0.17 25.60 -63.27
N GLU R 98 -1.45 25.31 -63.40
CA GLU R 98 -2.03 24.88 -64.65
C GLU R 98 -2.97 25.95 -65.17
N GLY R 99 -2.70 26.42 -66.38
CA GLY R 99 -3.52 27.45 -66.99
C GLY R 99 -4.83 26.90 -67.50
N THR R 100 -5.94 27.38 -66.94
CA THR R 100 -7.25 26.92 -67.36
C THR R 100 -7.86 27.96 -68.28
N THR R 101 -8.43 27.51 -69.39
CA THR R 101 -8.98 28.42 -70.38
C THR R 101 -10.43 28.70 -70.03
N LEU R 102 -10.77 29.97 -69.89
CA LEU R 102 -12.15 30.39 -69.71
C LEU R 102 -12.71 30.81 -71.05
N ILE R 103 -13.68 30.05 -71.55
CA ILE R 103 -14.32 30.34 -72.82
C ILE R 103 -15.77 30.72 -72.56
N VAL R 104 -16.29 31.62 -73.39
CA VAL R 104 -17.62 32.17 -73.21
C VAL R 104 -18.43 31.80 -74.45
N LEU R 105 -19.74 31.71 -74.27
CA LEU R 105 -20.64 31.38 -75.36
C LEU R 105 -20.79 32.55 -76.31
N GLN S 1 33.24 8.14 4.05
CA GLN S 1 34.38 8.98 3.69
C GLN S 1 34.09 9.77 2.43
N VAL S 2 34.85 10.84 2.23
CA VAL S 2 34.70 11.71 1.06
C VAL S 2 36.00 11.67 0.29
N GLN S 3 35.91 11.29 -0.98
CA GLN S 3 37.09 11.16 -1.83
C GLN S 3 36.95 12.08 -3.03
N LEU S 4 38.00 12.86 -3.28
CA LEU S 4 38.02 13.91 -4.30
C LEU S 4 39.24 13.67 -5.18
N VAL S 5 39.11 12.85 -6.19
CA VAL S 5 40.23 12.48 -7.04
C VAL S 5 40.30 13.47 -8.19
N GLN S 6 41.39 14.19 -8.29
CA GLN S 6 41.61 15.09 -9.40
C GLN S 6 42.36 14.35 -10.50
N SER S 7 42.87 15.08 -11.47
CA SER S 7 43.84 14.54 -12.42
C SER S 7 45.21 15.16 -12.13
N GLY S 8 46.23 14.59 -12.75
CA GLY S 8 47.59 14.98 -12.47
C GLY S 8 48.01 16.27 -13.15
N ALA S 9 49.28 16.60 -12.97
CA ALA S 9 49.85 17.82 -13.53
C ALA S 9 49.97 17.70 -15.05
N VAL S 10 50.09 18.86 -15.70
CA VAL S 10 50.16 18.92 -17.15
C VAL S 10 50.80 20.26 -17.52
N ILE S 11 51.42 20.30 -18.70
CA ILE S 11 52.06 21.51 -19.22
C ILE S 11 51.33 21.89 -20.50
N LYS S 12 50.93 23.16 -20.61
CA LYS S 12 50.22 23.65 -21.77
C LYS S 12 50.91 24.89 -22.32
N THR S 13 50.61 25.20 -23.56
CA THR S 13 51.14 26.37 -24.25
C THR S 13 50.36 27.61 -23.86
N PRO S 14 50.94 28.80 -24.03
CA PRO S 14 50.16 30.03 -23.81
C PRO S 14 49.03 30.17 -24.80
N GLY S 15 47.90 30.68 -24.32
CA GLY S 15 46.73 30.84 -25.14
C GLY S 15 45.88 29.59 -25.30
N SER S 16 46.26 28.49 -24.66
CA SER S 16 45.53 27.24 -24.79
C SER S 16 44.40 27.18 -23.77
N SER S 17 43.81 26.00 -23.61
CA SER S 17 42.70 25.80 -22.71
C SER S 17 42.85 24.45 -22.04
N VAL S 18 42.93 24.46 -20.75
CA VAL S 18 43.17 23.24 -19.97
C VAL S 18 41.82 22.73 -19.46
N LYS S 19 41.75 21.43 -19.21
CA LYS S 19 40.53 20.79 -18.73
C LYS S 19 40.88 19.90 -17.54
N ILE S 20 40.39 20.25 -16.37
CA ILE S 20 40.60 19.49 -15.14
C ILE S 20 39.29 18.83 -14.74
N SER S 21 39.31 17.52 -14.61
CA SER S 21 38.18 16.82 -14.03
C SER S 21 38.40 16.63 -12.55
N CYS S 22 37.30 16.45 -11.83
CA CYS S 22 37.32 16.22 -10.39
C CYS S 22 36.23 15.21 -10.08
N ARG S 23 36.62 13.98 -9.77
CA ARG S 23 35.66 12.92 -9.49
C ARG S 23 35.43 12.86 -7.99
N ALA S 24 34.17 13.03 -7.58
CA ALA S 24 33.81 13.02 -6.18
C ALA S 24 33.04 11.75 -5.88
N SER S 25 33.37 11.12 -4.76
CA SER S 25 32.72 9.88 -4.38
C SER S 25 32.59 9.80 -2.88
N GLY S 26 31.58 9.07 -2.43
CA GLY S 26 31.36 8.84 -1.03
C GLY S 26 30.25 9.66 -0.42
N TYR S 27 29.48 10.39 -1.21
CA TYR S 27 28.39 11.19 -0.68
C TYR S 27 27.35 11.35 -1.77
N ASN S 28 26.22 11.93 -1.40
CA ASN S 28 25.17 12.19 -2.38
C ASN S 28 25.57 13.39 -3.22
N PHE S 29 25.96 13.14 -4.47
CA PHE S 29 26.58 14.15 -5.30
C PHE S 29 25.62 15.27 -5.69
N ARG S 30 24.32 14.99 -5.69
CA ARG S 30 23.35 15.99 -6.09
C ARG S 30 23.08 17.05 -5.04
N ASP S 31 23.63 16.91 -3.84
CA ASP S 31 23.17 17.71 -2.72
C ASP S 31 24.10 18.84 -2.31
N TYR S 32 25.37 18.77 -2.67
CA TYR S 32 26.32 19.75 -2.19
C TYR S 32 26.98 20.49 -3.34
N SER S 33 27.55 21.64 -3.01
CA SER S 33 28.17 22.49 -4.00
C SER S 33 29.61 22.09 -4.23
N ILE S 34 30.17 22.55 -5.35
CA ILE S 34 31.58 22.33 -5.67
C ILE S 34 32.21 23.68 -5.94
N HIS S 35 33.29 23.98 -5.23
CA HIS S 35 34.03 25.21 -5.48
C HIS S 35 35.37 24.88 -6.12
N TRP S 36 35.80 25.72 -7.06
CA TRP S 36 37.17 25.67 -7.53
C TRP S 36 37.94 26.83 -6.91
N VAL S 37 39.21 26.59 -6.58
CA VAL S 37 40.06 27.61 -5.98
C VAL S 37 41.48 27.36 -6.44
N ARG S 38 42.31 28.39 -6.37
CA ARG S 38 43.64 28.32 -6.97
C ARG S 38 44.68 28.82 -5.97
N LEU S 39 45.94 28.56 -6.31
CA LEU S 39 47.09 28.99 -5.53
C LEU S 39 48.21 29.33 -6.51
N ILE S 40 48.50 30.63 -6.62
CA ILE S 40 49.72 31.09 -7.26
C ILE S 40 50.71 31.34 -6.15
N PRO S 41 51.97 30.93 -6.29
CA PRO S 41 52.98 31.29 -5.29
C PRO S 41 53.18 32.79 -5.23
N ASP S 42 53.41 33.29 -4.01
CA ASP S 42 53.57 34.71 -3.69
C ASP S 42 52.34 35.53 -4.08
N LYS S 43 51.16 34.89 -4.10
CA LYS S 43 49.90 35.57 -4.35
C LYS S 43 48.80 35.15 -3.41
N GLY S 44 48.98 34.08 -2.65
CA GLY S 44 47.89 33.58 -1.85
C GLY S 44 46.87 32.86 -2.71
N PHE S 45 45.71 32.64 -2.11
CA PHE S 45 44.61 31.96 -2.77
C PHE S 45 43.75 32.96 -3.53
N GLU S 46 43.10 32.46 -4.57
CA GLU S 46 42.11 33.24 -5.31
C GLU S 46 40.93 32.35 -5.60
N TRP S 47 39.75 32.83 -5.23
CA TRP S 47 38.52 32.11 -5.53
C TRP S 47 38.26 32.11 -7.02
N ILE S 48 37.64 31.04 -7.51
CA ILE S 48 37.38 30.88 -8.93
C ILE S 48 35.89 30.91 -9.22
N GLY S 49 35.13 30.06 -8.55
CA GLY S 49 33.71 29.95 -8.86
C GLY S 49 33.15 28.69 -8.23
N TRP S 50 31.84 28.56 -8.37
CA TRP S 50 31.16 27.40 -7.83
C TRP S 50 30.11 26.88 -8.79
N ILE S 51 29.70 25.65 -8.54
CA ILE S 51 28.71 24.95 -9.35
C ILE S 51 27.86 24.07 -8.45
N LYS S 52 26.55 24.16 -8.62
CA LYS S 52 25.61 23.20 -8.06
C LYS S 52 25.29 22.18 -9.13
N PRO S 53 25.55 20.89 -8.90
CA PRO S 53 25.38 19.89 -9.95
C PRO S 53 23.95 19.46 -10.16
N LEU S 54 23.03 19.93 -9.31
CA LEU S 54 21.62 19.56 -9.44
C LEU S 54 21.05 20.05 -10.75
N TRP S 55 21.42 21.25 -11.15
CA TRP S 55 21.22 21.69 -12.50
C TRP S 55 22.51 22.18 -13.14
N GLY S 56 23.61 22.21 -12.41
CA GLY S 56 24.80 22.83 -12.92
C GLY S 56 24.73 24.33 -12.87
N ALA S 57 24.01 24.88 -11.91
CA ALA S 57 23.95 26.33 -11.78
C ALA S 57 25.29 26.84 -11.30
N VAL S 58 25.93 27.69 -12.09
CA VAL S 58 27.29 28.10 -11.82
C VAL S 58 27.29 29.56 -11.39
N SER S 59 28.44 29.97 -10.85
CA SER S 59 28.74 31.38 -10.68
C SER S 59 30.24 31.54 -10.73
N TYR S 60 30.69 32.56 -11.44
CA TYR S 60 32.11 32.73 -11.71
C TYR S 60 32.63 33.94 -10.95
N ALA S 61 33.94 33.97 -10.72
CA ALA S 61 34.56 35.19 -10.25
C ALA S 61 34.57 36.22 -11.38
N ARG S 62 34.42 37.49 -10.99
CA ARG S 62 34.18 38.55 -11.96
C ARG S 62 35.38 38.76 -12.87
N GLN S 63 36.56 38.95 -12.30
CA GLN S 63 37.76 39.26 -13.04
C GLN S 63 38.32 38.07 -13.82
N LEU S 64 37.59 36.96 -13.90
CA LEU S 64 37.93 35.86 -14.79
C LEU S 64 36.77 35.45 -15.67
N GLN S 65 35.69 36.23 -15.74
CA GLN S 65 34.56 35.86 -16.58
C GLN S 65 34.92 35.93 -18.06
N GLY S 66 34.21 35.14 -18.84
CA GLY S 66 34.56 34.95 -20.24
C GLY S 66 35.66 33.95 -20.49
N ARG S 67 36.33 33.48 -19.45
CA ARG S 67 37.47 32.58 -19.59
C ARG S 67 37.21 31.20 -19.02
N VAL S 68 36.58 31.10 -17.88
CA VAL S 68 36.41 29.83 -17.20
C VAL S 68 35.07 29.22 -17.63
N SER S 69 35.00 27.88 -17.61
CA SER S 69 33.79 27.18 -17.99
C SER S 69 33.64 25.96 -17.09
N MET S 70 32.53 25.86 -16.37
CA MET S 70 32.32 24.74 -15.47
C MET S 70 31.13 23.92 -15.94
N THR S 71 31.32 22.61 -16.04
CA THR S 71 30.24 21.68 -16.33
C THR S 71 30.28 20.57 -15.31
N ARG S 72 29.28 19.69 -15.37
CA ARG S 72 29.29 18.51 -14.52
C ARG S 72 28.60 17.36 -15.21
N GLN S 73 28.85 16.17 -14.69
CA GLN S 73 28.15 14.96 -15.10
C GLN S 73 27.71 14.21 -13.86
N LEU S 74 26.40 13.94 -13.78
CA LEU S 74 25.85 13.11 -12.74
C LEU S 74 25.99 11.64 -13.09
N SER S 75 25.68 10.81 -12.12
CA SER S 75 25.57 9.37 -12.32
C SER S 75 24.11 9.00 -12.33
N GLN S 76 23.62 8.48 -13.44
CA GLN S 76 22.23 8.08 -13.52
C GLN S 76 22.14 6.57 -13.69
N ASP S 77 22.01 5.90 -12.55
CA ASP S 77 21.62 4.51 -12.46
C ASP S 77 21.02 4.28 -11.08
N PRO S 78 20.19 3.25 -10.91
CA PRO S 78 19.72 2.90 -9.56
C PRO S 78 20.73 2.13 -8.72
N ASP S 79 22.00 2.10 -9.12
CA ASP S 79 23.03 1.40 -8.36
C ASP S 79 24.06 2.34 -7.75
N ASP S 80 24.53 3.34 -8.48
CA ASP S 80 25.59 4.24 -8.02
C ASP S 80 25.09 5.68 -8.02
N PRO S 81 24.42 6.12 -6.96
CA PRO S 81 24.03 7.52 -6.85
C PRO S 81 25.09 8.41 -6.22
N ASP S 82 26.28 7.88 -5.97
CA ASP S 82 27.24 8.62 -5.16
C ASP S 82 28.21 9.45 -5.99
N TRP S 83 28.80 8.87 -7.03
CA TRP S 83 29.92 9.50 -7.69
C TRP S 83 29.44 10.50 -8.73
N GLY S 84 30.18 11.59 -8.86
CA GLY S 84 29.85 12.59 -9.84
C GLY S 84 31.10 13.34 -10.27
N VAL S 85 31.13 13.76 -11.52
CA VAL S 85 32.34 14.32 -12.08
C VAL S 85 32.11 15.79 -12.37
N ALA S 86 32.82 16.66 -11.67
CA ALA S 86 32.85 18.06 -12.01
C ALA S 86 33.97 18.31 -13.01
N TYR S 87 33.82 19.37 -13.79
CA TYR S 87 34.82 19.73 -14.76
C TYR S 87 35.20 21.19 -14.58
N MET S 88 36.33 21.55 -15.19
CA MET S 88 36.71 22.95 -15.30
C MET S 88 37.53 23.10 -16.56
N GLU S 89 37.03 23.85 -17.52
CA GLU S 89 37.78 24.19 -18.71
C GLU S 89 38.20 25.64 -18.57
N PHE S 90 39.48 25.85 -18.34
CA PHE S 90 40.04 27.17 -18.16
C PHE S 90 40.70 27.59 -19.47
N SER S 91 40.21 28.66 -20.06
CA SER S 91 40.62 29.08 -21.39
C SER S 91 41.43 30.37 -21.33
N GLY S 92 42.21 30.61 -22.38
CA GLY S 92 43.03 31.80 -22.46
C GLY S 92 44.20 31.78 -21.49
N LEU S 93 45.13 30.87 -21.71
CA LEU S 93 46.21 30.66 -20.75
C LEU S 93 47.32 31.69 -20.91
N THR S 94 47.85 32.13 -19.77
CA THR S 94 49.07 32.90 -19.66
C THR S 94 50.06 32.12 -18.81
N PRO S 95 51.36 32.40 -18.92
CA PRO S 95 52.31 31.84 -17.94
C PRO S 95 52.04 32.30 -16.51
N ALA S 96 51.45 33.48 -16.32
CA ALA S 96 50.98 33.89 -15.01
C ALA S 96 49.87 32.99 -14.47
N ASP S 97 49.19 32.24 -15.33
CA ASP S 97 48.23 31.24 -14.90
C ASP S 97 48.87 29.97 -14.37
N THR S 98 50.20 29.88 -14.35
CA THR S 98 50.89 28.75 -13.73
C THR S 98 50.58 28.70 -12.24
N ALA S 99 49.89 27.65 -11.80
CA ALA S 99 49.32 27.64 -10.45
C ALA S 99 48.88 26.23 -10.09
N GLU S 100 48.53 26.05 -8.82
CA GLU S 100 47.96 24.81 -8.31
C GLU S 100 46.47 25.01 -8.05
N TYR S 101 45.65 24.10 -8.57
CA TYR S 101 44.20 24.24 -8.53
C TYR S 101 43.62 23.16 -7.62
N PHE S 102 42.43 23.45 -7.08
CA PHE S 102 41.74 22.60 -6.13
C PHE S 102 40.25 22.62 -6.40
N CYS S 103 39.63 21.44 -6.30
CA CYS S 103 38.18 21.30 -6.21
C CYS S 103 37.83 20.91 -4.78
N VAL S 104 36.94 21.68 -4.15
CA VAL S 104 36.64 21.52 -2.73
C VAL S 104 35.14 21.45 -2.48
N ARG S 105 34.81 20.85 -1.33
CA ARG S 105 33.43 20.73 -0.89
C ARG S 105 33.32 21.19 0.56
N ARG S 106 32.16 21.76 0.89
CA ARG S 106 31.97 22.41 2.17
C ARG S 106 31.71 21.40 3.29
N GLY S 107 31.63 21.92 4.51
CA GLY S 107 31.29 21.11 5.65
C GLY S 107 29.80 20.81 5.70
N SER S 108 29.46 19.77 6.46
CA SER S 108 28.11 19.22 6.44
C SER S 108 27.38 19.36 7.76
N CYS S 109 27.84 20.21 8.66
CA CYS S 109 27.10 20.44 9.90
C CYS S 109 25.97 21.44 9.65
N ASP S 110 25.18 21.69 10.69
CA ASP S 110 24.07 22.62 10.55
C ASP S 110 24.56 24.06 10.54
N TYR S 111 25.55 24.36 11.37
CA TYR S 111 26.14 25.69 11.38
C TYR S 111 27.28 25.84 10.39
N CYS S 112 27.51 24.83 9.58
CA CYS S 112 28.47 24.96 8.48
C CYS S 112 27.91 25.94 7.45
N GLY S 113 28.75 26.87 7.02
CA GLY S 113 28.35 27.80 5.99
C GLY S 113 28.47 27.17 4.62
N ASP S 114 29.04 27.91 3.68
CA ASP S 114 29.32 27.35 2.37
C ASP S 114 30.77 27.43 1.99
N PHE S 115 31.40 28.54 2.25
CA PHE S 115 32.84 28.69 2.10
C PHE S 115 33.79 27.97 3.08
N PRO S 116 33.39 27.61 4.33
CA PRO S 116 34.29 26.76 5.12
C PRO S 116 34.46 25.36 4.54
N TRP S 117 35.37 25.27 3.59
CA TRP S 117 35.55 24.08 2.76
C TRP S 117 36.16 22.96 3.55
N GLN S 118 35.39 21.91 3.80
CA GLN S 118 35.88 20.80 4.60
C GLN S 118 36.80 19.90 3.80
N TYR S 119 36.31 19.38 2.69
CA TYR S 119 37.02 18.34 1.98
C TYR S 119 37.72 18.91 0.76
N TRP S 120 38.92 18.42 0.50
CA TRP S 120 39.84 19.04 -0.42
C TRP S 120 40.39 18.03 -1.41
N GLY S 121 40.66 18.51 -2.61
CA GLY S 121 41.33 17.67 -3.60
C GLY S 121 42.80 17.58 -3.34
N GLN S 122 43.47 16.72 -4.10
CA GLN S 122 44.89 16.53 -3.87
C GLN S 122 45.75 17.58 -4.55
N GLY S 123 45.16 18.49 -5.32
CA GLY S 123 45.93 19.56 -5.91
C GLY S 123 46.47 19.23 -7.28
N THR S 124 46.24 20.10 -8.25
CA THR S 124 46.69 19.87 -9.63
C THR S 124 47.46 21.09 -10.09
N VAL S 125 48.75 20.91 -10.36
CA VAL S 125 49.59 22.04 -10.74
C VAL S 125 49.68 22.08 -12.26
N VAL S 126 49.42 23.25 -12.83
CA VAL S 126 49.53 23.45 -14.27
C VAL S 126 50.52 24.59 -14.50
N VAL S 127 51.53 24.32 -15.32
CA VAL S 127 52.55 25.30 -15.67
C VAL S 127 52.40 25.60 -17.16
N VAL S 128 52.41 26.89 -17.49
CA VAL S 128 52.34 27.29 -18.88
C VAL S 128 53.71 27.70 -19.39
N GLU T 1 34.85 45.80 -1.50
CA GLU T 1 35.12 44.46 -0.98
C GLU T 1 35.64 44.53 0.44
N ILE T 2 36.07 43.38 0.96
CA ILE T 2 36.64 43.30 2.30
C ILE T 2 38.08 42.86 2.18
N VAL T 3 38.98 43.63 2.76
CA VAL T 3 40.41 43.36 2.69
C VAL T 3 40.82 42.64 3.97
N LEU T 4 41.58 41.56 3.84
CA LEU T 4 42.13 40.89 5.00
C LEU T 4 43.58 41.29 5.20
N THR T 5 43.96 41.47 6.46
CA THR T 5 45.31 41.85 6.84
C THR T 5 45.76 40.99 8.00
N GLN T 6 46.90 40.33 7.84
CA GLN T 6 47.45 39.49 8.90
C GLN T 6 48.65 40.20 9.50
N SER T 7 48.60 40.45 10.81
CA SER T 7 49.62 41.24 11.47
C SER T 7 50.95 40.54 11.82
N PRO T 8 51.03 39.30 12.32
CA PRO T 8 52.34 38.82 12.79
C PRO T 8 53.33 38.50 11.69
N GLY T 9 52.86 38.28 10.46
CA GLY T 9 53.75 38.02 9.34
C GLY T 9 54.45 36.69 9.49
N ILE T 10 55.75 36.73 9.82
CA ILE T 10 56.52 35.55 10.17
C ILE T 10 56.73 35.56 11.67
N LEU T 11 56.33 34.49 12.35
CA LEU T 11 56.44 34.40 13.79
C LEU T 11 57.25 33.16 14.13
N SER T 12 58.42 33.37 14.70
CA SER T 12 59.33 32.27 15.03
C SER T 12 59.31 32.04 16.53
N LEU T 13 58.95 30.82 16.92
CA LEU T 13 58.90 30.43 18.32
C LEU T 13 59.46 29.03 18.47
N SER T 14 59.72 28.68 19.69
CA SER T 14 60.20 27.36 20.08
C SER T 14 59.02 26.42 20.30
N PRO T 15 59.21 25.12 20.12
CA PRO T 15 58.10 24.17 20.31
C PRO T 15 57.66 24.08 21.77
N GLY T 16 56.42 23.60 21.94
CA GLY T 16 55.82 23.49 23.24
C GLY T 16 55.18 24.76 23.75
N GLU T 17 55.36 25.88 23.06
CA GLU T 17 54.93 27.18 23.54
C GLU T 17 53.51 27.49 23.08
N THR T 18 53.06 28.70 23.35
CA THR T 18 51.83 29.22 22.80
C THR T 18 52.14 30.27 21.76
N ALA T 19 51.19 30.50 20.86
CA ALA T 19 51.37 31.47 19.80
C ALA T 19 50.03 32.10 19.48
N THR T 20 50.08 33.32 18.97
CA THR T 20 48.86 34.09 18.72
C THR T 20 48.97 34.71 17.34
N LEU T 21 48.17 34.23 16.40
CA LEU T 21 48.03 34.88 15.10
C LEU T 21 46.84 35.81 15.12
N PHE T 22 46.98 36.94 14.42
CA PHE T 22 45.99 37.99 14.47
C PHE T 22 45.61 38.37 13.05
N CYS T 23 44.31 38.49 12.80
CA CYS T 23 43.86 38.96 11.50
C CYS T 23 42.81 40.04 11.66
N LYS T 24 42.71 40.88 10.65
CA LYS T 24 41.88 42.07 10.70
C LYS T 24 41.18 42.25 9.36
N ALA T 25 39.87 42.43 9.41
CA ALA T 25 39.06 42.67 8.24
C ALA T 25 38.67 44.14 8.17
N SER T 26 38.06 44.51 7.05
CA SER T 26 37.61 45.89 6.88
C SER T 26 36.18 46.10 7.31
N GLN T 27 35.31 45.11 7.13
CA GLN T 27 33.90 45.22 7.49
C GLN T 27 33.60 44.23 8.60
N GLY T 28 33.18 44.75 9.74
CA GLY T 28 32.79 43.88 10.83
C GLY T 28 31.39 43.33 10.64
N GLY T 29 31.11 42.26 11.38
CA GLY T 29 29.78 41.68 11.39
C GLY T 29 29.69 40.26 10.87
N ASN T 30 30.76 39.67 10.34
CA ASN T 30 30.68 38.33 9.81
C ASN T 30 31.74 37.46 10.46
N ALA T 31 31.76 36.18 10.08
CA ALA T 31 32.59 35.19 10.75
C ALA T 31 33.98 35.12 10.11
N MET T 32 34.79 34.18 10.60
CA MET T 32 36.15 34.03 10.13
C MET T 32 36.52 32.56 10.01
N THR T 33 37.29 32.23 8.98
CA THR T 33 37.73 30.88 8.69
C THR T 33 39.24 30.81 8.83
N TRP T 34 39.75 29.71 9.36
CA TRP T 34 41.19 29.53 9.53
C TRP T 34 41.65 28.25 8.84
N TYR T 35 42.72 28.35 8.07
CA TYR T 35 43.31 27.22 7.37
C TYR T 35 44.74 26.99 7.80
N GLN T 36 45.13 25.72 7.92
CA GLN T 36 46.51 25.31 8.06
C GLN T 36 46.98 24.67 6.77
N LYS T 37 48.16 25.06 6.31
CA LYS T 37 48.83 24.38 5.22
C LYS T 37 50.26 24.10 5.64
N ARG T 38 50.63 22.83 5.62
CA ARG T 38 52.02 22.46 5.87
C ARG T 38 52.80 22.50 4.55
N ARG T 39 54.07 22.09 4.63
CA ARG T 39 54.97 22.17 3.50
C ARG T 39 54.60 21.12 2.47
N GLY T 40 54.16 21.56 1.30
CA GLY T 40 53.86 20.67 0.20
C GLY T 40 52.71 19.72 0.44
N GLN T 41 51.74 20.12 1.27
CA GLN T 41 50.64 19.24 1.61
C GLN T 41 49.32 19.89 1.25
N VAL T 42 48.28 19.07 1.22
CA VAL T 42 46.93 19.56 1.01
C VAL T 42 46.46 20.27 2.28
N PRO T 43 45.95 21.49 2.18
CA PRO T 43 45.58 22.25 3.38
C PRO T 43 44.37 21.66 4.08
N ARG T 44 44.06 22.27 5.22
CA ARG T 44 43.15 21.67 6.18
C ARG T 44 42.47 22.77 6.98
N LEU T 45 41.17 22.64 7.17
CA LEU T 45 40.44 23.65 7.93
C LEU T 45 40.70 23.45 9.41
N LEU T 46 40.96 24.54 10.12
CA LEU T 46 41.06 24.49 11.57
C LEU T 46 39.80 25.03 12.23
N ILE T 47 39.45 26.27 11.94
CA ILE T 47 38.36 26.95 12.62
C ILE T 47 37.38 27.46 11.59
N TYR T 48 36.11 27.07 11.74
CA TYR T 48 35.01 27.68 11.03
C TYR T 48 34.11 28.33 12.05
N ASP T 49 33.37 29.36 11.60
CA ASP T 49 32.44 30.16 12.40
C ASP T 49 33.13 30.83 13.59
N THR T 50 34.45 31.05 13.47
CA THR T 50 35.33 31.86 14.31
C THR T 50 35.56 31.23 15.69
N SER T 51 34.81 30.18 16.05
CA SER T 51 35.07 29.47 17.29
C SER T 51 34.86 27.97 17.19
N ARG T 52 34.40 27.45 16.07
CA ARG T 52 34.10 26.03 15.96
C ARG T 52 35.25 25.32 15.28
N ARG T 53 35.56 24.13 15.78
CA ARG T 53 36.68 23.36 15.27
C ARG T 53 36.20 22.30 14.29
N ALA T 54 37.07 21.92 13.37
CA ALA T 54 36.72 20.93 12.36
C ALA T 54 36.90 19.53 12.94
N SER T 55 36.76 18.51 12.09
CA SER T 55 36.94 17.14 12.52
C SER T 55 38.43 16.85 12.73
N GLY T 56 38.73 16.07 13.76
CA GLY T 56 40.10 15.72 14.05
C GLY T 56 40.96 16.87 14.54
N VAL T 57 40.34 17.95 14.99
CA VAL T 57 41.05 19.12 15.48
C VAL T 57 41.15 19.00 17.00
N PRO T 58 42.34 18.89 17.57
CA PRO T 58 42.47 18.97 19.02
C PRO T 58 42.18 20.39 19.49
N ASP T 59 41.70 20.49 20.72
CA ASP T 59 41.23 21.77 21.24
C ASP T 59 42.36 22.68 21.72
N ARG T 60 43.61 22.42 21.34
CA ARG T 60 44.66 23.40 21.54
C ARG T 60 44.67 24.48 20.47
N PHE T 61 43.73 24.42 19.53
CA PHE T 61 43.45 25.52 18.61
C PHE T 61 42.21 26.24 19.13
N VAL T 62 42.36 27.48 19.56
CA VAL T 62 41.24 28.26 20.08
C VAL T 62 41.16 29.54 19.28
N GLY T 63 40.07 29.71 18.54
CA GLY T 63 39.84 30.93 17.80
C GLY T 63 38.84 31.81 18.52
N SER T 64 39.02 33.12 18.39
CA SER T 64 38.14 34.08 19.03
C SER T 64 38.22 35.39 18.27
N GLY T 65 37.68 36.44 18.86
CA GLY T 65 37.70 37.77 18.26
C GLY T 65 36.31 38.27 17.95
N SER T 66 36.25 39.57 17.70
CA SER T 66 34.97 40.21 17.41
C SER T 66 35.24 41.48 16.63
N GLY T 67 34.16 42.08 16.14
CA GLY T 67 34.23 43.28 15.31
C GLY T 67 34.98 42.99 14.03
N THR T 68 36.19 43.52 13.92
CA THR T 68 37.10 43.18 12.85
C THR T 68 38.35 42.47 13.33
N ASP T 69 38.61 42.46 14.63
CA ASP T 69 39.86 41.94 15.16
C ASP T 69 39.66 40.51 15.63
N PHE T 70 40.39 39.58 15.02
CA PHE T 70 40.18 38.15 15.25
C PHE T 70 41.49 37.48 15.64
N PHE T 71 41.37 36.53 16.57
CA PHE T 71 42.48 35.85 17.20
C PHE T 71 42.46 34.37 16.84
N LEU T 72 43.65 33.82 16.61
CA LEU T 72 43.86 32.37 16.57
C LEU T 72 44.99 32.05 17.52
N THR T 73 44.65 31.45 18.67
CA THR T 73 45.60 31.15 19.72
C THR T 73 45.86 29.66 19.75
N ILE T 74 47.12 29.28 19.66
CA ILE T 74 47.53 27.88 19.74
C ILE T 74 48.30 27.68 21.04
N ASN T 75 47.88 26.70 21.83
CA ASN T 75 48.57 26.35 23.06
C ASN T 75 49.37 25.08 22.82
N LYS T 76 50.57 25.02 23.42
CA LYS T 76 51.42 23.83 23.43
C LYS T 76 51.77 23.38 22.00
N LEU T 77 52.61 24.20 21.36
CA LEU T 77 53.00 23.97 19.97
C LEU T 77 53.68 22.62 19.79
N ASP T 78 53.04 21.77 19.01
CA ASP T 78 53.70 20.60 18.46
C ASP T 78 54.52 21.06 17.25
N ARG T 79 55.56 20.27 16.93
CA ARG T 79 56.40 20.56 15.77
C ARG T 79 55.58 20.53 14.48
N GLU T 80 54.65 19.59 14.37
CA GLU T 80 53.74 19.54 13.23
C GLU T 80 52.82 20.74 13.17
N ASP T 81 52.65 21.46 14.28
CA ASP T 81 51.90 22.70 14.27
C ASP T 81 52.65 23.83 13.56
N PHE T 82 53.95 23.71 13.35
CA PHE T 82 54.72 24.77 12.71
C PHE T 82 54.48 24.72 11.22
N ALA T 83 53.62 25.62 10.72
CA ALA T 83 53.23 25.60 9.32
C ALA T 83 52.71 26.99 8.95
N VAL T 84 52.07 27.06 7.78
CA VAL T 84 51.51 28.29 7.24
C VAL T 84 50.03 28.34 7.62
N TYR T 85 49.53 29.53 7.90
CA TYR T 85 48.15 29.68 8.36
C TYR T 85 47.49 30.83 7.63
N TYR T 86 46.25 30.61 7.21
CA TYR T 86 45.49 31.59 6.45
C TYR T 86 44.20 31.93 7.18
N CYS T 87 43.78 33.19 7.03
CA CYS T 87 42.46 33.64 7.43
C CYS T 87 41.62 33.83 6.18
N GLN T 88 40.34 33.49 6.27
CA GLN T 88 39.47 33.45 5.10
C GLN T 88 38.11 33.96 5.46
N GLN T 89 37.66 34.98 4.74
CA GLN T 89 36.26 35.33 4.69
C GLN T 89 35.80 34.97 3.29
N PHE T 90 34.55 35.31 2.95
CA PHE T 90 33.72 34.75 1.89
C PHE T 90 34.41 34.32 0.60
N GLU T 91 35.13 35.22 -0.04
CA GLU T 91 36.06 34.81 -1.09
C GLU T 91 37.43 35.38 -0.83
N PHE T 92 37.62 36.00 0.31
CA PHE T 92 38.75 36.87 0.55
C PHE T 92 39.74 36.15 1.46
N PHE T 93 41.02 36.32 1.17
CA PHE T 93 42.07 35.56 1.82
C PHE T 93 43.10 36.49 2.44
N GLY T 94 43.58 36.13 3.62
CA GLY T 94 44.81 36.70 4.11
C GLY T 94 46.00 36.20 3.33
N LEU T 95 47.10 36.93 3.42
CA LEU T 95 48.26 36.61 2.60
C LEU T 95 49.16 35.55 3.22
N GLY T 96 48.81 35.03 4.39
CA GLY T 96 49.56 33.90 4.92
C GLY T 96 50.54 34.26 6.01
N SER T 97 50.41 33.59 7.15
CA SER T 97 51.27 33.79 8.30
C SER T 97 52.09 32.54 8.53
N GLU T 98 53.40 32.70 8.61
CA GLU T 98 54.31 31.58 8.79
C GLU T 98 54.64 31.41 10.26
N LEU T 99 54.56 30.18 10.74
CA LEU T 99 54.98 29.83 12.09
C LEU T 99 56.24 29.00 11.97
N GLU T 100 57.33 29.46 12.59
CA GLU T 100 58.65 28.94 12.33
C GLU T 100 59.28 28.47 13.63
N VAL T 101 60.11 27.43 13.52
CA VAL T 101 60.79 26.86 14.68
C VAL T 101 62.00 27.72 15.01
N HIS T 102 61.97 28.39 16.15
CA HIS T 102 63.11 29.20 16.56
C HIS T 102 64.28 28.32 17.00
N ALA U 1 -12.89 -1.62 62.75
CA ALA U 1 -11.78 -2.50 63.04
C ALA U 1 -11.99 -3.87 62.41
N GLU U 2 -12.86 -4.67 63.04
CA GLU U 2 -13.18 -6.00 62.54
C GLU U 2 -14.01 -5.92 61.27
N ASN U 3 -14.69 -4.81 61.03
CA ASN U 3 -15.30 -4.52 59.74
C ASN U 3 -14.20 -4.10 58.78
N LEU U 4 -13.55 -5.10 58.19
CA LEU U 4 -12.51 -4.83 57.22
C LEU U 4 -13.12 -4.32 55.94
N TRP U 5 -12.52 -3.29 55.38
CA TRP U 5 -13.06 -2.62 54.20
C TRP U 5 -12.17 -2.91 53.00
N VAL U 6 -12.79 -3.28 51.89
CA VAL U 6 -12.05 -3.53 50.67
C VAL U 6 -11.59 -2.19 50.09
N THR U 7 -10.35 -2.14 49.61
CA THR U 7 -9.82 -0.93 48.98
C THR U 7 -9.06 -1.32 47.73
N VAL U 8 -9.22 -0.50 46.68
CA VAL U 8 -8.53 -0.76 45.43
C VAL U 8 -7.14 -0.16 45.49
N TYR U 9 -6.29 -0.59 44.57
CA TYR U 9 -4.94 -0.08 44.41
C TYR U 9 -4.64 -0.10 42.94
N TYR U 10 -4.41 1.08 42.37
CA TYR U 10 -4.16 1.20 40.95
C TYR U 10 -2.67 1.26 40.70
N GLY U 11 -2.20 0.44 39.76
CA GLY U 11 -0.78 0.37 39.49
C GLY U 11 -0.03 -0.61 40.35
N VAL U 12 -0.68 -1.69 40.78
CA VAL U 12 -0.03 -2.76 41.53
C VAL U 12 1.03 -3.42 40.66
N PRO U 13 2.25 -3.56 41.13
CA PRO U 13 3.24 -4.32 40.36
C PRO U 13 2.89 -5.80 40.33
N VAL U 14 2.36 -6.23 39.19
CA VAL U 14 1.82 -7.57 39.00
C VAL U 14 1.65 -7.73 37.50
N TRP U 15 1.69 -8.97 37.01
CA TRP U 15 1.61 -9.19 35.58
C TRP U 15 0.98 -10.54 35.33
N LYS U 16 0.64 -10.77 34.08
CA LYS U 16 0.33 -12.12 33.61
C LYS U 16 1.02 -12.36 32.28
N ASP U 17 0.98 -13.61 31.84
CA ASP U 17 1.57 -13.95 30.57
C ASP U 17 0.66 -13.52 29.45
N ALA U 18 1.25 -12.97 28.39
CA ALA U 18 0.47 -12.51 27.26
C ALA U 18 1.32 -12.58 26.02
N GLU U 19 0.72 -12.26 24.88
CA GLU U 19 1.41 -12.30 23.61
C GLU U 19 0.99 -11.09 22.79
N THR U 20 1.97 -10.30 22.36
CA THR U 20 1.69 -9.06 21.66
C THR U 20 2.83 -8.78 20.69
N THR U 21 2.78 -7.63 20.06
CA THR U 21 3.76 -7.27 19.04
C THR U 21 4.98 -6.63 19.70
N LEU U 22 5.87 -6.05 18.89
CA LEU U 22 7.15 -5.59 19.38
C LEU U 22 7.49 -4.26 18.73
N PHE U 23 8.77 -3.90 18.84
CA PHE U 23 9.21 -2.53 18.62
C PHE U 23 10.66 -2.62 18.18
N CYS U 24 10.94 -2.39 16.91
CA CYS U 24 12.23 -2.70 16.31
C CYS U 24 13.13 -1.46 16.31
N ALA U 25 14.21 -1.50 17.08
CA ALA U 25 15.04 -0.32 17.30
C ALA U 25 16.51 -0.67 17.19
N SER U 26 17.26 0.14 16.45
CA SER U 26 18.71 -0.04 16.31
C SER U 26 19.42 1.27 16.63
N ASP U 27 20.74 1.29 16.46
CA ASP U 27 21.52 2.47 16.79
C ASP U 27 21.64 3.42 15.61
N ALA U 28 22.06 4.65 15.91
CA ALA U 28 22.10 5.71 14.91
C ALA U 28 23.24 5.55 13.92
N LYS U 29 24.21 4.68 14.19
CA LYS U 29 25.27 4.45 13.22
C LYS U 29 24.83 3.56 12.07
N ALA U 30 23.66 2.94 12.19
CA ALA U 30 22.98 2.40 11.01
C ALA U 30 22.44 3.52 10.12
N TYR U 31 22.03 4.63 10.73
CA TYR U 31 21.58 5.79 9.97
C TYR U 31 22.74 6.62 9.45
N GLU U 32 23.92 6.48 10.06
CA GLU U 32 25.14 7.03 9.46
C GLU U 32 25.42 6.39 8.11
N THR U 33 25.17 5.09 7.99
CA THR U 33 25.24 4.43 6.69
C THR U 33 24.01 4.80 5.89
N GLU U 34 24.20 5.57 4.83
CA GLU U 34 23.12 6.35 4.23
C GLU U 34 22.49 5.64 3.03
N LYS U 35 21.41 6.26 2.53
CA LYS U 35 20.73 5.93 1.28
C LYS U 35 20.07 4.55 1.30
N HIS U 36 19.69 4.08 2.49
CA HIS U 36 18.91 2.85 2.71
C HIS U 36 19.58 1.61 2.15
N ASN U 37 20.91 1.63 2.07
CA ASN U 37 21.65 0.43 1.76
C ASN U 37 21.59 -0.58 2.90
N VAL U 38 21.43 -0.09 4.12
CA VAL U 38 21.14 -0.96 5.25
C VAL U 38 19.65 -1.28 5.24
N TRP U 39 19.33 -2.56 5.28
CA TRP U 39 17.94 -2.89 5.56
C TRP U 39 17.68 -2.76 7.05
N ALA U 40 16.39 -2.73 7.41
CA ALA U 40 15.90 -2.33 8.73
C ALA U 40 16.47 -0.98 9.14
N THR U 41 16.18 0.02 8.31
CA THR U 41 16.31 1.41 8.72
C THR U 41 15.14 2.26 8.26
N HIS U 42 14.32 1.76 7.34
CA HIS U 42 13.05 2.39 7.03
C HIS U 42 12.13 2.35 8.24
N ALA U 43 11.88 1.15 8.77
CA ALA U 43 10.96 0.95 9.87
C ALA U 43 11.64 0.98 11.23
N CYS U 44 12.93 0.69 11.29
CA CYS U 44 13.61 0.49 12.55
C CYS U 44 13.92 1.84 13.18
N VAL U 45 13.31 2.11 14.32
CA VAL U 45 13.46 3.38 15.02
C VAL U 45 14.85 3.40 15.67
N PRO U 46 15.50 4.57 15.76
CA PRO U 46 16.75 4.65 16.52
C PRO U 46 16.56 4.33 18.00
N THR U 47 17.53 3.61 18.56
CA THR U 47 17.49 3.24 19.97
C THR U 47 17.73 4.43 20.88
N ASP U 48 17.77 4.12 22.14
CA ASP U 48 18.25 4.99 23.17
C ASP U 48 19.48 4.37 23.81
N PRO U 49 20.40 5.18 24.30
CA PRO U 49 21.46 4.63 25.17
C PRO U 49 20.91 4.29 26.55
N ASN U 50 21.79 3.76 27.41
CA ASN U 50 21.63 3.29 28.80
C ASN U 50 20.24 2.74 29.14
N PRO U 51 19.82 1.64 28.51
CA PRO U 51 18.45 1.17 28.71
C PRO U 51 18.25 0.58 30.10
N GLN U 52 17.09 0.87 30.68
CA GLN U 52 16.83 0.50 32.05
C GLN U 52 16.68 -1.02 32.19
N GLU U 53 17.40 -1.57 33.15
CA GLU U 53 17.38 -3.02 33.39
C GLU U 53 17.68 -3.19 34.87
N ILE U 54 16.64 -3.34 35.67
CA ILE U 54 16.78 -3.26 37.11
C ILE U 54 16.35 -4.59 37.73
N HIS U 55 16.99 -4.92 38.84
CA HIS U 55 16.87 -6.25 39.38
C HIS U 55 15.59 -6.38 40.20
N LEU U 56 15.14 -7.62 40.36
CA LEU U 56 13.91 -7.91 41.06
C LEU U 56 14.21 -9.10 41.96
N GLU U 57 13.63 -9.12 43.15
CA GLU U 57 14.14 -9.98 44.21
C GLU U 57 13.03 -10.79 44.85
N ASN U 58 13.45 -11.89 45.49
CA ASN U 58 12.57 -12.87 46.15
C ASN U 58 11.49 -13.36 45.19
N VAL U 59 11.91 -13.68 43.97
CA VAL U 59 10.99 -13.81 42.85
C VAL U 59 11.23 -15.14 42.13
N THR U 60 10.15 -15.87 41.90
CA THR U 60 10.20 -17.14 41.18
C THR U 60 9.30 -17.03 39.98
N GLU U 61 9.86 -17.23 38.79
CA GLU U 61 9.12 -17.13 37.54
C GLU U 61 9.48 -18.29 36.64
N GLU U 62 8.48 -18.98 36.14
CA GLU U 62 8.69 -20.09 35.22
C GLU U 62 8.77 -19.57 33.79
N PHE U 63 9.82 -19.98 33.09
CA PHE U 63 10.02 -19.62 31.70
C PHE U 63 9.95 -20.87 30.84
N ASN U 64 9.87 -20.63 29.53
CA ASN U 64 9.90 -21.69 28.54
C ASN U 64 10.34 -21.05 27.23
N MET U 65 11.34 -21.63 26.60
CA MET U 65 11.66 -21.19 25.26
C MET U 65 10.87 -21.92 24.21
N TRP U 66 10.18 -23.00 24.56
CA TRP U 66 9.61 -23.82 23.52
C TRP U 66 8.16 -23.44 23.24
N LYS U 67 7.38 -23.15 24.28
CA LYS U 67 6.09 -22.52 24.10
C LYS U 67 6.17 -21.01 24.14
N ASN U 68 7.35 -20.45 23.89
CA ASN U 68 7.51 -19.02 23.85
C ASN U 68 6.97 -18.46 22.54
N ASN U 69 6.37 -17.29 22.60
CA ASN U 69 6.07 -16.52 21.42
C ASN U 69 7.28 -15.63 21.15
N MET U 70 7.12 -14.63 20.27
CA MET U 70 8.04 -13.58 19.84
C MET U 70 9.21 -14.13 19.05
N VAL U 71 9.32 -15.45 18.95
CA VAL U 71 10.09 -16.05 17.88
C VAL U 71 9.21 -16.25 16.66
N GLU U 72 7.89 -16.40 16.89
CA GLU U 72 6.97 -16.58 15.79
C GLU U 72 6.81 -15.31 14.98
N GLN U 73 6.49 -14.20 15.66
CA GLN U 73 6.36 -12.97 14.92
C GLN U 73 7.70 -12.40 14.49
N MET U 74 8.80 -12.80 15.12
CA MET U 74 10.10 -12.41 14.59
C MET U 74 10.39 -13.14 13.29
N HIS U 75 10.08 -14.44 13.25
CA HIS U 75 10.21 -15.18 12.01
C HIS U 75 9.26 -14.65 10.93
N THR U 76 8.14 -14.08 11.35
CA THR U 76 7.28 -13.37 10.41
C THR U 76 7.96 -12.09 9.93
N ASP U 77 8.47 -11.29 10.86
CA ASP U 77 8.94 -9.94 10.56
C ASP U 77 10.19 -9.95 9.71
N ILE U 78 11.06 -10.95 9.88
CA ILE U 78 12.30 -10.95 9.13
C ILE U 78 12.03 -11.30 7.67
N ILE U 79 11.14 -12.25 7.43
CA ILE U 79 10.76 -12.55 6.06
C ILE U 79 9.94 -11.40 5.48
N SER U 80 9.19 -10.69 6.33
CA SER U 80 8.45 -9.53 5.87
C SER U 80 9.37 -8.41 5.41
N LEU U 81 10.41 -8.13 6.19
CA LEU U 81 11.35 -7.08 5.79
C LEU U 81 12.21 -7.56 4.63
N TRP U 82 12.43 -8.87 4.53
CA TRP U 82 13.12 -9.46 3.39
C TRP U 82 12.34 -9.21 2.11
N ASP U 83 11.03 -9.35 2.16
CA ASP U 83 10.20 -9.02 1.00
C ASP U 83 10.06 -7.51 0.79
N GLN U 84 10.15 -6.72 1.86
CA GLN U 84 10.19 -5.28 1.67
C GLN U 84 11.47 -4.82 0.99
N SER U 85 12.52 -5.62 1.08
CA SER U 85 13.79 -5.32 0.43
C SER U 85 13.88 -5.82 -1.00
N LEU U 86 12.76 -6.17 -1.62
CA LEU U 86 12.78 -6.69 -2.97
C LEU U 86 11.86 -5.96 -3.93
N LYS U 87 10.77 -5.40 -3.44
CA LYS U 87 9.87 -4.63 -4.30
C LYS U 87 10.51 -3.43 -5.00
N PRO U 88 11.54 -2.73 -4.49
CA PRO U 88 12.27 -1.82 -5.37
C PRO U 88 13.12 -2.50 -6.42
N CYS U 89 13.48 -3.76 -6.23
CA CYS U 89 14.48 -4.38 -7.09
C CYS U 89 13.85 -4.86 -8.40
N VAL U 90 14.65 -5.54 -9.21
CA VAL U 90 14.37 -5.75 -10.62
C VAL U 90 14.06 -7.22 -10.87
N LYS U 91 13.06 -7.46 -11.72
CA LYS U 91 12.72 -8.81 -12.16
C LYS U 91 13.65 -9.26 -13.30
N LEU U 92 13.67 -10.56 -13.54
CA LEU U 92 14.47 -11.16 -14.59
C LEU U 92 13.63 -11.98 -15.54
N THR U 93 12.35 -11.64 -15.63
CA THR U 93 11.44 -12.27 -16.57
C THR U 93 11.92 -12.28 -18.03
N PRO U 94 12.62 -11.27 -18.57
CA PRO U 94 13.14 -11.45 -19.94
C PRO U 94 14.36 -12.34 -20.05
N LEU U 95 14.87 -12.90 -18.96
CA LEU U 95 16.15 -13.57 -19.03
C LEU U 95 16.04 -15.07 -19.27
N CYS U 96 14.92 -15.68 -18.94
CA CYS U 96 14.76 -17.13 -19.08
C CYS U 96 14.70 -17.50 -20.55
N VAL U 97 15.80 -18.00 -21.08
CA VAL U 97 15.95 -18.14 -22.52
C VAL U 97 16.90 -19.30 -22.79
N THR U 98 16.95 -19.78 -24.04
CA THR U 98 17.86 -20.84 -24.44
C THR U 98 19.31 -20.41 -24.26
N LEU U 99 20.10 -21.26 -23.63
CA LEU U 99 21.47 -20.92 -23.25
C LEU U 99 22.45 -21.83 -23.98
N GLN U 100 23.30 -21.25 -24.80
CA GLN U 100 24.40 -22.01 -25.42
C GLN U 100 25.56 -22.01 -24.45
N CYS U 101 25.70 -23.10 -23.71
CA CYS U 101 26.74 -23.17 -22.69
C CYS U 101 27.83 -24.15 -23.10
N THR U 102 29.01 -23.96 -22.52
CA THR U 102 30.16 -24.80 -22.79
C THR U 102 31.09 -24.72 -21.59
N ASN U 103 32.14 -25.54 -21.63
CA ASN U 103 33.09 -25.57 -20.52
C ASN U 103 33.94 -24.32 -20.52
N VAL U 104 34.32 -23.91 -19.31
CA VAL U 104 35.18 -22.75 -19.14
C VAL U 104 36.59 -23.10 -19.61
N THR U 105 37.34 -22.08 -20.03
CA THR U 105 38.71 -22.27 -20.48
C THR U 105 39.56 -22.75 -19.31
N ASN U 106 39.93 -24.03 -19.33
CA ASN U 106 40.72 -24.64 -18.27
C ASN U 106 41.28 -25.94 -18.80
N ASN U 107 42.44 -26.32 -18.26
CA ASN U 107 42.92 -27.69 -18.38
C ASN U 107 41.90 -28.57 -17.67
N ILE U 108 41.14 -29.31 -18.42
CA ILE U 108 40.00 -30.03 -17.88
C ILE U 108 40.43 -31.43 -17.47
N THR U 109 39.95 -31.85 -16.31
CA THR U 109 40.09 -33.23 -15.87
C THR U 109 38.87 -33.99 -16.38
N ASP U 110 39.11 -35.12 -17.04
CA ASP U 110 38.01 -35.87 -17.64
C ASP U 110 37.14 -36.56 -16.59
N ASP U 111 37.65 -36.77 -15.39
CA ASP U 111 36.95 -37.52 -14.36
C ASP U 111 36.35 -36.63 -13.27
N MET U 112 37.04 -35.56 -12.88
CA MET U 112 36.41 -34.55 -12.06
C MET U 112 35.67 -33.57 -12.95
N ARG U 113 35.01 -32.61 -12.34
CA ARG U 113 34.15 -31.70 -13.09
C ARG U 113 34.45 -30.26 -12.70
N GLY U 114 34.49 -29.38 -13.69
CA GLY U 114 34.52 -27.96 -13.41
C GLY U 114 33.15 -27.44 -13.01
N GLU U 115 33.16 -26.34 -12.27
CA GLU U 115 31.94 -25.78 -11.71
C GLU U 115 31.62 -24.40 -12.27
N LEU U 116 32.11 -24.11 -13.47
CA LEU U 116 31.84 -22.84 -14.12
C LEU U 116 31.58 -23.08 -15.60
N LYS U 117 30.50 -22.52 -16.10
CA LYS U 117 30.07 -22.72 -17.48
C LYS U 117 29.97 -21.38 -18.19
N ASN U 118 30.44 -21.36 -19.43
CA ASN U 118 30.42 -20.19 -20.28
C ASN U 118 29.15 -20.26 -21.10
N CYS U 119 28.23 -19.35 -20.87
CA CYS U 119 26.91 -19.39 -21.50
C CYS U 119 26.71 -18.12 -22.32
N SER U 120 26.49 -18.30 -23.61
CA SER U 120 26.18 -17.23 -24.55
C SER U 120 24.72 -17.36 -24.96
N PHE U 121 24.06 -16.22 -25.17
CA PHE U 121 22.64 -16.22 -25.43
C PHE U 121 22.20 -14.90 -26.03
N ASN U 122 20.99 -14.91 -26.60
CA ASN U 122 20.37 -13.71 -27.10
C ASN U 122 19.80 -12.91 -25.93
N MET U 123 19.83 -11.60 -26.06
CA MET U 123 19.22 -10.76 -25.05
C MET U 123 18.72 -9.51 -25.73
N THR U 124 17.72 -8.88 -25.12
CA THR U 124 17.20 -7.63 -25.63
C THR U 124 18.22 -6.52 -25.44
N THR U 125 17.88 -5.35 -25.96
CA THR U 125 18.74 -4.18 -25.81
C THR U 125 17.94 -3.06 -25.19
N GLU U 126 18.52 -1.86 -25.23
CA GLU U 126 17.75 -0.67 -24.95
C GLU U 126 16.57 -0.54 -25.91
N LEU U 127 16.80 -0.84 -27.17
CA LEU U 127 15.78 -0.74 -28.20
C LEU U 127 15.17 -2.10 -28.46
N ARG U 128 13.93 -2.12 -28.94
CA ARG U 128 13.23 -3.37 -29.15
C ARG U 128 13.75 -4.13 -30.36
N ASP U 129 13.98 -3.42 -31.46
CA ASP U 129 14.31 -4.10 -32.70
C ASP U 129 15.73 -4.63 -32.72
N LYS U 130 16.57 -4.20 -31.79
CA LYS U 130 17.94 -4.65 -31.70
C LYS U 130 18.03 -5.81 -30.72
N LYS U 131 18.55 -6.93 -31.18
CA LYS U 131 18.90 -8.05 -30.33
C LYS U 131 20.42 -8.15 -30.26
N GLN U 132 20.91 -8.73 -29.16
CA GLN U 132 22.35 -8.78 -28.95
C GLN U 132 22.76 -10.15 -28.43
N LYS U 133 24.04 -10.42 -28.55
CA LYS U 133 24.63 -11.70 -28.15
C LYS U 133 25.57 -11.45 -26.98
N VAL U 134 25.25 -12.05 -25.84
CA VAL U 134 26.02 -11.77 -24.63
C VAL U 134 26.33 -13.08 -23.95
N TYR U 135 27.49 -13.13 -23.28
CA TYR U 135 27.89 -14.31 -22.55
C TYR U 135 28.21 -13.95 -21.11
N SER U 136 28.16 -14.98 -20.26
CA SER U 136 28.54 -14.85 -18.88
C SER U 136 28.97 -16.22 -18.37
N LEU U 137 29.21 -16.31 -17.07
CA LEU U 137 29.58 -17.56 -16.43
C LEU U 137 28.55 -17.91 -15.37
N PHE U 138 28.34 -19.19 -15.18
CA PHE U 138 27.40 -19.67 -14.17
C PHE U 138 27.95 -20.90 -13.50
N TYR U 139 27.48 -21.17 -12.30
CA TYR U 139 27.85 -22.40 -11.64
C TYR U 139 27.03 -23.55 -12.22
N ARG U 140 27.53 -24.78 -12.02
CA ARG U 140 26.80 -25.97 -12.49
C ARG U 140 25.46 -26.12 -11.82
N LEU U 141 25.29 -25.56 -10.63
CA LEU U 141 24.17 -25.85 -9.78
C LEU U 141 22.96 -24.98 -10.09
N ASP U 142 23.02 -24.15 -11.12
CA ASP U 142 21.90 -23.30 -11.48
C ASP U 142 21.40 -23.48 -12.89
N VAL U 143 22.07 -24.28 -13.71
CA VAL U 143 21.57 -24.58 -15.04
C VAL U 143 21.30 -26.07 -15.10
N VAL U 144 20.38 -26.44 -15.99
CA VAL U 144 20.08 -27.84 -16.29
C VAL U 144 19.99 -27.99 -17.79
N GLN U 145 20.00 -29.24 -18.23
CA GLN U 145 20.12 -29.57 -19.64
C GLN U 145 18.73 -29.78 -20.22
N ILE U 146 18.48 -29.21 -21.39
CA ILE U 146 17.20 -29.42 -22.05
C ILE U 146 17.48 -30.08 -23.38
N ASN U 147 16.53 -30.88 -23.85
CA ASN U 147 16.74 -31.64 -25.07
C ASN U 147 15.39 -31.86 -25.76
N SER U 157 24.60 -34.99 -30.36
CA SER U 157 23.88 -33.75 -30.60
C SER U 157 24.54 -32.59 -29.86
N ASN U 158 23.91 -31.42 -29.97
CA ASN U 158 24.45 -30.19 -29.40
C ASN U 158 24.17 -30.12 -27.90
N LYS U 159 24.40 -28.95 -27.31
CA LYS U 159 24.21 -28.76 -25.88
C LYS U 159 23.48 -27.45 -25.64
N GLU U 160 22.35 -27.51 -24.94
CA GLU U 160 21.61 -26.31 -24.60
C GLU U 160 21.02 -26.44 -23.20
N TYR U 161 21.26 -25.41 -22.41
CA TYR U 161 20.90 -25.41 -21.00
C TYR U 161 19.86 -24.34 -20.75
N ARG U 162 19.37 -24.31 -19.53
CA ARG U 162 18.50 -23.22 -19.09
C ARG U 162 18.62 -23.12 -17.58
N LEU U 163 18.09 -22.02 -17.04
CA LEU U 163 18.04 -21.87 -15.60
C LEU U 163 16.98 -22.79 -15.02
N ILE U 164 17.23 -23.23 -13.78
CA ILE U 164 16.38 -24.26 -13.20
C ILE U 164 15.05 -23.67 -12.73
N ASN U 165 15.04 -22.42 -12.28
CA ASN U 165 13.81 -21.83 -11.79
C ASN U 165 12.83 -21.45 -12.90
N CYS U 166 13.31 -21.36 -14.13
CA CYS U 166 12.51 -20.75 -15.20
C CYS U 166 11.42 -21.65 -15.73
N ASN U 167 11.32 -22.89 -15.29
CA ASN U 167 10.10 -23.64 -15.60
C ASN U 167 9.03 -23.47 -14.55
N THR U 168 9.41 -23.03 -13.35
CA THR U 168 8.52 -23.17 -12.22
C THR U 168 8.34 -21.92 -11.38
N SER U 169 9.10 -20.87 -11.60
CA SER U 169 9.00 -19.69 -10.75
C SER U 169 9.56 -18.49 -11.49
N ALA U 170 9.26 -17.31 -10.95
CA ALA U 170 9.89 -16.09 -11.38
C ALA U 170 11.17 -15.87 -10.59
N ILE U 171 11.85 -14.77 -10.86
CA ILE U 171 13.20 -14.58 -10.33
C ILE U 171 13.50 -13.09 -10.27
N THR U 172 14.18 -12.67 -9.22
CA THR U 172 14.41 -11.27 -8.91
C THR U 172 15.87 -11.07 -8.54
N GLN U 173 16.53 -10.12 -9.19
CA GLN U 173 17.89 -9.77 -8.79
C GLN U 173 17.82 -8.89 -7.56
N ALA U 174 18.76 -9.10 -6.65
CA ALA U 174 18.89 -8.20 -5.51
C ALA U 174 19.56 -6.92 -5.96
N CYS U 175 19.11 -5.81 -5.41
CA CYS U 175 19.75 -4.54 -5.70
C CYS U 175 21.13 -4.52 -5.07
N PRO U 176 22.19 -4.21 -5.82
CA PRO U 176 23.54 -4.23 -5.23
C PRO U 176 23.80 -3.10 -4.25
N LYS U 177 22.88 -2.15 -4.10
CA LYS U 177 22.97 -1.19 -3.02
C LYS U 177 22.87 -1.88 -1.67
N VAL U 178 21.86 -2.73 -1.51
CA VAL U 178 21.54 -3.25 -0.18
C VAL U 178 22.57 -4.31 0.20
N SER U 179 22.94 -4.32 1.48
CA SER U 179 23.87 -5.30 2.00
C SER U 179 23.12 -6.40 2.70
N PHE U 180 23.85 -7.44 3.11
CA PHE U 180 23.27 -8.54 3.84
C PHE U 180 24.00 -8.80 5.14
N GLU U 181 24.85 -7.89 5.58
CA GLU U 181 25.41 -8.02 6.90
C GLU U 181 24.33 -7.79 7.93
N PRO U 182 24.45 -8.42 9.09
CA PRO U 182 23.51 -8.13 10.18
C PRO U 182 23.84 -6.82 10.86
N ILE U 183 22.80 -6.22 11.43
CA ILE U 183 22.95 -5.13 12.38
C ILE U 183 22.20 -5.57 13.62
N PRO U 184 22.58 -5.13 14.82
CA PRO U 184 21.85 -5.58 16.01
C PRO U 184 20.46 -4.98 16.07
N ILE U 185 19.46 -5.84 16.19
CA ILE U 185 18.08 -5.42 16.38
C ILE U 185 17.77 -5.53 17.87
N HIS U 186 17.39 -4.41 18.47
CA HIS U 186 16.88 -4.36 19.82
C HIS U 186 15.36 -4.42 19.72
N TYR U 187 14.79 -5.49 20.25
CA TYR U 187 13.33 -5.52 20.38
C TYR U 187 12.90 -4.85 21.67
N CYS U 188 11.79 -4.15 21.60
CA CYS U 188 11.23 -3.46 22.74
C CYS U 188 9.74 -3.72 22.76
N ALA U 189 9.14 -3.46 23.92
CA ALA U 189 7.73 -3.64 24.18
C ALA U 189 7.04 -2.29 24.29
N PRO U 190 5.77 -2.20 23.90
CA PRO U 190 5.05 -0.94 24.04
C PRO U 190 4.66 -0.70 25.49
N ALA U 191 4.08 0.47 25.73
CA ALA U 191 3.67 0.83 27.08
C ALA U 191 2.49 -0.03 27.50
N GLY U 192 2.58 -0.60 28.69
CA GLY U 192 1.62 -1.57 29.15
C GLY U 192 2.13 -2.99 29.20
N PHE U 193 3.31 -3.25 28.64
CA PHE U 193 3.92 -4.56 28.71
C PHE U 193 5.30 -4.42 29.29
N ALA U 194 5.86 -5.55 29.71
CA ALA U 194 7.22 -5.57 30.20
C ALA U 194 7.92 -6.83 29.68
N ILE U 195 9.23 -6.78 29.65
CA ILE U 195 10.06 -7.90 29.18
C ILE U 195 10.90 -8.37 30.34
N LEU U 196 10.90 -9.68 30.57
CA LEU U 196 11.65 -10.27 31.67
C LEU U 196 12.91 -10.94 31.15
N LYS U 197 13.86 -11.18 32.05
CA LYS U 197 15.10 -11.83 31.66
C LYS U 197 15.61 -12.69 32.80
N CYS U 198 15.87 -13.96 32.50
CA CYS U 198 16.46 -14.90 33.46
C CYS U 198 17.96 -14.68 33.51
N LYS U 199 18.44 -14.20 34.65
CA LYS U 199 19.85 -13.90 34.83
C LYS U 199 20.59 -15.06 35.49
N ASP U 200 19.96 -16.23 35.56
CA ASP U 200 20.61 -17.39 36.14
C ASP U 200 21.76 -17.86 35.26
N LYS U 201 22.75 -18.47 35.90
CA LYS U 201 23.86 -19.06 35.16
C LYS U 201 23.43 -20.32 34.43
N LYS U 202 22.84 -21.26 35.16
CA LYS U 202 22.44 -22.54 34.61
C LYS U 202 20.93 -22.52 34.40
N PHE U 203 20.51 -22.72 33.16
CA PHE U 203 19.09 -22.68 32.83
C PHE U 203 18.89 -23.50 31.56
N ASN U 204 18.39 -24.73 31.72
CA ASN U 204 18.24 -25.61 30.58
C ASN U 204 17.11 -25.17 29.65
N GLY U 205 16.21 -24.31 30.11
CA GLY U 205 15.27 -23.71 29.18
C GLY U 205 13.82 -23.87 29.57
N THR U 206 13.55 -24.49 30.71
CA THR U 206 12.18 -24.73 31.11
C THR U 206 12.13 -24.69 32.62
N GLY U 207 11.13 -24.00 33.17
CA GLY U 207 10.90 -24.07 34.59
C GLY U 207 11.26 -22.78 35.27
N PRO U 208 11.35 -22.80 36.60
CA PRO U 208 11.55 -21.56 37.34
C PRO U 208 12.97 -21.03 37.20
N CYS U 209 13.09 -19.73 37.39
CA CYS U 209 14.34 -19.00 37.40
C CYS U 209 14.29 -17.99 38.53
N PRO U 210 15.09 -18.15 39.56
CA PRO U 210 15.02 -17.21 40.69
C PRO U 210 15.66 -15.87 40.39
N SER U 211 16.69 -15.87 39.55
CA SER U 211 17.43 -14.64 39.25
C SER U 211 16.85 -14.03 37.97
N VAL U 212 15.88 -13.13 38.14
CA VAL U 212 15.30 -12.46 36.99
C VAL U 212 15.44 -10.96 37.15
N SER U 213 15.25 -10.26 36.05
CA SER U 213 15.26 -8.81 36.05
C SER U 213 14.47 -8.33 34.84
N THR U 214 13.72 -7.26 35.01
CA THR U 214 13.00 -6.71 33.89
C THR U 214 13.92 -5.89 33.00
N VAL U 215 13.40 -5.52 31.84
CA VAL U 215 14.14 -4.69 30.90
C VAL U 215 13.12 -3.96 30.05
N GLN U 216 13.54 -2.87 29.42
CA GLN U 216 12.69 -2.16 28.49
C GLN U 216 12.95 -2.56 27.04
N CYS U 217 14.20 -2.89 26.72
CA CYS U 217 14.55 -3.28 25.36
C CYS U 217 15.56 -4.41 25.40
N THR U 218 15.45 -5.34 24.46
CA THR U 218 16.35 -6.47 24.41
C THR U 218 17.74 -6.03 23.96
N HIS U 219 18.71 -6.90 24.21
CA HIS U 219 20.10 -6.58 23.90
C HIS U 219 20.34 -6.82 22.41
N GLY U 220 21.60 -6.73 22.00
CA GLY U 220 21.94 -6.79 20.59
C GLY U 220 21.73 -8.18 20.04
N ILE U 221 20.95 -8.28 18.97
CA ILE U 221 20.68 -9.54 18.31
C ILE U 221 21.08 -9.37 16.86
N LYS U 222 22.11 -10.03 16.45
CA LYS U 222 22.37 -9.91 15.03
C LYS U 222 21.71 -11.06 14.28
N PRO U 223 20.98 -10.76 13.20
CA PRO U 223 20.31 -11.80 12.42
C PRO U 223 21.28 -12.49 11.48
N VAL U 224 21.49 -13.78 11.73
CA VAL U 224 22.31 -14.59 10.86
C VAL U 224 21.40 -15.56 10.13
N VAL U 225 21.96 -16.24 9.13
CA VAL U 225 21.28 -17.33 8.46
C VAL U 225 22.26 -18.48 8.31
N SER U 226 22.02 -19.54 9.08
CA SER U 226 22.95 -20.66 9.13
C SER U 226 22.14 -21.90 9.41
N THR U 227 22.20 -22.86 8.49
CA THR U 227 21.34 -24.02 8.64
C THR U 227 21.89 -24.98 9.69
N GLN U 228 23.20 -25.09 9.80
CA GLN U 228 23.85 -25.64 10.97
C GLN U 228 24.83 -24.60 11.47
N LEU U 229 25.42 -24.87 12.65
CA LEU U 229 26.60 -24.15 13.15
C LEU U 229 26.34 -22.65 13.27
N LEU U 230 25.46 -22.29 14.22
CA LEU U 230 25.04 -20.90 14.33
C LEU U 230 26.20 -19.97 14.68
N LEU U 231 26.34 -18.92 13.89
CA LEU U 231 27.53 -18.09 13.82
C LEU U 231 27.32 -16.76 14.53
N ASN U 232 28.40 -16.23 15.09
CA ASN U 232 28.49 -14.91 15.70
C ASN U 232 27.45 -14.69 16.79
N GLY U 233 26.95 -15.74 17.42
CA GLY U 233 25.89 -15.61 18.40
C GLY U 233 26.43 -15.29 19.77
N SER U 234 25.51 -15.11 20.71
CA SER U 234 25.90 -14.91 22.09
C SER U 234 26.24 -16.25 22.73
N LEU U 235 27.28 -16.25 23.55
CA LEU U 235 27.83 -17.48 24.12
C LEU U 235 27.62 -17.53 25.62
N ALA U 236 27.80 -18.74 26.16
CA ALA U 236 27.45 -19.02 27.54
C ALA U 236 28.45 -18.38 28.49
N GLU U 237 28.12 -18.42 29.79
CA GLU U 237 28.93 -17.72 30.78
C GLU U 237 30.19 -18.50 31.14
N GLU U 238 30.02 -19.65 31.80
CA GLU U 238 31.17 -20.46 32.17
C GLU U 238 31.10 -21.87 31.62
N GLU U 239 30.00 -22.57 31.82
CA GLU U 239 29.90 -23.94 31.34
C GLU U 239 29.64 -23.95 29.85
N VAL U 240 29.59 -25.16 29.30
CA VAL U 240 28.96 -25.41 28.01
C VAL U 240 27.58 -25.94 28.32
N MET U 241 26.56 -25.30 27.78
CA MET U 241 25.21 -25.72 28.08
C MET U 241 24.56 -26.36 26.86
N ILE U 242 23.74 -27.38 27.13
CA ILE U 242 22.91 -28.02 26.13
C ILE U 242 21.46 -27.85 26.56
N ARG U 243 20.60 -27.59 25.58
CA ARG U 243 19.22 -27.25 25.85
C ARG U 243 18.36 -28.02 24.88
N SER U 244 17.18 -28.40 25.33
CA SER U 244 16.21 -29.08 24.48
C SER U 244 14.83 -28.85 25.06
N GLU U 245 13.83 -29.42 24.39
CA GLU U 245 12.48 -29.47 24.94
C GLU U 245 12.23 -30.77 25.66
N ASN U 246 12.63 -31.88 25.06
CA ASN U 246 12.44 -33.19 25.67
C ASN U 246 13.53 -34.09 25.09
N ILE U 247 14.60 -34.29 25.86
CA ILE U 247 15.81 -34.94 25.35
C ILE U 247 15.52 -36.39 24.97
N THR U 248 14.64 -37.04 25.71
CA THR U 248 14.26 -38.41 25.39
C THR U 248 13.48 -38.51 24.09
N ASN U 249 12.81 -37.43 23.67
CA ASN U 249 12.31 -37.36 22.30
C ASN U 249 13.48 -37.08 21.39
N ASN U 250 13.52 -37.78 20.25
CA ASN U 250 14.67 -37.70 19.37
C ASN U 250 14.48 -36.71 18.24
N ALA U 251 13.27 -36.62 17.68
CA ALA U 251 13.03 -35.76 16.54
C ALA U 251 13.05 -34.29 16.92
N LYS U 252 12.80 -33.95 18.18
CA LYS U 252 13.10 -32.62 18.65
C LYS U 252 14.60 -32.40 18.68
N ASN U 253 15.03 -31.23 18.25
CA ASN U 253 16.45 -30.96 18.11
C ASN U 253 17.11 -30.74 19.47
N ILE U 254 18.42 -30.59 19.45
CA ILE U 254 19.19 -30.25 20.63
C ILE U 254 20.04 -29.04 20.31
N LEU U 255 19.87 -27.98 21.08
CA LEU U 255 20.67 -26.78 20.92
C LEU U 255 21.89 -26.89 21.82
N VAL U 256 23.05 -26.55 21.29
CA VAL U 256 24.30 -26.66 22.02
C VAL U 256 24.94 -25.29 22.02
N GLN U 257 24.89 -24.62 23.15
CA GLN U 257 25.54 -23.34 23.31
C GLN U 257 26.86 -23.62 24.02
N PHE U 258 27.96 -23.59 23.28
CA PHE U 258 29.24 -23.85 23.90
C PHE U 258 29.95 -22.55 24.25
N ASN U 259 30.77 -22.63 25.29
CA ASN U 259 31.29 -21.47 26.01
C ASN U 259 32.24 -20.65 25.17
N THR U 260 33.36 -21.23 24.81
CA THR U 260 34.40 -20.46 24.17
C THR U 260 34.13 -20.39 22.67
N PRO U 261 34.25 -19.21 22.07
CA PRO U 261 34.11 -19.12 20.61
C PRO U 261 35.29 -19.77 19.92
N VAL U 262 35.03 -20.26 18.72
CA VAL U 262 36.04 -20.92 17.91
C VAL U 262 36.01 -20.32 16.52
N GLN U 263 37.16 -19.85 16.08
CA GLN U 263 37.27 -19.07 14.86
C GLN U 263 37.07 -19.95 13.64
N ILE U 264 36.57 -19.34 12.56
CA ILE U 264 36.54 -19.97 11.26
C ILE U 264 37.03 -18.95 10.23
N ASN U 265 37.81 -19.41 9.27
CA ASN U 265 38.10 -18.61 8.10
C ASN U 265 37.29 -19.19 6.96
N CYS U 266 36.75 -18.34 6.12
CA CYS U 266 36.10 -18.84 4.92
C CYS U 266 36.45 -17.94 3.76
N THR U 267 36.77 -18.52 2.62
CA THR U 267 37.08 -17.70 1.47
C THR U 267 36.67 -18.37 0.17
N ARG U 268 36.49 -17.52 -0.83
CA ARG U 268 36.57 -17.89 -2.23
C ARG U 268 37.82 -17.22 -2.77
N PRO U 269 38.82 -17.98 -3.22
CA PRO U 269 40.06 -17.35 -3.67
C PRO U 269 40.03 -16.83 -5.09
N ASN U 270 38.92 -16.97 -5.80
CA ASN U 270 38.90 -16.61 -7.22
C ASN U 270 38.67 -15.10 -7.38
N ASN U 271 39.47 -14.49 -8.25
CA ASN U 271 39.27 -13.08 -8.59
C ASN U 271 38.13 -12.96 -9.57
N ASN U 272 37.20 -12.04 -9.30
CA ASN U 272 35.90 -12.05 -9.94
C ASN U 272 35.61 -10.68 -10.53
N THR U 273 35.31 -10.65 -11.82
CA THR U 273 34.92 -9.43 -12.52
C THR U 273 33.42 -9.48 -12.76
N ARG U 274 32.73 -8.38 -12.47
CA ARG U 274 31.33 -8.33 -12.85
C ARG U 274 31.19 -7.69 -14.22
N LYS U 275 29.98 -7.72 -14.75
CA LYS U 275 29.70 -7.10 -16.03
C LYS U 275 28.27 -6.64 -16.01
N SER U 276 28.05 -5.37 -16.32
CA SER U 276 26.69 -4.85 -16.42
C SER U 276 26.08 -5.24 -17.76
N ILE U 277 24.80 -5.59 -17.73
CA ILE U 277 24.06 -5.88 -18.94
C ILE U 277 22.76 -5.09 -18.88
N ARG U 278 22.57 -4.19 -19.83
CA ARG U 278 21.31 -3.47 -19.91
C ARG U 278 20.25 -4.37 -20.52
N ILE U 279 19.19 -4.61 -19.75
CA ILE U 279 18.13 -5.46 -20.24
C ILE U 279 17.21 -4.68 -21.18
N GLY U 280 16.71 -3.56 -20.71
CA GLY U 280 15.82 -2.73 -21.48
C GLY U 280 15.99 -1.28 -21.15
N PRO U 281 14.92 -0.51 -21.27
CA PRO U 281 15.00 0.92 -20.96
C PRO U 281 15.21 1.19 -19.49
N GLY U 282 16.39 1.68 -19.13
CA GLY U 282 16.68 1.98 -17.75
C GLY U 282 16.84 0.78 -16.86
N GLN U 283 17.00 -0.41 -17.44
CA GLN U 283 17.15 -1.63 -16.67
C GLN U 283 18.63 -1.94 -16.49
N ALA U 284 18.91 -2.91 -15.65
CA ALA U 284 20.28 -3.32 -15.40
C ALA U 284 20.30 -4.78 -15.03
N PHE U 285 21.48 -5.37 -15.17
CA PHE U 285 21.71 -6.77 -14.79
C PHE U 285 23.20 -6.98 -14.64
N TYR U 286 23.57 -7.73 -13.60
CA TYR U 286 24.97 -8.01 -13.33
C TYR U 286 25.25 -9.48 -13.58
N ALA U 287 26.43 -9.76 -14.13
CA ALA U 287 26.75 -11.14 -14.46
C ALA U 287 28.25 -11.34 -14.34
N THR U 288 28.64 -12.58 -14.07
CA THR U 288 30.04 -12.94 -13.89
C THR U 288 30.76 -12.85 -15.22
N GLY U 289 31.65 -11.88 -15.38
CA GLY U 289 32.44 -11.80 -16.58
C GLY U 289 33.68 -12.64 -16.45
N ASP U 290 34.85 -12.05 -16.62
CA ASP U 290 36.06 -12.85 -16.69
C ASP U 290 36.58 -13.18 -15.30
N ILE U 291 37.38 -14.25 -15.24
CA ILE U 291 37.99 -14.70 -13.99
C ILE U 291 39.49 -14.67 -14.21
N ILE U 292 40.16 -13.75 -13.53
CA ILE U 292 41.58 -13.55 -13.69
C ILE U 292 42.32 -14.37 -12.64
N GLY U 293 43.27 -15.19 -13.09
CA GLY U 293 44.11 -15.90 -12.14
C GLY U 293 43.87 -17.39 -12.12
N ASP U 294 44.14 -18.02 -10.99
CA ASP U 294 44.02 -19.46 -10.86
C ASP U 294 42.59 -19.85 -10.56
N ILE U 295 42.06 -20.78 -11.35
CA ILE U 295 40.71 -21.29 -11.14
C ILE U 295 40.75 -22.19 -9.92
N ARG U 296 40.28 -21.70 -8.79
CA ARG U 296 40.41 -22.43 -7.55
C ARG U 296 39.04 -22.70 -6.95
N GLN U 297 39.03 -23.26 -5.74
CA GLN U 297 37.81 -23.74 -5.12
C GLN U 297 37.66 -23.15 -3.73
N ALA U 298 36.46 -22.68 -3.43
CA ALA U 298 36.19 -22.03 -2.16
C ALA U 298 36.17 -23.03 -1.03
N HIS U 299 36.50 -22.56 0.17
CA HIS U 299 36.70 -23.47 1.29
C HIS U 299 36.63 -22.71 2.60
N CYS U 300 36.72 -23.47 3.69
CA CYS U 300 36.76 -22.92 5.03
C CYS U 300 37.74 -23.72 5.87
N ASN U 301 38.22 -23.09 6.94
CA ASN U 301 39.19 -23.69 7.84
C ASN U 301 38.79 -23.39 9.27
N VAL U 302 39.08 -24.35 10.16
CA VAL U 302 38.99 -24.14 11.60
C VAL U 302 40.23 -24.70 12.27
N SER U 303 40.47 -24.27 13.50
CA SER U 303 41.62 -24.78 14.24
C SER U 303 41.34 -26.17 14.79
N LYS U 304 42.33 -27.04 14.66
CA LYS U 304 42.18 -28.45 14.99
C LYS U 304 41.96 -28.65 16.48
N ALA U 305 42.92 -28.21 17.29
CA ALA U 305 42.92 -28.54 18.71
C ALA U 305 41.83 -27.81 19.47
N THR U 306 41.43 -26.62 19.00
CA THR U 306 40.30 -25.93 19.60
C THR U 306 39.03 -26.74 19.38
N TRP U 307 38.84 -27.25 18.16
CA TRP U 307 37.68 -28.07 17.86
C TRP U 307 37.68 -29.35 18.69
N ASN U 308 38.86 -29.95 18.88
CA ASN U 308 38.97 -31.13 19.71
C ASN U 308 38.61 -30.83 21.16
N GLU U 309 39.11 -29.71 21.68
CA GLU U 309 38.87 -29.38 23.08
C GLU U 309 37.41 -29.01 23.33
N THR U 310 36.79 -28.29 22.39
CA THR U 310 35.39 -27.95 22.53
C THR U 310 34.50 -29.18 22.41
N LEU U 311 34.87 -30.12 21.54
CA LEU U 311 34.13 -31.37 21.50
C LEU U 311 34.33 -32.16 22.78
N GLY U 312 35.51 -32.08 23.40
CA GLY U 312 35.69 -32.71 24.69
C GLY U 312 34.80 -32.11 25.75
N LYS U 313 34.63 -30.79 25.71
CA LYS U 313 33.74 -30.12 26.65
C LYS U 313 32.29 -30.53 26.44
N VAL U 314 31.86 -30.63 25.18
CA VAL U 314 30.45 -30.96 24.98
C VAL U 314 30.19 -32.45 25.27
N VAL U 315 31.20 -33.31 25.08
CA VAL U 315 31.03 -34.70 25.45
C VAL U 315 31.00 -34.85 26.97
N LYS U 316 31.79 -34.02 27.66
CA LYS U 316 31.71 -33.94 29.12
C LYS U 316 30.32 -33.51 29.57
N GLN U 317 29.70 -32.58 28.86
CA GLN U 317 28.39 -32.11 29.27
C GLN U 317 27.25 -33.02 28.85
N LEU U 318 27.43 -33.84 27.81
CA LEU U 318 26.36 -34.70 27.36
C LEU U 318 26.10 -35.85 28.30
N ARG U 319 27.15 -36.39 28.90
CA ARG U 319 27.06 -37.67 29.61
C ARG U 319 26.25 -37.59 30.90
N LYS U 320 25.88 -36.39 31.34
CA LYS U 320 24.91 -36.29 32.43
C LYS U 320 23.55 -36.83 31.99
N HIS U 321 23.20 -36.65 30.73
CA HIS U 321 21.86 -36.97 30.29
C HIS U 321 21.71 -38.38 29.77
N PHE U 322 22.79 -39.04 29.36
CA PHE U 322 22.72 -40.29 28.64
C PHE U 322 23.49 -41.42 29.32
N GLY U 323 23.53 -41.42 30.64
CA GLY U 323 24.29 -42.43 31.33
C GLY U 323 25.77 -42.11 31.36
N ASN U 324 26.42 -42.38 32.50
CA ASN U 324 27.79 -41.92 32.66
C ASN U 324 28.76 -42.82 31.92
N ASN U 325 28.44 -44.10 31.80
CA ASN U 325 29.24 -45.04 31.03
C ASN U 325 28.59 -45.22 29.66
N THR U 326 28.83 -44.26 28.78
CA THR U 326 28.15 -44.25 27.49
C THR U 326 29.17 -43.89 26.41
N ILE U 327 29.06 -44.55 25.27
CA ILE U 327 29.88 -44.23 24.10
C ILE U 327 29.10 -43.26 23.24
N ILE U 328 29.76 -42.17 22.84
CA ILE U 328 29.15 -41.14 22.03
C ILE U 328 30.05 -40.90 20.83
N ARG U 329 29.47 -40.97 19.63
CA ARG U 329 30.23 -40.66 18.44
C ARG U 329 29.40 -39.74 17.57
N PHE U 330 29.95 -39.37 16.42
CA PHE U 330 29.28 -38.44 15.52
C PHE U 330 29.26 -39.01 14.12
N ALA U 331 28.34 -38.48 13.31
CA ALA U 331 28.22 -38.85 11.92
C ALA U 331 27.93 -37.59 11.12
N ASN U 332 28.25 -37.65 9.83
CA ASN U 332 27.74 -36.61 8.95
C ASN U 332 26.23 -36.75 8.82
N SER U 333 25.58 -35.65 8.43
CA SER U 333 24.14 -35.63 8.38
C SER U 333 23.62 -36.54 7.28
N SER U 334 22.41 -37.07 7.49
CA SER U 334 21.94 -38.20 6.70
C SER U 334 21.65 -37.83 5.26
N GLY U 335 21.05 -36.67 5.05
CA GLY U 335 20.73 -36.25 3.71
C GLY U 335 19.47 -35.41 3.71
N GLY U 336 19.05 -35.07 2.50
CA GLY U 336 17.91 -34.20 2.33
C GLY U 336 18.24 -33.12 1.33
N ASP U 337 17.88 -31.89 1.63
CA ASP U 337 18.24 -30.83 0.71
C ASP U 337 19.72 -30.49 0.86
N LEU U 338 20.26 -29.90 -0.21
CA LEU U 338 21.65 -29.46 -0.25
C LEU U 338 21.96 -28.48 0.87
N GLU U 339 21.02 -27.62 1.20
CA GLU U 339 21.20 -26.66 2.27
C GLU U 339 20.70 -27.15 3.61
N VAL U 340 20.68 -28.46 3.84
CA VAL U 340 20.56 -28.97 5.19
C VAL U 340 21.60 -30.07 5.37
N THR U 341 22.19 -30.54 4.27
CA THR U 341 23.32 -31.45 4.43
C THR U 341 24.58 -30.74 4.90
N THR U 342 24.65 -29.44 4.70
CA THR U 342 25.75 -28.61 5.16
C THR U 342 25.27 -27.64 6.22
N HIS U 343 26.14 -26.71 6.58
CA HIS U 343 25.67 -25.44 7.08
C HIS U 343 25.78 -24.42 5.96
N SER U 344 24.84 -23.50 5.91
CA SER U 344 24.65 -22.63 4.77
C SER U 344 24.66 -21.20 5.25
N PHE U 345 25.66 -20.43 4.83
CA PHE U 345 25.80 -19.10 5.40
C PHE U 345 26.00 -18.08 4.30
N ASN U 346 26.07 -16.82 4.70
CA ASN U 346 26.30 -15.70 3.80
C ASN U 346 27.55 -14.98 4.25
N CYS U 347 28.38 -14.59 3.28
CA CYS U 347 29.67 -13.97 3.56
C CYS U 347 29.90 -12.90 2.52
N GLY U 348 29.89 -11.64 2.96
CA GLY U 348 30.08 -10.52 2.05
C GLY U 348 28.96 -10.34 1.06
N GLY U 349 27.77 -10.82 1.39
CA GLY U 349 26.68 -10.78 0.44
C GLY U 349 26.78 -11.82 -0.65
N GLU U 350 27.18 -13.04 -0.29
CA GLU U 350 27.23 -14.14 -1.25
C GLU U 350 27.20 -15.44 -0.47
N PHE U 351 26.43 -16.41 -0.95
CA PHE U 351 26.14 -17.55 -0.11
C PHE U 351 27.16 -18.66 -0.28
N PHE U 352 27.18 -19.54 0.71
CA PHE U 352 28.07 -20.70 0.74
C PHE U 352 27.29 -21.87 1.28
N TYR U 353 27.45 -23.02 0.62
CA TYR U 353 26.94 -24.29 1.08
C TYR U 353 28.16 -25.19 1.20
N CYS U 354 28.63 -25.45 2.42
CA CYS U 354 30.00 -25.88 2.57
C CYS U 354 30.06 -27.16 3.38
N ASN U 355 30.69 -28.21 2.81
CA ASN U 355 30.58 -29.57 3.33
C ASN U 355 31.19 -29.71 4.71
N THR U 356 30.48 -30.42 5.59
CA THR U 356 30.83 -30.48 7.00
C THR U 356 31.23 -31.88 7.46
N SER U 357 31.54 -32.78 6.53
CA SER U 357 31.84 -34.14 6.94
C SER U 357 33.20 -34.26 7.60
N GLY U 358 34.07 -33.27 7.43
CA GLY U 358 35.33 -33.28 8.10
C GLY U 358 35.29 -32.91 9.57
N LEU U 359 34.11 -32.67 10.13
CA LEU U 359 34.00 -32.30 11.53
C LEU U 359 33.33 -33.37 12.38
N PHE U 360 32.21 -33.90 11.93
CA PHE U 360 31.41 -34.79 12.75
C PHE U 360 31.77 -36.25 12.51
N ASN U 361 33.06 -36.54 12.56
CA ASN U 361 33.54 -37.88 12.26
C ASN U 361 34.59 -38.21 13.31
N SER U 362 34.11 -38.70 14.45
CA SER U 362 34.95 -38.99 15.60
C SER U 362 34.22 -40.02 16.45
N THR U 363 34.82 -40.38 17.58
CA THR U 363 34.19 -41.23 18.56
C THR U 363 34.74 -40.86 19.93
N TRP U 364 34.06 -41.30 20.98
CA TRP U 364 34.50 -40.95 22.32
C TRP U 364 34.21 -42.11 23.25
N ILE U 365 35.12 -42.34 24.18
CA ILE U 365 35.10 -43.50 25.06
C ILE U 365 34.89 -43.00 26.48
N SER U 366 34.26 -43.83 27.31
CA SER U 366 33.88 -43.53 28.69
C SER U 366 35.08 -43.45 29.68
N ASN U 367 36.33 -43.40 29.22
CA ASN U 367 37.50 -43.28 30.09
C ASN U 367 37.52 -42.00 30.92
N ASN U 379 49.40 -27.04 15.38
CA ASN U 379 49.48 -26.05 14.31
C ASN U 379 48.55 -26.38 13.16
N ASP U 380 48.08 -27.62 13.09
CA ASP U 380 47.24 -28.03 11.98
C ASP U 380 45.84 -27.44 12.12
N SER U 381 45.07 -27.61 11.05
CA SER U 381 43.73 -27.09 10.94
C SER U 381 42.83 -28.21 10.45
N ILE U 382 41.55 -27.89 10.29
CA ILE U 382 40.61 -28.72 9.57
C ILE U 382 40.08 -27.90 8.42
N THR U 383 40.34 -28.36 7.21
CA THR U 383 39.87 -27.70 6.01
C THR U 383 38.63 -28.42 5.52
N LEU U 384 37.74 -27.68 4.89
CA LEU U 384 36.53 -28.29 4.36
C LEU U 384 36.00 -27.51 3.16
N PRO U 385 35.62 -28.22 2.10
CA PRO U 385 35.31 -27.56 0.83
C PRO U 385 33.87 -27.10 0.72
N CYS U 386 33.70 -26.02 -0.03
CA CYS U 386 32.42 -25.34 -0.17
C CYS U 386 31.89 -25.46 -1.59
N ARG U 387 30.66 -24.95 -1.76
CA ARG U 387 30.07 -24.75 -3.07
C ARG U 387 29.31 -23.44 -3.03
N ILE U 388 29.15 -22.83 -4.20
CA ILE U 388 28.59 -21.50 -4.33
C ILE U 388 27.42 -21.54 -5.30
N LYS U 389 26.24 -21.21 -4.82
CA LYS U 389 25.08 -21.06 -5.67
C LYS U 389 24.72 -19.59 -5.79
N GLN U 390 24.10 -19.24 -6.91
CA GLN U 390 23.59 -17.89 -7.08
C GLN U 390 22.11 -17.78 -6.77
N ILE U 391 21.28 -18.59 -7.39
CA ILE U 391 19.84 -18.47 -7.16
C ILE U 391 19.46 -19.35 -5.98
N ILE U 392 18.55 -18.84 -5.17
CA ILE U 392 18.13 -19.52 -3.95
C ILE U 392 16.62 -19.53 -3.89
N ASN U 393 16.10 -20.39 -3.03
CA ASN U 393 14.75 -20.24 -2.51
C ASN U 393 14.88 -20.47 -1.02
N MET U 394 15.23 -19.44 -0.29
CA MET U 394 15.37 -19.59 1.15
C MET U 394 14.01 -19.37 1.80
N TRP U 395 13.78 -20.13 2.86
CA TRP U 395 12.51 -20.45 3.52
C TRP U 395 11.56 -21.25 2.65
N GLN U 396 11.99 -21.68 1.47
CA GLN U 396 11.27 -22.60 0.58
C GLN U 396 9.88 -22.04 0.22
N ARG U 397 9.92 -20.95 -0.53
CA ARG U 397 8.68 -20.34 -0.97
C ARG U 397 8.15 -21.06 -2.20
N ILE U 398 6.98 -20.63 -2.66
CA ILE U 398 6.20 -21.43 -3.59
C ILE U 398 6.45 -21.04 -5.03
N GLY U 399 6.70 -19.77 -5.28
CA GLY U 399 7.02 -19.31 -6.62
C GLY U 399 8.03 -18.19 -6.56
N GLN U 400 8.53 -17.95 -5.36
CA GLN U 400 9.44 -16.85 -5.11
C GLN U 400 10.87 -17.36 -5.07
N ALA U 401 11.75 -16.69 -5.82
CA ALA U 401 13.15 -17.04 -5.86
C ALA U 401 13.96 -15.76 -5.74
N MET U 402 15.28 -15.90 -5.74
CA MET U 402 16.15 -14.75 -5.56
C MET U 402 17.49 -14.99 -6.23
N TYR U 403 17.85 -14.12 -7.17
CA TYR U 403 19.18 -14.14 -7.73
C TYR U 403 20.11 -13.38 -6.81
N ALA U 404 21.39 -13.76 -6.82
CA ALA U 404 22.37 -13.06 -6.03
C ALA U 404 23.45 -12.50 -6.94
N PRO U 405 23.78 -11.22 -6.85
CA PRO U 405 24.68 -10.60 -7.81
C PRO U 405 26.12 -11.03 -7.56
N PRO U 406 26.90 -11.18 -8.61
CA PRO U 406 28.32 -11.51 -8.43
C PRO U 406 29.08 -10.29 -7.93
N ILE U 407 29.97 -10.52 -6.98
CA ILE U 407 30.69 -9.43 -6.33
C ILE U 407 32.16 -9.52 -6.70
N GLN U 408 32.84 -8.37 -6.64
CA GLN U 408 34.19 -8.26 -7.16
C GLN U 408 35.20 -8.94 -6.25
N GLY U 409 36.42 -9.08 -6.79
CA GLY U 409 37.58 -9.37 -5.99
C GLY U 409 37.65 -10.79 -5.45
N VAL U 410 38.24 -10.90 -4.27
CA VAL U 410 38.45 -12.16 -3.58
C VAL U 410 37.93 -12.00 -2.18
N ILE U 411 37.00 -12.85 -1.79
CA ILE U 411 36.19 -12.63 -0.60
C ILE U 411 36.63 -13.60 0.49
N ARG U 412 36.86 -13.08 1.67
CA ARG U 412 37.07 -13.90 2.85
C ARG U 412 36.35 -13.23 4.01
N CYS U 413 35.99 -14.05 4.99
CA CYS U 413 35.42 -13.54 6.21
C CYS U 413 35.71 -14.47 7.36
N VAL U 414 35.72 -13.89 8.55
CA VAL U 414 36.08 -14.55 9.79
C VAL U 414 34.92 -14.42 10.75
N SER U 415 34.46 -15.55 11.27
CA SER U 415 33.30 -15.56 12.15
C SER U 415 33.57 -16.40 13.39
N ASN U 416 32.98 -16.01 14.50
CA ASN U 416 33.09 -16.78 15.72
C ASN U 416 31.97 -17.80 15.74
N ILE U 417 32.32 -19.08 15.63
CA ILE U 417 31.31 -20.13 15.72
C ILE U 417 30.83 -20.22 17.15
N THR U 418 29.52 -20.13 17.35
CA THR U 418 28.96 -20.00 18.69
C THR U 418 28.26 -21.26 19.18
N GLY U 419 27.36 -21.83 18.38
CA GLY U 419 26.58 -22.95 18.84
C GLY U 419 26.46 -24.05 17.80
N LEU U 420 25.79 -25.12 18.18
CA LEU U 420 25.53 -26.26 17.33
C LEU U 420 24.07 -26.67 17.43
N ILE U 421 23.59 -27.34 16.38
CA ILE U 421 22.24 -27.86 16.33
C ILE U 421 22.30 -29.33 15.98
N LEU U 422 21.83 -30.19 16.86
CA LEU U 422 22.08 -31.62 16.78
C LEU U 422 20.78 -32.39 16.84
N THR U 423 20.89 -33.68 16.52
CA THR U 423 19.78 -34.62 16.54
C THR U 423 20.30 -35.98 16.95
N ARG U 424 19.73 -36.55 18.01
CA ARG U 424 20.01 -37.93 18.36
C ARG U 424 19.33 -38.85 17.36
N ASP U 425 20.01 -39.91 16.97
CA ASP U 425 19.40 -40.87 16.07
C ASP U 425 18.37 -41.72 16.81
N GLY U 426 17.54 -42.39 16.01
CA GLY U 426 16.53 -43.28 16.52
C GLY U 426 17.10 -44.63 16.87
N GLY U 427 17.90 -44.66 17.92
CA GLY U 427 18.60 -45.87 18.28
C GLY U 427 17.83 -46.75 19.25
N SER U 428 17.13 -47.74 18.72
CA SER U 428 16.54 -48.78 19.54
C SER U 428 17.45 -50.00 19.48
N THR U 429 16.98 -51.12 20.04
CA THR U 429 17.56 -52.46 19.88
C THR U 429 19.01 -52.54 20.38
N ASN U 430 19.17 -52.32 21.70
CA ASN U 430 20.33 -52.78 22.47
C ASN U 430 21.62 -52.12 22.00
N SER U 431 21.64 -50.79 22.04
CA SER U 431 22.80 -50.02 21.60
C SER U 431 23.28 -49.15 22.75
N THR U 432 24.60 -49.12 22.96
CA THR U 432 25.19 -48.20 23.91
C THR U 432 25.75 -46.97 23.23
N THR U 433 26.21 -47.11 21.98
CA THR U 433 26.61 -45.95 21.19
C THR U 433 25.35 -45.17 20.82
N GLU U 434 25.34 -43.88 21.12
CA GLU U 434 24.24 -43.00 20.76
C GLU U 434 24.81 -41.90 19.89
N THR U 435 24.90 -42.17 18.60
CA THR U 435 25.58 -41.24 17.72
C THR U 435 24.67 -40.06 17.40
N PHE U 436 25.30 -38.94 17.07
CA PHE U 436 24.60 -37.70 16.82
C PHE U 436 24.82 -37.24 15.39
N ARG U 437 23.84 -36.51 14.86
CA ARG U 437 24.03 -35.92 13.57
C ARG U 437 23.56 -34.47 13.60
N PRO U 438 24.26 -33.57 12.93
CA PRO U 438 23.84 -32.16 12.93
C PRO U 438 22.74 -31.93 11.90
N GLY U 439 21.58 -31.49 12.37
CA GLY U 439 20.55 -31.12 11.43
C GLY U 439 19.71 -29.96 11.91
N GLY U 440 19.70 -28.87 11.15
CA GLY U 440 18.98 -27.69 11.58
C GLY U 440 17.53 -27.66 11.16
N GLY U 441 17.28 -27.74 9.86
CA GLY U 441 15.92 -27.65 9.38
C GLY U 441 15.38 -26.24 9.51
N ASP U 442 14.54 -26.02 10.51
CA ASP U 442 13.90 -24.72 10.70
C ASP U 442 14.93 -23.69 11.17
N MET U 443 14.76 -22.46 10.70
CA MET U 443 15.56 -21.35 11.18
C MET U 443 15.20 -20.99 12.62
N ARG U 444 13.99 -21.36 13.05
CA ARG U 444 13.51 -20.99 14.37
C ARG U 444 14.32 -21.64 15.48
N ASP U 445 15.08 -22.70 15.18
CA ASP U 445 16.08 -23.16 16.12
C ASP U 445 17.16 -22.11 16.34
N ASN U 446 17.68 -21.53 15.25
CA ASN U 446 18.67 -20.45 15.35
C ASN U 446 18.11 -19.27 16.11
N TRP U 447 16.85 -18.97 15.89
CA TRP U 447 16.28 -17.84 16.59
C TRP U 447 16.03 -18.15 18.06
N ARG U 448 15.59 -19.35 18.35
CA ARG U 448 15.30 -19.74 19.71
C ARG U 448 16.56 -19.90 20.54
N SER U 449 17.71 -20.03 19.88
CA SER U 449 18.98 -19.93 20.59
C SER U 449 19.32 -18.52 21.04
N GLU U 450 18.51 -17.52 20.69
CA GLU U 450 18.82 -16.15 21.04
C GLU U 450 17.85 -15.55 22.02
N LEU U 451 16.55 -15.78 21.84
CA LEU U 451 15.56 -15.22 22.74
C LEU U 451 15.17 -16.17 23.85
N TYR U 452 16.05 -17.08 24.22
CA TYR U 452 15.71 -18.05 25.25
C TYR U 452 15.69 -17.44 26.64
N LYS U 453 16.32 -16.29 26.84
CA LYS U 453 16.32 -15.69 28.16
C LYS U 453 15.11 -14.82 28.43
N TYR U 454 14.24 -14.60 27.45
CA TYR U 454 13.25 -13.55 27.58
C TYR U 454 11.83 -14.08 27.51
N LYS U 455 10.91 -13.31 28.08
CA LYS U 455 9.49 -13.51 27.81
C LYS U 455 8.80 -12.16 28.00
N VAL U 456 7.58 -12.08 27.47
CA VAL U 456 6.79 -10.86 27.48
C VAL U 456 5.62 -11.03 28.44
N VAL U 457 5.37 -10.02 29.26
CA VAL U 457 4.27 -10.08 30.21
C VAL U 457 3.45 -8.82 30.12
N LYS U 458 2.17 -8.95 30.46
CA LYS U 458 1.22 -7.85 30.44
C LYS U 458 1.01 -7.34 31.85
N ILE U 459 1.11 -6.03 32.01
CA ILE U 459 0.75 -5.38 33.25
C ILE U 459 -0.76 -5.36 33.36
N GLU U 460 -1.28 -5.72 34.54
CA GLU U 460 -2.68 -5.51 34.86
C GLU U 460 -2.76 -4.75 36.17
N PRO U 461 -2.95 -3.44 36.13
CA PRO U 461 -3.10 -2.68 37.37
C PRO U 461 -4.43 -2.92 38.06
N LEU U 462 -4.70 -2.10 39.08
CA LEU U 462 -5.92 -2.14 39.89
C LEU U 462 -6.13 -3.50 40.55
N GLY U 463 -5.17 -3.88 41.39
CA GLY U 463 -5.42 -4.91 42.36
C GLY U 463 -6.31 -4.41 43.47
N VAL U 464 -6.67 -5.30 44.38
CA VAL U 464 -7.61 -4.94 45.43
C VAL U 464 -7.30 -5.76 46.68
N ALA U 465 -7.57 -5.16 47.85
CA ALA U 465 -7.20 -5.78 49.12
C ALA U 465 -7.96 -5.16 50.28
N PRO U 466 -8.32 -5.91 51.31
CA PRO U 466 -8.93 -5.29 52.48
C PRO U 466 -7.90 -4.59 53.34
N THR U 467 -8.37 -3.57 54.03
CA THR U 467 -7.62 -2.88 55.07
C THR U 467 -8.62 -2.25 56.03
N ARG U 468 -8.12 -1.54 57.02
CA ARG U 468 -8.92 -1.09 58.14
C ARG U 468 -9.03 0.42 58.09
N CYS U 469 -9.98 0.91 57.30
CA CYS U 469 -10.33 2.32 57.14
C CYS U 469 -11.62 2.41 56.34
N LYS U 470 -12.51 3.29 56.75
CA LYS U 470 -13.81 3.48 56.11
C LYS U 470 -13.92 4.90 55.59
N ARG U 471 -14.43 5.05 54.38
CA ARG U 471 -14.57 6.37 53.78
C ARG U 471 -15.71 7.14 54.44
N ARG U 472 -15.42 8.35 54.88
CA ARG U 472 -16.41 9.20 55.52
C ARG U 472 -17.25 9.90 54.47
N VAL U 473 -18.33 10.55 54.93
CA VAL U 473 -19.21 11.29 54.03
C VAL U 473 -19.23 12.76 54.41
N ALA V 1 27.56 1.76 43.33
CA ALA V 1 27.88 3.18 43.22
C ALA V 1 26.65 3.97 42.82
N VAL V 2 25.61 3.26 42.40
CA VAL V 2 24.38 3.91 41.99
C VAL V 2 23.37 4.00 43.13
N GLY V 3 23.48 3.15 44.14
CA GLY V 3 22.50 3.12 45.20
C GLY V 3 21.43 2.07 44.94
N ILE V 4 20.95 1.47 46.02
CA ILE V 4 19.94 0.42 45.88
C ILE V 4 18.53 0.98 46.03
N GLY V 5 18.37 2.16 46.63
CA GLY V 5 17.06 2.74 46.79
C GLY V 5 16.46 3.20 45.47
N ALA V 6 17.33 3.54 44.51
CA ALA V 6 16.84 3.96 43.20
C ALA V 6 16.20 2.80 42.45
N VAL V 7 16.87 1.64 42.44
CA VAL V 7 16.26 0.49 41.78
C VAL V 7 15.18 -0.14 42.64
N PHE V 8 15.10 0.20 43.93
CA PHE V 8 13.88 -0.08 44.66
C PHE V 8 12.74 0.79 44.13
N LEU V 9 13.03 2.06 43.88
CA LEU V 9 12.04 2.97 43.33
C LEU V 9 11.93 2.90 41.82
N GLY V 10 12.55 1.91 41.18
CA GLY V 10 12.44 1.75 39.75
C GLY V 10 11.11 1.13 39.37
N PHE V 11 10.94 0.95 38.06
CA PHE V 11 9.70 0.40 37.54
C PHE V 11 9.62 -1.09 37.80
N LEU V 12 8.54 -1.52 38.43
CA LEU V 12 8.29 -2.88 38.91
C LEU V 12 9.36 -3.37 39.88
N GLY V 13 10.00 -2.45 40.58
CA GLY V 13 11.06 -2.85 41.50
C GLY V 13 10.50 -3.54 42.72
N ALA V 14 9.37 -3.07 43.23
CA ALA V 14 8.79 -3.59 44.46
C ALA V 14 7.88 -4.79 44.22
N ALA V 15 8.10 -5.53 43.15
CA ALA V 15 7.26 -6.70 42.88
C ALA V 15 7.53 -7.82 43.86
N GLY V 16 8.73 -7.87 44.41
CA GLY V 16 9.04 -8.93 45.35
C GLY V 16 8.80 -8.60 46.79
N SER V 17 8.60 -7.34 47.14
CA SER V 17 8.43 -6.96 48.53
C SER V 17 7.04 -7.32 49.02
N THR V 18 6.80 -7.08 50.31
CA THR V 18 5.46 -7.20 50.84
C THR V 18 4.61 -6.07 50.30
N MET V 19 3.29 -6.28 50.35
CA MET V 19 2.38 -5.32 49.78
C MET V 19 2.29 -4.04 50.60
N GLY V 20 2.53 -4.14 51.90
CA GLY V 20 2.53 -2.95 52.74
C GLY V 20 3.66 -2.00 52.40
N ALA V 21 4.83 -2.53 52.07
CA ALA V 21 5.92 -1.68 51.63
C ALA V 21 5.84 -1.37 50.14
N ALA V 22 5.15 -2.21 49.36
CA ALA V 22 4.95 -1.90 47.96
C ALA V 22 3.92 -0.81 47.76
N SER V 23 3.14 -0.50 48.80
CA SER V 23 2.21 0.62 48.77
C SER V 23 2.93 1.96 48.61
N MET V 24 4.20 2.05 49.01
CA MET V 24 4.95 3.29 48.98
C MET V 24 5.32 3.73 47.58
N THR V 25 5.05 2.94 46.55
CA THR V 25 5.22 3.38 45.17
C THR V 25 4.10 2.83 44.32
N LEU V 26 3.41 3.72 43.62
CA LEU V 26 2.52 3.36 42.54
C LEU V 26 2.67 4.27 41.34
N THR V 27 3.21 5.47 41.52
CA THR V 27 3.22 6.46 40.46
C THR V 27 4.16 6.09 39.33
N VAL V 28 5.22 5.33 39.63
CA VAL V 28 6.14 4.94 38.58
C VAL V 28 5.49 3.89 37.68
N GLN V 29 4.75 2.97 38.29
CA GLN V 29 3.99 1.97 37.55
C GLN V 29 2.93 2.63 36.69
N ALA V 30 2.21 3.61 37.27
CA ALA V 30 1.16 4.30 36.53
C ALA V 30 1.75 5.10 35.38
N ARG V 31 2.90 5.73 35.58
CA ARG V 31 3.48 6.57 34.55
C ARG V 31 4.04 5.73 33.42
N ASN V 32 4.67 4.61 33.74
CA ASN V 32 5.19 3.74 32.72
C ASN V 32 4.12 2.88 32.09
N LEU V 33 2.90 2.91 32.64
CA LEU V 33 1.78 2.29 31.94
C LEU V 33 1.39 3.07 30.69
N LEU V 34 1.50 4.39 30.71
CA LEU V 34 0.78 5.21 29.73
C LEU V 34 1.49 5.28 28.38
N SER V 35 2.64 5.92 28.32
CA SER V 35 3.25 6.20 27.02
C SER V 35 4.71 5.79 26.95
N GLY V 36 5.40 5.86 28.08
CA GLY V 36 6.82 5.55 28.12
C GLY V 36 7.08 4.19 28.73
N THR V 58 6.65 1.88 6.10
CA THR V 58 5.58 2.10 5.15
C THR V 58 4.36 1.22 5.46
N VAL V 59 4.60 0.13 6.20
CA VAL V 59 3.54 -0.79 6.61
C VAL V 59 3.61 -0.90 8.13
N TRP V 60 4.80 -0.67 8.67
CA TRP V 60 5.08 -0.99 10.07
C TRP V 60 4.40 -0.03 11.03
N GLY V 61 4.23 1.23 10.60
CA GLY V 61 3.54 2.22 11.39
C GLY V 61 2.10 1.86 11.70
N ILE V 62 1.48 1.01 10.87
CA ILE V 62 0.18 0.46 11.19
C ILE V 62 0.23 -0.35 12.47
N LYS V 63 1.18 -1.26 12.57
CA LYS V 63 1.32 -2.09 13.76
C LYS V 63 1.70 -1.25 14.97
N GLN V 64 2.61 -0.29 14.77
CA GLN V 64 2.94 0.71 15.77
C GLN V 64 1.70 1.42 16.28
N LEU V 65 0.83 1.77 15.36
CA LEU V 65 -0.29 2.65 15.66
C LEU V 65 -1.39 1.88 16.39
N GLN V 66 -1.63 0.63 15.99
CA GLN V 66 -2.64 -0.12 16.72
C GLN V 66 -2.12 -0.54 18.09
N ALA V 67 -0.80 -0.70 18.24
CA ALA V 67 -0.27 -0.95 19.58
C ALA V 67 -0.48 0.26 20.49
N ARG V 68 -0.21 1.46 19.97
CA ARG V 68 -0.39 2.67 20.77
C ARG V 68 -1.86 2.89 21.14
N VAL V 69 -2.76 2.67 20.18
CA VAL V 69 -4.15 2.90 20.54
C VAL V 69 -4.73 1.78 21.38
N LEU V 70 -4.16 0.58 21.33
CA LEU V 70 -4.57 -0.46 22.26
C LEU V 70 -4.15 -0.11 23.68
N ALA V 71 -2.95 0.46 23.81
CA ALA V 71 -2.49 0.90 25.12
C ALA V 71 -3.37 2.00 25.68
N VAL V 72 -3.73 3.00 24.87
CA VAL V 72 -4.58 4.04 25.42
C VAL V 72 -6.02 3.57 25.60
N GLU V 73 -6.47 2.58 24.84
CA GLU V 73 -7.78 1.98 25.09
C GLU V 73 -7.81 1.30 26.43
N ARG V 74 -6.74 0.57 26.76
CA ARG V 74 -6.61 -0.03 28.08
C ARG V 74 -6.61 1.01 29.18
N TYR V 75 -5.87 2.10 28.96
CA TYR V 75 -5.78 3.14 29.97
C TYR V 75 -7.12 3.81 30.21
N LEU V 76 -7.87 4.06 29.14
CA LEU V 76 -9.19 4.64 29.31
C LEU V 76 -10.17 3.67 29.95
N ARG V 77 -10.03 2.37 29.69
CA ARG V 77 -10.89 1.41 30.37
C ARG V 77 -10.65 1.43 31.87
N ASP V 78 -9.39 1.52 32.28
CA ASP V 78 -9.12 1.52 33.71
C ASP V 78 -9.52 2.84 34.35
N GLN V 79 -9.32 3.94 33.65
CA GLN V 79 -9.79 5.23 34.17
C GLN V 79 -11.30 5.27 34.27
N GLN V 80 -12.00 4.58 33.36
CA GLN V 80 -13.45 4.56 33.44
C GLN V 80 -13.92 3.68 34.58
N LEU V 81 -13.21 2.56 34.81
CA LEU V 81 -13.57 1.71 35.94
C LEU V 81 -13.33 2.42 37.26
N LEU V 82 -12.34 3.29 37.32
CA LEU V 82 -12.25 4.10 38.51
C LEU V 82 -13.28 5.22 38.52
N GLY V 83 -13.66 5.72 37.34
CA GLY V 83 -14.56 6.85 37.29
C GLY V 83 -15.98 6.49 37.69
N ILE V 84 -16.41 5.29 37.31
CA ILE V 84 -17.69 4.80 37.81
C ILE V 84 -17.60 4.43 39.28
N TRP V 85 -16.38 4.24 39.78
CA TRP V 85 -16.21 4.07 41.20
C TRP V 85 -16.02 5.44 41.83
N GLY V 86 -15.86 5.47 43.15
CA GLY V 86 -15.90 6.72 43.87
C GLY V 86 -14.68 7.59 43.73
N CYS V 87 -13.60 7.06 43.17
CA CYS V 87 -12.34 7.76 43.17
C CYS V 87 -11.78 7.82 41.76
N SER V 88 -11.35 9.02 41.36
CA SER V 88 -10.92 9.25 40.00
C SER V 88 -9.40 9.39 39.89
N GLY V 89 -8.82 10.36 40.61
CA GLY V 89 -7.39 10.54 40.59
C GLY V 89 -6.72 10.28 41.91
N LYS V 90 -7.41 9.68 42.88
CA LYS V 90 -6.85 9.58 44.22
C LYS V 90 -5.77 8.52 44.30
N LEU V 91 -5.91 7.44 43.52
CA LEU V 91 -4.97 6.32 43.33
C LEU V 91 -4.90 5.39 44.55
N ILE V 92 -5.51 5.82 45.66
CA ILE V 92 -5.69 5.06 46.89
C ILE V 92 -7.10 5.38 47.36
N CYS V 93 -7.96 4.38 47.43
CA CYS V 93 -9.37 4.66 47.60
C CYS V 93 -9.89 3.97 48.84
N CYS V 94 -11.15 4.28 49.16
CA CYS V 94 -11.94 3.50 50.10
C CYS V 94 -13.34 3.38 49.54
N THR V 95 -14.19 2.66 50.25
CA THR V 95 -15.57 2.47 49.83
C THR V 95 -16.40 2.13 51.04
N ASN V 96 -17.62 1.65 50.79
CA ASN V 96 -18.55 1.32 51.86
C ASN V 96 -19.14 -0.07 51.64
N VAL V 97 -18.29 -1.05 51.34
CA VAL V 97 -18.65 -2.45 51.39
C VAL V 97 -17.63 -3.17 52.26
N PRO V 98 -18.05 -3.92 53.26
CA PRO V 98 -17.09 -4.60 54.13
C PRO V 98 -16.50 -5.81 53.44
N TRP V 99 -15.35 -6.24 53.95
CA TRP V 99 -14.67 -7.39 53.37
C TRP V 99 -15.31 -8.67 53.90
N ASN V 100 -15.76 -9.52 52.98
CA ASN V 100 -16.30 -10.82 53.36
C ASN V 100 -15.14 -11.70 53.79
N SER V 101 -15.21 -12.21 55.02
CA SER V 101 -14.14 -13.05 55.53
C SER V 101 -14.09 -14.41 54.85
N SER V 102 -15.18 -14.83 54.20
CA SER V 102 -15.17 -16.05 53.40
C SER V 102 -14.28 -15.93 52.18
N TRP V 103 -13.92 -14.71 51.78
CA TRP V 103 -13.05 -14.52 50.63
C TRP V 103 -11.61 -14.83 50.96
N SER V 104 -11.16 -14.44 52.15
CA SER V 104 -9.74 -14.46 52.48
C SER V 104 -9.41 -15.32 53.69
N ASN V 105 -10.18 -15.16 54.78
CA ASN V 105 -9.94 -15.65 56.15
C ASN V 105 -8.46 -15.64 56.57
N ARG V 106 -7.81 -14.52 56.26
CA ARG V 106 -6.43 -14.30 56.65
C ARG V 106 -6.37 -13.24 57.73
N ASN V 107 -5.30 -13.29 58.52
CA ASN V 107 -5.13 -12.31 59.58
C ASN V 107 -4.79 -10.96 58.98
N LEU V 108 -5.17 -9.89 59.68
CA LEU V 108 -4.92 -8.55 59.16
C LEU V 108 -3.45 -8.19 59.26
N SER V 109 -2.75 -8.74 60.25
CA SER V 109 -1.33 -8.44 60.40
C SER V 109 -0.51 -9.13 59.31
N GLU V 110 -0.89 -10.35 58.95
CA GLU V 110 -0.04 -11.15 58.08
C GLU V 110 -0.09 -10.68 56.64
N ILE V 111 -1.20 -10.08 56.20
CA ILE V 111 -1.38 -9.83 54.78
C ILE V 111 -0.48 -8.70 54.31
N TRP V 112 -0.22 -7.72 55.16
CA TRP V 112 0.55 -6.57 54.73
C TRP V 112 2.04 -6.77 54.90
N ASP V 113 2.46 -7.69 55.76
CA ASP V 113 3.87 -7.90 56.02
C ASP V 113 4.33 -9.29 55.64
N ASN V 114 3.49 -10.08 54.97
CA ASN V 114 3.90 -11.43 54.64
C ASN V 114 3.85 -11.72 53.15
N MET V 115 2.80 -11.31 52.46
CA MET V 115 2.61 -11.79 51.10
C MET V 115 2.97 -10.74 50.06
N THR V 116 3.28 -11.24 48.88
CA THR V 116 3.49 -10.40 47.72
C THR V 116 2.21 -10.26 46.93
N TRP V 117 2.22 -9.29 46.01
CA TRP V 117 1.03 -9.00 45.23
C TRP V 117 0.69 -10.12 44.27
N LEU V 118 1.70 -10.85 43.79
CA LEU V 118 1.46 -11.95 42.86
C LEU V 118 0.64 -13.05 43.52
N GLN V 119 1.10 -13.51 44.69
CA GLN V 119 0.35 -14.56 45.37
C GLN V 119 -0.95 -14.03 45.96
N TRP V 120 -1.02 -12.73 46.25
CA TRP V 120 -2.31 -12.17 46.64
C TRP V 120 -3.30 -12.21 45.48
N ASP V 121 -2.81 -11.93 44.27
CA ASP V 121 -3.64 -11.99 43.08
C ASP V 121 -4.09 -13.40 42.79
N LYS V 122 -3.18 -14.37 42.91
CA LYS V 122 -3.58 -15.76 42.69
C LYS V 122 -4.48 -16.30 43.79
N GLU V 123 -4.45 -15.70 44.99
CA GLU V 123 -5.46 -16.08 45.98
C GLU V 123 -6.83 -15.51 45.62
N ILE V 124 -6.91 -14.20 45.38
CA ILE V 124 -8.22 -13.58 45.27
C ILE V 124 -8.74 -13.61 43.85
N SER V 125 -8.04 -14.32 42.96
CA SER V 125 -8.34 -14.25 41.53
C SER V 125 -9.67 -14.89 41.17
N ASN V 126 -10.19 -15.81 41.99
CA ASN V 126 -11.52 -16.33 41.72
C ASN V 126 -12.59 -15.31 42.07
N TYR V 127 -12.40 -14.58 43.16
CA TYR V 127 -13.41 -13.66 43.66
C TYR V 127 -13.24 -12.36 42.89
N THR V 128 -13.82 -12.34 41.71
CA THR V 128 -13.66 -11.29 40.73
C THR V 128 -15.01 -11.12 40.08
N GLN V 129 -15.35 -9.88 39.76
CA GLN V 129 -16.58 -9.40 39.09
C GLN V 129 -17.77 -9.46 40.04
N ILE V 130 -17.60 -10.04 41.22
CA ILE V 130 -18.54 -9.84 42.31
C ILE V 130 -18.27 -8.51 42.98
N ILE V 131 -17.00 -8.29 43.32
CA ILE V 131 -16.57 -7.10 44.03
C ILE V 131 -16.74 -5.86 43.16
N TYR V 132 -16.53 -6.03 41.85
CA TYR V 132 -16.73 -4.95 40.90
C TYR V 132 -18.17 -4.47 40.89
N GLY V 133 -19.12 -5.40 40.72
CA GLY V 133 -20.52 -5.06 40.76
C GLY V 133 -20.97 -4.56 42.12
N LEU V 134 -20.34 -5.04 43.19
CA LEU V 134 -20.64 -4.53 44.53
C LEU V 134 -20.23 -3.08 44.69
N LEU V 135 -19.07 -2.71 44.15
CA LEU V 135 -18.65 -1.32 44.19
C LEU V 135 -19.58 -0.44 43.39
N GLU V 136 -20.00 -0.93 42.22
CA GLU V 136 -20.96 -0.20 41.38
C GLU V 136 -22.26 0.02 42.13
N GLU V 137 -22.80 -1.03 42.73
CA GLU V 137 -24.06 -0.96 43.46
C GLU V 137 -23.97 -0.04 44.67
N SER V 138 -22.90 -0.18 45.44
CA SER V 138 -22.73 0.57 46.67
C SER V 138 -22.62 2.07 46.40
N GLN V 139 -21.86 2.44 45.39
CA GLN V 139 -21.75 3.87 45.15
C GLN V 139 -22.87 4.42 44.29
N ASN V 140 -23.61 3.56 43.59
CA ASN V 140 -24.87 4.01 43.01
C ASN V 140 -25.86 4.37 44.11
N GLN V 141 -25.95 3.52 45.14
CA GLN V 141 -26.78 3.82 46.31
C GLN V 141 -26.27 5.06 47.04
N GLN V 142 -24.95 5.25 47.08
CA GLN V 142 -24.40 6.45 47.66
C GLN V 142 -24.76 7.69 46.86
N GLU V 143 -24.79 7.57 45.53
CA GLU V 143 -25.19 8.68 44.67
C GLU V 143 -26.63 9.06 44.90
N LYS V 144 -27.53 8.08 45.01
CA LYS V 144 -28.92 8.45 45.23
C LYS V 144 -29.13 8.96 46.65
N ASN V 145 -28.33 8.51 47.62
CA ASN V 145 -28.43 9.06 48.97
C ASN V 145 -27.93 10.49 49.02
N GLU V 146 -26.85 10.79 48.30
CA GLU V 146 -26.33 12.15 48.28
C GLU V 146 -27.27 13.08 47.53
N GLN V 147 -27.90 12.58 46.46
CA GLN V 147 -28.91 13.35 45.76
C GLN V 147 -30.10 13.62 46.66
N ASP V 148 -30.49 12.65 47.48
CA ASP V 148 -31.62 12.85 48.39
C ASP V 148 -31.28 13.86 49.47
N LEU V 149 -30.05 13.81 49.99
CA LEU V 149 -29.66 14.74 51.05
C LEU V 149 -29.54 16.16 50.52
N LEU V 150 -29.05 16.33 49.30
CA LEU V 150 -29.02 17.67 48.74
C LEU V 150 -30.34 18.09 48.14
N ALA V 151 -31.28 17.16 47.97
CA ALA V 151 -32.62 17.52 47.52
C ALA V 151 -33.48 18.02 48.66
N LEU V 152 -33.34 17.40 49.85
CA LEU V 152 -34.09 17.87 51.00
C LEU V 152 -33.58 19.22 51.49
N ASP V 153 -32.31 19.52 51.27
CA ASP V 153 -31.77 20.83 51.58
C ASP V 153 -31.98 21.78 50.40
N ALA W 1 -16.36 46.51 14.54
CA ALA W 1 -17.78 46.16 14.54
C ALA W 1 -17.99 44.81 15.19
N VAL W 2 -16.90 44.09 15.41
CA VAL W 2 -16.97 42.78 16.03
C VAL W 2 -16.76 42.85 17.54
N GLY W 3 -16.12 43.89 18.04
CA GLY W 3 -15.80 43.97 19.45
C GLY W 3 -14.40 43.46 19.73
N ILE W 4 -13.75 44.07 20.72
CA ILE W 4 -12.39 43.68 21.07
C ILE W 4 -12.37 42.66 22.19
N GLY W 5 -13.45 42.55 22.98
CA GLY W 5 -13.48 41.58 24.06
C GLY W 5 -13.55 40.15 23.56
N ALA W 6 -14.10 39.96 22.36
CA ALA W 6 -14.18 38.62 21.80
C ALA W 6 -12.79 38.10 21.41
N VAL W 7 -11.99 38.92 20.74
CA VAL W 7 -10.64 38.50 20.41
C VAL W 7 -9.73 38.57 21.63
N PHE W 8 -10.12 39.28 22.68
CA PHE W 8 -9.45 39.05 23.96
C PHE W 8 -9.76 37.66 24.48
N LEU W 9 -11.01 37.23 24.36
CA LEU W 9 -11.40 35.90 24.78
C LEU W 9 -11.16 34.84 23.71
N GLY W 10 -10.44 35.17 22.65
CA GLY W 10 -10.12 34.18 21.65
C GLY W 10 -8.99 33.27 22.08
N PHE W 11 -8.64 32.35 21.20
CA PHE W 11 -7.60 31.38 21.51
C PHE W 11 -6.23 32.02 21.44
N LEU W 12 -5.48 31.88 22.53
CA LEU W 12 -4.17 32.50 22.76
C LEU W 12 -4.24 34.02 22.69
N GLY W 13 -5.39 34.61 22.98
CA GLY W 13 -5.52 36.04 22.90
C GLY W 13 -4.79 36.74 24.02
N ALA W 14 -4.81 36.17 25.21
CA ALA W 14 -4.24 36.79 26.38
C ALA W 14 -2.77 36.45 26.55
N ALA W 15 -2.07 36.13 25.48
CA ALA W 15 -0.66 35.81 25.58
C ALA W 15 0.18 37.03 25.91
N GLY W 16 -0.29 38.21 25.53
CA GLY W 16 0.47 39.40 25.81
C GLY W 16 0.14 40.10 27.11
N SER W 17 -0.97 39.75 27.73
CA SER W 17 -1.38 40.44 28.94
C SER W 17 -0.55 39.99 30.14
N THR W 18 -0.80 40.60 31.28
CA THR W 18 -0.21 40.13 32.51
C THR W 18 -0.86 38.80 32.90
N MET W 19 -0.16 38.05 33.74
CA MET W 19 -0.64 36.73 34.09
C MET W 19 -1.85 36.78 35.01
N GLY W 20 -1.96 37.84 35.81
CA GLY W 20 -3.13 38.00 36.66
C GLY W 20 -4.41 38.18 35.87
N ALA W 21 -4.36 38.92 34.77
CA ALA W 21 -5.52 39.04 33.91
C ALA W 21 -5.64 37.88 32.93
N ALA W 22 -4.53 37.20 32.63
CA ALA W 22 -4.60 36.02 31.79
C ALA W 22 -5.19 34.83 32.53
N SER W 23 -5.25 34.91 33.86
CA SER W 23 -5.92 33.88 34.65
C SER W 23 -7.41 33.79 34.35
N MET W 24 -8.02 34.86 33.83
CA MET W 24 -9.46 34.89 33.58
C MET W 24 -9.88 34.06 32.40
N THR W 25 -8.95 33.46 31.66
CA THR W 25 -9.29 32.51 30.62
C THR W 25 -8.26 31.38 30.60
N LEU W 26 -8.75 30.15 30.71
CA LEU W 26 -7.97 28.97 30.42
C LEU W 26 -8.75 27.95 29.60
N THR W 27 -10.08 28.02 29.64
CA THR W 27 -10.90 26.97 29.06
C THR W 27 -10.83 26.96 27.54
N VAL W 28 -10.57 28.11 26.93
CA VAL W 28 -10.48 28.15 25.48
C VAL W 28 -9.18 27.50 25.02
N GLN W 29 -8.09 27.73 25.76
CA GLN W 29 -6.82 27.08 25.50
C GLN W 29 -6.93 25.59 25.69
N ALA W 30 -7.60 25.16 26.77
CA ALA W 30 -7.76 23.74 27.03
C ALA W 30 -8.61 23.07 25.97
N ARG W 31 -9.66 23.75 25.52
CA ARG W 31 -10.57 23.15 24.53
C ARG W 31 -9.91 23.05 23.17
N ASN W 32 -9.16 24.07 22.79
CA ASN W 32 -8.47 24.03 21.51
C ASN W 32 -7.19 23.20 21.58
N LEU W 33 -6.80 22.75 22.77
CA LEU W 33 -5.74 21.77 22.84
C LEU W 33 -6.18 20.40 22.33
N LEU W 34 -7.45 20.03 22.55
CA LEU W 34 -7.82 18.63 22.45
C LEU W 34 -8.03 18.15 21.01
N SER W 35 -9.06 18.66 20.35
CA SER W 35 -9.43 18.08 19.07
C SER W 35 -9.64 19.15 17.99
N GLY W 36 -10.07 20.32 18.39
CA GLY W 36 -10.33 21.39 17.44
C GLY W 36 -9.25 22.44 17.45
N THR W 58 -4.89 7.84 0.56
CA THR W 58 -4.59 6.41 0.60
C THR W 58 -3.34 6.13 1.44
N VAL W 59 -2.51 7.15 1.61
CA VAL W 59 -1.28 7.06 2.40
C VAL W 59 -1.35 8.15 3.46
N TRP W 60 -2.07 9.22 3.16
CA TRP W 60 -2.02 10.45 3.93
C TRP W 60 -2.72 10.32 5.27
N GLY W 61 -3.76 9.49 5.31
CA GLY W 61 -4.47 9.21 6.54
C GLY W 61 -3.61 8.59 7.62
N ILE W 62 -2.52 7.93 7.23
CA ILE W 62 -1.53 7.47 8.21
C ILE W 62 -0.94 8.64 8.96
N LYS W 63 -0.48 9.65 8.22
CA LYS W 63 0.12 10.83 8.84
C LYS W 63 -0.91 11.60 9.68
N GLN W 64 -2.12 11.73 9.13
CA GLN W 64 -3.27 12.27 9.85
C GLN W 64 -3.46 11.54 11.18
N LEU W 65 -3.37 10.23 11.12
CA LEU W 65 -3.77 9.40 12.24
C LEU W 65 -2.71 9.43 13.33
N GLN W 66 -1.43 9.43 12.94
CA GLN W 66 -0.42 9.53 13.99
C GLN W 66 -0.35 10.92 14.57
N ALA W 67 -0.73 11.94 13.81
CA ALA W 67 -0.84 13.27 14.40
C ALA W 67 -1.94 13.33 15.45
N ARG W 68 -3.10 12.74 15.13
CA ARG W 68 -4.21 12.74 16.08
C ARG W 68 -3.88 11.94 17.34
N VAL W 69 -3.22 10.79 17.18
CA VAL W 69 -2.94 10.03 18.38
C VAL W 69 -1.76 10.60 19.14
N LEU W 70 -0.88 11.36 18.50
CA LEU W 70 0.15 12.07 19.25
C LEU W 70 -0.46 13.17 20.09
N ALA W 71 -1.47 13.85 19.53
CA ALA W 71 -2.18 14.89 20.29
C ALA W 71 -2.90 14.30 21.49
N VAL W 72 -3.58 13.17 21.32
CA VAL W 72 -4.26 12.62 22.49
C VAL W 72 -3.29 11.96 23.46
N GLU W 73 -2.13 11.50 22.98
CA GLU W 73 -1.09 11.00 23.89
C GLU W 73 -0.58 12.12 24.77
N ARG W 74 -0.36 13.30 24.17
CA ARG W 74 0.02 14.47 24.94
C ARG W 74 -1.04 14.85 25.96
N TYR W 75 -2.31 14.81 25.55
CA TYR W 75 -3.39 15.19 26.44
C TYR W 75 -3.50 14.23 27.61
N LEU W 76 -3.33 12.94 27.36
CA LEU W 76 -3.36 11.98 28.45
C LEU W 76 -2.16 12.10 29.35
N ARG W 77 -0.99 12.46 28.81
CA ARG W 77 0.17 12.69 29.68
C ARG W 77 -0.09 13.85 30.63
N ASP W 78 -0.70 14.92 30.14
CA ASP W 78 -0.94 16.05 31.03
C ASP W 78 -2.04 15.77 32.03
N GLN W 79 -3.08 15.04 31.60
CA GLN W 79 -4.10 14.63 32.54
C GLN W 79 -3.56 13.68 33.60
N GLN W 80 -2.59 12.86 33.24
CA GLN W 80 -2.00 11.97 34.23
C GLN W 80 -1.11 12.72 35.19
N LEU W 81 -0.40 13.73 34.69
CA LEU W 81 0.42 14.55 35.57
C LEU W 81 -0.43 15.34 36.54
N LEU W 82 -1.63 15.73 36.12
CA LEU W 82 -2.52 16.31 37.11
C LEU W 82 -3.13 15.25 38.00
N GLY W 83 -3.35 14.04 37.48
CA GLY W 83 -4.02 13.01 38.25
C GLY W 83 -3.17 12.48 39.38
N ILE W 84 -1.87 12.35 39.14
CA ILE W 84 -0.96 12.02 40.23
C ILE W 84 -0.80 13.19 41.18
N TRP W 85 -1.14 14.39 40.73
CA TRP W 85 -1.19 15.51 41.63
C TRP W 85 -2.58 15.59 42.25
N GLY W 86 -2.77 16.56 43.12
CA GLY W 86 -3.98 16.59 43.94
C GLY W 86 -5.24 16.99 43.22
N CYS W 87 -5.13 17.51 42.02
CA CYS W 87 -6.26 18.10 41.34
C CYS W 87 -6.41 17.49 39.96
N SER W 88 -7.63 17.10 39.61
CA SER W 88 -7.89 16.39 38.37
C SER W 88 -8.60 17.26 37.36
N GLY W 89 -9.78 17.79 37.71
CA GLY W 89 -10.50 18.65 36.80
C GLY W 89 -10.64 20.08 37.28
N LYS W 90 -9.92 20.47 38.33
CA LYS W 90 -10.18 21.77 38.94
C LYS W 90 -9.62 22.91 38.10
N LEU W 91 -8.51 22.66 37.38
CA LEU W 91 -7.84 23.55 36.41
C LEU W 91 -7.12 24.73 37.09
N ILE W 92 -7.38 24.92 38.38
CA ILE W 92 -6.73 25.89 39.25
C ILE W 92 -6.51 25.16 40.57
N CYS W 93 -5.27 25.00 40.98
CA CYS W 93 -4.99 24.09 42.07
C CYS W 93 -4.27 24.80 43.19
N CYS W 94 -4.09 24.10 44.29
CA CYS W 94 -3.16 24.48 45.34
C CYS W 94 -2.45 23.21 45.79
N THR W 95 -1.52 23.38 46.73
CA THR W 95 -0.76 22.26 47.26
C THR W 95 -0.24 22.64 48.63
N ASN W 96 0.70 21.84 49.14
CA ASN W 96 1.27 22.04 50.45
C ASN W 96 2.79 22.00 50.38
N VAL W 97 3.38 22.71 49.43
CA VAL W 97 4.81 22.99 49.42
C VAL W 97 4.99 24.49 49.25
N PRO W 98 5.74 25.14 50.12
CA PRO W 98 5.92 26.59 50.00
C PRO W 98 6.85 26.94 48.86
N TRP W 99 6.75 28.18 48.41
CA TRP W 99 7.60 28.64 47.32
C TRP W 99 8.96 29.02 47.86
N ASN W 100 10.00 28.41 47.30
CA ASN W 100 11.37 28.75 47.67
C ASN W 100 11.68 30.11 47.06
N SER W 101 12.06 31.07 47.91
CA SER W 101 12.37 32.40 47.43
C SER W 101 13.66 32.46 46.62
N SER W 102 14.53 31.44 46.77
CA SER W 102 15.71 31.34 45.92
C SER W 102 15.36 31.06 44.47
N TRP W 103 14.15 30.61 44.19
CA TRP W 103 13.74 30.35 42.82
C TRP W 103 13.43 31.62 42.07
N SER W 104 12.79 32.58 42.73
CA SER W 104 12.23 33.74 42.07
C SER W 104 12.78 35.07 42.57
N ASN W 105 12.83 35.24 43.90
CA ASN W 105 13.05 36.48 44.67
C ASN W 105 12.43 37.72 44.02
N ARG W 106 11.18 37.57 43.60
CA ARG W 106 10.41 38.66 43.04
C ARG W 106 9.31 39.05 44.02
N ASN W 107 8.87 40.29 43.90
CA ASN W 107 7.81 40.78 44.77
C ASN W 107 6.48 40.13 44.37
N LEU W 108 5.60 39.97 45.35
CA LEU W 108 4.33 39.32 45.07
C LEU W 108 3.40 40.24 44.26
N SER W 109 3.54 41.55 44.45
CA SER W 109 2.70 42.48 43.70
C SER W 109 3.11 42.53 42.24
N GLU W 110 4.41 42.46 41.96
CA GLU W 110 4.89 42.72 40.61
C GLU W 110 4.62 41.55 39.67
N ILE W 111 4.53 40.32 40.19
CA ILE W 111 4.51 39.18 39.30
C ILE W 111 3.16 39.05 38.61
N TRP W 112 2.09 39.45 39.26
CA TRP W 112 0.77 39.28 38.69
C TRP W 112 0.36 40.44 37.80
N ASP W 113 0.96 41.60 37.99
CA ASP W 113 0.58 42.79 37.23
C ASP W 113 1.71 43.31 36.36
N ASN W 114 2.81 42.58 36.26
CA ASN W 114 3.92 43.10 35.49
C ASN W 114 4.35 42.18 34.36
N MET W 115 4.44 40.89 34.59
CA MET W 115 5.09 40.01 33.63
C MET W 115 4.08 39.20 32.83
N THR W 116 4.52 38.77 31.66
CA THR W 116 3.77 37.86 30.83
C THR W 116 4.23 36.43 31.11
N TRP W 117 3.42 35.49 30.64
CA TRP W 117 3.69 34.08 30.87
C TRP W 117 4.93 33.60 30.15
N LEU W 118 5.24 34.19 29.00
CA LEU W 118 6.43 33.79 28.26
C LEU W 118 7.69 34.09 29.05
N GLN W 119 7.84 35.33 29.53
CA GLN W 119 9.02 35.66 30.30
C GLN W 119 8.99 35.01 31.67
N TRP W 120 7.80 34.71 32.20
CA TRP W 120 7.75 33.91 33.42
C TRP W 120 8.29 32.51 33.20
N ASP W 121 7.95 31.93 32.04
CA ASP W 121 8.43 30.61 31.70
C ASP W 121 9.94 30.60 31.48
N LYS W 122 10.47 31.62 30.79
CA LYS W 122 11.90 31.69 30.61
C LYS W 122 12.65 32.03 31.90
N GLU W 123 11.98 32.63 32.89
CA GLU W 123 12.62 32.77 34.18
C GLU W 123 12.67 31.44 34.92
N ILE W 124 11.54 30.77 35.05
CA ILE W 124 11.49 29.61 35.95
C ILE W 124 11.85 28.32 35.22
N SER W 125 12.30 28.45 33.97
CA SER W 125 12.49 27.28 33.12
C SER W 125 13.63 26.38 33.58
N ASN W 126 14.60 26.90 34.35
CA ASN W 126 15.62 26.03 34.90
C ASN W 126 15.07 25.20 36.04
N TYR W 127 14.23 25.81 36.88
CA TYR W 127 13.73 25.15 38.08
C TYR W 127 12.55 24.31 37.67
N THR W 128 12.87 23.12 37.17
CA THR W 128 11.92 22.21 36.56
C THR W 128 12.37 20.82 36.98
N GLN W 129 11.38 19.95 37.21
CA GLN W 129 11.49 18.54 37.61
C GLN W 129 11.93 18.40 39.06
N ILE W 130 12.27 19.51 39.70
CA ILE W 130 12.37 19.56 41.15
C ILE W 130 10.98 19.71 41.74
N ILE W 131 10.25 20.71 41.23
CA ILE W 131 8.92 21.05 41.72
C ILE W 131 7.94 19.92 41.43
N TYR W 132 8.13 19.24 40.29
CA TYR W 132 7.30 18.09 39.93
C TYR W 132 7.43 16.98 40.96
N GLY W 133 8.66 16.57 41.25
CA GLY W 133 8.89 15.56 42.25
C GLY W 133 8.49 16.00 43.64
N LEU W 134 8.58 17.30 43.93
CA LEU W 134 8.12 17.81 45.22
C LEU W 134 6.61 17.69 45.35
N LEU W 135 5.87 17.96 44.29
CA LEU W 135 4.43 17.79 44.33
C LEU W 135 4.06 16.33 44.52
N GLU W 136 4.78 15.44 43.83
CA GLU W 136 4.56 14.00 43.97
C GLU W 136 4.79 13.55 45.41
N GLU W 137 5.92 13.98 45.99
CA GLU W 137 6.27 13.60 47.35
C GLU W 137 5.29 14.16 48.37
N SER W 138 4.93 15.43 48.21
CA SER W 138 4.06 16.10 49.17
C SER W 138 2.68 15.47 49.19
N GLN W 139 2.12 15.16 48.03
CA GLN W 139 0.80 14.58 48.09
C GLN W 139 0.80 13.08 48.27
N ASN W 140 1.94 12.42 48.06
CA ASN W 140 2.08 11.05 48.54
C ASN W 140 2.03 11.01 50.06
N GLN W 141 2.76 11.93 50.70
CA GLN W 141 2.69 12.06 52.15
C GLN W 141 1.30 12.45 52.62
N GLN W 142 0.62 13.28 51.84
CA GLN W 142 -0.76 13.63 52.16
C GLN W 142 -1.69 12.42 52.04
N GLU W 143 -1.43 11.55 51.06
CA GLU W 143 -2.23 10.34 50.92
C GLU W 143 -2.03 9.40 52.08
N LYS W 144 -0.79 9.22 52.54
CA LYS W 144 -0.60 8.34 53.68
C LYS W 144 -1.12 8.96 54.96
N ASN W 145 -1.10 10.30 55.07
CA ASN W 145 -1.70 10.95 56.24
C ASN W 145 -3.21 10.80 56.25
N GLU W 146 -3.84 10.92 55.09
CA GLU W 146 -5.29 10.79 55.01
C GLU W 146 -5.70 9.35 55.24
N GLN W 147 -4.91 8.40 54.75
CA GLN W 147 -5.14 7.00 55.04
C GLN W 147 -5.01 6.72 56.53
N ASP W 148 -4.04 7.35 57.20
CA ASP W 148 -3.86 7.14 58.63
C ASP W 148 -5.02 7.74 59.42
N LEU W 149 -5.51 8.91 59.00
CA LEU W 149 -6.60 9.55 59.70
C LEU W 149 -7.91 8.79 59.53
N LEU W 150 -8.15 8.23 58.34
CA LEU W 150 -9.34 7.42 58.18
C LEU W 150 -9.15 6.00 58.67
N ALA W 151 -7.91 5.59 58.97
CA ALA W 151 -7.69 4.28 59.57
C ALA W 151 -7.91 4.32 61.07
N LEU W 152 -7.51 5.40 61.73
CA LEU W 152 -7.75 5.51 63.16
C LEU W 152 -9.23 5.71 63.46
N ASP W 153 -9.97 6.30 62.53
CA ASP W 153 -11.41 6.41 62.68
C ASP W 153 -12.10 5.15 62.14
N ALA X 1 0.76 34.08 54.25
CA ALA X 1 1.11 35.31 53.57
C ALA X 1 2.50 35.23 52.97
N GLU X 2 3.51 35.35 53.83
CA GLU X 2 4.89 35.26 53.40
C GLU X 2 5.27 33.85 53.01
N ASN X 3 4.53 32.86 53.50
CA ASN X 3 4.63 31.49 53.00
C ASN X 3 3.90 31.42 51.66
N LEU X 4 4.62 31.81 50.62
CA LEU X 4 4.04 31.76 49.28
C LEU X 4 3.93 30.31 48.84
N TRP X 5 2.80 29.97 48.24
CA TRP X 5 2.51 28.60 47.85
C TRP X 5 2.54 28.49 46.33
N VAL X 6 3.23 27.46 45.84
CA VAL X 6 3.27 27.22 44.41
C VAL X 6 1.93 26.67 43.95
N THR X 7 1.43 27.14 42.81
CA THR X 7 0.18 26.65 42.25
C THR X 7 0.35 26.45 40.76
N VAL X 8 -0.23 25.37 40.25
CA VAL X 8 -0.16 25.07 38.84
C VAL X 8 -1.26 25.81 38.10
N TYR X 9 -1.10 25.90 36.80
CA TYR X 9 -2.08 26.52 35.91
C TYR X 9 -2.04 25.72 34.62
N TYR X 10 -3.16 25.10 34.28
CA TYR X 10 -3.24 24.26 33.10
C TYR X 10 -3.85 25.06 31.97
N GLY X 11 -3.20 25.02 30.82
CA GLY X 11 -3.67 25.80 29.69
C GLY X 11 -3.14 27.21 29.64
N VAL X 12 -1.94 27.44 30.17
CA VAL X 12 -1.28 28.74 30.08
C VAL X 12 -1.01 29.08 28.62
N PRO X 13 -1.40 30.26 28.15
CA PRO X 13 -1.02 30.65 26.79
C PRO X 13 0.47 30.92 26.70
N VAL X 14 1.18 29.96 26.11
CA VAL X 14 2.63 29.95 26.07
C VAL X 14 2.98 28.89 25.02
N TRP X 15 4.15 29.01 24.39
CA TRP X 15 4.51 28.08 23.35
C TRP X 15 6.02 27.96 23.29
N LYS X 16 6.48 26.98 22.54
CA LYS X 16 7.88 26.94 22.13
C LYS X 16 7.96 26.59 20.66
N ASP X 17 9.15 26.70 20.11
CA ASP X 17 9.35 26.36 18.71
C ASP X 17 9.41 24.85 18.56
N ALA X 18 8.78 24.35 17.51
CA ALA X 18 8.76 22.91 17.28
C ALA X 18 8.61 22.68 15.79
N GLU X 19 8.65 21.41 15.40
CA GLU X 19 8.54 21.02 14.01
C GLU X 19 7.67 19.77 13.92
N THR X 20 6.60 19.85 13.14
CA THR X 20 5.64 18.77 13.04
C THR X 20 5.03 18.78 11.65
N THR X 21 4.04 17.92 11.45
CA THR X 21 3.43 17.76 10.14
C THR X 21 2.30 18.78 9.97
N LEU X 22 1.51 18.62 8.91
CA LEU X 22 0.54 19.64 8.55
C LEU X 22 -0.76 18.97 8.10
N PHE X 23 -1.60 19.75 7.43
CA PHE X 23 -3.01 19.42 7.26
C PHE X 23 -3.44 20.12 5.99
N CYS X 24 -3.64 19.35 4.92
CA CYS X 24 -3.81 19.92 3.58
C CYS X 24 -5.30 20.08 3.25
N ALA X 25 -5.76 21.32 3.11
CA ALA X 25 -7.18 21.60 2.98
C ALA X 25 -7.43 22.63 1.88
N SER X 26 -8.39 22.34 1.01
CA SER X 26 -8.79 23.26 -0.07
C SER X 26 -10.28 23.48 -0.02
N ASP X 27 -10.80 24.22 -0.99
CA ASP X 27 -12.21 24.56 -1.01
C ASP X 27 -13.03 23.51 -1.77
N ALA X 28 -14.34 23.55 -1.57
CA ALA X 28 -15.24 22.56 -2.12
C ALA X 28 -15.44 22.70 -3.62
N LYS X 29 -15.06 23.82 -4.22
CA LYS X 29 -15.17 23.95 -5.66
C LYS X 29 -14.08 23.20 -6.41
N ALA X 30 -13.06 22.71 -5.69
CA ALA X 30 -12.20 21.67 -6.23
C ALA X 30 -12.93 20.34 -6.32
N TYR X 31 -13.85 20.08 -5.37
CA TYR X 31 -14.66 18.87 -5.42
C TYR X 31 -15.83 19.00 -6.38
N GLU X 32 -16.21 20.24 -6.72
CA GLU X 32 -17.14 20.44 -7.83
C GLU X 32 -16.53 19.95 -9.14
N THR X 33 -15.24 20.16 -9.33
CA THR X 33 -14.55 19.57 -10.47
C THR X 33 -14.33 18.09 -10.19
N GLU X 34 -15.00 17.24 -10.94
CA GLU X 34 -15.24 15.87 -10.52
C GLU X 34 -14.24 14.89 -11.15
N LYS X 35 -14.35 13.63 -10.70
CA LYS X 35 -13.66 12.46 -11.25
C LYS X 35 -12.14 12.52 -11.09
N HIS X 36 -11.67 13.24 -10.06
CA HIS X 36 -10.27 13.29 -9.64
C HIS X 36 -9.33 13.79 -10.73
N ASN X 37 -9.87 14.60 -11.64
CA ASN X 37 -9.02 15.29 -12.60
C ASN X 37 -8.19 16.36 -11.91
N VAL X 38 -8.69 16.91 -10.82
CA VAL X 38 -7.87 17.77 -9.97
C VAL X 38 -7.00 16.90 -9.09
N TRP X 39 -5.70 17.16 -9.10
CA TRP X 39 -4.89 16.54 -8.07
C TRP X 39 -5.04 17.33 -6.77
N ALA X 40 -4.60 16.71 -5.68
CA ALA X 40 -4.89 17.13 -4.30
C ALA X 40 -6.39 17.31 -4.10
N THR X 41 -7.12 16.23 -4.32
CA THR X 41 -8.48 16.11 -3.82
C THR X 41 -8.75 14.73 -3.23
N HIS X 42 -7.89 13.75 -3.49
CA HIS X 42 -7.94 12.49 -2.76
C HIS X 42 -7.65 12.70 -1.29
N ALA X 43 -6.51 13.31 -0.99
CA ALA X 43 -6.08 13.51 0.38
C ALA X 43 -6.49 14.86 0.95
N CYS X 44 -6.74 15.84 0.10
CA CYS X 44 -6.93 17.20 0.56
C CYS X 44 -8.35 17.36 1.08
N VAL X 45 -8.46 17.63 2.39
CA VAL X 45 -9.75 17.75 3.06
C VAL X 45 -10.37 19.09 2.65
N PRO X 46 -11.70 19.18 2.53
CA PRO X 46 -12.33 20.48 2.30
C PRO X 46 -12.10 21.45 3.45
N THR X 47 -11.87 22.72 3.10
CA THR X 47 -11.64 23.77 4.08
C THR X 47 -12.90 24.12 4.84
N ASP X 48 -12.76 25.09 5.68
CA ASP X 48 -13.84 25.79 6.31
C ASP X 48 -13.81 27.24 5.86
N PRO X 49 -14.95 27.90 5.80
CA PRO X 49 -14.94 29.36 5.65
C PRO X 49 -14.54 30.03 6.95
N ASN X 50 -14.48 31.38 6.92
CA ASN X 50 -14.12 32.37 7.94
C ASN X 50 -13.10 31.88 8.98
N PRO X 51 -11.87 31.55 8.56
CA PRO X 51 -10.91 30.95 9.50
C PRO X 51 -10.43 31.96 10.53
N GLN X 52 -10.29 31.49 11.76
CA GLN X 52 -9.98 32.36 12.88
C GLN X 52 -8.55 32.88 12.77
N GLU X 53 -8.40 34.19 12.90
CA GLU X 53 -7.10 34.83 12.80
C GLU X 53 -7.20 36.08 13.67
N ILE X 54 -6.73 35.98 14.90
CA ILE X 54 -6.98 37.01 15.88
C ILE X 54 -5.66 37.61 16.35
N HIS X 55 -5.71 38.89 16.69
CA HIS X 55 -4.48 39.63 16.90
C HIS X 55 -3.94 39.38 18.31
N LEU X 56 -2.65 39.63 18.46
CA LEU X 56 -1.96 39.39 19.71
C LEU X 56 -1.07 40.59 19.94
N GLU X 57 -0.93 41.02 21.19
CA GLU X 57 -0.44 42.36 21.47
C GLU X 57 0.68 42.34 22.49
N ASN X 58 1.46 43.43 22.49
CA ASN X 58 2.64 43.63 23.34
C ASN X 58 3.60 42.45 23.22
N VAL X 59 3.84 42.01 21.99
CA VAL X 59 4.42 40.71 21.73
C VAL X 59 5.60 40.85 20.78
N THR X 60 6.72 40.24 21.15
CA THR X 60 7.93 40.24 20.35
C THR X 60 8.29 38.79 20.06
N GLU X 61 8.36 38.44 18.77
CA GLU X 61 8.68 37.09 18.36
C GLU X 61 9.67 37.12 17.22
N GLU X 62 10.75 36.36 17.36
CA GLU X 62 11.76 36.27 16.32
C GLU X 62 11.39 35.20 15.32
N PHE X 63 11.41 35.56 14.04
CA PHE X 63 11.13 34.63 12.95
C PHE X 63 12.38 34.44 12.13
N ASN X 64 12.33 33.44 11.26
CA ASN X 64 13.38 33.15 10.30
C ASN X 64 12.74 32.35 9.18
N MET X 65 12.93 32.79 7.95
CA MET X 65 12.52 31.95 6.83
C MET X 65 13.61 30.97 6.42
N TRP X 66 14.82 31.14 6.91
CA TRP X 66 15.90 30.35 6.35
C TRP X 66 16.14 29.08 7.16
N LYS X 67 16.08 29.16 8.47
CA LYS X 67 16.03 27.97 9.31
C LYS X 67 14.61 27.53 9.58
N ASN X 68 13.66 27.93 8.75
CA ASN X 68 12.28 27.52 8.91
C ASN X 68 12.11 26.10 8.39
N ASN X 69 11.27 25.34 9.07
CA ASN X 69 10.78 24.08 8.54
C ASN X 69 9.52 24.39 7.74
N MET X 70 8.75 23.35 7.40
CA MET X 70 7.47 23.30 6.71
C MET X 70 7.59 23.73 5.25
N VAL X 71 8.76 24.19 4.84
CA VAL X 71 9.11 24.20 3.44
C VAL X 71 9.74 22.87 3.07
N GLU X 72 10.38 22.21 4.05
CA GLU X 72 11.01 20.92 3.80
C GLU X 72 9.97 19.85 3.56
N GLN X 73 9.02 19.71 4.48
CA GLN X 73 8.00 18.69 4.27
C GLN X 73 7.02 19.09 3.21
N MET X 74 6.88 20.37 2.89
CA MET X 74 6.07 20.74 1.73
C MET X 74 6.74 20.32 0.44
N HIS X 75 8.05 20.53 0.35
CA HIS X 75 8.81 20.04 -0.79
C HIS X 75 8.78 18.53 -0.88
N THR X 76 8.67 17.86 0.27
CA THR X 76 8.43 16.42 0.28
C THR X 76 7.04 16.10 -0.26
N ASP X 77 6.02 16.78 0.26
CA ASP X 77 4.63 16.43 0.01
C ASP X 77 4.23 16.68 -1.42
N ILE X 78 4.80 17.71 -2.06
CA ILE X 78 4.38 18.03 -3.42
C ILE X 78 4.93 17.00 -4.39
N ILE X 79 6.17 16.58 -4.18
CA ILE X 79 6.72 15.52 -5.01
C ILE X 79 6.04 14.20 -4.68
N SER X 80 5.61 14.02 -3.44
CA SER X 80 4.87 12.82 -3.06
C SER X 80 3.54 12.73 -3.76
N LEU X 81 2.80 13.84 -3.81
CA LEU X 81 1.51 13.83 -4.50
C LEU X 81 1.72 13.78 -6.01
N TRP X 82 2.84 14.31 -6.48
CA TRP X 82 3.22 14.21 -7.87
C TRP X 82 3.41 12.76 -8.27
N ASP X 83 4.05 11.97 -7.42
CA ASP X 83 4.16 10.54 -7.67
C ASP X 83 2.87 9.79 -7.43
N GLN X 84 2.00 10.28 -6.55
CA GLN X 84 0.68 9.68 -6.42
C GLN X 84 -0.17 9.91 -7.66
N SER X 85 0.14 10.94 -8.44
CA SER X 85 -0.57 11.23 -9.67
C SER X 85 -0.01 10.51 -10.88
N LEU X 86 0.80 9.48 -10.69
CA LEU X 86 1.38 8.77 -11.81
C LEU X 86 1.17 7.27 -11.77
N LYS X 87 1.04 6.68 -10.59
CA LYS X 87 0.76 5.26 -10.49
C LYS X 87 -0.52 4.78 -11.18
N PRO X 88 -1.60 5.57 -11.33
CA PRO X 88 -2.65 5.14 -12.26
C PRO X 88 -2.26 5.24 -13.72
N CYS X 89 -1.27 6.04 -14.07
CA CYS X 89 -1.02 6.32 -15.47
C CYS X 89 -0.21 5.21 -16.13
N VAL X 90 0.18 5.43 -17.38
CA VAL X 90 0.62 4.38 -18.28
C VAL X 90 2.11 4.51 -18.57
N LYS X 91 2.80 3.37 -18.59
CA LYS X 91 4.20 3.32 -18.98
C LYS X 91 4.35 3.33 -20.50
N LEU X 92 5.56 3.64 -20.95
CA LEU X 92 5.89 3.67 -22.37
C LEU X 92 7.07 2.76 -22.68
N THR X 93 7.25 1.75 -21.85
CA THR X 93 8.28 0.73 -22.09
C THR X 93 8.23 0.07 -23.48
N PRO X 94 7.08 -0.18 -24.13
CA PRO X 94 7.17 -0.69 -25.51
C PRO X 94 7.52 0.36 -26.56
N LEU X 95 7.74 1.61 -26.19
CA LEU X 95 7.84 2.65 -27.21
C LEU X 95 9.29 2.93 -27.62
N CYS X 96 10.26 2.63 -26.77
CA CYS X 96 11.66 2.93 -27.06
C CYS X 96 12.15 2.03 -28.18
N VAL X 97 12.24 2.58 -29.39
CA VAL X 97 12.44 1.75 -30.57
C VAL X 97 13.16 2.61 -31.62
N THR X 98 13.68 1.96 -32.66
CA THR X 98 14.34 2.67 -33.75
C THR X 98 13.36 3.59 -34.47
N LEU X 99 13.77 4.83 -34.69
CA LEU X 99 12.88 5.86 -35.23
C LEU X 99 13.41 6.33 -36.57
N GLN X 100 12.62 6.15 -37.62
CA GLN X 100 12.95 6.71 -38.92
C GLN X 100 12.41 8.14 -38.96
N CYS X 101 13.27 9.10 -38.72
CA CYS X 101 12.84 10.48 -38.66
C CYS X 101 13.36 11.27 -39.85
N THR X 102 12.67 12.36 -40.15
CA THR X 102 13.01 13.23 -41.25
C THR X 102 12.47 14.61 -40.97
N ASN X 103 12.81 15.57 -41.82
CA ASN X 103 12.37 16.94 -41.62
C ASN X 103 10.89 17.08 -41.93
N VAL X 104 10.25 17.99 -41.19
CA VAL X 104 8.83 18.27 -41.39
C VAL X 104 8.66 18.99 -42.71
N THR X 105 7.46 18.86 -43.30
CA THR X 105 7.15 19.53 -44.56
C THR X 105 7.13 21.02 -44.34
N ASN X 106 8.17 21.70 -44.84
CA ASN X 106 8.33 23.14 -44.70
C ASN X 106 9.35 23.62 -45.72
N ASN X 107 9.20 24.87 -46.14
CA ASN X 107 10.28 25.57 -46.81
C ASN X 107 11.40 25.68 -45.80
N ILE X 108 12.46 24.93 -46.02
CA ILE X 108 13.51 24.80 -45.03
C ILE X 108 14.59 25.84 -45.29
N THR X 109 15.05 26.46 -44.21
CA THR X 109 16.23 27.31 -44.25
C THR X 109 17.44 26.44 -43.99
N ASP X 110 18.44 26.55 -44.86
CA ASP X 110 19.62 25.69 -44.75
C ASP X 110 20.49 26.05 -43.55
N ASP X 111 20.37 27.26 -43.03
CA ASP X 111 21.23 27.75 -41.97
C ASP X 111 20.56 27.78 -40.61
N MET X 112 19.28 28.12 -40.55
CA MET X 112 18.52 27.91 -39.33
C MET X 112 18.00 26.47 -39.31
N ARG X 113 17.30 26.11 -38.24
CA ARG X 113 16.88 24.74 -38.06
C ARG X 113 15.42 24.70 -37.67
N GLY X 114 14.69 23.76 -38.25
CA GLY X 114 13.34 23.47 -37.79
C GLY X 114 13.37 22.66 -36.50
N GLU X 115 12.28 22.78 -35.74
CA GLU X 115 12.20 22.15 -34.43
C GLU X 115 11.11 21.09 -34.36
N LEU X 116 10.77 20.51 -35.51
CA LEU X 116 9.77 19.46 -35.56
C LEU X 116 10.22 18.39 -36.53
N LYS X 117 10.17 17.13 -36.09
CA LYS X 117 10.66 16.01 -36.86
C LYS X 117 9.53 15.00 -37.05
N ASN X 118 9.44 14.48 -38.27
CA ASN X 118 8.45 13.48 -38.64
C ASN X 118 9.09 12.12 -38.46
N CYS X 119 8.59 11.35 -37.50
CA CYS X 119 9.20 10.08 -37.14
C CYS X 119 8.20 8.95 -37.35
N SER X 120 8.56 8.01 -38.20
CA SER X 120 7.79 6.81 -38.48
C SER X 120 8.51 5.62 -37.86
N PHE X 121 7.75 4.66 -37.37
CA PHE X 121 8.33 3.54 -36.64
C PHE X 121 7.35 2.39 -36.54
N ASN X 122 7.88 1.23 -36.18
CA ASN X 122 7.07 0.06 -35.90
C ASN X 122 6.46 0.19 -34.52
N MET X 123 5.26 -0.33 -34.36
CA MET X 123 4.63 -0.34 -33.06
C MET X 123 3.74 -1.57 -32.98
N THR X 124 3.50 -2.03 -31.77
CA THR X 124 2.60 -3.15 -31.55
C THR X 124 1.17 -2.73 -31.85
N THR X 125 0.28 -3.71 -31.79
CA THR X 125 -1.13 -3.45 -31.99
C THR X 125 -1.91 -3.95 -30.78
N GLU X 126 -3.23 -4.01 -30.94
CA GLU X 126 -4.06 -4.74 -30.01
C GLU X 126 -3.62 -6.20 -29.93
N LEU X 127 -3.31 -6.79 -31.08
CA LEU X 127 -2.92 -8.19 -31.15
C LEU X 127 -1.40 -8.29 -31.23
N ARG X 128 -0.87 -9.43 -30.79
CA ARG X 128 0.58 -9.60 -30.74
C ARG X 128 1.17 -9.78 -32.12
N ASP X 129 0.54 -10.62 -32.95
CA ASP X 129 1.15 -11.01 -34.21
C ASP X 129 1.08 -9.89 -35.25
N LYS X 130 0.27 -8.87 -35.00
CA LYS X 130 0.14 -7.75 -35.92
C LYS X 130 1.08 -6.64 -35.48
N LYS X 131 1.95 -6.22 -36.39
CA LYS X 131 2.76 -5.03 -36.21
C LYS X 131 2.25 -3.94 -37.15
N GLN X 132 2.48 -2.69 -36.77
CA GLN X 132 1.95 -1.59 -37.56
C GLN X 132 3.00 -0.50 -37.71
N LYS X 133 2.76 0.37 -38.68
CA LYS X 133 3.66 1.46 -39.02
C LYS X 133 2.97 2.78 -38.71
N VAL X 134 3.53 3.54 -37.79
CA VAL X 134 2.85 4.75 -37.34
C VAL X 134 3.87 5.88 -37.30
N TYR X 135 3.41 7.09 -37.56
CA TYR X 135 4.26 8.26 -37.51
C TYR X 135 3.68 9.30 -36.59
N SER X 136 4.56 10.19 -36.13
CA SER X 136 4.17 11.34 -35.33
C SER X 136 5.21 12.43 -35.51
N LEU X 137 5.08 13.49 -34.72
CA LEU X 137 6.01 14.59 -34.74
C LEU X 137 6.64 14.74 -33.36
N PHE X 138 7.89 15.19 -33.35
CA PHE X 138 8.60 15.40 -32.09
C PHE X 138 9.45 16.64 -32.21
N TYR X 139 9.77 17.23 -31.06
CA TYR X 139 10.70 18.34 -31.08
C TYR X 139 12.12 17.81 -31.20
N ARG X 140 13.03 18.69 -31.62
CA ARG X 140 14.44 18.32 -31.74
C ARG X 140 15.05 17.94 -30.40
N LEU X 141 14.49 18.43 -29.31
CA LEU X 141 15.13 18.35 -28.01
C LEU X 141 14.83 17.05 -27.28
N ASP X 142 14.14 16.12 -27.92
CA ASP X 142 13.83 14.84 -27.29
C ASP X 142 14.32 13.64 -28.05
N VAL X 143 14.86 13.81 -29.25
CA VAL X 143 15.46 12.69 -29.97
C VAL X 143 16.93 12.99 -30.14
N VAL X 144 17.71 11.93 -30.27
CA VAL X 144 19.13 12.01 -30.58
C VAL X 144 19.45 10.99 -31.66
N GLN X 145 20.63 11.15 -32.25
CA GLN X 145 21.01 10.39 -33.43
C GLN X 145 21.80 9.17 -33.01
N ILE X 146 21.48 8.03 -33.59
CA ILE X 146 22.24 6.82 -33.30
C ILE X 146 22.85 6.33 -34.59
N ASN X 147 24.00 5.68 -34.48
CA ASN X 147 24.73 5.26 -35.67
C ASN X 147 25.51 3.99 -35.36
N SER X 157 25.21 8.06 -45.31
CA SER X 157 24.37 7.00 -44.77
C SER X 157 22.99 7.52 -44.42
N ASN X 158 22.18 6.62 -43.86
CA ASN X 158 20.79 6.93 -43.54
C ASN X 158 20.70 7.73 -42.24
N LYS X 159 19.48 7.86 -41.72
CA LYS X 159 19.25 8.63 -40.50
C LYS X 159 18.31 7.86 -39.59
N GLU X 160 18.75 7.61 -38.36
CA GLU X 160 17.90 6.93 -37.39
C GLU X 160 18.12 7.52 -36.01
N TYR X 161 17.02 7.85 -35.36
CA TYR X 161 17.03 8.56 -34.10
C TYR X 161 16.43 7.67 -33.03
N ARG X 162 16.48 8.15 -31.80
CA ARG X 162 15.78 7.50 -30.70
C ARG X 162 15.50 8.54 -29.64
N LEU X 163 14.65 8.17 -28.68
CA LEU X 163 14.41 9.06 -27.56
C LEU X 163 15.61 9.08 -26.63
N ILE X 164 15.79 10.21 -25.97
CA ILE X 164 17.01 10.39 -25.19
C ILE X 164 16.96 9.63 -23.88
N ASN X 165 15.78 9.49 -23.30
CA ASN X 165 15.67 8.81 -22.01
C ASN X 165 15.80 7.29 -22.12
N CYS X 166 15.64 6.74 -23.32
CA CYS X 166 15.50 5.30 -23.47
C CYS X 166 16.80 4.53 -23.34
N ASN X 167 17.95 5.20 -23.21
CA ASN X 167 19.12 4.44 -22.81
C ASN X 167 19.29 4.40 -21.30
N THR X 168 18.63 5.29 -20.56
CA THR X 168 19.00 5.51 -19.19
C THR X 168 17.86 5.52 -18.20
N SER X 169 16.61 5.50 -18.64
CA SER X 169 15.50 5.59 -17.72
C SER X 169 14.25 5.05 -18.38
N ALA X 170 13.24 4.81 -17.55
CA ALA X 170 11.91 4.50 -18.04
C ALA X 170 11.14 5.81 -18.23
N ILE X 171 9.88 5.69 -18.65
CA ILE X 171 9.14 6.86 -19.08
C ILE X 171 7.65 6.58 -18.94
N THR X 172 6.90 7.59 -18.50
CA THR X 172 5.50 7.47 -18.15
C THR X 172 4.72 8.60 -18.78
N GLN X 173 3.65 8.27 -19.50
CA GLN X 173 2.76 9.31 -20.00
C GLN X 173 1.87 9.78 -18.88
N ALA X 174 1.60 11.09 -18.84
CA ALA X 174 0.63 11.61 -17.91
C ALA X 174 -0.77 11.31 -18.43
N CYS X 175 -1.66 11.01 -17.51
CA CYS X 175 -3.05 10.78 -17.87
C CYS X 175 -3.66 12.11 -18.29
N PRO X 176 -4.29 12.19 -19.46
CA PRO X 176 -4.85 13.47 -19.91
C PRO X 176 -6.08 13.91 -19.13
N LYS X 177 -6.60 13.07 -18.23
CA LYS X 177 -7.63 13.53 -17.30
C LYS X 177 -7.07 14.60 -16.38
N VAL X 178 -5.91 14.35 -15.77
CA VAL X 178 -5.44 15.21 -14.70
C VAL X 178 -4.91 16.51 -15.29
N SER X 179 -5.15 17.60 -14.59
CA SER X 179 -4.67 18.91 -15.00
C SER X 179 -3.42 19.26 -14.22
N PHE X 180 -2.82 20.38 -14.59
CA PHE X 180 -1.64 20.87 -13.90
C PHE X 180 -1.80 22.31 -13.46
N GLU X 181 -3.01 22.84 -13.52
CA GLU X 181 -3.23 24.14 -12.93
C GLU X 181 -3.11 24.05 -11.42
N PRO X 182 -2.69 25.12 -10.76
CA PRO X 182 -2.68 25.12 -9.31
C PRO X 182 -4.07 25.34 -8.74
N ILE X 183 -4.26 24.82 -7.54
CA ILE X 183 -5.41 25.19 -6.72
C ILE X 183 -4.84 25.67 -5.40
N PRO X 184 -5.49 26.57 -4.67
CA PRO X 184 -4.90 27.04 -3.41
C PRO X 184 -4.92 25.96 -2.35
N ILE X 185 -3.75 25.68 -1.80
CA ILE X 185 -3.62 24.76 -0.67
C ILE X 185 -3.54 25.59 0.60
N HIS X 186 -4.46 25.35 1.50
CA HIS X 186 -4.43 25.90 2.84
C HIS X 186 -3.77 24.86 3.74
N TYR X 187 -2.62 25.20 4.29
CA TYR X 187 -2.03 24.35 5.30
C TYR X 187 -2.59 24.70 6.66
N CYS X 188 -2.79 23.66 7.48
CA CYS X 188 -3.32 23.83 8.81
C CYS X 188 -2.50 22.96 9.75
N ALA X 189 -2.61 23.24 11.03
CA ALA X 189 -1.91 22.55 12.10
C ALA X 189 -2.89 21.70 12.89
N PRO X 190 -2.44 20.57 13.44
CA PRO X 190 -3.33 19.75 14.26
C PRO X 190 -3.53 20.38 15.63
N ALA X 191 -4.40 19.75 16.42
CA ALA X 191 -4.68 20.26 17.75
C ALA X 191 -3.48 20.06 18.65
N GLY X 192 -3.10 21.13 19.36
CA GLY X 192 -1.88 21.14 20.13
C GLY X 192 -0.79 21.99 19.53
N PHE X 193 -0.95 22.48 18.32
CA PHE X 193 0.00 23.38 17.71
C PHE X 193 -0.73 24.65 17.28
N ALA X 194 0.05 25.68 17.00
CA ALA X 194 -0.49 26.92 16.48
C ALA X 194 0.43 27.45 15.40
N ILE X 195 -0.13 28.29 14.53
CA ILE X 195 0.61 28.90 13.44
C ILE X 195 0.62 30.40 13.65
N LEU X 196 1.80 31.00 13.56
CA LEU X 196 1.94 32.43 13.77
C LEU X 196 2.11 33.15 12.43
N LYS X 197 1.88 34.46 12.44
CA LYS X 197 2.02 35.24 11.23
C LYS X 197 2.51 36.64 11.56
N CYS X 198 3.60 37.05 10.92
CA CYS X 198 4.14 38.40 11.07
C CYS X 198 3.35 39.35 10.18
N LYS X 199 2.61 40.26 10.80
CA LYS X 199 1.77 41.20 10.09
C LYS X 199 2.49 42.53 9.86
N ASP X 200 3.80 42.58 10.08
CA ASP X 200 4.56 43.79 9.86
C ASP X 200 4.61 44.12 8.38
N LYS X 201 4.74 45.41 8.09
CA LYS X 201 4.90 45.85 6.71
C LYS X 201 6.29 45.52 6.20
N LYS X 202 7.32 45.95 6.92
CA LYS X 202 8.71 45.76 6.52
C LYS X 202 9.29 44.61 7.34
N PHE X 203 9.75 43.58 6.65
CA PHE X 203 10.30 42.42 7.34
C PHE X 203 11.25 41.72 6.36
N ASN X 204 12.55 41.93 6.56
CA ASN X 204 13.52 41.35 5.64
C ASN X 204 13.65 39.85 5.77
N GLY X 205 13.16 39.27 6.86
CA GLY X 205 13.07 37.83 6.90
C GLY X 205 13.74 37.18 8.08
N THR X 206 14.31 37.97 8.97
CA THR X 206 15.02 37.43 10.10
C THR X 206 14.87 38.40 11.26
N GLY X 207 14.59 37.87 12.44
CA GLY X 207 14.60 38.69 13.63
C GLY X 207 13.22 38.94 14.16
N PRO X 208 13.08 39.88 15.09
CA PRO X 208 11.80 40.09 15.74
C PRO X 208 10.78 40.74 14.84
N CYS X 209 9.52 40.50 15.16
CA CYS X 209 8.37 41.07 14.50
C CYS X 209 7.36 41.44 15.58
N PRO X 210 7.08 42.71 15.79
CA PRO X 210 6.16 43.08 16.86
C PRO X 210 4.70 42.84 16.49
N SER X 211 4.37 42.97 15.21
CA SER X 211 2.99 42.82 14.75
C SER X 211 2.78 41.39 14.31
N VAL X 212 2.33 40.54 15.24
CA VAL X 212 2.04 39.15 14.90
C VAL X 212 0.59 38.83 15.23
N SER X 213 0.12 37.73 14.68
CA SER X 213 -1.21 37.22 14.97
C SER X 213 -1.22 35.74 14.68
N THR X 214 -1.94 34.98 15.50
CA THR X 214 -2.05 33.57 15.26
C THR X 214 -3.08 33.30 14.17
N VAL X 215 -3.11 32.05 13.72
CA VAL X 215 -4.08 31.63 12.71
C VAL X 215 -4.25 30.13 12.89
N GLN X 216 -5.37 29.61 12.38
CA GLN X 216 -5.60 28.17 12.38
C GLN X 216 -5.22 27.53 11.07
N CYS X 217 -5.36 28.23 9.95
CA CYS X 217 -5.02 27.70 8.64
C CYS X 217 -4.38 28.79 7.80
N THR X 218 -3.40 28.40 6.99
CA THR X 218 -2.71 29.36 6.14
C THR X 218 -3.61 29.82 5.01
N HIS X 219 -3.22 30.93 4.39
CA HIS X 219 -4.03 31.51 3.32
C HIS X 219 -3.77 30.76 2.03
N GLY X 220 -4.30 31.28 0.94
CA GLY X 220 -4.25 30.58 -0.33
C GLY X 220 -2.85 30.55 -0.90
N ILE X 221 -2.35 29.36 -1.19
CA ILE X 221 -1.03 29.19 -1.76
C ILE X 221 -1.22 28.42 -3.05
N LYS X 222 -0.96 29.05 -4.16
CA LYS X 222 -1.05 28.22 -5.34
C LYS X 222 0.33 27.70 -5.70
N PRO X 223 0.43 26.40 -5.97
CA PRO X 223 1.72 25.79 -6.32
C PRO X 223 2.07 26.04 -7.78
N VAL X 224 3.14 26.79 -7.99
CA VAL X 224 3.65 27.02 -9.33
C VAL X 224 4.96 26.27 -9.47
N VAL X 225 5.44 26.21 -10.70
CA VAL X 225 6.77 25.69 -10.98
C VAL X 225 7.45 26.65 -11.95
N SER X 226 8.45 27.37 -11.45
CA SER X 226 9.11 28.41 -12.23
C SER X 226 10.53 28.49 -11.75
N THR X 227 11.48 28.24 -12.66
CA THR X 227 12.87 28.19 -12.23
C THR X 227 13.44 29.57 -12.01
N GLN X 228 13.00 30.55 -12.79
CA GLN X 228 13.15 31.96 -12.45
C GLN X 228 11.77 32.58 -12.50
N LEU X 229 11.68 33.84 -12.08
CA LEU X 229 10.51 34.70 -12.31
C LEU X 229 9.22 34.09 -11.75
N LEU X 230 9.16 34.02 -10.43
CA LEU X 230 8.03 33.34 -9.79
C LEU X 230 6.69 34.01 -10.09
N LEU X 231 5.75 33.20 -10.56
CA LEU X 231 4.54 33.65 -11.21
C LEU X 231 3.34 33.52 -10.27
N ASN X 232 2.38 34.43 -10.46
CA ASN X 232 1.07 34.44 -9.80
C ASN X 232 1.18 34.40 -8.28
N GLY X 233 2.28 34.86 -7.70
CA GLY X 233 2.49 34.78 -6.27
C GLY X 233 1.86 35.94 -5.55
N SER X 234 1.96 35.90 -4.22
CA SER X 234 1.50 37.01 -3.42
C SER X 234 2.54 38.13 -3.43
N LEU X 235 2.06 39.36 -3.49
CA LEU X 235 2.91 40.52 -3.68
C LEU X 235 2.91 41.42 -2.45
N ALA X 236 3.89 42.31 -2.40
CA ALA X 236 4.16 43.11 -1.22
C ALA X 236 3.10 44.19 -1.03
N GLU X 237 3.15 44.84 0.13
CA GLU X 237 2.10 45.79 0.47
C GLU X 237 2.29 47.13 -0.22
N GLU X 238 3.34 47.86 0.14
CA GLU X 238 3.61 49.15 -0.50
C GLU X 238 4.98 49.23 -1.13
N GLU X 239 6.03 48.86 -0.42
CA GLU X 239 7.36 48.97 -0.98
C GLU X 239 7.62 47.80 -1.91
N VAL X 240 8.79 47.82 -2.53
CA VAL X 240 9.38 46.63 -3.13
C VAL X 240 10.38 46.10 -2.12
N MET X 241 10.24 44.85 -1.73
CA MET X 241 11.13 44.31 -0.72
C MET X 241 12.09 43.30 -1.33
N ILE X 242 13.30 43.29 -0.81
CA ILE X 242 14.31 42.30 -1.14
C ILE X 242 14.69 41.57 0.14
N ARG X 243 14.87 40.27 0.02
CA ARG X 243 15.07 39.42 1.18
C ARG X 243 16.21 38.47 0.87
N SER X 244 16.98 38.12 1.89
CA SER X 244 18.05 37.16 1.75
C SER X 244 18.33 36.55 3.11
N GLU X 245 19.29 35.64 3.14
CA GLU X 245 19.81 35.14 4.41
C GLU X 245 21.04 35.92 4.84
N ASN X 246 21.96 36.17 3.92
CA ASN X 246 23.18 36.90 4.23
C ASN X 246 23.63 37.54 2.91
N ILE X 247 23.32 38.83 2.75
CA ILE X 247 23.49 39.51 1.47
C ILE X 247 24.97 39.57 1.08
N THR X 248 25.84 39.72 2.07
CA THR X 248 27.27 39.72 1.80
C THR X 248 27.78 38.37 1.32
N ASN X 249 27.11 37.28 1.66
CA ASN X 249 27.35 36.01 0.99
C ASN X 249 26.73 36.08 -0.39
N ASN X 250 27.46 35.60 -1.38
CA ASN X 250 27.02 35.72 -2.77
C ASN X 250 26.29 34.49 -3.28
N ALA X 251 26.73 33.30 -2.88
CA ALA X 251 26.13 32.08 -3.41
C ALA X 251 24.75 31.84 -2.85
N LYS X 252 24.43 32.40 -1.69
CA LYS X 252 23.03 32.44 -1.27
C LYS X 252 22.25 33.38 -2.16
N ASN X 253 21.04 32.97 -2.53
CA ASN X 253 20.26 33.70 -3.49
C ASN X 253 19.68 34.97 -2.86
N ILE X 254 19.03 35.77 -3.70
CA ILE X 254 18.30 36.95 -3.25
C ILE X 254 16.90 36.87 -3.79
N LEU X 255 15.92 36.91 -2.90
CA LEU X 255 14.52 36.91 -3.29
C LEU X 255 14.07 38.35 -3.44
N VAL X 256 13.35 38.64 -4.51
CA VAL X 256 12.90 39.99 -4.80
C VAL X 256 11.40 39.93 -4.93
N GLN X 257 10.70 40.42 -3.93
CA GLN X 257 9.25 40.52 -3.98
C GLN X 257 8.93 41.95 -4.36
N PHE X 258 8.54 42.18 -5.61
CA PHE X 258 8.22 43.53 -6.03
C PHE X 258 6.72 43.77 -5.97
N ASN X 259 6.37 45.03 -5.74
CA ASN X 259 5.05 45.45 -5.31
C ASN X 259 4.00 45.23 -6.38
N THR X 260 4.13 45.93 -7.48
CA THR X 260 3.07 45.92 -8.47
C THR X 260 3.25 44.72 -9.39
N PRO X 261 2.19 43.97 -9.68
CA PRO X 261 2.29 42.88 -10.64
C PRO X 261 2.48 43.42 -12.04
N VAL X 262 3.15 42.61 -12.86
CA VAL X 262 3.43 42.97 -14.23
C VAL X 262 3.02 41.81 -15.13
N GLN X 263 2.18 42.11 -16.11
CA GLN X 263 1.53 41.11 -16.91
C GLN X 263 2.53 40.46 -17.87
N ILE X 264 2.27 39.21 -18.21
CA ILE X 264 2.98 38.52 -19.29
C ILE X 264 1.95 37.80 -20.15
N ASN X 265 2.15 37.84 -21.45
CA ASN X 265 1.40 36.97 -22.35
C ASN X 265 2.36 35.87 -22.78
N CYS X 266 1.87 34.65 -22.88
CA CYS X 266 2.69 33.60 -23.44
C CYS X 266 1.83 32.74 -24.34
N THR X 267 2.36 32.40 -25.51
CA THR X 267 1.59 31.54 -26.39
C THR X 267 2.48 30.64 -27.22
N ARG X 268 1.86 29.56 -27.67
CA ARG X 268 2.29 28.80 -28.83
C ARG X 268 1.24 29.02 -29.90
N PRO X 269 1.58 29.64 -31.03
CA PRO X 269 0.57 29.94 -32.04
C PRO X 269 0.23 28.79 -32.95
N ASN X 270 0.86 27.63 -32.80
CA ASN X 270 0.66 26.56 -33.75
C ASN X 270 -0.61 25.78 -33.43
N ASN X 271 -1.40 25.49 -34.45
CA ASN X 271 -2.59 24.66 -34.31
C ASN X 271 -2.15 23.20 -34.27
N ASN X 272 -2.66 22.46 -33.29
CA ASN X 272 -2.09 21.17 -32.92
C ASN X 272 -3.18 20.11 -32.88
N THR X 273 -2.97 19.04 -33.65
CA THR X 273 -3.86 17.90 -33.66
C THR X 273 -3.22 16.77 -32.89
N ARG X 274 -3.98 16.12 -32.00
CA ARG X 274 -3.44 14.93 -31.37
C ARG X 274 -3.85 13.70 -32.16
N LYS X 275 -3.30 12.56 -31.78
CA LYS X 275 -3.63 11.30 -32.43
C LYS X 275 -3.51 10.22 -31.38
N SER X 276 -4.55 9.42 -31.23
CA SER X 276 -4.49 8.29 -30.32
C SER X 276 -3.77 7.13 -30.99
N ILE X 277 -2.96 6.43 -30.22
CA ILE X 277 -2.29 5.23 -30.69
C ILE X 277 -2.51 4.14 -29.66
N ARG X 278 -3.17 3.06 -30.05
CA ARG X 278 -3.33 1.94 -29.15
C ARG X 278 -2.04 1.15 -29.09
N ILE X 279 -1.48 1.04 -27.90
CA ILE X 279 -0.24 0.31 -27.73
C ILE X 279 -0.51 -1.18 -27.69
N GLY X 280 -1.39 -1.59 -26.79
CA GLY X 280 -1.72 -2.98 -26.63
C GLY X 280 -3.15 -3.15 -26.20
N PRO X 281 -3.42 -4.20 -25.44
CA PRO X 281 -4.80 -4.44 -24.97
C PRO X 281 -5.26 -3.41 -23.96
N GLY X 282 -6.20 -2.56 -24.38
CA GLY X 282 -6.72 -1.55 -23.48
C GLY X 282 -5.76 -0.43 -23.17
N GLN X 283 -4.69 -0.31 -23.93
CA GLN X 283 -3.70 0.73 -23.71
C GLN X 283 -4.01 1.92 -24.59
N ALA X 284 -3.29 3.01 -24.34
CA ALA X 284 -3.49 4.22 -25.12
C ALA X 284 -2.19 4.99 -25.16
N PHE X 285 -2.09 5.88 -26.15
CA PHE X 285 -0.94 6.76 -26.29
C PHE X 285 -1.34 7.92 -27.18
N TYR X 286 -0.90 9.11 -26.81
CA TYR X 286 -1.21 10.32 -27.56
C TYR X 286 0.05 10.84 -28.22
N ALA X 287 -0.10 11.35 -29.45
CA ALA X 287 1.06 11.82 -30.18
C ALA X 287 0.66 12.95 -31.10
N THR X 288 1.62 13.82 -31.39
CA THR X 288 1.37 14.98 -32.24
C THR X 288 1.14 14.54 -33.67
N GLY X 289 -0.08 14.68 -34.16
CA GLY X 289 -0.37 14.37 -35.53
C GLY X 289 -0.08 15.57 -36.40
N ASP X 290 -1.07 16.02 -37.17
CA ASP X 290 -0.80 17.04 -38.16
C ASP X 290 -0.82 18.43 -37.54
N ILE X 291 -0.16 19.37 -38.21
CA ILE X 291 -0.10 20.76 -37.79
C ILE X 291 -0.70 21.60 -38.90
N ILE X 292 -1.87 22.16 -38.64
CA ILE X 292 -2.59 22.93 -39.64
C ILE X 292 -2.22 24.40 -39.51
N GLY X 293 -1.81 25.00 -40.61
CA GLY X 293 -1.57 26.43 -40.61
C GLY X 293 -0.11 26.80 -40.74
N ASP X 294 0.26 27.96 -40.19
CA ASP X 294 1.61 28.48 -40.32
C ASP X 294 2.50 27.86 -39.26
N ILE X 295 3.63 27.31 -39.69
CA ILE X 295 4.61 26.75 -38.76
C ILE X 295 5.31 27.90 -38.07
N ARG X 296 4.93 28.17 -36.83
CA ARG X 296 5.45 29.35 -36.15
C ARG X 296 6.16 28.94 -34.87
N GLN X 297 6.57 29.93 -34.09
CA GLN X 297 7.43 29.72 -32.95
C GLN X 297 6.82 30.34 -31.70
N ALA X 298 6.84 29.58 -30.61
CA ALA X 298 6.23 30.03 -29.37
C ALA X 298 7.05 31.12 -28.72
N HIS X 299 6.37 31.98 -27.97
CA HIS X 299 7.02 33.18 -27.44
C HIS X 299 6.24 33.73 -26.28
N CYS X 300 6.80 34.78 -25.69
CA CYS X 300 6.16 35.53 -24.61
C CYS X 300 6.43 37.02 -24.78
N ASN X 301 5.57 37.82 -24.17
CA ASN X 301 5.66 39.26 -24.26
C ASN X 301 5.42 39.86 -22.89
N VAL X 302 6.09 40.97 -22.61
CA VAL X 302 5.81 41.81 -21.45
C VAL X 302 5.77 43.26 -21.87
N SER X 303 5.18 44.09 -21.03
CA SER X 303 5.12 45.51 -21.32
C SER X 303 6.45 46.19 -21.01
N LYS X 304 6.87 47.06 -21.92
CA LYS X 304 8.19 47.67 -21.87
C LYS X 304 8.34 48.60 -20.67
N ALA X 305 7.47 49.61 -20.59
CA ALA X 305 7.65 50.68 -19.62
C ALA X 305 7.34 50.20 -18.20
N THR X 306 6.45 49.23 -18.06
CA THR X 306 6.21 48.64 -16.75
C THR X 306 7.46 47.93 -16.24
N TRP X 307 8.11 47.18 -17.13
CA TRP X 307 9.35 46.49 -16.77
C TRP X 307 10.44 47.49 -16.41
N ASN X 308 10.51 48.59 -17.15
CA ASN X 308 11.48 49.65 -16.85
C ASN X 308 11.21 50.27 -15.49
N GLU X 309 9.94 50.56 -15.20
CA GLU X 309 9.60 51.22 -13.93
C GLU X 309 9.81 50.30 -12.74
N THR X 310 9.48 49.02 -12.90
CA THR X 310 9.71 48.07 -11.83
C THR X 310 11.19 47.83 -11.59
N LEU X 311 11.98 47.82 -12.66
CA LEU X 311 13.41 47.74 -12.46
C LEU X 311 13.96 49.00 -11.80
N GLY X 312 13.36 50.16 -12.09
CA GLY X 312 13.75 51.37 -11.39
C GLY X 312 13.45 51.29 -9.91
N LYS X 313 12.30 50.68 -9.56
CA LYS X 313 11.95 50.49 -8.16
C LYS X 313 12.91 49.54 -7.46
N VAL X 314 13.29 48.45 -8.13
CA VAL X 314 14.17 47.51 -7.44
C VAL X 314 15.59 48.05 -7.36
N VAL X 315 16.01 48.87 -8.32
CA VAL X 315 17.33 49.50 -8.21
C VAL X 315 17.33 50.55 -7.11
N LYS X 316 16.20 51.24 -6.94
CA LYS X 316 16.01 52.14 -5.80
C LYS X 316 16.12 51.38 -4.48
N GLN X 317 15.58 50.16 -4.42
CA GLN X 317 15.62 49.41 -3.18
C GLN X 317 16.95 48.71 -2.93
N LEU X 318 17.71 48.41 -3.99
CA LEU X 318 18.97 47.70 -3.80
C LEU X 318 20.04 48.57 -3.16
N ARG X 319 20.07 49.85 -3.51
CA ARG X 319 21.21 50.70 -3.18
C ARG X 319 21.34 51.00 -1.70
N LYS X 320 20.34 50.65 -0.89
CA LYS X 320 20.53 50.69 0.55
C LYS X 320 21.59 49.70 1.01
N HIS X 321 21.69 48.57 0.33
CA HIS X 321 22.54 47.50 0.81
C HIS X 321 23.95 47.54 0.23
N PHE X 322 24.15 48.21 -0.89
CA PHE X 322 25.40 48.11 -1.64
C PHE X 322 26.07 49.46 -1.85
N GLY X 323 25.92 50.37 -0.90
CA GLY X 323 26.49 51.69 -1.09
C GLY X 323 25.62 52.57 -1.95
N ASN X 324 25.51 53.84 -1.59
CA ASN X 324 24.54 54.70 -2.25
C ASN X 324 25.06 55.15 -3.61
N ASN X 325 26.37 55.30 -3.75
CA ASN X 325 26.98 55.64 -5.03
C ASN X 325 27.53 54.37 -5.65
N THR X 326 26.64 53.60 -6.25
CA THR X 326 27.00 52.30 -6.78
C THR X 326 26.38 52.12 -8.15
N ILE X 327 27.13 51.51 -9.06
CA ILE X 327 26.62 51.16 -10.38
C ILE X 327 26.11 49.73 -10.32
N ILE X 328 24.90 49.51 -10.82
CA ILE X 328 24.26 48.21 -10.82
C ILE X 328 23.81 47.92 -12.25
N ARG X 329 24.20 46.76 -12.77
CA ARG X 329 23.74 46.36 -14.08
C ARG X 329 23.29 44.92 -14.00
N PHE X 330 22.85 44.38 -15.12
CA PHE X 330 22.34 43.02 -15.17
C PHE X 330 23.00 42.25 -16.30
N ALA X 331 22.94 40.93 -16.20
CA ALA X 331 23.46 40.05 -17.23
C ALA X 331 22.49 38.89 -17.38
N ASN X 332 22.53 38.25 -18.54
CA ASN X 332 21.86 36.97 -18.65
C ASN X 332 22.59 35.93 -17.80
N SER X 333 21.88 34.87 -17.46
CA SER X 333 22.43 33.87 -16.56
C SER X 333 23.57 33.12 -17.22
N SER X 334 24.50 32.64 -16.39
CA SER X 334 25.80 32.21 -16.90
C SER X 334 25.70 30.92 -17.70
N GLY X 335 24.89 29.99 -17.24
CA GLY X 335 24.74 28.72 -17.94
C GLY X 335 24.48 27.61 -16.95
N GLY X 336 24.44 26.41 -17.50
CA GLY X 336 24.11 25.25 -16.72
C GLY X 336 23.08 24.41 -17.46
N ASP X 337 22.06 23.96 -16.76
CA ASP X 337 21.03 23.21 -17.45
C ASP X 337 20.14 24.17 -18.23
N LEU X 338 19.48 23.59 -19.24
CA LEU X 338 18.53 24.33 -20.08
C LEU X 338 17.42 24.94 -19.26
N GLU X 339 16.96 24.24 -18.24
CA GLU X 339 15.92 24.74 -17.38
C GLU X 339 16.44 25.49 -16.16
N VAL X 340 17.63 26.07 -16.24
CA VAL X 340 18.01 27.08 -15.28
C VAL X 340 18.60 28.26 -16.02
N THR X 341 18.90 28.08 -17.31
CA THR X 341 19.29 29.25 -18.12
C THR X 341 18.10 30.14 -18.42
N THR X 342 16.89 29.60 -18.36
CA THR X 342 15.66 30.34 -18.55
C THR X 342 14.86 30.41 -17.27
N HIS X 343 13.63 30.89 -17.38
CA HIS X 343 12.60 30.48 -16.45
C HIS X 343 11.75 29.45 -17.16
N SER X 344 11.27 28.48 -16.39
CA SER X 344 10.65 27.28 -16.94
C SER X 344 9.29 27.12 -16.31
N PHE X 345 8.24 27.23 -17.11
CA PHE X 345 6.90 27.23 -16.51
C PHE X 345 5.99 26.28 -17.24
N ASN X 346 4.78 26.15 -16.74
CA ASN X 346 3.75 25.32 -17.33
C ASN X 346 2.55 26.20 -17.65
N CYS X 347 1.97 25.96 -18.82
CA CYS X 347 0.87 26.77 -19.33
C CYS X 347 -0.12 25.86 -20.03
N GLY X 348 -1.30 25.71 -19.44
CA GLY X 348 -2.31 24.84 -20.01
C GLY X 348 -1.95 23.38 -19.98
N GLY X 349 -1.08 22.97 -19.07
CA GLY X 349 -0.61 21.61 -19.06
C GLY X 349 0.41 21.31 -20.14
N GLU X 350 1.35 22.23 -20.38
CA GLU X 350 2.43 22.01 -21.33
C GLU X 350 3.56 22.97 -21.00
N PHE X 351 4.78 22.48 -21.06
CA PHE X 351 5.87 23.24 -20.48
C PHE X 351 6.49 24.19 -21.49
N PHE X 352 7.20 25.16 -20.95
CA PHE X 352 7.92 26.16 -21.73
C PHE X 352 9.24 26.42 -21.06
N TYR X 353 10.30 26.48 -21.88
CA TYR X 353 11.62 26.91 -21.47
C TYR X 353 11.95 28.10 -22.36
N CYS X 354 11.90 29.30 -21.80
CA CYS X 354 11.74 30.47 -22.67
C CYS X 354 12.81 31.49 -22.37
N ASN X 355 13.58 31.89 -23.39
CA ASN X 355 14.83 32.63 -23.23
C ASN X 355 14.58 34.01 -22.62
N THR X 356 15.44 34.37 -21.66
CA THR X 356 15.22 35.56 -20.85
C THR X 356 16.30 36.61 -21.05
N SER X 357 17.09 36.51 -22.11
CA SER X 357 18.19 37.46 -22.29
C SER X 357 17.70 38.83 -22.70
N GLY X 358 16.48 38.94 -23.18
CA GLY X 358 15.93 40.24 -23.51
C GLY X 358 15.48 41.06 -22.32
N LEU X 359 15.66 40.57 -21.10
CA LEU X 359 15.23 41.31 -19.92
C LEU X 359 16.40 41.81 -19.08
N PHE X 360 17.36 40.96 -18.80
CA PHE X 360 18.42 41.29 -17.84
C PHE X 360 19.63 41.87 -18.55
N ASN X 361 19.40 42.85 -19.40
CA ASN X 361 20.46 43.43 -20.20
C ASN X 361 20.27 44.94 -20.16
N SER X 362 20.78 45.56 -19.11
CA SER X 362 20.63 46.98 -18.87
C SER X 362 21.78 47.43 -17.98
N THR X 363 21.75 48.70 -17.62
CA THR X 363 22.70 49.24 -16.64
C THR X 363 22.02 50.39 -15.93
N TRP X 364 22.59 50.80 -14.79
CA TRP X 364 21.98 51.86 -14.01
C TRP X 364 23.07 52.70 -13.38
N ILE X 365 22.84 53.99 -13.33
CA ILE X 365 23.82 54.97 -12.90
C ILE X 365 23.32 55.61 -11.61
N SER X 366 24.25 56.05 -10.76
CA SER X 366 24.00 56.62 -9.44
C SER X 366 23.36 58.03 -9.47
N ASN X 367 22.88 58.53 -10.60
CA ASN X 367 22.23 59.83 -10.69
C ASN X 367 20.98 59.96 -9.83
N ASN X 379 4.06 52.18 -25.94
CA ASN X 379 3.22 51.18 -26.58
C ASN X 379 3.99 49.90 -26.90
N ASP X 380 5.31 49.99 -26.90
CA ASP X 380 6.11 48.83 -27.25
C ASP X 380 6.11 47.79 -26.14
N SER X 381 6.67 46.65 -26.46
CA SER X 381 6.72 45.51 -25.57
C SER X 381 8.15 44.97 -25.59
N ILE X 382 8.36 43.92 -24.82
CA ILE X 382 9.56 43.10 -24.90
C ILE X 382 9.11 41.70 -25.25
N THR X 383 9.55 41.22 -26.41
CA THR X 383 9.23 39.88 -26.86
C THR X 383 10.42 38.99 -26.55
N LEU X 384 10.15 37.73 -26.30
CA LEU X 384 11.23 36.79 -26.03
C LEU X 384 10.85 35.37 -26.42
N PRO X 385 11.73 34.66 -27.10
CA PRO X 385 11.36 33.37 -27.71
C PRO X 385 11.52 32.20 -26.77
N CYS X 386 10.66 31.20 -27.00
CA CYS X 386 10.55 30.04 -26.14
C CYS X 386 11.00 28.78 -26.86
N ARG X 387 11.03 27.68 -26.11
CA ARG X 387 11.19 26.34 -26.64
C ARG X 387 10.29 25.41 -25.86
N ILE X 388 9.90 24.32 -26.50
CA ILE X 388 8.91 23.40 -25.97
C ILE X 388 9.50 22.00 -25.94
N LYS X 389 9.61 21.42 -24.76
CA LYS X 389 10.00 20.03 -24.60
C LYS X 389 8.81 19.21 -24.16
N GLN X 390 8.82 17.93 -24.52
CA GLN X 390 7.81 17.03 -24.05
C GLN X 390 8.26 16.22 -22.84
N ILE X 391 9.38 15.54 -22.93
CA ILE X 391 9.81 14.71 -21.81
C ILE X 391 10.66 15.54 -20.88
N ILE X 392 10.47 15.32 -19.58
CA ILE X 392 11.14 16.09 -18.55
C ILE X 392 11.74 15.14 -17.54
N ASN X 393 12.65 15.67 -16.73
CA ASN X 393 13.00 15.07 -15.45
C ASN X 393 13.03 16.24 -14.48
N MET X 394 11.87 16.60 -13.96
CA MET X 394 11.82 17.71 -13.02
C MET X 394 12.09 17.18 -11.63
N TRP X 395 12.78 18.00 -10.83
CA TRP X 395 13.51 17.72 -9.59
C TRP X 395 14.69 16.79 -9.79
N GLN X 396 15.03 16.42 -11.03
CA GLN X 396 16.23 15.67 -11.40
C GLN X 396 16.30 14.33 -10.66
N ARG X 397 15.35 13.47 -11.02
CA ARG X 397 15.32 12.16 -10.42
C ARG X 397 16.29 11.23 -11.14
N ILE X 398 16.40 10.01 -10.63
CA ILE X 398 17.53 9.16 -10.98
C ILE X 398 17.20 8.22 -12.12
N GLY X 399 15.95 7.77 -12.21
CA GLY X 399 15.54 6.94 -13.32
C GLY X 399 14.12 7.24 -13.70
N GLN X 400 13.58 8.29 -13.09
CA GLN X 400 12.19 8.67 -13.27
C GLN X 400 12.10 9.81 -14.26
N ALA X 401 11.22 9.66 -15.24
CA ALA X 401 11.00 10.68 -16.26
C ALA X 401 9.50 10.85 -16.44
N MET X 402 9.11 11.75 -17.31
CA MET X 402 7.70 12.06 -17.51
C MET X 402 7.46 12.57 -18.91
N TYR X 403 6.60 11.88 -19.65
CA TYR X 403 6.15 12.38 -20.93
C TYR X 403 5.00 13.35 -20.70
N ALA X 404 4.86 14.31 -21.61
CA ALA X 404 3.76 15.25 -21.52
C ALA X 404 2.91 15.15 -22.78
N PRO X 405 1.60 14.99 -22.65
CA PRO X 405 0.77 14.72 -23.81
C PRO X 405 0.59 15.97 -24.65
N PRO X 406 0.51 15.85 -25.97
CA PRO X 406 0.23 17.02 -26.81
C PRO X 406 -1.22 17.43 -26.69
N ILE X 407 -1.45 18.73 -26.60
CA ILE X 407 -2.79 19.25 -26.38
C ILE X 407 -3.25 20.01 -27.62
N GLN X 408 -4.57 20.09 -27.77
CA GLN X 408 -5.15 20.60 -29.00
C GLN X 408 -5.00 22.10 -29.13
N GLY X 409 -5.30 22.59 -30.33
CA GLY X 409 -5.56 23.99 -30.54
C GLY X 409 -4.34 24.89 -30.48
N VAL X 410 -4.57 26.10 -30.01
CA VAL X 410 -3.57 27.14 -29.90
C VAL X 410 -3.64 27.68 -28.48
N ILE X 411 -2.52 27.62 -27.76
CA ILE X 411 -2.52 27.81 -26.32
C ILE X 411 -1.90 29.16 -26.01
N ARG X 412 -2.59 29.93 -25.17
CA ARG X 412 -2.02 31.13 -24.60
C ARG X 412 -2.46 31.21 -23.15
N CYS X 413 -1.65 31.91 -22.37
CA CYS X 413 -2.03 32.17 -20.98
C CYS X 413 -1.38 33.47 -20.52
N VAL X 414 -2.02 34.06 -19.52
CA VAL X 414 -1.67 35.35 -18.99
C VAL X 414 -1.42 35.18 -17.50
N SER X 415 -0.26 35.63 -17.04
CA SER X 415 0.11 35.46 -15.65
C SER X 415 0.66 36.75 -15.08
N ASN X 416 0.43 36.97 -13.80
CA ASN X 416 0.99 38.14 -13.13
C ASN X 416 2.36 37.76 -12.60
N ILE X 417 3.42 38.35 -13.15
CA ILE X 417 4.75 38.12 -12.65
C ILE X 417 4.90 38.80 -11.29
N THR X 418 5.31 38.04 -10.29
CA THR X 418 5.28 38.52 -8.92
C THR X 418 6.66 38.82 -8.35
N GLY X 419 7.62 37.91 -8.49
CA GLY X 419 8.90 38.08 -7.86
C GLY X 419 10.04 37.69 -8.78
N LEU X 420 11.25 37.87 -8.28
CA LEU X 420 12.48 37.52 -8.97
C LEU X 420 13.42 36.77 -8.04
N ILE X 421 14.31 35.99 -8.64
CA ILE X 421 15.33 35.25 -7.90
C ILE X 421 16.68 35.57 -8.52
N LEU X 422 17.56 36.15 -7.71
CA LEU X 422 18.79 36.75 -8.23
C LEU X 422 20.00 36.20 -7.50
N THR X 423 21.17 36.51 -8.07
CA THR X 423 22.46 36.12 -7.51
C THR X 423 23.47 37.20 -7.83
N ARG X 424 24.10 37.75 -6.79
CA ARG X 424 25.23 38.64 -7.00
C ARG X 424 26.43 37.83 -7.49
N ASP X 425 27.17 38.40 -8.42
CA ASP X 425 28.37 37.73 -8.88
C ASP X 425 29.49 37.84 -7.86
N GLY X 426 30.50 36.99 -8.04
CA GLY X 426 31.66 36.97 -7.18
C GLY X 426 32.64 38.05 -7.56
N GLY X 427 32.26 39.30 -7.31
CA GLY X 427 33.06 40.42 -7.73
C GLY X 427 34.08 40.86 -6.71
N SER X 428 35.30 40.38 -6.85
CA SER X 428 36.42 40.91 -6.07
C SER X 428 37.18 41.90 -6.95
N THR X 429 38.34 42.35 -6.46
CA THR X 429 39.36 43.09 -7.21
C THR X 429 38.82 44.40 -7.80
N ASN X 430 38.44 45.30 -6.89
CA ASN X 430 38.33 46.75 -7.15
C ASN X 430 37.26 47.07 -8.20
N SER X 431 36.03 46.63 -7.92
CA SER X 431 34.92 46.83 -8.83
C SER X 431 33.83 47.61 -8.12
N THR X 432 33.27 48.61 -8.81
CA THR X 432 32.11 49.31 -8.30
C THR X 432 30.83 48.81 -8.93
N THR X 433 30.89 48.32 -10.16
CA THR X 433 29.75 47.66 -10.77
C THR X 433 29.56 46.31 -10.09
N GLU X 434 28.35 46.06 -9.59
CA GLU X 434 28.01 44.78 -8.96
C GLU X 434 26.86 44.20 -9.75
N THR X 435 27.19 43.48 -10.82
CA THR X 435 26.14 43.02 -11.72
C THR X 435 25.44 41.81 -11.13
N PHE X 436 24.20 41.61 -11.57
CA PHE X 436 23.37 40.54 -11.04
C PHE X 436 23.00 39.58 -12.15
N ARG X 437 22.75 38.32 -11.76
CA ARG X 437 22.26 37.38 -12.73
C ARG X 437 21.12 36.58 -12.10
N PRO X 438 20.07 36.29 -12.87
CA PRO X 438 18.96 35.52 -12.30
C PRO X 438 19.26 34.04 -12.31
N GLY X 439 19.28 33.43 -11.13
CA GLY X 439 19.42 31.99 -11.09
C GLY X 439 18.64 31.36 -9.96
N GLY X 440 17.72 30.46 -10.29
CA GLY X 440 16.88 29.88 -9.28
C GLY X 440 17.45 28.63 -8.64
N GLY X 441 17.75 27.63 -9.46
CA GLY X 441 18.23 26.38 -8.92
C GLY X 441 17.14 25.61 -8.20
N ASP X 442 17.18 25.65 -6.87
CA ASP X 442 16.22 24.91 -6.06
C ASP X 442 14.83 25.54 -6.17
N MET X 443 13.81 24.69 -6.16
CA MET X 443 12.44 25.15 -6.09
C MET X 443 12.11 25.75 -4.74
N ARG X 444 12.89 25.37 -3.72
CA ARG X 444 12.63 25.81 -2.35
C ARG X 444 12.80 27.31 -2.18
N ASP X 445 13.50 27.98 -3.11
CA ASP X 445 13.45 29.43 -3.15
C ASP X 445 12.04 29.92 -3.48
N ASN X 446 11.40 29.33 -4.49
CA ASN X 446 10.03 29.68 -4.85
C ASN X 446 9.09 29.41 -3.69
N TRP X 447 9.32 28.32 -2.97
CA TRP X 447 8.45 28.03 -1.86
C TRP X 447 8.69 28.93 -0.68
N ARG X 448 9.94 29.28 -0.41
CA ARG X 448 10.29 30.13 0.70
C ARG X 448 9.86 31.57 0.45
N SER X 449 9.60 31.93 -0.79
CA SER X 449 8.94 33.20 -1.07
C SER X 449 7.47 33.23 -0.68
N GLU X 450 6.91 32.12 -0.21
CA GLU X 450 5.50 32.09 0.12
C GLU X 450 5.25 31.89 1.60
N LEU X 451 5.98 30.99 2.25
CA LEU X 451 5.76 30.74 3.66
C LEU X 451 6.68 31.56 4.55
N TYR X 452 7.14 32.71 4.07
CA TYR X 452 8.06 33.52 4.85
C TYR X 452 7.39 34.22 6.01
N LYS X 453 6.07 34.37 5.98
CA LYS X 453 5.40 35.04 7.07
C LYS X 453 5.05 34.12 8.23
N TYR X 454 5.27 32.83 8.12
CA TYR X 454 4.69 31.90 9.07
C TYR X 454 5.74 31.11 9.83
N LYS X 455 5.35 30.59 10.99
CA LYS X 455 6.10 29.55 11.66
C LYS X 455 5.13 28.76 12.52
N VAL X 456 5.58 27.58 12.93
CA VAL X 456 4.76 26.64 13.69
C VAL X 456 5.29 26.57 15.12
N VAL X 457 4.38 26.62 16.09
CA VAL X 457 4.78 26.54 17.49
C VAL X 457 3.95 25.50 18.20
N LYS X 458 4.54 24.93 19.25
CA LYS X 458 3.91 23.91 20.07
C LYS X 458 3.40 24.54 21.35
N ILE X 459 2.14 24.26 21.66
CA ILE X 459 1.58 24.64 22.94
C ILE X 459 2.13 23.71 24.00
N GLU X 460 2.55 24.27 25.13
CA GLU X 460 2.88 23.49 26.32
C GLU X 460 2.10 24.05 27.48
N PRO X 461 0.98 23.44 27.84
CA PRO X 461 0.23 23.91 29.01
C PRO X 461 0.90 23.58 30.32
N LEU X 462 0.16 23.81 31.41
CA LEU X 462 0.60 23.56 32.79
C LEU X 462 1.86 24.33 33.14
N GLY X 463 1.76 25.65 33.06
CA GLY X 463 2.72 26.51 33.73
C GLY X 463 2.51 26.49 35.23
N VAL X 464 3.38 27.17 35.95
CA VAL X 464 3.31 27.12 37.40
C VAL X 464 3.83 28.44 37.96
N ALA X 465 3.29 28.84 39.12
CA ALA X 465 3.60 30.15 39.69
C ALA X 465 3.22 30.21 41.16
N PRO X 466 3.95 30.92 42.00
CA PRO X 466 3.51 31.09 43.38
C PRO X 466 2.38 32.10 43.50
N THR X 467 1.57 31.90 44.51
CA THR X 467 0.55 32.85 44.94
C THR X 467 0.29 32.62 46.41
N ARG X 468 -0.66 33.36 46.96
CA ARG X 468 -0.86 33.42 48.40
C ARG X 468 -2.20 32.80 48.74
N CYS X 469 -2.20 31.47 48.86
CA CYS X 469 -3.33 30.65 49.26
C CYS X 469 -2.85 29.23 49.50
N LYS X 470 -3.35 28.62 50.57
CA LYS X 470 -2.95 27.28 50.96
C LYS X 470 -4.16 26.36 50.94
N ARG X 471 -3.99 25.16 50.40
CA ARG X 471 -5.09 24.20 50.33
C ARG X 471 -5.40 23.63 51.69
N ARG X 472 -6.68 23.70 52.08
CA ARG X 472 -7.12 23.18 53.36
C ARG X 472 -7.34 21.68 53.27
N VAL X 473 -7.56 21.06 54.42
CA VAL X 473 -7.81 19.61 54.48
C VAL X 473 -9.18 19.33 55.08
C1 NAG Y . -27.50 -35.08 -37.28
C2 NAG Y . -28.55 -36.19 -37.28
C3 NAG Y . -29.43 -36.10 -38.53
C4 NAG Y . -30.01 -34.70 -38.67
C5 NAG Y . -28.89 -33.68 -38.64
C6 NAG Y . -29.39 -32.26 -38.69
C7 NAG Y . -27.55 -38.07 -36.06
C8 NAG Y . -26.89 -39.41 -36.15
N2 NAG Y . -27.90 -37.50 -37.21
O3 NAG Y . -30.47 -37.06 -38.44
O4 NAG Y . -30.68 -34.60 -39.92
O5 NAG Y . -28.14 -33.82 -37.42
O6 NAG Y . -29.72 -31.89 -40.02
O7 NAG Y . -27.74 -37.52 -34.97
C1 NAG Y . -32.11 -34.52 -39.86
C2 NAG Y . -32.56 -34.54 -41.32
C3 NAG Y . -34.09 -34.57 -41.40
C4 NAG Y . -34.62 -35.76 -40.62
C5 NAG Y . -34.18 -35.63 -39.16
C6 NAG Y . -34.60 -36.80 -38.31
C7 NAG Y . -31.07 -33.54 -42.97
C8 NAG Y . -30.64 -32.27 -43.63
N2 NAG Y . -32.03 -33.41 -42.04
O3 NAG Y . -34.48 -34.67 -42.77
O4 NAG Y . -36.02 -36.00 -40.83
O5 NAG Y . -32.74 -35.59 -39.12
O6 NAG Y . -33.58 -37.78 -38.25
O7 NAG Y . -30.58 -34.62 -43.26
C1 BMA Y . -37.04 -35.06 -40.48
C2 BMA Y . -37.70 -34.54 -41.77
C3 BMA Y . -39.04 -33.88 -41.50
C4 BMA Y . -39.94 -34.80 -40.71
C5 BMA Y . -39.29 -35.05 -39.37
C6 BMA Y . -40.12 -35.95 -38.48
O2 BMA Y . -37.96 -35.61 -42.64
O3 BMA Y . -39.66 -33.50 -42.71
O4 BMA Y . -41.19 -34.18 -40.49
O5 BMA Y . -37.98 -35.70 -39.61
O6 BMA Y . -40.84 -36.86 -39.29
C1 MAN Y . -39.61 -32.07 -42.80
C2 MAN Y . -40.71 -31.61 -43.79
C3 MAN Y . -40.31 -31.94 -45.23
C4 MAN Y . -38.91 -31.38 -45.55
C5 MAN Y . -37.89 -31.97 -44.56
C6 MAN Y . -36.49 -31.44 -44.76
O2 MAN Y . -40.88 -30.20 -43.77
O3 MAN Y . -41.26 -31.44 -46.15
O4 MAN Y . -38.54 -31.75 -46.86
O5 MAN Y . -38.31 -31.62 -43.22
O6 MAN Y . -36.39 -30.16 -44.13
C1 NAG Z . -10.20 -29.11 -31.11
C2 NAG Z . -10.47 -30.58 -30.86
C3 NAG Z . -9.15 -31.37 -30.83
C4 NAG Z . -8.30 -31.07 -32.06
C5 NAG Z . -8.15 -29.56 -32.23
C6 NAG Z . -7.43 -29.17 -33.50
C7 NAG Z . -12.50 -30.63 -29.50
C8 NAG Z . -13.07 -30.85 -28.13
N2 NAG Z . -11.19 -30.77 -29.61
O3 NAG Z . -9.45 -32.77 -30.79
O4 NAG Z . -7.02 -31.65 -31.86
O5 NAG Z . -9.45 -28.96 -32.30
O6 NAG Z . -6.03 -29.43 -33.41
O7 NAG Z . -13.21 -30.35 -30.46
C1 NAG Z . -6.77 -32.71 -32.81
C2 NAG Z . -5.56 -33.48 -32.30
C3 NAG Z . -5.22 -34.60 -33.26
C4 NAG Z . -6.42 -35.53 -33.42
C5 NAG Z . -7.64 -34.71 -33.88
C6 NAG Z . -8.92 -35.52 -33.92
C7 NAG Z . -4.01 -32.19 -30.91
C8 NAG Z . -2.82 -31.29 -30.88
N2 NAG Z . -4.42 -32.60 -32.12
O3 NAG Z . -4.10 -35.31 -32.77
O4 NAG Z . -6.15 -36.57 -34.34
O5 NAG Z . -7.89 -33.61 -32.97
O6 NAG Z . -9.47 -35.64 -32.61
O7 NAG Z . -4.58 -32.54 -29.88
C1 BMA Z . -6.00 -37.81 -33.62
C2 BMA Z . -6.16 -39.00 -34.59
C3 BMA Z . -5.90 -40.31 -33.83
C4 BMA Z . -4.58 -40.28 -33.04
C5 BMA Z . -4.54 -39.03 -32.14
C6 BMA Z . -3.22 -38.87 -31.41
O2 BMA Z . -5.18 -38.94 -35.61
O3 BMA Z . -5.88 -41.42 -34.69
O4 BMA Z . -4.48 -41.43 -32.24
O5 BMA Z . -4.74 -37.87 -32.96
O6 BMA Z . -2.18 -38.87 -32.37
C1 MAN Z . -7.16 -42.07 -34.59
C2 MAN Z . -6.90 -43.61 -34.60
C3 MAN Z . -6.46 -44.05 -36.01
C4 MAN Z . -7.36 -43.49 -37.13
C5 MAN Z . -7.49 -41.97 -36.97
C6 MAN Z . -8.44 -41.36 -37.98
O2 MAN Z . -8.09 -44.34 -34.32
O3 MAN Z . -6.39 -45.47 -36.11
O4 MAN Z . -6.82 -43.79 -38.39
O5 MAN Z . -7.99 -41.67 -35.65
O6 MAN Z . -8.16 -41.95 -39.25
C1 NAG AA . 0.85 -20.25 -34.95
C2 NAG AA . -0.15 -19.92 -36.06
C3 NAG AA . 0.38 -20.31 -37.44
C4 NAG AA . 1.80 -19.77 -37.66
C5 NAG AA . 2.70 -20.14 -36.47
C6 NAG AA . 4.07 -19.52 -36.55
C7 NAG AA . -1.74 -21.84 -35.74
C8 NAG AA . -3.17 -22.17 -35.48
N2 NAG AA . -1.46 -20.52 -35.82
O3 NAG AA . -0.47 -19.78 -38.44
O4 NAG AA . 2.31 -20.43 -38.80
O5 NAG AA . 2.11 -19.67 -35.26
O6 NAG AA . 3.97 -18.14 -36.89
O7 NAG AA . -0.89 -22.72 -35.87
C1 NAG AA . 2.58 -19.57 -39.91
C2 NAG AA . 3.44 -20.39 -40.87
C3 NAG AA . 3.70 -19.62 -42.16
C4 NAG AA . 2.38 -19.18 -42.79
C5 NAG AA . 1.59 -18.35 -41.77
C6 NAG AA . 0.23 -17.93 -42.26
C7 NAG AA . 4.85 -21.90 -39.55
C8 NAG AA . 6.21 -22.14 -38.97
N2 NAG AA . 4.70 -20.77 -40.24
O3 NAG AA . 4.43 -20.44 -43.06
O4 NAG AA . 2.60 -18.46 -43.99
O5 NAG AA . 1.38 -19.13 -40.58
O6 NAG AA . -0.78 -18.81 -41.81
O7 NAG AA . 3.92 -22.68 -39.37
C1 BMA AA . 2.13 -19.22 -45.13
C2 BMA AA . 2.39 -18.44 -46.44
C3 BMA AA . 1.92 -19.27 -47.64
C4 BMA AA . 2.53 -20.69 -47.61
C5 BMA AA . 2.25 -21.37 -46.25
C6 BMA AA . 2.92 -22.71 -46.12
O2 BMA AA . 3.77 -18.21 -46.64
O3 BMA AA . 2.24 -18.63 -48.87
O4 BMA AA . 1.96 -21.48 -48.64
O5 BMA AA . 2.75 -20.52 -45.19
O6 BMA AA . 4.30 -22.54 -46.42
C1 NAG BA . -13.83 -2.68 -29.57
C2 NAG BA . -15.02 -1.73 -29.48
C3 NAG BA . -16.33 -2.51 -29.50
C4 NAG BA . -16.39 -3.46 -30.68
C5 NAG BA . -15.14 -4.34 -30.73
C6 NAG BA . -15.04 -5.17 -31.99
C7 NAG BA . -14.28 0.26 -28.25
C8 NAG BA . -14.31 1.00 -26.94
N2 NAG BA . -14.94 -0.89 -28.29
O3 NAG BA . -17.43 -1.61 -29.53
O4 NAG BA . -17.54 -4.29 -30.52
O5 NAG BA . -13.97 -3.51 -30.72
O6 NAG BA . -14.20 -4.55 -32.95
O7 NAG BA . -13.67 0.71 -29.22
C1 NAG BA . -18.49 -4.14 -31.60
C2 NAG BA . -19.89 -4.33 -31.03
C3 NAG BA . -20.93 -4.19 -32.13
C4 NAG BA . -20.75 -2.87 -32.88
C5 NAG BA . -19.32 -2.72 -33.37
C6 NAG BA . -19.04 -1.38 -33.99
C7 NAG BA . -19.98 -5.75 -29.03
C8 NAG BA . -20.12 -7.15 -28.52
N2 NAG BA . -20.02 -5.61 -30.36
O3 NAG BA . -22.23 -4.26 -31.56
O4 NAG BA . -21.63 -2.82 -33.99
O5 NAG BA . -18.40 -2.86 -32.27
O6 NAG BA . -17.71 -1.31 -34.49
O7 NAG BA . -19.82 -4.79 -28.29
C1 NAG CA . -46.13 2.47 2.68
C2 NAG CA . -46.76 3.66 1.94
C3 NAG CA . -46.85 4.89 2.86
C4 NAG CA . -47.48 4.54 4.20
C5 NAG CA . -46.76 3.35 4.81
C6 NAG CA . -47.38 2.87 6.11
C7 NAG CA . -46.48 4.60 -0.31
C8 NAG CA . -45.52 4.89 -1.42
N2 NAG CA . -45.97 3.99 0.76
O3 NAG CA . -47.63 5.89 2.22
O4 NAG CA . -47.28 5.65 5.08
O5 NAG CA . -46.83 2.24 3.90
O6 NAG CA . -46.81 1.63 6.50
O7 NAG CA . -47.67 4.92 -0.38
C1 NAG CA . -48.49 6.39 5.37
C2 NAG CA . -48.18 7.83 5.01
C3 NAG CA . -49.37 8.71 5.34
C4 NAG CA . -50.65 8.19 4.68
C5 NAG CA . -50.84 6.69 4.94
C6 NAG CA . -51.95 6.08 4.10
C7 NAG CA . -45.93 8.78 5.01
C8 NAG CA . -44.77 9.23 5.85
N2 NAG CA . -46.98 8.30 5.67
O3 NAG CA . -49.08 10.03 4.90
O4 NAG CA . -51.78 8.84 5.26
O5 NAG CA . -49.64 5.95 4.63
O6 NAG CA . -51.45 5.12 3.20
O7 NAG CA . -45.91 8.85 3.78
C1 BMA CA . -52.29 9.91 4.45
C2 BMA CA . -53.83 9.78 4.39
C3 BMA CA . -54.44 11.06 3.83
C4 BMA CA . -53.92 12.30 4.56
C5 BMA CA . -52.40 12.35 4.40
C6 BMA CA . -51.77 13.55 5.05
O2 BMA CA . -54.36 9.64 5.69
O3 BMA CA . -55.87 11.02 3.86
O4 BMA CA . -54.51 13.47 4.03
O5 BMA CA . -51.85 11.15 4.99
O6 BMA CA . -51.32 13.16 6.34
C1 NAG DA . -27.92 -21.20 -2.11
C2 NAG DA . -26.78 -21.18 -3.11
C3 NAG DA . -26.31 -22.60 -3.40
C4 NAG DA . -25.96 -23.34 -2.11
C5 NAG DA . -27.13 -23.26 -1.13
C6 NAG DA . -26.81 -23.82 0.23
C7 NAG DA . -26.34 -19.78 -5.05
C8 NAG DA . -26.90 -19.17 -6.29
N2 NAG DA . -27.17 -20.52 -4.33
O3 NAG DA . -25.18 -22.56 -4.26
O4 NAG DA . -25.68 -24.70 -2.41
O5 NAG DA . -27.51 -21.89 -0.94
O6 NAG DA . -25.45 -23.58 0.57
O7 NAG DA . -25.17 -19.62 -4.72
C1 NAG DA . -24.28 -25.01 -2.17
C2 NAG DA . -24.17 -26.51 -1.98
C3 NAG DA . -22.71 -26.89 -1.74
C4 NAG DA . -21.81 -26.35 -2.83
C5 NAG DA . -22.05 -24.85 -3.03
C6 NAG DA . -21.32 -24.29 -4.23
C7 NAG DA . -25.70 -28.11 -0.96
C8 NAG DA . -26.52 -28.45 0.23
N2 NAG DA . -25.01 -26.97 -0.91
O3 NAG DA . -22.61 -28.31 -1.67
O4 NAG DA . -20.44 -26.52 -2.45
O5 NAG DA . -23.45 -24.59 -3.26
O6 NAG DA . -22.11 -24.41 -5.39
O7 NAG DA . -25.65 -28.84 -1.95
C1 BMA DA . -19.77 -27.54 -3.21
C2 BMA DA . -18.26 -27.39 -2.94
C3 BMA DA . -17.47 -28.49 -3.64
C4 BMA DA . -18.03 -29.88 -3.31
C5 BMA DA . -19.58 -29.94 -3.49
C6 BMA DA . -20.17 -31.20 -2.88
O2 BMA DA . -18.00 -27.54 -1.56
O3 BMA DA . -16.11 -28.45 -3.23
O4 BMA DA . -17.43 -30.85 -4.16
O5 BMA DA . -20.21 -28.82 -2.83
O6 BMA DA . -19.42 -31.57 -1.72
C1 MAN DA . -15.28 -28.07 -4.34
C2 MAN DA . -13.84 -28.51 -4.05
C3 MAN DA . -13.39 -27.71 -2.81
C4 MAN DA . -13.37 -26.23 -3.16
C5 MAN DA . -14.80 -25.79 -3.53
C6 MAN DA . -14.83 -24.38 -4.08
O2 MAN DA . -12.99 -28.07 -5.12
O3 MAN DA . -12.15 -28.14 -2.24
O4 MAN DA . -12.91 -25.49 -2.05
O5 MAN DA . -15.35 -26.67 -4.57
O6 MAN DA . -13.68 -23.69 -3.62
C1 MAN DA . -11.88 -28.96 -5.35
C2 MAN DA . -10.88 -28.13 -6.20
C3 MAN DA . -11.40 -27.97 -7.63
C4 MAN DA . -11.72 -29.34 -8.23
C5 MAN DA . -12.78 -30.03 -7.37
C6 MAN DA . -13.11 -31.42 -7.87
O2 MAN DA . -9.63 -28.80 -6.33
O3 MAN DA . -10.49 -27.26 -8.46
O4 MAN DA . -12.21 -29.19 -9.56
O5 MAN DA . -12.29 -30.16 -6.01
O6 MAN DA . -11.89 -32.11 -8.06
C1 MAN DA . -20.08 -31.15 -0.51
C2 MAN DA . -19.03 -31.17 0.65
C3 MAN DA . -18.76 -32.61 1.07
C4 MAN DA . -20.06 -33.32 1.42
C5 MAN DA . -20.97 -33.32 0.17
C6 MAN DA . -22.31 -33.96 0.42
O2 MAN DA . -19.53 -30.53 1.81
O3 MAN DA . -17.87 -32.67 2.19
O4 MAN DA . -19.80 -34.65 1.81
O5 MAN DA . -21.23 -31.96 -0.22
O6 MAN DA . -23.21 -32.91 0.74
C1 NAG EA . -34.45 -30.28 -7.89
C2 NAG EA . -35.88 -30.80 -7.70
C3 NAG EA . -36.05 -31.39 -6.32
C4 NAG EA . -35.04 -32.51 -6.13
C5 NAG EA . -33.64 -31.94 -6.31
C6 NAG EA . -32.54 -32.97 -6.21
C7 NAG EA . -37.70 -29.76 -8.97
C8 NAG EA . -38.63 -28.60 -9.07
N2 NAG EA . -36.85 -29.74 -7.93
O3 NAG EA . -37.37 -31.89 -6.19
O4 NAG EA . -35.18 -33.10 -4.83
O5 NAG EA . -33.51 -31.35 -7.62
O6 NAG EA . -31.84 -32.83 -4.98
O7 NAG EA . -37.69 -30.66 -9.78
C1 NAG EA . -35.73 -34.43 -4.92
C2 NAG EA . -36.21 -34.82 -3.52
C3 NAG EA . -36.90 -36.20 -3.56
C4 NAG EA . -38.01 -36.21 -4.60
C5 NAG EA . -37.43 -35.82 -5.95
C6 NAG EA . -38.48 -35.74 -7.03
C7 NAG EA . -34.98 -33.93 -1.61
C8 NAG EA . -33.79 -34.09 -0.72
N2 NAG EA . -35.11 -34.84 -2.58
O3 NAG EA . -37.44 -36.47 -2.27
O4 NAG EA . -38.57 -37.52 -4.67
O5 NAG EA . -36.83 -34.53 -5.85
O6 NAG EA . -37.92 -35.86 -8.33
O7 NAG EA . -35.80 -33.04 -1.44
C1 NAG FA . -16.63 -37.02 -16.67
C2 NAG FA . -17.16 -37.97 -15.61
C3 NAG FA . -16.02 -38.52 -14.78
C4 NAG FA . -14.96 -39.16 -15.66
C5 NAG FA . -14.52 -38.18 -16.75
C6 NAG FA . -13.59 -38.78 -17.77
C7 NAG FA . -19.44 -37.58 -14.83
C8 NAG FA . -20.32 -36.82 -13.88
N2 NAG FA . -18.14 -37.32 -14.77
O3 NAG FA . -16.53 -39.48 -13.86
O4 NAG FA . -13.84 -39.53 -14.87
O5 NAG FA . -15.66 -37.69 -17.48
O6 NAG FA . -12.32 -39.09 -17.21
O7 NAG FA . -19.90 -38.40 -15.61
C1 NAG FA . -13.68 -40.97 -14.85
C2 NAG FA . -12.34 -41.26 -14.20
C3 NAG FA . -12.12 -42.77 -14.13
C4 NAG FA . -13.28 -43.46 -13.43
C5 NAG FA . -14.62 -43.05 -14.06
C6 NAG FA . -15.81 -43.55 -13.28
C7 NAG FA . -10.65 -39.52 -14.46
C8 NAG FA . -9.55 -38.98 -15.32
N2 NAG FA . -11.25 -40.62 -14.92
O3 NAG FA . -10.90 -43.04 -13.44
O4 NAG FA . -13.13 -44.87 -13.51
O5 NAG FA . -14.73 -41.62 -14.10
O6 NAG FA . -16.26 -42.58 -12.34
O7 NAG FA . -10.97 -38.99 -13.40
C1 NAG GA . -40.21 -11.44 -25.15
C2 NAG GA . -38.80 -11.87 -25.50
C3 NAG GA . -38.50 -11.52 -26.95
C4 NAG GA . -39.56 -12.09 -27.88
C5 NAG GA . -40.97 -11.74 -27.38
C6 NAG GA . -42.06 -12.46 -28.14
C7 NAG GA . -36.71 -11.85 -24.24
C8 NAG GA . -35.82 -11.08 -23.32
N2 NAG GA . -37.84 -11.24 -24.61
O3 NAG GA . -37.22 -12.04 -27.30
O4 NAG GA . -39.40 -11.54 -29.18
O5 NAG GA . -41.12 -12.08 -26.01
O6 NAG GA . -41.99 -13.85 -27.90
O7 NAG GA . -36.41 -12.97 -24.64
C1 NAG GA . -38.93 -12.52 -30.09
C2 NAG GA . -39.44 -12.16 -31.47
C3 NAG GA . -38.93 -13.16 -32.50
C4 NAG GA . -37.41 -13.21 -32.46
C5 NAG GA . -36.92 -13.49 -31.04
C6 NAG GA . -35.43 -13.36 -30.92
C7 NAG GA . -41.56 -10.95 -31.55
C8 NAG GA . -43.06 -11.05 -31.57
N2 NAG GA . -40.90 -12.09 -31.50
O3 NAG GA . -39.37 -12.77 -33.79
O4 NAG GA . -36.91 -14.24 -33.31
O5 NAG GA . -37.50 -12.56 -30.11
O6 NAG GA . -34.96 -12.26 -31.69
O7 NAG GA . -40.99 -9.86 -31.59
C1 BMA GA . -36.33 -13.87 -34.61
C2 BMA GA . -36.16 -12.33 -34.92
C3 BMA GA . -35.70 -12.23 -36.35
C4 BMA GA . -34.34 -12.96 -36.53
C5 BMA GA . -34.45 -14.44 -36.09
C6 BMA GA . -33.10 -15.15 -36.07
O2 BMA GA . -35.11 -11.75 -34.17
O3 BMA GA . -35.59 -10.88 -36.77
O4 BMA GA . -33.93 -12.90 -37.89
O5 BMA GA . -35.03 -14.51 -34.75
O6 BMA GA . -32.38 -14.81 -37.24
C1 NAG HA . -36.32 -16.92 -24.12
C2 NAG HA . -35.73 -16.58 -25.47
C3 NAG HA . -36.84 -16.44 -26.52
C4 NAG HA . -37.73 -17.69 -26.53
C5 NAG HA . -38.22 -18.00 -25.12
C6 NAG HA . -38.97 -19.30 -25.04
C7 NAG HA . -33.87 -15.14 -26.16
C8 NAG HA . -33.18 -13.83 -25.97
N2 NAG HA . -34.95 -15.36 -25.40
O3 NAG HA . -36.25 -16.26 -27.80
O4 NAG HA . -38.89 -17.45 -27.32
O5 NAG HA . -37.11 -18.10 -24.22
O6 NAG HA . -38.29 -20.23 -24.21
O7 NAG HA . -33.48 -15.97 -26.98
C1 NAG HA . -38.88 -18.06 -28.63
C2 NAG HA . -40.24 -17.74 -29.27
C3 NAG HA . -40.27 -18.17 -30.73
C4 NAG HA . -39.12 -17.52 -31.48
C5 NAG HA . -37.82 -17.99 -30.83
C6 NAG HA . -36.59 -17.37 -31.47
C7 NAG HA . -42.49 -17.75 -28.30
C8 NAG HA . -43.51 -18.54 -27.53
N2 NAG HA . -41.32 -18.36 -28.53
O3 NAG HA . -41.51 -17.77 -31.30
O4 NAG HA . -39.16 -17.72 -32.89
O5 NAG HA . -37.82 -17.57 -29.46
O6 NAG HA . -35.84 -16.65 -30.51
O7 NAG HA . -42.71 -16.61 -28.69
C1 BMA HA . -39.30 -19.06 -33.41
C2 BMA HA . -40.58 -19.11 -34.29
C3 BMA HA . -40.69 -20.46 -34.97
C4 BMA HA . -39.42 -20.77 -35.77
C5 BMA HA . -38.21 -20.73 -34.82
C6 BMA HA . -36.91 -20.96 -35.53
O2 BMA HA . -40.51 -18.15 -35.33
O3 BMA HA . -41.82 -20.52 -35.81
O4 BMA HA . -39.53 -22.07 -36.33
O5 BMA HA . -38.16 -19.43 -34.16
O6 BMA HA . -36.95 -20.27 -36.76
C1 MAN HA . -42.78 -21.39 -35.17
C2 MAN HA . -43.23 -22.41 -36.24
C3 MAN HA . -44.10 -21.73 -37.31
C4 MAN HA . -45.21 -20.84 -36.68
C5 MAN HA . -44.58 -19.87 -35.67
C6 MAN HA . -45.60 -19.03 -34.94
O2 MAN HA . -44.06 -23.43 -35.67
O3 MAN HA . -44.67 -22.68 -38.20
O4 MAN HA . -45.87 -20.11 -37.70
O5 MAN HA . -43.86 -20.62 -34.67
O6 MAN HA . -46.42 -19.91 -34.18
C1 MAN HA . -36.03 -20.94 -37.67
C2 MAN HA . -35.50 -19.86 -38.65
C3 MAN HA . -36.64 -19.39 -39.57
C4 MAN HA . -37.36 -20.58 -40.24
C5 MAN HA . -37.82 -21.58 -39.15
C6 MAN HA . -38.44 -22.84 -39.70
O2 MAN HA . -34.50 -20.40 -39.51
O3 MAN HA . -36.15 -18.50 -40.56
O4 MAN HA . -38.49 -20.11 -40.95
O5 MAN HA . -36.69 -21.98 -38.34
O6 MAN HA . -38.62 -23.74 -38.61
C1 NAG IA . -46.70 -17.51 -22.51
C2 NAG IA . -45.85 -18.42 -23.39
C3 NAG IA . -46.59 -18.75 -24.69
C4 NAG IA . -47.98 -19.30 -24.40
C5 NAG IA . -48.73 -18.40 -23.42
C6 NAG IA . -50.02 -19.01 -22.93
C7 NAG IA . -43.43 -18.52 -23.85
C8 NAG IA . -42.19 -17.73 -24.13
N2 NAG IA . -44.55 -17.82 -23.68
O3 NAG IA . -45.80 -19.69 -25.42
O4 NAG IA . -48.78 -19.37 -25.58
O5 NAG IA . -47.94 -18.13 -22.26
O6 NAG IA . -49.88 -19.49 -21.59
O7 NAG IA . -43.43 -19.75 -23.79
C1 NAG IA . -48.71 -20.61 -26.36
C2 NAG IA . -49.89 -21.55 -26.10
C3 NAG IA . -49.81 -22.77 -27.04
C4 NAG IA . -49.67 -22.33 -28.49
C5 NAG IA . -48.49 -21.36 -28.65
C6 NAG IA . -48.39 -20.79 -30.04
C7 NAG IA . -51.04 -22.27 -24.05
C8 NAG IA . -50.88 -22.71 -22.63
N2 NAG IA . -49.92 -21.99 -24.71
O3 NAG IA . -50.98 -23.55 -26.90
O4 NAG IA . -49.42 -23.48 -29.29
O5 NAG IA . -48.66 -20.24 -27.76
O6 NAG IA . -47.37 -21.43 -30.79
O7 NAG IA . -52.14 -22.19 -24.60
C1 NAG JA . -35.34 -30.45 -15.17
C2 NAG JA . -34.27 -31.52 -14.99
C3 NAG JA . -34.04 -32.25 -16.30
C4 NAG JA . -35.35 -32.81 -16.85
C5 NAG JA . -36.39 -31.70 -16.94
C6 NAG JA . -37.76 -32.21 -17.31
C7 NAG JA . -32.58 -31.16 -13.27
C8 NAG JA . -31.29 -30.51 -12.92
N2 NAG JA . -33.04 -30.94 -14.50
O3 NAG JA . -33.11 -33.30 -16.06
O4 NAG JA . -35.15 -33.31 -18.17
O5 NAG JA . -36.53 -31.05 -15.65
O6 NAG JA . -38.78 -31.46 -16.65
O7 NAG JA . -33.19 -31.85 -12.47
C1 NAG JA . -35.06 -34.75 -18.19
C2 NAG JA . -35.35 -35.23 -19.60
C3 NAG JA . -35.17 -36.75 -19.69
C4 NAG JA . -33.80 -37.17 -19.17
C5 NAG JA . -33.54 -36.56 -17.79
C6 NAG JA . -32.12 -36.77 -17.32
C7 NAG JA . -37.86 -35.15 -19.63
C8 NAG JA . -39.03 -34.56 -20.36
N2 NAG JA . -36.64 -34.81 -20.10
O3 NAG JA . -35.34 -37.10 -21.07
O4 NAG JA . -33.73 -38.58 -18.96
O5 NAG JA . -33.76 -35.15 -17.80
O6 NAG JA . -31.22 -35.93 -18.04
O7 NAG JA . -38.01 -35.87 -18.64
C1 BMA JA . -33.32 -39.36 -20.11
C2 BMA JA . -32.32 -40.46 -19.71
C3 BMA JA . -32.20 -41.53 -20.80
C4 BMA JA . -33.59 -41.95 -21.40
C5 BMA JA . -34.36 -40.70 -21.78
C6 BMA JA . -35.75 -41.05 -22.23
O2 BMA JA . -32.77 -41.13 -18.57
O3 BMA JA . -31.53 -42.66 -20.23
O4 BMA JA . -33.47 -42.72 -22.56
O5 BMA JA . -34.50 -39.92 -20.62
O6 BMA JA . -36.32 -41.87 -21.22
C1 MAN JA . -30.65 -43.33 -21.17
C2 MAN JA . -30.13 -44.59 -20.45
C3 MAN JA . -29.15 -44.16 -19.36
C4 MAN JA . -28.00 -43.38 -19.97
C5 MAN JA . -28.56 -42.13 -20.62
C6 MAN JA . -27.51 -41.37 -21.37
O2 MAN JA . -29.38 -45.39 -21.35
O3 MAN JA . -28.63 -45.27 -18.64
O4 MAN JA . -27.11 -43.01 -18.94
O5 MAN JA . -29.58 -42.48 -21.59
O6 MAN JA . -26.29 -41.49 -20.65
C1 MAN JA . -29.93 -46.73 -21.32
C2 MAN JA . -28.80 -47.68 -21.74
C3 MAN JA . -28.49 -47.48 -23.22
C4 MAN JA . -29.76 -47.71 -24.04
C5 MAN JA . -30.80 -46.68 -23.62
C6 MAN JA . -32.09 -46.86 -24.35
O2 MAN JA . -29.27 -49.00 -21.68
O3 MAN JA . -27.45 -48.33 -23.66
O4 MAN JA . -29.48 -47.52 -25.42
O5 MAN JA . -31.05 -46.85 -22.20
O6 MAN JA . -31.79 -47.27 -25.68
C1 MAN JA . -28.57 -49.71 -20.66
C2 MAN JA . -28.52 -51.15 -21.13
C3 MAN JA . -29.96 -51.62 -21.31
C4 MAN JA . -30.74 -51.50 -19.97
C5 MAN JA . -30.64 -50.05 -19.43
C6 MAN JA . -31.15 -49.94 -18.01
O2 MAN JA . -27.97 -52.00 -20.12
O3 MAN JA . -30.04 -52.93 -21.83
O4 MAN JA . -32.10 -51.83 -20.18
O5 MAN JA . -29.24 -49.61 -19.43
O6 MAN JA . -31.22 -48.55 -17.70
C1 MAN JA . -37.66 -42.23 -21.58
C2 MAN JA . -38.35 -42.69 -20.28
C3 MAN JA . -37.76 -44.03 -19.85
C4 MAN JA . -37.85 -45.06 -20.98
C5 MAN JA . -37.06 -44.52 -22.16
C6 MAN JA . -37.07 -45.45 -23.35
O2 MAN JA . -39.73 -42.95 -20.50
O3 MAN JA . -38.36 -44.52 -18.71
O4 MAN JA . -37.29 -46.28 -20.56
O5 MAN JA . -37.65 -43.25 -22.56
O6 MAN JA . -38.26 -45.24 -24.08
C1 MAN JA . -37.33 -44.54 -17.71
C2 MAN JA . -37.39 -45.92 -17.04
C3 MAN JA . -38.71 -46.08 -16.31
C4 MAN JA . -38.99 -44.90 -15.37
C5 MAN JA . -38.86 -43.56 -16.13
C6 MAN JA . -38.92 -42.36 -15.22
O2 MAN JA . -36.39 -46.04 -16.03
O3 MAN JA . -38.74 -47.29 -15.57
O4 MAN JA . -40.32 -44.99 -14.87
O5 MAN JA . -37.56 -43.52 -16.77
O6 MAN JA . -39.79 -42.65 -14.13
C1 MAN JA . -38.87 -46.52 -24.32
C2 MAN JA . -39.40 -46.56 -25.77
C3 MAN JA . -40.61 -45.61 -25.92
C4 MAN JA . -41.65 -45.84 -24.82
C5 MAN JA . -40.97 -45.75 -23.44
C6 MAN JA . -41.88 -46.06 -22.29
O2 MAN JA . -39.87 -47.86 -26.12
O3 MAN JA . -41.21 -45.72 -27.20
O4 MAN JA . -42.66 -44.86 -24.94
O5 MAN JA . -39.91 -46.72 -23.39
O6 MAN JA . -41.07 -46.07 -21.12
C1 NAG KA . -33.94 -23.51 1.44
C2 NAG KA . -32.91 -24.37 2.17
C3 NAG KA . -33.58 -25.64 2.74
C4 NAG KA . -34.78 -25.27 3.59
C5 NAG KA . -35.73 -24.38 2.79
C6 NAG KA . -36.89 -23.88 3.60
C7 NAG KA . -31.71 -25.39 0.21
C8 NAG KA . -30.36 -25.56 -0.40
N2 NAG KA . -31.74 -24.69 1.36
O3 NAG KA . -32.62 -26.36 3.51
O4 NAG KA . -35.47 -26.45 3.98
O5 NAG KA . -35.03 -23.22 2.32
O6 NAG KA . -37.79 -24.94 3.94
O7 NAG KA . -32.72 -25.87 -0.31
C1 NAG KA . -35.35 -26.70 5.40
C2 NAG KA . -35.51 -28.20 5.64
C3 NAG KA . -35.35 -28.52 7.12
C4 NAG KA . -34.03 -27.97 7.65
C5 NAG KA . -33.92 -26.48 7.34
C6 NAG KA . -32.56 -25.91 7.69
C7 NAG KA . -36.93 -29.66 4.28
C8 NAG KA . -38.34 -30.02 3.90
N2 NAG KA . -36.80 -28.66 5.16
O3 NAG KA . -35.40 -29.93 7.31
O4 NAG KA . -33.94 -28.17 9.06
O5 NAG KA . -34.08 -26.26 5.93
O6 NAG KA . -31.81 -25.63 6.52
O7 NAG KA . -35.96 -30.25 3.83
C1 NAG LA . -43.31 9.32 -3.71
C2 NAG LA . -42.97 10.78 -3.96
C3 NAG LA . -42.03 11.29 -2.87
C4 NAG LA . -42.56 10.98 -1.48
C5 NAG LA . -42.96 9.51 -1.39
C6 NAG LA . -43.67 9.19 -0.10
C7 NAG LA . -42.44 12.06 -5.97
C8 NAG LA . -41.72 12.08 -7.29
N2 NAG LA . -42.34 10.94 -5.26
O3 NAG LA . -41.88 12.70 -3.00
O4 NAG LA . -41.51 11.16 -0.55
O5 NAG LA . -43.87 9.18 -2.44
O6 NAG LA . -44.94 9.82 -0.05
O7 NAG LA . -43.09 13.03 -5.58
C1 NAG LA . -41.60 12.32 0.30
C2 NAG LA . -40.31 12.34 1.12
C3 NAG LA . -40.23 13.60 1.98
C4 NAG LA . -40.42 14.84 1.12
C5 NAG LA . -41.74 14.73 0.37
C6 NAG LA . -41.99 15.89 -0.56
C7 NAG LA . -39.59 10.04 1.53
C8 NAG LA . -39.56 8.90 2.51
N2 NAG LA . -40.20 11.15 1.95
O3 NAG LA . -38.95 13.62 2.61
O4 NAG LA . -40.31 16.08 1.81
O5 NAG LA . -41.73 13.55 -0.44
O6 NAG LA . -42.78 16.89 0.08
O7 NAG LA . -39.10 9.94 0.41
C1 BMA LA . -40.85 16.19 3.15
C2 BMA LA . -40.12 17.38 3.84
C3 BMA LA . -41.12 18.29 4.60
C4 BMA LA . -42.26 17.50 5.32
C5 BMA LA . -42.80 16.31 4.47
C6 BMA LA . -44.30 16.31 4.35
O2 BMA LA . -39.49 18.20 2.89
O3 BMA LA . -41.66 19.32 3.74
O4 BMA LA . -41.80 17.02 6.57
O5 BMA LA . -42.24 16.40 3.16
O6 BMA LA . -44.66 17.20 3.31
C1 MAN LA . -42.36 20.31 4.52
C2 MAN LA . -43.71 20.62 3.79
C3 MAN LA . -43.49 21.58 2.62
C4 MAN LA . -42.71 22.81 3.06
C5 MAN LA . -41.35 22.36 3.59
C6 MAN LA . -40.50 23.51 4.02
O2 MAN LA . -44.60 21.31 4.67
O3 MAN LA . -44.72 21.97 2.02
O4 MAN LA . -42.52 23.69 1.97
O5 MAN LA . -41.57 21.49 4.73
O6 MAN LA . -41.27 24.35 4.86
C1 NAG MA . 46.29 -30.80 -16.85
C2 NAG MA . 47.72 -31.09 -16.40
C3 NAG MA . 48.08 -32.53 -16.73
C4 NAG MA . 47.05 -33.51 -16.18
C5 NAG MA . 45.67 -33.10 -16.67
C6 NAG MA . 44.57 -33.95 -16.10
C7 NAG MA . 48.93 -28.97 -16.51
C8 NAG MA . 49.91 -28.14 -17.28
N2 NAG MA . 48.65 -30.17 -17.02
O3 NAG MA . 49.37 -32.83 -16.19
O4 NAG MA . 47.32 -34.82 -16.66
O5 NAG MA . 45.40 -31.75 -16.28
O6 NAG MA . 44.48 -35.20 -16.79
O7 NAG MA . 48.41 -28.56 -15.48
C1 NAG MA . 47.80 -35.74 -15.67
C2 NAG MA . 48.15 -37.00 -16.45
C3 NAG MA . 48.77 -38.05 -15.54
C4 NAG MA . 50.00 -37.47 -14.87
C5 NAG MA . 49.57 -36.26 -14.04
C6 NAG MA . 50.73 -35.55 -13.38
C7 NAG MA . 46.79 -37.48 -18.44
C8 NAG MA . 45.51 -38.08 -18.95
N2 NAG MA . 46.97 -37.54 -17.11
O3 NAG MA . 49.13 -39.19 -16.31
O4 NAG MA . 50.78 -38.44 -14.16
O5 NAG MA . 48.97 -35.29 -14.93
O6 NAG MA . 51.22 -34.49 -14.19
O7 NAG MA . 47.61 -36.97 -19.17
C1 BMA MA . 50.29 -39.21 -13.05
C2 BMA MA . 50.18 -40.69 -13.48
C3 BMA MA . 50.08 -41.61 -12.29
C4 BMA MA . 51.21 -41.36 -11.30
C5 BMA MA . 51.06 -39.94 -10.80
C6 BMA MA . 52.12 -39.59 -9.77
O2 BMA MA . 51.35 -41.07 -14.18
O3 BMA MA . 50.09 -42.96 -12.70
O4 BMA MA . 51.10 -42.25 -10.22
O5 BMA MA . 51.15 -39.02 -11.93
O6 BMA MA . 53.31 -40.29 -10.09
C1 MAN MA . 48.76 -43.49 -12.51
C2 MAN MA . 48.87 -45.04 -12.44
C3 MAN MA . 49.14 -45.62 -13.82
C4 MAN MA . 48.12 -45.10 -14.85
C5 MAN MA . 48.17 -43.58 -14.89
C6 MAN MA . 47.15 -42.96 -15.84
O2 MAN MA . 47.64 -45.62 -12.03
O3 MAN MA . 49.13 -47.03 -13.80
O4 MAN MA . 48.43 -45.61 -16.14
O5 MAN MA . 47.88 -43.07 -13.57
O6 MAN MA . 45.89 -42.93 -15.18
C1 NAG NA . 33.60 -17.54 -22.31
C2 NAG NA . 35.04 -17.04 -22.25
C3 NAG NA . 35.25 -15.89 -23.23
C4 NAG NA . 34.74 -16.24 -24.63
C5 NAG NA . 33.32 -16.78 -24.54
C6 NAG NA . 32.79 -17.29 -25.86
C7 NAG NA . 35.75 -17.45 -19.94
C8 NAG NA . 36.05 -16.83 -18.61
N2 NAG NA . 35.37 -16.61 -20.90
O3 NAG NA . 36.63 -15.57 -23.29
O4 NAG NA . 34.75 -15.07 -25.42
O5 NAG NA . 33.29 -17.89 -23.63
O6 NAG NA . 32.49 -16.22 -26.75
O7 NAG NA . 35.85 -18.65 -20.14
C1 NAG NA . 35.72 -15.17 -26.50
C2 NAG NA . 35.90 -13.77 -27.05
C3 NAG NA . 36.89 -13.80 -28.21
C4 NAG NA . 38.21 -14.37 -27.73
C5 NAG NA . 37.98 -15.76 -27.12
C6 NAG NA . 39.24 -16.34 -26.49
C7 NAG NA . 33.99 -12.27 -26.77
C8 NAG NA . 32.69 -11.78 -27.34
N2 NAG NA . 34.63 -13.20 -27.48
O3 NAG NA . 37.05 -12.48 -28.71
O4 NAG NA . 39.15 -14.45 -28.80
O5 NAG NA . 37.00 -15.69 -26.08
O6 NAG NA . 39.44 -15.79 -25.20
O7 NAG NA . 34.43 -11.83 -25.71
C1 BMA NA . 40.17 -13.43 -28.61
C2 BMA NA . 41.40 -13.78 -29.47
C3 BMA NA . 42.43 -12.64 -29.34
C4 BMA NA . 41.81 -11.25 -29.59
C5 BMA NA . 40.57 -11.06 -28.71
C6 BMA NA . 39.85 -9.76 -28.98
O2 BMA NA . 41.06 -13.83 -30.83
O3 BMA NA . 43.52 -12.83 -30.21
O4 BMA NA . 42.76 -10.25 -29.30
O5 BMA NA . 39.66 -12.15 -28.96
O6 BMA NA . 39.52 -9.71 -30.36
C1 MAN NA . 44.61 -13.36 -29.44
C2 MAN NA . 45.91 -12.68 -29.93
C3 MAN NA . 46.28 -13.16 -31.33
C4 MAN NA . 46.22 -14.71 -31.46
C5 MAN NA . 44.86 -15.21 -30.97
C6 MAN NA . 44.77 -16.71 -30.98
O2 MAN NA . 47.03 -13.00 -29.10
O3 MAN NA . 47.56 -12.69 -31.74
O4 MAN NA . 46.39 -15.09 -32.80
O5 MAN NA . 44.67 -14.77 -29.61
O6 MAN NA . 45.31 -17.18 -32.20
C1 NAG OA . 21.41 -15.74 -30.43
C2 NAG OA . 21.60 -17.27 -30.52
C3 NAG OA . 21.87 -17.71 -31.97
C4 NAG OA . 20.86 -17.10 -32.93
C5 NAG OA . 20.73 -15.60 -32.71
C6 NAG OA . 19.63 -14.96 -33.52
C7 NAG OA . 23.96 -17.44 -29.65
C8 NAG OA . 24.80 -18.08 -28.60
N2 NAG OA . 22.65 -17.76 -29.63
O3 NAG OA . 21.81 -19.12 -32.05
O4 NAG OA . 21.36 -17.30 -34.25
O5 NAG OA . 20.42 -15.32 -31.33
O6 NAG OA . 18.43 -15.73 -33.43
O7 NAG OA . 24.45 -16.65 -30.46
C1 NAG OA . 20.57 -18.17 -35.05
C2 NAG OA . 21.06 -17.95 -36.48
C3 NAG OA . 20.38 -18.92 -37.44
C4 NAG OA . 20.55 -20.36 -36.96
C5 NAG OA . 20.01 -20.48 -35.55
C6 NAG OA . 20.19 -21.85 -34.95
C7 NAG OA . 21.78 -15.62 -36.72
C8 NAG OA . 21.41 -14.26 -37.22
N2 NAG OA . 20.87 -16.58 -36.91
O3 NAG OA . 20.93 -18.75 -38.74
O4 NAG OA . 19.91 -21.27 -37.85
O5 NAG OA . 20.69 -19.56 -34.69
O6 NAG OA . 21.35 -21.90 -34.14
O7 NAG OA . 22.85 -15.84 -36.15
C1 BMA OA . 20.91 -22.07 -38.54
C2 BMA OA . 20.20 -23.06 -39.52
C3 BMA OA . 21.26 -23.87 -40.28
C4 BMA OA . 22.32 -22.96 -40.93
C5 BMA OA . 22.93 -22.00 -39.88
C6 BMA OA . 23.88 -21.00 -40.48
O2 BMA OA . 19.46 -22.36 -40.51
O3 BMA OA . 20.66 -24.71 -41.26
O4 BMA OA . 23.35 -23.75 -41.48
O5 BMA OA . 21.85 -21.26 -39.26
O6 BMA OA . 23.21 -20.36 -41.56
C1 NAG PA . 10.56 -27.90 -13.45
C2 NAG PA . 10.14 -28.96 -12.43
C3 NAG PA . 11.38 -29.55 -11.75
C4 NAG PA . 12.38 -30.06 -12.78
C5 NAG PA . 12.70 -28.96 -13.80
C6 NAG PA . 13.54 -29.45 -14.96
C7 NAG PA . 7.91 -28.33 -11.60
C8 NAG PA . 7.14 -27.74 -10.47
N2 NAG PA . 9.24 -28.40 -11.43
O3 NAG PA . 10.98 -30.62 -10.89
O4 NAG PA . 13.58 -30.41 -12.09
O5 NAG PA . 11.48 -28.47 -14.38
O6 NAG PA . 12.73 -29.75 -16.08
O7 NAG PA . 7.37 -28.74 -12.61
C1 NAG PA . 13.91 -31.81 -12.24
C2 NAG PA . 14.57 -32.29 -10.96
C3 NAG PA . 14.96 -33.76 -11.07
C4 NAG PA . 13.75 -34.60 -11.47
C5 NAG PA . 13.09 -34.04 -12.73
C6 NAG PA . 11.82 -34.74 -13.10
C7 NAG PA . 15.73 -30.52 -9.72
C8 NAG PA . 17.02 -29.78 -9.53
N2 NAG PA . 15.74 -31.48 -10.64
O3 NAG PA . 15.47 -34.20 -9.83
O4 NAG PA . 14.14 -35.94 -11.71
O5 NAG PA . 12.75 -32.65 -12.54
O6 NAG PA . 11.27 -34.23 -14.30
O7 NAG PA . 14.72 -30.25 -9.07
C1 NAG QA . 15.50 -29.36 32.19
C2 NAG QA . 14.73 -30.68 32.28
C3 NAG QA . 13.57 -30.55 33.27
C4 NAG QA . 13.99 -29.93 34.60
C5 NAG QA . 14.76 -28.65 34.34
C6 NAG QA . 15.32 -28.02 35.60
C7 NAG QA . 13.97 -32.33 30.64
C8 NAG QA . 13.43 -32.54 29.25
N2 NAG QA . 14.23 -31.07 30.98
O3 NAG QA . 12.99 -31.83 33.51
O4 NAG QA . 12.83 -29.60 35.34
O5 NAG QA . 15.88 -28.93 33.49
O6 NAG QA . 16.19 -26.95 35.27
O7 NAG QA . 14.14 -33.26 31.41
C1 NAG QA . 12.60 -30.46 36.48
C2 NAG QA . 11.19 -31.00 36.30
C3 NAG QA . 10.82 -31.87 37.50
C4 NAG QA . 11.85 -32.97 37.73
C5 NAG QA . 13.28 -32.40 37.73
C6 NAG QA . 14.34 -33.47 37.72
C7 NAG QA . 9.43 -29.86 35.05
C8 NAG QA . 8.50 -28.69 35.01
N2 NAG QA . 10.22 -29.94 36.13
O3 NAG QA . 9.54 -32.44 37.25
O4 NAG QA . 11.65 -33.55 39.02
O5 NAG QA . 13.52 -31.57 36.59
O6 NAG QA . 15.11 -33.41 36.53
O7 NAG QA . 9.48 -30.69 34.14
C1 BMA QA . 10.95 -34.80 38.96
C2 BMA QA . 11.66 -35.80 39.89
C3 BMA QA . 10.79 -37.04 40.12
C4 BMA QA . 9.38 -36.63 40.57
C5 BMA QA . 8.76 -35.77 39.48
C6 BMA QA . 7.35 -35.32 39.80
O2 BMA QA . 11.88 -35.24 41.16
O3 BMA QA . 11.37 -37.94 41.05
O4 BMA QA . 8.59 -37.78 40.80
O5 BMA QA . 9.58 -34.59 39.33
O6 BMA QA . 7.41 -34.02 40.38
C1 NAG RA . 30.51 -12.37 12.16
C2 NAG RA . 30.14 -12.29 10.69
C3 NAG RA . 31.29 -11.68 9.89
C4 NAG RA . 31.71 -10.34 10.46
C5 NAG RA . 32.00 -10.48 11.95
C6 NAG RA . 32.27 -9.16 12.64
C7 NAG RA . 28.86 -13.78 9.25
C8 NAG RA . 28.64 -15.19 8.82
N2 NAG RA . 29.81 -13.60 10.17
O3 NAG RA . 30.89 -11.53 8.53
O4 NAG RA . 32.88 -9.87 9.80
O5 NAG RA . 30.87 -11.07 12.63
O6 NAG RA . 31.48 -8.13 12.07
O7 NAG RA . 28.22 -12.85 8.79
C1 NAG RA . 32.58 -8.70 9.01
C2 NAG RA . 33.90 -7.97 8.76
C3 NAG RA . 33.66 -6.72 7.94
C4 NAG RA . 32.90 -7.04 6.65
C5 NAG RA . 31.65 -7.86 6.96
C6 NAG RA . 30.96 -8.37 5.72
C7 NAG RA . 35.88 -7.73 10.18
C8 NAG RA . 36.39 -7.36 11.53
N2 NAG RA . 34.55 -7.65 10.02
O3 NAG RA . 34.91 -6.12 7.63
O4 NAG RA . 32.50 -5.83 6.03
O5 NAG RA . 31.97 -9.01 7.75
O6 NAG RA . 31.48 -9.63 5.34
O7 NAG RA . 36.62 -8.11 9.27
C1 BMA RA . 33.23 -5.54 4.82
C2 BMA RA . 32.48 -4.42 4.09
C3 BMA RA . 33.25 -3.98 2.84
C4 BMA RA . 34.72 -3.66 3.15
C5 BMA RA . 35.39 -4.77 4.00
C6 BMA RA . 36.72 -4.31 4.58
O2 BMA RA . 32.39 -3.27 4.90
O3 BMA RA . 32.64 -2.84 2.27
O4 BMA RA . 35.44 -3.50 1.95
O5 BMA RA . 34.55 -5.13 5.12
O6 BMA RA . 36.65 -2.91 4.88
C1 MAN RA . 32.08 -3.17 0.98
C2 MAN RA . 31.88 -1.86 0.19
C3 MAN RA . 30.88 -1.02 0.97
C4 MAN RA . 29.53 -1.75 0.99
C5 MAN RA . 29.71 -3.10 1.73
C6 MAN RA . 28.49 -3.97 1.64
O2 MAN RA . 31.25 -2.17 -1.05
O3 MAN RA . 30.72 0.32 0.51
O4 MAN RA . 28.57 -0.96 1.68
O5 MAN RA . 30.83 -3.84 1.15
O6 MAN RA . 27.36 -3.15 1.38
C1 MAN RA . 31.64 -1.30 -2.13
C2 MAN RA . 30.58 -1.49 -3.23
C3 MAN RA . 30.77 -2.85 -3.91
C4 MAN RA . 32.20 -2.99 -4.44
C5 MAN RA . 33.16 -2.87 -3.26
C6 MAN RA . 34.61 -2.94 -3.69
O2 MAN RA . 30.72 -0.52 -4.26
O3 MAN RA . 29.84 -3.05 -4.96
O4 MAN RA . 32.38 -4.24 -5.07
O5 MAN RA . 32.96 -1.59 -2.60
O6 MAN RA . 34.78 -2.02 -4.75
C1 MAN RA . 36.41 -2.69 6.29
C2 MAN RA . 35.92 -1.22 6.46
C3 MAN RA . 37.09 -0.25 6.31
C4 MAN RA . 38.22 -0.63 7.27
C5 MAN RA . 38.69 -2.06 6.93
C6 MAN RA . 39.77 -2.56 7.84
O2 MAN RA . 35.42 -0.99 7.77
O3 MAN RA . 36.69 1.10 6.55
O4 MAN RA . 39.30 0.27 7.12
O5 MAN RA . 37.57 -2.96 7.08
O6 MAN RA . 39.14 -3.30 8.87
C1 NAG SA . 41.91 -17.36 10.28
C2 NAG SA . 42.93 -18.01 11.23
C3 NAG SA . 43.41 -16.99 12.24
C4 NAG SA . 44.03 -15.80 11.51
C5 NAG SA . 42.97 -15.20 10.59
C6 NAG SA . 43.48 -14.06 9.75
C7 NAG SA . 42.80 -20.40 11.68
C8 NAG SA . 42.11 -21.49 12.44
N2 NAG SA . 42.36 -19.16 11.90
O3 NAG SA . 44.37 -17.59 13.10
O4 NAG SA . 44.49 -14.83 12.44
O5 NAG SA . 42.50 -16.20 9.66
O6 NAG SA . 42.96 -12.82 10.23
O7 NAG SA . 43.71 -20.64 10.89
C1 NAG SA . 45.94 -14.78 12.46
C2 NAG SA . 46.36 -14.03 13.72
C3 NAG SA . 47.89 -14.03 13.87
C4 NAG SA . 48.44 -15.44 13.80
C5 NAG SA . 47.98 -16.11 12.52
C6 NAG SA . 48.41 -17.56 12.41
C7 NAG SA . 44.89 -12.25 14.52
C8 NAG SA . 44.49 -10.81 14.37
N2 NAG SA . 45.86 -12.67 13.70
O3 NAG SA . 48.23 -13.43 15.10
O4 NAG SA . 49.85 -15.41 13.85
O5 NAG SA . 46.55 -16.10 12.46
O6 NAG SA . 48.41 -18.00 11.06
O7 NAG SA . 44.36 -12.98 15.35
C1 NAG TA . 41.92 -9.19 -9.04
C2 NAG TA . 42.91 -8.51 -8.10
C3 NAG TA . 42.89 -7.00 -8.34
C4 NAG TA . 43.14 -6.68 -9.81
C5 NAG TA . 42.16 -7.45 -10.69
C6 NAG TA . 42.45 -7.31 -12.16
C7 NAG TA . 43.37 -9.61 -5.98
C8 NAG TA . 42.93 -9.82 -4.56
N2 NAG TA . 42.61 -8.80 -6.72
O3 NAG TA . 43.88 -6.39 -7.52
O4 NAG TA . 42.96 -5.28 -10.01
O5 NAG TA . 42.23 -8.85 -10.40
O6 NAG TA . 42.19 -5.99 -12.62
O7 NAG TA . 44.37 -10.15 -6.43
C1 NAG TA . 44.23 -4.66 -10.38
C2 NAG TA . 43.91 -3.24 -10.83
C3 NAG TA . 45.20 -2.53 -11.23
C4 NAG TA . 46.21 -2.58 -10.10
C5 NAG TA . 46.42 -4.03 -9.63
C6 NAG TA . 47.28 -4.11 -8.38
C7 NAG TA . 41.67 -2.92 -11.77
C8 NAG TA . 40.82 -2.95 -13.00
N2 NAG TA . 42.96 -3.23 -11.93
O3 NAG TA . 44.90 -1.18 -11.56
O4 NAG TA . 47.45 -2.05 -10.54
O5 NAG TA . 45.16 -4.62 -9.29
O6 NAG TA . 46.48 -4.11 -7.21
O7 NAG TA . 41.22 -2.60 -10.67
C1 NAG UA . 28.48 -39.24 5.05
C2 NAG UA . 28.35 -38.41 3.79
C3 NAG UA . 28.05 -39.29 2.59
C4 NAG UA . 29.08 -40.42 2.48
C5 NAG UA . 29.26 -41.13 3.82
C6 NAG UA . 30.41 -42.10 3.83
C7 NAG UA . 27.41 -36.19 3.38
C8 NAG UA . 26.27 -35.26 3.64
N2 NAG UA . 27.33 -37.39 3.96
O3 NAG UA . 28.07 -38.51 1.41
O4 NAG UA . 28.62 -41.37 1.53
O5 NAG UA . 29.51 -40.19 4.87
O6 NAG UA . 31.65 -41.41 3.67
O7 NAG UA . 28.36 -35.87 2.67
C1 NAG UA . 29.43 -41.33 0.35
C2 NAG UA . 29.43 -42.72 -0.26
C3 NAG UA . 30.25 -42.72 -1.55
C4 NAG UA . 29.69 -41.67 -2.51
C5 NAG UA . 29.63 -40.31 -1.83
C6 NAG UA . 28.91 -39.29 -2.67
C7 NAG UA . 29.16 -44.59 1.29
C8 NAG UA . 29.83 -45.55 2.22
N2 NAG UA . 29.94 -43.72 0.67
O3 NAG UA . 30.17 -44.01 -2.14
O4 NAG UA . 30.51 -41.56 -3.67
O5 NAG UA . 28.91 -40.39 -0.59
O6 NAG UA . 27.79 -39.87 -3.33
O7 NAG UA . 27.93 -44.60 1.12
C1 BMA UA . 30.08 -42.18 -4.93
C2 BMA UA . 28.62 -42.80 -4.95
C3 BMA UA . 28.47 -43.49 -6.29
C4 BMA UA . 28.63 -42.48 -7.44
C5 BMA UA . 29.99 -41.73 -7.35
C6 BMA UA . 30.12 -40.58 -8.33
O2 BMA UA . 27.60 -41.81 -4.96
O3 BMA UA . 27.24 -44.17 -6.39
O4 BMA UA . 28.54 -43.13 -8.70
O5 BMA UA . 30.14 -41.19 -5.99
O6 BMA UA . 29.62 -41.01 -9.59
C1 NAG VA . 31.90 -34.09 2.20
C2 NAG VA . 31.48 -34.73 0.89
C3 NAG VA . 31.88 -36.20 0.86
C4 NAG VA . 33.36 -36.37 1.17
C5 NAG VA . 33.71 -35.64 2.47
C6 NAG VA . 35.19 -35.62 2.75
C7 NAG VA . 29.50 -34.46 -0.53
C8 NAG VA . 28.00 -34.34 -0.56
N2 NAG VA . 30.05 -34.59 0.68
O3 NAG VA . 31.61 -36.73 -0.43
O4 NAG VA . 33.68 -37.74 1.38
O5 NAG VA . 33.29 -34.27 2.39
O6 NAG VA . 35.71 -34.30 2.74
O7 NAG VA . 30.17 -34.46 -1.55
C1 NAG VA . 34.35 -38.40 0.30
C2 NAG VA . 34.65 -39.83 0.77
C3 NAG VA . 35.18 -40.67 -0.38
C4 NAG VA . 34.22 -40.64 -1.55
C5 NAG VA . 34.07 -39.20 -2.02
C6 NAG VA . 33.09 -39.03 -3.14
C7 NAG VA . 35.45 -40.65 2.92
C8 NAG VA . 36.50 -40.54 3.98
N2 NAG VA . 35.58 -39.84 1.88
O3 NAG VA . 35.35 -42.02 0.07
O4 NAG VA . 34.54 -41.55 -2.60
O5 NAG VA . 33.56 -38.42 -0.91
O6 NAG VA . 32.05 -38.15 -2.77
O7 NAG VA . 34.52 -41.45 3.01
C1 BMA VA . 35.87 -41.53 -3.16
C2 BMA VA . 36.49 -42.94 -3.00
C3 BMA VA . 37.83 -42.99 -3.70
C4 BMA VA . 37.71 -42.59 -5.17
C5 BMA VA . 37.11 -41.17 -5.24
C6 BMA VA . 36.87 -40.71 -6.65
O2 BMA VA . 35.68 -43.92 -3.62
O3 BMA VA . 38.41 -44.27 -3.61
O4 BMA VA . 38.98 -42.59 -5.77
O5 BMA VA . 35.84 -41.15 -4.54
O6 BMA VA . 36.37 -41.79 -7.40
C1 MAN VA . 39.51 -44.18 -2.70
C2 MAN VA . 40.74 -44.83 -3.39
C3 MAN VA . 40.54 -46.36 -3.49
C4 MAN VA . 40.11 -46.97 -2.13
C5 MAN VA . 38.88 -46.23 -1.60
C6 MAN VA . 38.44 -46.70 -0.23
O2 MAN VA . 41.94 -44.64 -2.64
O3 MAN VA . 41.71 -47.01 -3.97
O4 MAN VA . 39.80 -48.34 -2.31
O5 MAN VA . 39.20 -44.82 -1.49
O6 MAN VA . 39.50 -46.43 0.68
C1 MAN VA . 36.70 -41.57 -8.79
C2 MAN VA . 35.60 -42.25 -9.64
C3 MAN VA . 35.70 -43.77 -9.50
C4 MAN VA . 37.14 -44.29 -9.75
C5 MAN VA . 38.12 -43.51 -8.86
C6 MAN VA . 39.57 -43.86 -9.12
O2 MAN VA . 35.78 -41.99 -11.03
O3 MAN VA . 34.78 -44.43 -10.36
O4 MAN VA . 37.21 -45.67 -9.46
O5 MAN VA . 37.97 -42.09 -9.09
O6 MAN VA . 40.37 -42.93 -8.39
C1 NAG WA . 36.34 -39.64 9.95
C2 NAG WA . 36.92 -39.34 8.57
C3 NAG WA . 37.63 -40.59 8.03
C4 NAG WA . 38.66 -41.11 9.03
C5 NAG WA . 38.04 -41.28 10.42
C6 NAG WA . 39.05 -41.58 11.49
C7 NAG WA . 36.11 -38.03 6.66
C8 NAG WA . 34.93 -37.68 5.81
N2 NAG WA . 35.89 -38.91 7.65
O3 NAG WA . 38.24 -40.24 6.79
O4 NAG WA . 39.14 -42.40 8.65
O5 NAG WA . 37.37 -40.07 10.82
O6 NAG WA . 39.31 -40.43 12.28
O7 NAG WA . 37.23 -37.56 6.45
C1 NAG WA . 40.31 -42.45 7.79
C2 NAG WA . 41.62 -42.73 8.55
C3 NAG WA . 42.78 -42.89 7.56
C4 NAG WA . 42.46 -43.91 6.48
C5 NAG WA . 41.14 -43.58 5.81
C6 NAG WA . 40.70 -44.64 4.83
C7 NAG WA . 42.54 -41.87 10.65
C8 NAG WA . 42.75 -40.67 11.52
N2 NAG WA . 41.90 -41.66 9.50
O3 NAG WA . 43.95 -43.29 8.26
O4 NAG WA . 43.49 -43.89 5.50
O5 NAG WA . 40.10 -43.48 6.80
O6 NAG WA . 40.95 -44.25 3.49
O7 NAG WA . 42.94 -42.98 10.99
C1 NAG XA . 43.08 -22.77 5.44
C2 NAG XA . 43.63 -21.58 4.68
C3 NAG XA . 44.33 -22.04 3.41
C4 NAG XA . 45.39 -23.08 3.74
C5 NAG XA . 44.80 -24.20 4.57
C6 NAG XA . 45.83 -25.17 5.08
C7 NAG XA . 42.48 -19.43 4.93
C8 NAG XA . 41.35 -18.58 4.48
N2 NAG XA . 42.57 -20.63 4.35
O3 NAG XA . 44.89 -20.90 2.78
O4 NAG XA . 45.90 -23.65 2.54
O5 NAG XA . 44.14 -23.67 5.73
O6 NAG XA . 45.48 -25.66 6.37
O7 NAG XA . 43.27 -19.06 5.78
C1 NAG XA . 47.18 -23.10 2.18
C2 NAG XA . 47.87 -24.06 1.22
C3 NAG XA . 49.20 -23.48 0.73
C4 NAG XA . 49.01 -22.09 0.15
C5 NAG XA . 48.22 -21.21 1.13
C6 NAG XA . 47.81 -19.89 0.52
C7 NAG XA . 48.78 -25.76 2.84
C8 NAG XA . 48.76 -27.23 3.17
N2 NAG XA . 48.04 -25.41 1.77
O3 NAG XA . 49.71 -24.40 -0.24
O4 NAG XA . 50.25 -21.42 -0.04
O5 NAG XA . 47.01 -21.86 1.54
O6 NAG XA . 46.76 -20.07 -0.43
O7 NAG XA . 49.41 -24.95 3.52
C1 BMA XA . 50.91 -21.65 -1.29
C2 BMA XA . 51.48 -20.34 -1.86
C3 BMA XA . 52.52 -20.61 -2.96
C4 BMA XA . 53.50 -21.78 -2.59
C5 BMA XA . 52.70 -22.98 -2.12
C6 BMA XA . 53.60 -24.08 -1.63
O2 BMA XA . 52.17 -19.63 -0.87
O3 BMA XA . 53.24 -19.41 -3.20
O4 BMA XA . 54.27 -22.22 -3.68
O5 BMA XA . 51.92 -22.56 -1.02
O6 BMA XA . 54.47 -23.48 -0.68
C1 MAN XA . 53.59 -19.21 -4.60
C2 MAN XA . 54.48 -17.96 -4.65
C3 MAN XA . 53.61 -16.74 -4.39
C4 MAN XA . 52.50 -16.66 -5.42
C5 MAN XA . 51.62 -17.89 -5.29
C6 MAN XA . 50.59 -17.97 -6.37
O2 MAN XA . 55.01 -17.79 -5.95
O3 MAN XA . 54.36 -15.53 -4.41
O4 MAN XA . 51.71 -15.51 -5.17
O5 MAN XA . 52.43 -19.09 -5.42
O6 MAN XA . 50.16 -16.65 -6.64
C1 MAN XA . 56.45 -17.67 -5.86
C2 MAN XA . 56.91 -16.88 -7.09
C3 MAN XA . 56.74 -17.73 -8.32
C4 MAN XA . 57.52 -19.03 -8.17
C5 MAN XA . 56.95 -19.79 -6.98
C6 MAN XA . 57.68 -21.08 -6.72
O2 MAN XA . 58.29 -16.69 -7.00
O3 MAN XA . 57.15 -17.04 -9.50
O4 MAN XA . 57.37 -19.84 -9.31
O5 MAN XA . 57.06 -18.95 -5.79
O6 MAN XA . 58.07 -21.63 -7.98
C1 MAN XA . 58.58 -15.29 -6.84
C2 MAN XA . 59.92 -15.08 -7.51
C3 MAN XA . 60.93 -15.98 -6.80
C4 MAN XA . 61.00 -15.64 -5.29
C5 MAN XA . 59.60 -15.71 -4.67
C6 MAN XA . 59.55 -15.14 -3.27
O2 MAN XA . 60.39 -13.75 -7.28
O3 MAN XA . 62.21 -15.93 -7.40
O4 MAN XA . 61.85 -16.56 -4.64
O5 MAN XA . 58.64 -14.96 -5.48
O6 MAN XA . 58.29 -15.46 -2.72
C1 MAN XA . 55.36 -24.48 -0.16
C2 MAN XA . 55.94 -23.91 1.15
C3 MAN XA . 56.89 -22.77 0.82
C4 MAN XA . 57.97 -23.22 -0.16
C5 MAN XA . 57.29 -23.68 -1.43
C6 MAN XA . 58.24 -24.16 -2.49
O2 MAN XA . 56.73 -24.87 1.84
O3 MAN XA . 57.47 -22.23 1.96
O4 MAN XA . 58.84 -22.15 -0.46
O5 MAN XA . 56.39 -24.78 -1.09
O6 MAN XA . 58.59 -25.50 -2.22
C1 MAN XA . 57.01 -20.88 2.02
C2 MAN XA . 58.22 -19.98 2.27
C3 MAN XA . 58.82 -20.31 3.63
C4 MAN XA . 57.75 -20.29 4.76
C5 MAN XA . 56.55 -21.16 4.37
C6 MAN XA . 55.39 -21.01 5.33
O2 MAN XA . 57.84 -18.61 2.34
O3 MAN XA . 59.87 -19.42 3.95
O4 MAN XA . 58.33 -20.78 5.95
O5 MAN XA . 56.07 -20.76 3.07
O6 MAN XA . 55.90 -20.76 6.63
C1 MAN XA . 60.02 -25.61 -2.25
C2 MAN XA . 60.39 -26.93 -3.00
C3 MAN XA . 60.01 -28.15 -2.15
C4 MAN XA . 60.53 -28.02 -0.70
C5 MAN XA . 60.06 -26.68 -0.10
C6 MAN XA . 60.59 -26.40 1.27
O2 MAN XA . 61.80 -27.02 -3.21
O3 MAN XA . 60.47 -29.37 -2.71
O4 MAN XA . 60.03 -29.11 0.06
O5 MAN XA . 60.53 -25.61 -0.95
O6 MAN XA . 60.17 -25.08 1.61
C1 NAG YA . 34.66 -13.15 18.19
C2 NAG YA . 34.98 -11.68 17.90
C3 NAG YA . 36.34 -11.30 18.48
C4 NAG YA . 36.40 -11.65 19.97
C5 NAG YA . 36.04 -13.11 20.16
C6 NAG YA . 35.95 -13.52 21.62
C7 NAG YA . 35.63 -11.85 15.48
C8 NAG YA . 35.31 -11.31 14.12
N2 NAG YA . 34.88 -11.35 16.48
O3 NAG YA . 36.56 -9.90 18.30
O4 NAG YA . 37.72 -11.43 20.46
O5 NAG YA . 34.74 -13.38 19.60
O6 NAG YA . 37.24 -13.50 22.22
O7 NAG YA . 36.50 -12.70 15.64
C1 NAG YA . 37.76 -10.31 21.39
C2 NAG YA . 39.18 -9.74 21.37
C3 NAG YA . 39.27 -8.53 22.29
C4 NAG YA . 38.21 -7.50 21.93
C5 NAG YA . 36.83 -8.16 21.93
C6 NAG YA . 35.74 -7.23 21.44
C7 NAG YA . 41.20 -11.07 20.98
C8 NAG YA . 42.11 -12.13 21.53
N2 NAG YA . 40.15 -10.75 21.75
O3 NAG YA . 40.56 -7.95 22.17
O4 NAG YA . 38.23 -6.44 22.88
O5 NAG YA . 36.82 -9.28 21.04
O6 NAG YA . 35.30 -7.60 20.14
O7 NAG YA . 41.40 -10.53 19.90
C1 NAG ZA . 8.72 -34.16 27.02
C2 NAG ZA . 7.27 -34.60 26.92
C3 NAG ZA . 6.33 -33.44 27.23
C4 NAG ZA . 6.70 -32.74 28.53
C5 NAG ZA . 8.20 -32.43 28.56
C6 NAG ZA . 8.65 -31.92 29.90
C7 NAG ZA . 6.07 -36.05 25.36
C8 NAG ZA . 5.90 -36.45 23.93
N2 NAG ZA . 7.00 -35.12 25.59
O3 NAG ZA . 5.00 -33.91 27.32
O4 NAG ZA . 6.04 -31.49 28.58
O5 NAG ZA . 8.95 -33.62 28.30
O6 NAG ZA . 8.57 -32.95 30.88
O7 NAG ZA . 5.40 -36.54 26.26
C1 NAG ZA . 4.94 -31.39 29.49
C2 NAG ZA . 4.33 -30.00 29.28
C3 NAG ZA . 3.07 -29.81 30.11
C4 NAG ZA . 2.09 -30.94 29.84
C5 NAG ZA . 2.77 -32.27 30.13
C6 NAG ZA . 1.90 -33.46 29.84
C7 NAG ZA . 6.13 -28.45 28.65
C8 NAG ZA . 7.07 -27.38 29.12
N2 NAG ZA . 5.31 -28.96 29.57
O3 NAG ZA . 2.50 -28.55 29.75
O4 NAG ZA . 0.85 -30.84 30.54
O5 NAG ZA . 3.94 -32.39 29.28
O6 NAG ZA . 1.23 -33.91 31.02
O7 NAG ZA . 6.13 -28.85 27.49
C1 BMA ZA . 0.84 -30.33 31.90
C2 BMA ZA . -0.61 -29.80 32.18
C3 BMA ZA . -1.12 -30.28 33.56
C4 BMA ZA . -0.01 -30.27 34.68
C5 BMA ZA . 1.36 -30.77 34.15
C6 BMA ZA . 1.97 -31.84 35.02
O2 BMA ZA . -1.52 -30.31 31.24
O3 BMA ZA . -1.77 -31.55 33.47
O4 BMA ZA . 0.13 -28.96 35.19
O5 BMA ZA . 1.19 -31.32 32.83
O6 BMA ZA . 1.39 -33.08 34.67
C1 MAN ZA . -2.47 -31.84 34.71
C2 MAN ZA . -2.17 -33.32 35.11
C3 MAN ZA . -3.01 -34.30 34.29
C4 MAN ZA . -4.49 -33.92 34.36
C5 MAN ZA . -4.66 -32.51 33.78
C6 MAN ZA . -6.09 -32.05 33.78
O2 MAN ZA . -2.52 -33.57 36.46
O3 MAN ZA . -2.84 -35.64 34.71
O4 MAN ZA . -5.27 -34.83 33.60
O5 MAN ZA . -3.88 -31.58 34.58
O6 MAN ZA . -6.62 -32.30 35.08
C1 NAG AB . 11.66 29.89 -48.47
C2 NAG AB . 11.33 31.23 -49.12
C3 NAG AB . 12.54 31.76 -49.90
C4 NAG AB . 13.79 31.79 -49.02
C5 NAG AB . 14.00 30.41 -48.41
C6 NAG AB . 15.16 30.36 -47.45
C7 NAG AB . 8.93 31.22 -49.56
C8 NAG AB . 7.86 31.06 -50.59
N2 NAG AB . 10.18 31.11 -50.00
O3 NAG AB . 12.27 33.06 -50.39
O4 NAG AB . 14.92 32.09 -49.81
O5 NAG AB . 12.83 30.01 -47.67
O6 NAG AB . 16.39 30.27 -48.15
O7 NAG AB . 8.67 31.43 -48.38
C1 NAG AB . 15.48 33.39 -49.57
C2 NAG AB . 16.59 33.54 -50.62
C3 NAG AB . 17.22 34.92 -50.57
C4 NAG AB . 16.14 35.98 -50.74
C5 NAG AB . 15.12 35.83 -49.62
C6 NAG AB . 13.96 36.78 -49.74
C7 NAG AB . 17.73 31.48 -51.31
C8 NAG AB . 18.82 30.51 -50.99
N2 NAG AB . 17.60 32.50 -50.45
O3 NAG AB . 18.18 35.04 -51.60
O4 NAG AB . 16.66 37.30 -50.92
O5 NAG AB . 14.56 34.50 -49.69
O6 NAG AB . 12.88 36.20 -50.44
O7 NAG AB . 17.02 31.35 -52.29
C1 BMA AB . 17.46 37.98 -49.94
C2 BMA AB . 18.89 38.14 -50.49
C3 BMA AB . 19.67 39.19 -49.73
C4 BMA AB . 18.91 40.50 -49.67
C5 BMA AB . 17.63 40.25 -48.92
C6 BMA AB . 16.78 41.51 -48.78
O2 BMA AB . 18.86 38.57 -51.83
O3 BMA AB . 20.94 39.39 -50.31
O4 BMA AB . 19.66 41.48 -48.99
O5 BMA AB . 16.84 39.24 -49.63
O6 BMA AB . 16.99 42.32 -49.93
C1 MAN AB . 21.92 38.83 -49.42
C2 MAN AB . 23.30 39.48 -49.75
C3 MAN AB . 23.84 38.93 -51.06
C4 MAN AB . 23.87 37.40 -51.06
C5 MAN AB . 22.45 36.87 -50.81
C6 MAN AB . 22.38 35.36 -50.73
O2 MAN AB . 24.27 39.15 -48.77
O3 MAN AB . 25.14 39.44 -51.31
O4 MAN AB . 24.33 36.92 -52.31
O5 MAN AB . 21.98 37.40 -49.54
O6 MAN AB . 22.78 34.96 -49.43
C1 NAG BB . 4.98 13.30 -41.67
C2 NAG BB . 3.94 14.11 -42.45
C3 NAG BB . 2.90 13.19 -43.07
C4 NAG BB . 3.55 12.05 -43.85
C5 NAG BB . 4.60 11.36 -42.98
C6 NAG BB . 5.39 10.30 -43.72
C7 NAG BB . 3.83 16.27 -41.28
C8 NAG BB . 3.04 17.13 -40.37
N2 NAG BB . 3.31 15.08 -41.58
O3 NAG BB . 2.07 13.94 -43.95
O4 NAG BB . 2.54 11.11 -44.21
O5 NAG BB . 5.54 12.33 -42.52
O6 NAG BB . 4.61 9.14 -43.96
O7 NAG BB . 4.91 16.62 -41.74
C1 NAG BB . 2.36 11.07 -45.64
C2 NAG BB . 1.05 10.32 -45.89
C3 NAG BB . 0.80 10.21 -47.39
C4 NAG BB . 0.76 11.61 -48.00
C5 NAG BB . 2.07 12.35 -47.68
C6 NAG BB . 2.06 13.79 -48.14
C7 NAG BB . 0.40 8.75 -44.15
C8 NAG BB . 0.51 7.34 -43.63
N2 NAG BB . 1.07 9.01 -45.28
O3 NAG BB . -0.42 9.53 -47.59
O4 NAG BB . 0.57 11.53 -49.40
O5 NAG BB . 2.30 12.37 -46.27
O6 NAG BB . 1.36 14.60 -47.21
O7 NAG BB . -0.27 9.60 -43.57
C1 BMA BB . -0.77 11.98 -49.72
C2 BMA BB . -0.87 12.33 -51.22
C3 BMA BB . -2.32 12.70 -51.56
C4 BMA BB . -3.32 11.64 -51.07
C5 BMA BB . -3.10 11.35 -49.57
C6 BMA BB . -3.98 10.24 -49.06
O2 BMA BB . -0.56 11.22 -52.02
O3 BMA BB . -2.49 12.90 -52.94
O4 BMA BB . -4.64 12.12 -51.26
O5 BMA BB . -1.72 10.97 -49.39
O6 BMA BB . -3.78 9.09 -49.85
C1 MAN BB . -2.50 14.32 -53.18
C2 MAN BB . -3.60 14.61 -54.25
C3 MAN BB . -3.16 14.08 -55.61
C4 MAN BB . -1.71 14.50 -55.98
C5 MAN BB . -0.77 14.11 -54.85
C6 MAN BB . 0.65 14.57 -55.09
O2 MAN BB . -3.80 16.01 -54.41
O3 MAN BB . -4.05 14.49 -56.64
O4 MAN BB . -1.30 13.84 -57.17
O5 MAN BB . -1.22 14.73 -53.63
O6 MAN BB . 0.98 14.26 -56.44
C1 NAG CB . 8.84 -0.77 -39.44
C2 NAG CB . 10.16 -0.18 -39.94
C3 NAG CB . 10.59 -0.81 -41.26
C4 NAG CB . 10.52 -2.34 -41.20
C5 NAG CB . 9.17 -2.79 -40.66
C6 NAG CB . 9.09 -4.28 -40.42
C7 NAG CB . 9.32 2.00 -40.85
C8 NAG CB . 9.49 3.48 -40.74
N2 NAG CB . 10.12 1.27 -40.04
O3 NAG CB . 11.91 -0.41 -41.57
O4 NAG CB . 10.63 -2.82 -42.54
O5 NAG CB . 8.93 -2.17 -39.38
O6 NAG CB . 10.25 -4.75 -39.74
O7 NAG CB . 8.48 1.52 -41.61
C1 NAG CB . 11.80 -3.57 -42.80
C2 NAG CB . 11.55 -4.27 -44.13
C3 NAG CB . 12.79 -5.03 -44.58
C4 NAG CB . 13.99 -4.10 -44.64
C5 NAG CB . 14.19 -3.47 -43.26
C6 NAG CB . 15.31 -2.48 -43.21
C7 NAG CB . 9.15 -4.78 -44.30
C8 NAG CB . 8.09 -5.83 -44.16
N2 NAG CB . 10.41 -5.17 -44.04
O3 NAG CB . 12.54 -5.60 -45.87
O4 NAG CB . 15.15 -4.81 -45.06
O5 NAG CB . 13.00 -2.77 -42.90
O6 NAG CB . 14.83 -1.15 -43.38
O7 NAG CB . 8.89 -3.62 -44.61
C1 BMA CB . 15.57 -4.33 -46.37
C2 BMA CB . 16.83 -5.11 -46.83
C3 BMA CB . 17.24 -4.64 -48.23
C4 BMA CB . 16.05 -4.68 -49.23
C5 BMA CB . 14.84 -3.93 -48.64
C6 BMA CB . 13.61 -4.04 -49.51
O2 BMA CB . 16.57 -6.50 -46.95
O3 BMA CB . 18.33 -5.39 -48.75
O4 BMA CB . 16.42 -4.10 -50.46
O5 BMA CB . 14.52 -4.47 -47.35
O6 BMA CB . 13.37 -5.43 -49.74
C1 NAG DB . 22.65 7.67 -22.36
C2 NAG DB . 23.69 8.44 -21.56
C3 NAG DB . 23.69 9.92 -21.96
C4 NAG DB . 23.86 10.07 -23.48
C5 NAG DB . 22.82 9.20 -24.22
C6 NAG DB . 23.04 9.16 -25.70
C7 NAG DB . 23.91 7.32 -19.39
C8 NAG DB . 23.56 7.36 -17.92
N2 NAG DB . 23.44 8.32 -20.12
O3 NAG DB . 24.74 10.60 -21.30
O4 NAG DB . 23.64 11.43 -23.81
O5 NAG DB . 22.90 7.85 -23.76
O6 NAG DB . 23.74 7.98 -26.08
O7 NAG DB . 24.59 6.42 -19.86
C1 NAG DB . 24.82 12.04 -24.42
C2 NAG DB . 24.87 13.50 -23.99
C3 NAG DB . 26.09 14.18 -24.61
C4 NAG DB . 27.36 13.41 -24.30
C5 NAG DB . 27.21 11.94 -24.69
C6 NAG DB . 28.39 11.11 -24.29
C7 NAG DB . 22.68 14.47 -23.47
C8 NAG DB . 21.49 15.19 -24.00
N2 NAG DB . 23.65 14.20 -24.35
O3 NAG DB . 26.18 15.51 -24.13
O4 NAG DB . 28.46 13.97 -25.01
O5 NAG DB . 26.06 11.38 -24.05
O6 NAG DB . 28.24 9.76 -24.73
O7 NAG DB . 22.78 14.16 -22.29
C1 NAG EB . 17.87 41.94 7.84
C2 NAG EB . 19.37 41.95 8.13
C3 NAG EB . 19.62 41.80 9.65
C4 NAG EB . 18.77 42.76 10.47
C5 NAG EB . 17.32 42.65 10.04
C6 NAG EB . 16.41 43.63 10.74
C7 NAG EB . 21.34 40.93 7.08
C8 NAG EB . 21.86 39.73 6.37
N2 NAG EB . 20.04 40.89 7.42
O3 NAG EB . 21.00 42.04 9.92
O4 NAG EB . 18.85 42.38 11.84
O5 NAG EB . 17.20 42.91 8.64
O6 NAG EB . 15.12 43.62 10.15
O7 NAG EB . 22.05 41.89 7.35
C1 NAG EB . 19.63 43.29 12.65
C2 NAG EB . 20.69 42.43 13.31
C3 NAG EB . 21.52 43.29 14.27
C4 NAG EB . 22.10 44.51 13.55
C5 NAG EB . 21.02 45.25 12.75
C6 NAG EB . 21.59 46.31 11.83
C7 NAG EB . 20.44 40.04 13.75
C8 NAG EB . 19.74 38.99 14.56
N2 NAG EB . 20.11 41.30 14.02
O3 NAG EB . 22.56 42.48 14.80
O4 NAG EB . 22.60 45.43 14.51
O5 NAG EB . 20.27 44.35 11.92
O6 NAG EB . 21.34 46.00 10.47
O7 NAG EB . 21.26 39.75 12.89
C1 BMA EB . 24.02 45.36 14.67
C2 BMA EB . 24.57 46.81 14.69
C3 BMA EB . 26.02 46.81 15.18
C4 BMA EB . 26.16 46.06 16.50
C5 BMA EB . 25.71 44.61 16.27
C6 BMA EB . 25.82 43.74 17.51
O2 BMA EB . 23.85 47.61 15.60
O3 BMA EB . 26.53 48.13 15.31
O4 BMA EB . 27.50 46.08 16.95
O5 BMA EB . 24.31 44.64 15.87
O6 BMA EB . 24.56 43.72 18.16
C1 NAG FB . -1.72 32.52 -13.21
C2 NAG FB . -1.51 31.27 -14.03
C3 NAG FB . -2.44 31.28 -15.24
C4 NAG FB . -3.88 31.47 -14.82
C5 NAG FB . -4.00 32.71 -13.93
C6 NAG FB . -5.38 32.88 -13.33
C7 NAG FB . 0.49 29.99 -14.57
C8 NAG FB . 1.91 30.04 -15.02
N2 NAG FB . -0.13 31.16 -14.46
O3 NAG FB . -2.30 30.05 -15.95
O4 NAG FB . -4.70 31.63 -15.97
O5 NAG FB . -3.08 32.62 -12.84
O6 NAG FB . -5.97 31.62 -13.05
O7 NAG FB . -0.07 28.93 -14.32
C1 NAG FB . -5.60 30.50 -16.13
C2 NAG FB . -6.75 30.95 -17.00
C3 NAG FB . -7.73 29.80 -17.21
C4 NAG FB . -7.03 28.56 -17.73
C5 NAG FB . -5.82 28.22 -16.86
C6 NAG FB . -4.97 27.12 -17.44
C7 NAG FB . -7.87 33.12 -17.19
C8 NAG FB . -8.55 34.23 -16.46
N2 NAG FB . -7.42 32.10 -16.44
O3 NAG FB . -8.74 30.22 -18.12
O4 NAG FB . -7.92 27.45 -17.69
O5 NAG FB . -4.96 29.37 -16.73
O6 NAG FB . -3.98 27.65 -18.30
O7 NAG FB . -7.74 33.13 -18.41
C1 BMA FB . -8.36 27.03 -19.00
C2 BMA FB . -9.02 25.65 -18.83
C3 BMA FB . -9.61 25.18 -20.16
C4 BMA FB . -10.51 26.23 -20.81
C5 BMA FB . -9.84 27.63 -20.83
C6 BMA FB . -10.83 28.74 -21.17
O2 BMA FB . -10.12 25.74 -17.94
O3 BMA FB . -10.38 24.00 -19.96
O4 BMA FB . -10.84 25.85 -22.13
O5 BMA FB . -9.27 27.96 -19.54
O6 BMA FB . -12.11 28.40 -20.63
C1 MAN FB . -9.73 22.88 -20.61
C2 MAN FB . -10.78 21.77 -20.81
C3 MAN FB . -11.23 21.34 -19.41
C4 MAN FB . -10.04 20.73 -18.68
C5 MAN FB . -8.94 21.80 -18.52
C6 MAN FB . -7.65 21.24 -17.98
O2 MAN FB . -10.13 20.63 -21.38
O3 MAN FB . -12.35 20.46 -19.38
O4 MAN FB . -10.44 20.27 -17.40
O5 MAN FB . -8.64 22.41 -19.82
O6 MAN FB . -7.94 20.04 -17.28
C1 MAN FB . -10.98 19.86 -22.26
C2 MAN FB . -10.29 18.49 -22.42
C3 MAN FB . -9.07 18.64 -23.31
C4 MAN FB . -9.45 19.28 -24.66
C5 MAN FB . -10.04 20.66 -24.38
C6 MAN FB . -10.50 21.34 -25.64
O2 MAN FB . -11.14 17.56 -23.07
O3 MAN FB . -8.42 17.38 -23.54
O4 MAN FB . -8.31 19.40 -25.48
O5 MAN FB . -11.19 20.52 -23.51
O6 MAN FB . -11.32 20.43 -26.35
C1 MAN FB . -12.35 29.12 -19.39
C2 MAN FB . -13.52 28.39 -18.66
C3 MAN FB . -14.85 28.73 -19.32
C4 MAN FB . -15.03 30.25 -19.42
C5 MAN FB . -13.87 30.82 -20.26
C6 MAN FB . -13.92 32.32 -20.38
O2 MAN FB . -13.66 28.86 -17.32
O3 MAN FB . -15.95 28.16 -18.62
O4 MAN FB . -16.26 30.53 -20.05
O5 MAN FB . -12.62 30.50 -19.61
O6 MAN FB . -13.08 32.84 -19.36
C1 NAG GB . -1.42 40.49 -22.94
C2 NAG GB . -1.32 42.02 -23.01
C3 NAG GB . -2.54 42.66 -22.38
C4 NAG GB . -3.79 42.16 -23.08
C5 NAG GB . -3.84 40.64 -22.96
C6 NAG GB . -5.01 40.02 -23.67
C7 NAG GB . 0.88 43.07 -23.09
C8 NAG GB . 2.08 43.51 -22.31
N2 NAG GB . -0.10 42.50 -22.39
O3 NAG GB . -2.43 44.08 -22.49
O4 NAG GB . -4.95 42.75 -22.50
O5 NAG GB . -2.66 40.06 -23.54
O6 NAG GB . -5.98 39.57 -22.74
O7 NAG GB . 0.82 43.21 -24.31
C1 NAG GB . -5.56 43.70 -23.40
C2 NAG GB . -6.53 44.56 -22.59
C3 NAG GB . -7.14 45.65 -23.47
C4 NAG GB . -6.05 46.47 -24.16
C5 NAG GB . -5.14 45.54 -24.95
C6 NAG GB . -3.98 46.26 -25.59
C7 NAG GB . -7.66 43.51 -20.70
C8 NAG GB . -8.80 42.65 -20.26
N2 NAG GB . -7.57 43.75 -22.01
O3 NAG GB . -7.94 46.51 -22.66
O4 NAG GB . -6.63 47.43 -25.03
O5 NAG GB . -4.59 44.55 -24.06
O6 NAG GB . -3.45 45.51 -26.68
O7 NAG GB . -6.85 43.97 -19.90
C1 NAG HB . -7.14 24.74 -35.56
C2 NAG HB . -8.24 25.78 -35.37
C3 NAG HB . -9.58 25.08 -35.22
C4 NAG HB . -9.85 24.17 -36.40
C5 NAG HB . -8.67 23.20 -36.58
C6 NAG HB . -8.78 22.35 -37.82
C7 NAG HB . -7.61 27.89 -34.31
C8 NAG HB . -7.37 28.62 -33.03
N2 NAG HB . -7.98 26.62 -34.21
O3 NAG HB . -10.61 26.07 -35.14
O4 NAG HB . -11.04 23.43 -36.16
O5 NAG HB . -7.45 23.92 -36.69
O6 NAG HB . -9.85 21.41 -37.73
O7 NAG HB . -7.46 28.43 -35.41
C1 NAG HB . -12.06 23.78 -37.12
C2 NAG HB . -13.20 22.78 -36.97
C3 NAG HB . -14.32 23.11 -37.95
C4 NAG HB . -14.77 24.56 -37.78
C5 NAG HB . -13.58 25.51 -37.85
C6 NAG HB . -13.94 26.94 -37.50
C7 NAG HB . -12.54 20.58 -36.15
C8 NAG HB . -12.07 19.21 -36.52
N2 NAG HB . -12.74 21.42 -37.16
O3 NAG HB . -15.41 22.24 -37.73
O4 NAG HB . -15.71 24.90 -38.79
O5 NAG HB . -12.56 25.11 -36.91
O6 NAG HB . -13.74 27.19 -36.12
O7 NAG HB . -12.76 20.90 -34.98
C1 NAG IB . 24.34 35.76 -22.55
C2 NAG IB . 23.74 34.54 -23.22
C3 NAG IB . 24.79 33.85 -24.09
C4 NAG IB . 25.42 34.85 -25.06
C5 NAG IB . 25.89 36.11 -24.32
C6 NAG IB . 26.32 37.20 -25.26
C7 NAG IB . 22.13 32.88 -22.47
C8 NAG IB . 21.69 31.98 -21.36
N2 NAG IB . 23.20 33.63 -22.24
O3 NAG IB . 24.17 32.80 -24.80
O4 NAG IB . 26.56 34.24 -25.66
O5 NAG IB . 24.82 36.65 -23.53
O6 NAG IB . 25.23 37.67 -26.03
O7 NAG IB . 21.53 32.92 -23.54
C1 NAG IB . 26.32 33.97 -27.04
C2 NAG IB . 27.65 34.04 -27.77
C3 NAG IB . 27.45 33.71 -29.24
C4 NAG IB . 26.79 32.35 -29.38
C5 NAG IB . 25.50 32.28 -28.58
C6 NAG IB . 24.93 30.89 -28.52
C7 NAG IB . 29.33 35.55 -26.81
C8 NAG IB . 29.85 36.95 -26.77
N2 NAG IB . 28.27 35.34 -27.61
O3 NAG IB . 28.71 33.72 -29.89
O4 NAG IB . 26.48 32.07 -30.74
O5 NAG IB . 25.75 32.67 -27.21
O6 NAG IB . 25.96 29.92 -28.40
O7 NAG IB . 29.83 34.64 -26.17
C1 BMA IB . 27.33 31.15 -31.52
C2 BMA IB . 28.46 30.40 -30.72
C3 BMA IB . 29.29 29.65 -31.76
C4 BMA IB . 28.40 28.63 -32.50
C5 BMA IB . 27.17 29.33 -33.15
C6 BMA IB . 26.16 28.35 -33.73
O2 BMA IB . 27.96 29.39 -29.88
O3 BMA IB . 30.39 29.00 -31.16
O4 BMA IB . 29.15 27.96 -33.49
O5 BMA IB . 26.50 30.15 -32.15
O6 BMA IB . 26.86 27.33 -34.43
C1 NAG JB . 18.55 34.31 -25.80
C2 NAG JB . 19.42 33.38 -26.63
C3 NAG JB . 20.62 34.14 -27.21
C4 NAG JB . 20.17 35.38 -27.97
C5 NAG JB . 19.23 36.22 -27.09
C6 NAG JB . 18.62 37.38 -27.83
C7 NAG JB . 20.08 31.04 -26.35
C8 NAG JB . 20.55 29.99 -25.39
N2 NAG JB . 19.87 32.25 -25.83
O3 NAG JB . 21.33 33.28 -28.09
O4 NAG JB . 21.28 36.21 -28.29
O5 NAG JB . 18.16 35.42 -26.61
O6 NAG JB . 17.21 37.25 -27.91
O7 NAG JB . 19.92 30.81 -27.54
C1 NAG JB . 21.71 36.14 -29.66
C2 NAG JB . 22.87 37.15 -29.79
C3 NAG JB . 23.54 37.03 -31.16
C4 NAG JB . 24.00 35.60 -31.39
C5 NAG JB . 22.78 34.70 -31.35
C6 NAG JB . 23.10 33.24 -31.51
C7 NAG JB . 23.11 39.41 -28.89
C8 NAG JB . 22.50 40.77 -28.75
N2 NAG JB . 22.41 38.51 -29.57
O3 NAG JB . 24.66 37.91 -31.20
O4 NAG JB . 24.79 35.42 -32.55
O5 NAG JB . 22.16 34.83 -30.05
O6 NAG JB . 22.66 32.49 -30.39
O7 NAG JB . 24.20 39.13 -28.38
C1 BMA JB . 24.31 35.92 -33.82
C2 BMA JB . 25.34 36.92 -34.38
C3 BMA JB . 24.94 37.36 -35.78
C4 BMA JB . 24.75 36.15 -36.70
C5 BMA JB . 23.68 35.22 -36.07
C6 BMA JB . 23.48 33.96 -36.88
O2 BMA JB . 26.62 36.32 -34.52
O3 BMA JB . 25.87 38.25 -36.34
O4 BMA JB . 24.29 36.59 -37.97
O5 BMA JB . 24.10 34.85 -34.73
O6 BMA JB . 24.75 33.51 -37.32
C1 MAN JB . 25.26 39.55 -36.37
C2 MAN JB . 25.46 40.12 -37.80
C3 MAN JB . 26.94 40.45 -38.05
C4 MAN JB . 27.54 41.28 -36.89
C5 MAN JB . 27.29 40.58 -35.54
C6 MAN JB . 27.77 41.38 -34.36
O2 MAN JB . 24.74 41.34 -37.96
O3 MAN JB . 27.12 41.13 -39.29
O4 MAN JB . 28.93 41.44 -37.09
O5 MAN JB . 25.87 40.38 -35.39
O6 MAN JB . 27.02 42.58 -34.31
C1 MAN JB . 24.54 32.71 -38.51
C2 MAN JB . 25.67 31.66 -38.57
C3 MAN JB . 27.01 32.35 -38.83
C4 MAN JB . 26.95 33.30 -40.05
C5 MAN JB . 25.77 34.28 -39.88
C6 MAN JB . 25.53 35.17 -41.08
O2 MAN JB . 25.48 30.75 -39.66
O3 MAN JB . 28.05 31.41 -39.01
O4 MAN JB . 28.15 34.03 -40.16
O5 MAN JB . 24.54 33.54 -39.66
O6 MAN JB . 24.31 35.88 -40.86
C1 NAG KB . 21.19 44.35 -24.07
C2 NAG KB . 20.82 43.70 -25.40
C3 NAG KB . 21.73 44.24 -26.51
C4 NAG KB . 21.72 45.76 -26.54
C5 NAG KB . 21.98 46.33 -25.14
C6 NAG KB . 21.77 47.83 -25.07
C7 NAG KB . 20.11 41.44 -26.03
C8 NAG KB . 20.32 39.97 -25.83
N2 NAG KB . 20.90 42.25 -25.32
O3 NAG KB . 21.28 43.69 -27.74
O4 NAG KB . 22.76 46.27 -27.38
O5 NAG KB . 21.10 45.75 -24.17
O6 NAG KB . 20.54 48.14 -24.42
O7 NAG KB . 19.26 41.87 -26.81
C1 NAG KB . 22.41 46.49 -28.79
C2 NAG KB . 22.09 47.95 -29.12
C3 NAG KB . 21.86 48.11 -30.63
C4 NAG KB . 23.03 47.53 -31.42
C5 NAG KB . 23.31 46.09 -31.00
C6 NAG KB . 24.54 45.52 -31.66
C7 NAG KB . 20.74 49.67 -28.00
C8 NAG KB . 19.48 49.96 -27.24
N2 NAG KB . 20.92 48.40 -28.40
O3 NAG KB . 21.72 49.49 -30.95
O4 NAG KB . 22.70 47.55 -32.82
O5 NAG KB . 23.54 46.04 -29.58
O6 NAG KB . 24.20 44.65 -32.73
O7 NAG KB . 21.57 50.54 -28.24
C1 NAG LB . 3.51 39.90 -28.34
C2 NAG LB . 2.28 39.33 -29.02
C3 NAG LB . 2.55 39.11 -30.51
C4 NAG LB . 3.05 40.39 -31.16
C5 NAG LB . 4.24 40.94 -30.39
C6 NAG LB . 4.68 42.30 -30.88
C7 NAG LB . 0.74 38.00 -27.67
C8 NAG LB . 0.44 36.66 -27.10
N2 NAG LB . 1.86 38.10 -28.40
O3 NAG LB . 1.35 38.67 -31.11
O4 NAG LB . 3.48 40.12 -32.49
O5 NAG LB . 3.89 41.11 -29.00
O6 NAG LB . 5.14 43.11 -29.80
O7 NAG LB . 0.01 38.97 -27.48
C1 NAG LB . 2.52 40.54 -33.47
C2 NAG LB . 3.22 40.68 -34.81
C3 NAG LB . 2.21 41.02 -35.91
C4 NAG LB . 1.07 40.02 -35.94
C5 NAG LB . 0.48 39.85 -34.53
C6 NAG LB . -0.51 38.72 -34.45
C7 NAG LB . 4.27 42.94 -34.54
C8 NAG LB . 5.59 43.67 -34.59
N2 NAG LB . 4.34 41.63 -34.78
O3 NAG LB . 2.94 41.03 -37.14
O4 NAG LB . -0.02 40.49 -36.73
O5 NAG LB . 1.50 39.56 -33.58
O6 NAG LB . 0.15 37.47 -34.51
O7 NAG LB . 3.23 43.53 -34.28
C1 BMA LB . 0.05 40.15 -38.14
C2 BMA LB . -1.32 39.70 -38.67
C3 BMA LB . -1.38 39.74 -40.20
C4 BMA LB . -0.72 41.03 -40.79
C5 BMA LB . 0.64 41.25 -40.17
C6 BMA LB . 1.25 42.54 -40.60
O2 BMA LB . -2.33 40.57 -38.23
O3 BMA LB . -2.74 39.63 -40.60
O4 BMA LB . -0.52 40.97 -42.18
O5 BMA LB . 0.47 41.33 -38.77
O6 BMA LB . 0.29 43.54 -40.35
C1 MAN LB . -2.92 38.87 -41.81
C2 MAN LB . -4.42 38.97 -42.17
C3 MAN LB . -5.21 38.15 -41.19
C4 MAN LB . -4.76 36.71 -41.21
C5 MAN LB . -3.30 36.65 -40.79
C6 MAN LB . -2.72 35.27 -40.93
O2 MAN LB . -4.66 38.39 -43.45
O3 MAN LB . -6.61 38.21 -41.43
O4 MAN LB . -5.52 35.96 -40.28
O5 MAN LB . -2.51 37.51 -41.65
O6 MAN LB . -3.75 34.35 -40.59
C1 MAN LB . -5.34 39.36 -44.27
C2 MAN LB . -6.14 38.58 -45.32
C3 MAN LB . -5.17 37.92 -46.30
C4 MAN LB . -4.29 38.99 -46.94
C5 MAN LB . -3.49 39.67 -45.85
C6 MAN LB . -2.62 40.78 -46.39
O2 MAN LB . -6.85 39.47 -46.11
O3 MAN LB . -5.86 37.18 -47.29
O4 MAN LB . -3.40 38.41 -47.86
O5 MAN LB . -4.41 40.25 -44.89
O6 MAN LB . -2.15 40.39 -47.68
C1 MAN LB . -8.26 39.28 -45.90
C2 MAN LB . -8.92 39.65 -47.22
C3 MAN LB . -8.55 41.10 -47.52
C4 MAN LB . -9.03 42.03 -46.39
C5 MAN LB . -8.47 41.55 -45.03
C6 MAN LB . -9.10 42.26 -43.86
O2 MAN LB . -10.34 39.64 -47.09
O3 MAN LB . -9.04 41.52 -48.78
O4 MAN LB . -8.58 43.35 -46.63
O5 MAN LB . -8.72 40.11 -44.86
O6 MAN LB . -8.37 41.90 -42.69
C1 MAN LB . 0.80 44.83 -40.73
C2 MAN LB . -0.06 45.89 -40.03
C3 MAN LB . -1.45 45.89 -40.67
C4 MAN LB . -1.37 46.11 -42.17
C5 MAN LB . -0.56 44.96 -42.75
C6 MAN LB . -0.40 45.05 -44.25
O2 MAN LB . 0.44 47.19 -40.23
O3 MAN LB . -2.28 46.85 -40.08
O4 MAN LB . -2.66 46.10 -42.74
O5 MAN LB . 0.76 44.98 -42.15
O6 MAN LB . 0.67 45.92 -44.54
C1 MAN LB . -3.34 46.11 -39.45
C2 MAN LB . -4.66 46.77 -39.89
C3 MAN LB . -4.71 48.18 -39.33
C4 MAN LB . -4.43 48.22 -37.81
C5 MAN LB . -3.12 47.48 -37.49
C6 MAN LB . -2.89 47.31 -36.01
O2 MAN LB . -5.76 46.10 -39.31
O3 MAN LB . -5.97 48.79 -39.60
O4 MAN LB . -4.30 49.57 -37.40
O5 MAN LB . -3.18 46.16 -38.06
O6 MAN LB . -3.44 48.43 -35.33
C1 MAN LB . 0.21 46.89 -45.52
C2 MAN LB . 1.34 47.09 -46.57
C3 MAN LB . 2.53 47.83 -45.93
C4 MAN LB . 2.08 49.09 -45.19
C5 MAN LB . 0.99 48.72 -44.17
C6 MAN LB . 0.40 49.88 -43.43
O2 MAN LB . 0.90 47.90 -47.65
O3 MAN LB . 3.52 48.17 -46.90
O4 MAN LB . 3.19 49.65 -44.51
O5 MAN LB . -0.11 48.09 -44.87
O6 MAN LB . -0.68 49.39 -42.66
C1 NAG MB . -3.17 39.55 -11.58
C2 NAG MB . -4.62 39.06 -11.71
C3 NAG MB . -5.55 40.21 -12.08
C4 NAG MB . -5.39 41.36 -11.09
C5 NAG MB . -3.92 41.76 -11.00
C6 NAG MB . -3.65 42.83 -9.96
C7 NAG MB . -4.49 37.92 -13.95
C8 NAG MB . -4.73 36.61 -14.63
N2 NAG MB . -4.75 37.93 -12.62
O3 NAG MB . -6.90 39.75 -12.07
O4 NAG MB . -6.15 42.48 -11.53
O5 NAG MB . -3.13 40.63 -10.64
O6 NAG MB . -4.22 44.07 -10.34
O7 NAG MB . -4.07 38.90 -14.55
C1 NAG MB . -7.27 42.74 -10.65
C2 NAG MB . -8.35 43.46 -11.46
C3 NAG MB . -9.58 43.72 -10.61
C4 NAG MB . -10.07 42.43 -9.97
C5 NAG MB . -8.93 41.74 -9.21
C6 NAG MB . -9.31 40.37 -8.68
C7 NAG MB . -7.89 45.00 -13.32
C8 NAG MB . -7.33 46.33 -13.71
N2 NAG MB . -7.84 44.70 -12.01
O3 NAG MB . -10.61 44.29 -11.41
O4 NAG MB . -11.14 42.71 -9.07
O5 NAG MB . -7.81 41.54 -10.09
O6 NAG MB . -8.69 39.35 -9.44
O7 NAG MB . -8.36 44.22 -14.14
C1 NAG NB . 25.39 35.70 7.43
C2 NAG NB . 26.37 34.83 8.20
C3 NAG NB . 25.65 34.02 9.27
C4 NAG NB . 24.74 34.89 10.12
C5 NAG NB . 23.87 35.78 9.25
C6 NAG NB . 23.10 36.80 10.05
C7 NAG NB . 28.31 33.50 7.52
C8 NAG NB . 28.89 32.57 6.50
N2 NAG NB . 27.08 33.94 7.29
O3 NAG NB . 26.60 33.36 10.09
O4 NAG NB . 23.85 34.04 10.84
O5 NAG NB . 24.70 36.52 8.33
O6 NAG NB . 23.99 37.76 10.62
O7 NAG NB . 28.94 33.84 8.52
C1 NAG NB . 24.11 33.90 12.24
C2 NAG NB . 23.09 32.88 12.75
C3 NAG NB . 23.33 32.54 14.22
C4 NAG NB . 24.77 32.10 14.43
C5 NAG NB . 25.70 33.21 13.92
C6 NAG NB . 27.16 32.85 14.04
C7 NAG NB . 21.02 33.10 11.44
C8 NAG NB . 19.63 33.66 11.40
N2 NAG NB . 21.73 33.35 12.55
O3 NAG NB . 22.44 31.49 14.58
O4 NAG NB . 25.11 31.72 15.76
O5 NAG NB . 25.43 33.44 12.53
O6 NAG NB . 27.71 33.36 15.24
O7 NAG NB . 21.49 32.45 10.51
C1 BMA NB . 24.52 32.45 16.87
C2 BMA NB . 24.58 31.50 18.11
C3 BMA NB . 25.08 32.26 19.36
C4 BMA NB . 24.53 33.72 19.48
C5 BMA NB . 24.51 34.44 18.11
C6 BMA NB . 25.17 35.81 18.14
O2 BMA NB . 25.48 30.44 17.91
O3 BMA NB . 26.51 32.22 19.47
O4 BMA NB . 23.24 33.71 20.03
O5 BMA NB . 25.20 33.65 17.15
O6 BMA NB . 26.57 35.61 18.01
C1 MAN NB . 26.93 32.67 20.78
C2 MAN NB . 28.13 33.66 20.57
C3 MAN NB . 29.44 32.89 20.33
C4 MAN NB . 29.66 31.83 21.40
C5 MAN NB . 28.50 30.85 21.36
C6 MAN NB . 28.63 29.75 22.38
O2 MAN NB . 28.37 34.41 21.75
O3 MAN NB . 30.55 33.76 20.25
O4 MAN NB . 30.86 31.13 21.17
O5 MAN NB . 27.27 31.58 21.65
O6 MAN NB . 28.95 30.34 23.63
C1 NAG OB . -18.56 -23.83 -38.91
C2 NAG OB . -19.45 -24.97 -39.41
C3 NAG OB . -20.41 -24.46 -40.49
C4 NAG OB . -21.19 -23.26 -39.99
C5 NAG OB . -20.23 -22.18 -39.47
C6 NAG OB . -20.96 -21.02 -38.83
C7 NAG OB . -17.80 -26.18 -40.86
C8 NAG OB . -17.16 -27.52 -41.10
N2 NAG OB . -18.70 -26.13 -39.86
O3 NAG OB . -21.32 -25.50 -40.83
O4 NAG OB . -21.95 -22.71 -41.06
O5 NAG OB . -19.38 -22.74 -38.46
O6 NAG OB . -21.31 -21.32 -37.47
O7 NAG OB . -17.50 -25.21 -41.56
C1 NAG PB . -60.52 -5.17 -2.58
C2 NAG PB . -61.51 -4.27 -1.82
C3 NAG PB . -61.28 -4.38 -0.33
C4 NAG PB . -61.34 -5.84 0.11
C5 NAG PB . -60.35 -6.67 -0.70
C6 NAG PB . -60.42 -8.15 -0.40
C7 NAG PB . -62.39 -2.25 -2.91
C8 NAG PB . -62.11 -0.83 -3.28
N2 NAG PB . -61.41 -2.89 -2.27
O3 NAG PB . -62.26 -3.63 0.37
O4 NAG PB . -61.02 -5.95 1.50
O5 NAG PB . -60.63 -6.52 -2.10
O6 NAG PB . -59.90 -8.90 -1.49
O7 NAG PB . -63.47 -2.79 -3.16
C1 NAG QB . -37.04 25.31 18.29
C2 NAG QB . -38.57 25.23 18.24
C3 NAG QB . -39.07 25.56 16.84
C4 NAG QB . -38.51 26.90 16.37
C5 NAG QB . -36.99 26.90 16.49
C6 NAG QB . -36.37 28.24 16.16
C7 NAG QB . -39.75 23.73 19.79
C8 NAG QB . -40.15 22.32 20.07
N2 NAG QB . -39.03 23.92 18.67
O3 NAG QB . -40.49 25.61 16.85
O4 NAG QB . -38.87 27.12 15.01
O5 NAG QB . -36.62 26.59 17.84
O6 NAG QB . -35.33 28.55 17.07
O7 NAG QB . -40.04 24.66 20.53
C1 NAG RB . 32.64 -29.92 -21.55
C2 NAG RB . 34.07 -30.45 -21.58
C3 NAG RB . 34.09 -31.97 -21.65
C4 NAG RB . 33.24 -32.57 -20.55
C5 NAG RB . 31.84 -31.96 -20.55
C6 NAG RB . 31.00 -32.41 -19.38
C7 NAG RB . 34.67 -29.90 -23.95
C8 NAG RB . 35.68 -29.17 -24.80
N2 NAG RB . 34.89 -29.84 -22.63
O3 NAG RB . 35.42 -32.43 -21.52
O4 NAG RB . 33.13 -33.97 -20.72
O5 NAG RB . 31.92 -30.53 -20.48
O6 NAG RB . 31.28 -31.63 -18.22
O7 NAG RB . 33.73 -30.50 -24.46
C1 NAG SB . 28.61 -39.68 36.04
C2 NAG SB . 28.11 -40.14 37.42
C3 NAG SB . 27.98 -38.94 38.36
C4 NAG SB . 29.30 -38.18 38.43
C5 NAG SB . 29.74 -37.79 37.02
C6 NAG SB . 31.10 -37.12 36.98
C7 NAG SB . 26.69 -42.13 37.60
C8 NAG SB . 25.31 -42.70 37.43
N2 NAG SB . 26.84 -40.84 37.31
O3 NAG SB . 27.61 -39.38 39.66
O4 NAG SB . 29.15 -37.01 39.23
O5 NAG SB . 29.85 -38.96 36.20
O6 NAG SB . 31.69 -37.24 35.70
O7 NAG SB . 27.64 -42.82 37.99
C1 NAG TB . -10.39 -20.88 42.44
C2 NAG TB . -9.72 -21.88 43.37
C3 NAG TB . -9.69 -23.26 42.73
C4 NAG TB . -11.09 -23.68 42.29
C5 NAG TB . -11.71 -22.60 41.41
C6 NAG TB . -13.14 -22.87 41.03
C7 NAG TB . -8.03 -21.10 44.97
C8 NAG TB . -6.60 -20.68 45.15
N2 NAG TB . -8.38 -21.45 43.73
O3 NAG TB . -9.19 -24.20 43.66
O4 NAG TB . -11.03 -24.90 41.57
O5 NAG TB . -11.69 -21.34 42.09
O6 NAG TB . -13.91 -21.68 41.09
O7 NAG TB . -8.83 -21.12 45.90
C1 NAG UB . 19.28 28.83 33.78
C2 NAG UB . 19.85 30.24 33.84
C3 NAG UB . 21.17 30.31 33.07
C4 NAG UB . 22.13 29.24 33.56
C5 NAG UB . 21.46 27.87 33.52
C6 NAG UB . 22.31 26.77 34.12
C7 NAG UB . 18.33 32.15 34.08
C8 NAG UB . 17.37 33.07 33.39
N2 NAG UB . 18.90 31.21 33.33
O3 NAG UB . 21.74 31.59 33.24
O4 NAG UB . 23.30 29.22 32.75
O5 NAG UB . 20.24 27.90 34.27
O6 NAG UB . 21.51 25.89 34.90
O7 NAG UB . 18.57 32.25 35.29
C1 NAG VB . 16.62 17.47 -42.97
C2 NAG VB . 16.54 18.58 -44.02
C3 NAG VB . 17.94 19.06 -44.39
C4 NAG VB . 18.72 19.46 -43.15
C5 NAG VB . 18.71 18.32 -42.13
C6 NAG VB . 19.34 18.71 -40.81
C7 NAG VB . 16.02 17.19 -46.06
C8 NAG VB . 15.05 17.03 -47.18
N2 NAG VB . 15.77 18.19 -45.19
O3 NAG VB . 17.84 20.19 -45.25
O4 NAG VB . 20.07 19.76 -43.50
O5 NAG VB . 17.36 17.93 -41.84
O6 NAG VB . 18.41 19.40 -39.98
O7 NAG VB . 16.99 16.44 -45.94
C1 NAG WB . 21.86 56.73 0.16
C2 NAG WB . 22.34 57.47 1.40
C3 NAG WB . 21.21 57.60 2.42
C4 NAG WB . 19.99 58.24 1.77
C5 NAG WB . 19.59 57.46 0.53
C6 NAG WB . 18.45 58.09 -0.24
C7 NAG WB . 24.72 57.37 2.05
C8 NAG WB . 25.78 56.53 2.70
N2 NAG WB . 23.49 56.81 2.00
O3 NAG WB . 21.64 58.37 3.53
O4 NAG WB . 18.90 58.28 2.69
O5 NAG WB . 20.70 57.39 -0.38
O6 NAG WB . 18.45 57.68 -1.59
O7 NAG WB . 24.95 58.48 1.59
#